data_2JRX
#
_entry.id   2JRX
#
_entity_poly.entity_id   1
_entity_poly.type   'polypeptide(L)'
_entity_poly.pdbx_seq_one_letter_code
;MPQISRYSDEQVEQLLAELLNVLEKHKAPTDLSLMVLGNMVTNLINTSIAPAQRQAIANSFARALQSSINEDKAHLEHHH
HHH
;
_entity_poly.pdbx_strand_id   A,B
#
# COMPACT_ATOMS: atom_id res chain seq x y z
N MET A 1 17.81 -18.30 -12.76
CA MET A 1 17.00 -19.09 -11.81
C MET A 1 15.64 -18.42 -11.60
N PRO A 2 14.59 -19.21 -11.30
CA PRO A 2 13.26 -18.67 -11.06
C PRO A 2 13.14 -18.02 -9.68
N GLN A 3 11.92 -17.64 -9.33
CA GLN A 3 11.65 -16.98 -8.05
C GLN A 3 10.49 -17.66 -7.34
N ILE A 4 10.42 -17.50 -6.03
CA ILE A 4 9.39 -18.14 -5.22
C ILE A 4 8.06 -17.44 -5.44
N SER A 5 8.10 -16.12 -5.52
CA SER A 5 6.91 -15.31 -5.75
C SER A 5 6.56 -15.24 -7.24
N ARG A 6 6.62 -16.39 -7.92
CA ARG A 6 6.36 -16.46 -9.36
C ARG A 6 4.86 -16.40 -9.67
N TYR A 7 4.08 -15.94 -8.71
CA TYR A 7 2.64 -15.81 -8.88
C TYR A 7 2.32 -14.64 -9.80
N SER A 8 2.19 -14.95 -11.10
CA SER A 8 1.97 -13.93 -12.14
C SER A 8 3.13 -12.94 -12.18
N ASP A 9 4.32 -13.43 -11.81
CA ASP A 9 5.53 -12.62 -11.69
C ASP A 9 5.78 -11.77 -12.94
N GLU A 10 5.54 -12.36 -14.10
CA GLU A 10 5.71 -11.68 -15.38
C GLU A 10 4.92 -10.38 -15.42
N GLN A 11 3.64 -10.46 -15.05
CA GLN A 11 2.75 -9.31 -15.11
C GLN A 11 2.94 -8.43 -13.88
N VAL A 12 3.23 -9.04 -12.74
CA VAL A 12 3.50 -8.31 -11.50
C VAL A 12 4.68 -7.36 -11.71
N GLU A 13 5.78 -7.91 -12.24
CA GLU A 13 6.97 -7.13 -12.52
C GLU A 13 6.69 -6.00 -13.50
N GLN A 14 6.01 -6.34 -14.60
CA GLN A 14 5.72 -5.38 -15.65
C GLN A 14 4.79 -4.29 -15.14
N LEU A 15 3.81 -4.68 -14.33
CA LEU A 15 2.85 -3.74 -13.77
C LEU A 15 3.55 -2.82 -12.78
N LEU A 16 4.38 -3.42 -11.91
CA LEU A 16 5.13 -2.67 -10.91
C LEU A 16 6.06 -1.67 -11.59
N ALA A 17 6.74 -2.13 -12.63
CA ALA A 17 7.63 -1.29 -13.41
C ALA A 17 6.88 -0.09 -13.98
N GLU A 18 5.69 -0.36 -14.53
CA GLU A 18 4.85 0.69 -15.09
C GLU A 18 4.39 1.66 -14.00
N LEU A 19 3.99 1.13 -12.86
CA LEU A 19 3.55 1.97 -11.74
C LEU A 19 4.67 2.91 -11.30
N LEU A 20 5.87 2.36 -11.19
CA LEU A 20 7.04 3.16 -10.83
C LEU A 20 7.39 4.13 -11.96
N ASN A 21 7.23 3.65 -13.18
CA ASN A 21 7.45 4.46 -14.38
C ASN A 21 6.54 5.69 -14.38
N VAL A 22 5.27 5.50 -14.03
CA VAL A 22 4.33 6.61 -13.97
C VAL A 22 4.75 7.62 -12.91
N LEU A 23 5.18 7.12 -11.76
CA LEU A 23 5.64 7.99 -10.67
C LEU A 23 6.84 8.82 -11.13
N GLU A 24 7.80 8.15 -11.76
CA GLU A 24 9.00 8.80 -12.27
C GLU A 24 8.64 9.74 -13.44
N LYS A 25 7.62 9.35 -14.19
CA LYS A 25 7.14 10.14 -15.32
C LYS A 25 6.59 11.48 -14.85
N HIS A 26 5.77 11.43 -13.81
CA HIS A 26 5.14 12.63 -13.27
C HIS A 26 6.05 13.33 -12.26
N LYS A 27 7.17 12.68 -11.93
CA LYS A 27 8.15 13.22 -11.00
C LYS A 27 7.52 13.40 -9.62
N ALA A 28 6.75 12.40 -9.20
CA ALA A 28 6.09 12.43 -7.91
C ALA A 28 7.01 11.90 -6.81
N PRO A 29 7.25 12.72 -5.77
CA PRO A 29 8.09 12.32 -4.64
C PRO A 29 7.48 11.20 -3.81
N THR A 30 8.29 10.59 -2.96
CA THR A 30 7.85 9.47 -2.12
C THR A 30 6.66 9.86 -1.26
N ASP A 31 6.71 11.07 -0.72
CA ASP A 31 5.63 11.58 0.14
C ASP A 31 4.30 11.58 -0.60
N LEU A 32 4.30 12.14 -1.80
CA LEU A 32 3.10 12.19 -2.62
C LEU A 32 2.71 10.79 -3.10
N SER A 33 3.71 10.00 -3.44
CA SER A 33 3.49 8.63 -3.89
C SER A 33 2.74 7.82 -2.84
N LEU A 34 3.22 7.87 -1.60
CA LEU A 34 2.58 7.16 -0.50
C LEU A 34 1.17 7.66 -0.26
N MET A 35 0.96 8.95 -0.45
CA MET A 35 -0.36 9.55 -0.30
C MET A 35 -1.33 8.98 -1.33
N VAL A 36 -0.88 8.89 -2.57
CA VAL A 36 -1.71 8.38 -3.66
C VAL A 36 -1.98 6.89 -3.47
N LEU A 37 -0.92 6.11 -3.22
CA LEU A 37 -1.05 4.68 -3.03
C LEU A 37 -1.92 4.36 -1.81
N GLY A 38 -1.76 5.13 -0.74
CA GLY A 38 -2.55 4.93 0.45
C GLY A 38 -4.03 5.06 0.18
N ASN A 39 -4.42 6.15 -0.48
CA ASN A 39 -5.82 6.38 -0.84
C ASN A 39 -6.30 5.30 -1.82
N MET A 40 -5.43 4.95 -2.75
CA MET A 40 -5.73 3.95 -3.77
C MET A 40 -6.05 2.60 -3.13
N VAL A 41 -5.16 2.12 -2.26
CA VAL A 41 -5.35 0.85 -1.59
C VAL A 41 -6.62 0.88 -0.73
N THR A 42 -6.83 1.99 -0.02
CA THR A 42 -8.00 2.15 0.82
C THR A 42 -9.29 2.04 -0.01
N ASN A 43 -9.31 2.71 -1.16
CA ASN A 43 -10.47 2.66 -2.05
C ASN A 43 -10.67 1.26 -2.61
N LEU A 44 -9.56 0.60 -2.95
CA LEU A 44 -9.59 -0.76 -3.48
C LEU A 44 -10.24 -1.71 -2.47
N ILE A 45 -9.83 -1.59 -1.21
CA ILE A 45 -10.37 -2.41 -0.14
C ILE A 45 -11.83 -2.08 0.12
N ASN A 46 -12.16 -0.80 0.07
CA ASN A 46 -13.54 -0.35 0.30
C ASN A 46 -14.49 -0.89 -0.77
N THR A 47 -14.01 -0.95 -2.01
CA THR A 47 -14.86 -1.33 -3.13
C THR A 47 -14.86 -2.83 -3.40
N SER A 48 -13.70 -3.40 -3.68
CA SER A 48 -13.63 -4.79 -4.14
C SER A 48 -13.58 -5.79 -2.99
N ILE A 49 -13.17 -5.33 -1.82
CA ILE A 49 -13.08 -6.22 -0.67
C ILE A 49 -14.39 -6.24 0.10
N ALA A 50 -14.88 -7.43 0.39
CA ALA A 50 -16.11 -7.60 1.13
C ALA A 50 -16.01 -6.98 2.52
N PRO A 51 -17.04 -6.22 2.94
CA PRO A 51 -17.08 -5.56 4.25
C PRO A 51 -16.89 -6.56 5.40
N ALA A 52 -17.21 -7.82 5.13
CA ALA A 52 -17.07 -8.89 6.11
C ALA A 52 -15.60 -9.13 6.46
N GLN A 53 -14.72 -8.87 5.51
CA GLN A 53 -13.31 -9.19 5.67
C GLN A 53 -12.41 -7.99 5.42
N ARG A 54 -12.99 -6.80 5.46
CA ARG A 54 -12.24 -5.56 5.25
C ARG A 54 -11.11 -5.43 6.26
N GLN A 55 -11.39 -5.76 7.52
CA GLN A 55 -10.38 -5.69 8.56
C GLN A 55 -9.46 -6.90 8.51
N ALA A 56 -9.98 -8.04 8.07
CA ALA A 56 -9.18 -9.24 7.94
C ALA A 56 -8.04 -9.02 6.96
N ILE A 57 -8.36 -8.46 5.80
CA ILE A 57 -7.36 -8.14 4.80
C ILE A 57 -6.42 -7.04 5.29
N ALA A 58 -6.99 -6.03 5.93
CA ALA A 58 -6.23 -4.90 6.43
C ALA A 58 -5.15 -5.34 7.44
N ASN A 59 -5.56 -6.14 8.41
CA ASN A 59 -4.64 -6.58 9.47
C ASN A 59 -3.59 -7.54 8.93
N SER A 60 -4.01 -8.47 8.08
CA SER A 60 -3.08 -9.46 7.52
C SER A 60 -2.05 -8.78 6.62
N PHE A 61 -2.49 -7.77 5.88
CA PHE A 61 -1.59 -7.00 5.03
C PHE A 61 -0.59 -6.24 5.89
N ALA A 62 -1.07 -5.64 6.97
CA ALA A 62 -0.22 -4.90 7.90
C ALA A 62 0.83 -5.82 8.52
N ARG A 63 0.39 -7.01 8.93
CA ARG A 63 1.28 -8.01 9.50
C ARG A 63 2.35 -8.41 8.49
N ALA A 64 1.95 -8.54 7.23
CA ALA A 64 2.89 -8.90 6.16
C ALA A 64 3.91 -7.80 5.95
N LEU A 65 3.46 -6.55 6.04
CA LEU A 65 4.34 -5.40 5.87
C LEU A 65 5.38 -5.35 6.99
N GLN A 66 4.93 -5.56 8.22
CA GLN A 66 5.83 -5.53 9.38
C GLN A 66 6.64 -6.82 9.47
N SER A 67 6.29 -7.79 8.64
CA SER A 67 7.03 -9.05 8.59
C SER A 67 8.16 -8.95 7.57
N SER A 68 7.88 -8.29 6.46
CA SER A 68 8.85 -8.13 5.39
C SER A 68 9.85 -7.02 5.72
N ILE A 69 9.35 -5.92 6.27
CA ILE A 69 10.22 -4.83 6.68
C ILE A 69 10.78 -5.08 8.07
N ASN A 70 11.99 -5.61 8.11
CA ASN A 70 12.67 -5.90 9.37
C ASN A 70 14.15 -5.54 9.25
N GLU A 71 14.98 -6.08 10.14
CA GLU A 71 16.41 -5.79 10.11
C GLU A 71 17.02 -6.20 8.77
N ASP A 72 18.02 -5.46 8.32
CA ASP A 72 18.51 -5.57 6.96
C ASP A 72 19.32 -6.85 6.73
N LYS A 73 18.64 -7.89 6.24
CA LYS A 73 19.25 -9.16 5.84
C LYS A 73 19.75 -9.95 7.05
N ALA A 74 19.52 -11.26 7.04
CA ALA A 74 19.83 -12.10 8.19
C ALA A 74 21.14 -12.87 7.99
N HIS A 75 21.70 -12.79 6.79
CA HIS A 75 22.95 -13.48 6.49
C HIS A 75 23.88 -12.58 5.70
N LEU A 76 25.01 -12.23 6.30
CA LEU A 76 25.98 -11.38 5.65
C LEU A 76 27.30 -12.12 5.43
N GLU A 77 27.62 -12.38 4.17
CA GLU A 77 28.85 -13.06 3.81
C GLU A 77 30.02 -12.07 3.89
N HIS A 78 31.24 -12.60 3.95
CA HIS A 78 32.44 -11.77 3.98
C HIS A 78 32.54 -10.92 2.73
N HIS A 79 32.37 -11.58 1.56
CA HIS A 79 32.36 -10.90 0.26
C HIS A 79 33.67 -10.14 0.02
N HIS A 80 34.57 -10.75 -0.75
CA HIS A 80 35.88 -10.16 -1.01
C HIS A 80 35.81 -9.02 -2.03
N HIS A 81 35.13 -7.96 -1.64
CA HIS A 81 35.08 -6.73 -2.40
C HIS A 81 34.41 -5.66 -1.55
N HIS A 82 35.18 -4.67 -1.15
CA HIS A 82 34.66 -3.59 -0.33
C HIS A 82 34.04 -2.54 -1.24
N HIS A 83 34.90 -1.79 -1.93
CA HIS A 83 34.48 -0.80 -2.91
C HIS A 83 35.59 -0.62 -3.93
N MET B 1 -15.55 22.47 -3.37
CA MET B 1 -14.43 22.86 -2.48
C MET B 1 -13.57 21.65 -2.17
N PRO B 2 -12.28 21.87 -1.83
CA PRO B 2 -11.38 20.79 -1.40
C PRO B 2 -12.01 19.96 -0.30
N GLN B 3 -11.95 18.64 -0.46
CA GLN B 3 -12.62 17.71 0.45
C GLN B 3 -12.12 17.87 1.87
N ILE B 4 -10.80 17.93 2.02
CA ILE B 4 -10.17 18.06 3.33
C ILE B 4 -8.66 18.12 3.17
N SER B 5 -8.16 17.50 2.10
CA SER B 5 -6.75 17.49 1.79
C SER B 5 -6.23 18.90 1.51
N ARG B 6 -5.01 19.16 1.96
CA ARG B 6 -4.39 20.47 1.79
C ARG B 6 -3.06 20.34 1.05
N TYR B 7 -2.96 19.30 0.23
CA TYR B 7 -1.75 19.05 -0.52
C TYR B 7 -1.93 19.54 -1.96
N SER B 8 -2.65 18.75 -2.75
CA SER B 8 -2.95 19.07 -4.14
C SER B 8 -3.91 18.02 -4.70
N ASP B 9 -5.19 18.34 -4.73
CA ASP B 9 -6.23 17.37 -5.06
C ASP B 9 -6.13 16.94 -6.52
N GLU B 10 -6.09 17.91 -7.42
CA GLU B 10 -6.01 17.63 -8.86
C GLU B 10 -4.81 16.74 -9.16
N GLN B 11 -3.69 17.04 -8.51
CA GLN B 11 -2.45 16.29 -8.71
C GLN B 11 -2.64 14.82 -8.31
N VAL B 12 -3.22 14.61 -7.14
CA VAL B 12 -3.47 13.26 -6.66
C VAL B 12 -4.47 12.55 -7.57
N GLU B 13 -5.47 13.29 -8.03
CA GLU B 13 -6.48 12.75 -8.95
C GLU B 13 -5.82 12.23 -10.22
N GLN B 14 -4.97 13.06 -10.82
CA GLN B 14 -4.26 12.70 -12.04
C GLN B 14 -3.44 11.42 -11.86
N LEU B 15 -2.75 11.33 -10.72
CA LEU B 15 -1.90 10.18 -10.43
C LEU B 15 -2.73 8.93 -10.19
N LEU B 16 -3.76 9.05 -9.37
CA LEU B 16 -4.59 7.90 -9.01
C LEU B 16 -5.27 7.34 -10.24
N ALA B 17 -5.87 8.21 -11.05
CA ALA B 17 -6.55 7.80 -12.26
C ALA B 17 -5.59 7.12 -13.24
N GLU B 18 -4.35 7.59 -13.26
CA GLU B 18 -3.33 7.04 -14.14
C GLU B 18 -2.94 5.63 -13.66
N LEU B 19 -2.53 5.54 -12.39
CA LEU B 19 -2.07 4.28 -11.82
C LEU B 19 -3.17 3.21 -11.89
N LEU B 20 -4.39 3.61 -11.61
CA LEU B 20 -5.52 2.70 -11.66
C LEU B 20 -5.72 2.16 -13.07
N ASN B 21 -5.57 3.04 -14.06
CA ASN B 21 -5.73 2.65 -15.46
C ASN B 21 -4.61 1.71 -15.88
N VAL B 22 -3.41 1.91 -15.34
CA VAL B 22 -2.29 1.03 -15.64
C VAL B 22 -2.59 -0.40 -15.23
N LEU B 23 -3.19 -0.56 -14.06
CA LEU B 23 -3.56 -1.88 -13.55
C LEU B 23 -4.74 -2.43 -14.36
N GLU B 24 -5.75 -1.59 -14.56
CA GLU B 24 -6.96 -1.98 -15.27
C GLU B 24 -6.65 -2.32 -16.73
N LYS B 25 -5.55 -1.75 -17.23
CA LYS B 25 -5.08 -2.01 -18.58
C LYS B 25 -4.76 -3.49 -18.78
N HIS B 26 -4.40 -4.16 -17.69
CA HIS B 26 -4.10 -5.59 -17.74
C HIS B 26 -5.22 -6.39 -17.08
N LYS B 27 -5.84 -5.79 -16.06
CA LYS B 27 -6.92 -6.42 -15.30
C LYS B 27 -6.42 -7.60 -14.49
N ALA B 28 -6.36 -7.38 -13.19
CA ALA B 28 -5.94 -8.41 -12.24
C ALA B 28 -6.89 -8.42 -11.05
N PRO B 29 -7.14 -9.60 -10.46
CA PRO B 29 -7.99 -9.72 -9.27
C PRO B 29 -7.39 -8.97 -8.08
N THR B 30 -8.23 -8.64 -7.10
CA THR B 30 -7.78 -7.90 -5.92
C THR B 30 -6.65 -8.64 -5.21
N ASP B 31 -6.75 -9.97 -5.17
CA ASP B 31 -5.73 -10.81 -4.57
C ASP B 31 -4.36 -10.53 -5.20
N LEU B 32 -4.32 -10.54 -6.52
CA LEU B 32 -3.08 -10.30 -7.25
C LEU B 32 -2.67 -8.83 -7.15
N SER B 33 -3.66 -7.95 -7.10
CA SER B 33 -3.40 -6.52 -6.95
C SER B 33 -2.68 -6.25 -5.64
N LEU B 34 -3.12 -6.90 -4.57
CA LEU B 34 -2.50 -6.76 -3.25
C LEU B 34 -1.09 -7.35 -3.26
N MET B 35 -0.91 -8.40 -4.05
CA MET B 35 0.40 -9.03 -4.21
C MET B 35 1.38 -8.05 -4.85
N VAL B 36 0.96 -7.43 -5.96
CA VAL B 36 1.80 -6.47 -6.66
C VAL B 36 2.09 -5.26 -5.79
N LEU B 37 1.04 -4.66 -5.24
CA LEU B 37 1.16 -3.46 -4.43
C LEU B 37 1.97 -3.74 -3.17
N GLY B 38 1.77 -4.91 -2.58
CA GLY B 38 2.50 -5.29 -1.39
C GLY B 38 4.00 -5.26 -1.59
N ASN B 39 4.46 -5.95 -2.62
CA ASN B 39 5.88 -5.99 -2.94
C ASN B 39 6.39 -4.61 -3.33
N MET B 40 5.56 -3.87 -4.05
CA MET B 40 5.89 -2.52 -4.49
C MET B 40 6.12 -1.59 -3.30
N VAL B 41 5.11 -1.46 -2.44
CA VAL B 41 5.17 -0.56 -1.30
C VAL B 41 6.29 -0.95 -0.35
N THR B 42 6.40 -2.25 -0.06
CA THR B 42 7.43 -2.75 0.84
C THR B 42 8.83 -2.37 0.35
N ASN B 43 9.10 -2.65 -0.92
CA ASN B 43 10.41 -2.36 -1.49
C ASN B 43 10.63 -0.85 -1.60
N LEU B 44 9.55 -0.12 -1.86
CA LEU B 44 9.61 1.34 -1.96
C LEU B 44 10.08 1.94 -0.63
N ILE B 45 9.40 1.58 0.45
CA ILE B 45 9.74 2.08 1.78
C ILE B 45 11.13 1.57 2.19
N ASN B 46 11.45 0.37 1.74
CA ASN B 46 12.71 -0.27 2.09
C ASN B 46 13.92 0.46 1.49
N THR B 47 13.72 1.08 0.33
CA THR B 47 14.82 1.72 -0.38
C THR B 47 14.75 3.25 -0.36
N SER B 48 13.56 3.79 -0.61
CA SER B 48 13.38 5.23 -0.74
C SER B 48 13.31 5.89 0.64
N ILE B 49 13.33 5.08 1.68
CA ILE B 49 13.32 5.58 3.05
C ILE B 49 14.56 5.09 3.79
N ALA B 50 15.09 5.92 4.69
CA ALA B 50 16.24 5.55 5.50
C ALA B 50 15.96 4.26 6.28
N PRO B 51 16.92 3.32 6.27
CA PRO B 51 16.77 2.01 6.92
C PRO B 51 16.39 2.10 8.39
N ALA B 52 16.70 3.23 9.01
CA ALA B 52 16.38 3.43 10.42
C ALA B 52 14.89 3.67 10.65
N GLN B 53 14.30 4.55 9.83
CA GLN B 53 12.92 4.95 10.06
C GLN B 53 11.95 4.26 9.09
N ARG B 54 12.47 3.39 8.24
CA ARG B 54 11.62 2.66 7.29
C ARG B 54 10.58 1.83 8.03
N GLN B 55 10.98 1.29 9.18
CA GLN B 55 10.10 0.47 9.98
C GLN B 55 9.07 1.36 10.69
N ALA B 56 9.52 2.52 11.16
CA ALA B 56 8.67 3.46 11.87
C ALA B 56 7.57 4.01 10.96
N ILE B 57 7.92 4.29 9.71
CA ILE B 57 6.96 4.80 8.75
C ILE B 57 5.97 3.71 8.36
N ALA B 58 6.43 2.46 8.34
CA ALA B 58 5.54 1.33 8.09
C ALA B 58 4.47 1.24 9.18
N ASN B 59 4.87 1.54 10.41
CA ASN B 59 3.95 1.54 11.54
C ASN B 59 2.87 2.59 11.37
N SER B 60 3.28 3.80 11.03
CA SER B 60 2.36 4.91 10.87
C SER B 60 1.52 4.73 9.60
N PHE B 61 2.09 4.08 8.60
CA PHE B 61 1.37 3.75 7.38
C PHE B 61 0.21 2.83 7.71
N ALA B 62 0.47 1.82 8.54
CA ALA B 62 -0.55 0.89 8.98
C ALA B 62 -1.64 1.62 9.75
N ARG B 63 -1.22 2.50 10.66
CA ARG B 63 -2.15 3.30 11.45
C ARG B 63 -3.02 4.17 10.54
N ALA B 64 -2.39 4.82 9.57
CA ALA B 64 -3.09 5.68 8.63
C ALA B 64 -4.08 4.88 7.81
N LEU B 65 -3.67 3.67 7.42
CA LEU B 65 -4.53 2.76 6.67
C LEU B 65 -5.78 2.44 7.47
N GLN B 66 -5.59 2.05 8.73
CA GLN B 66 -6.72 1.69 9.59
C GLN B 66 -7.63 2.89 9.83
N SER B 67 -7.06 4.08 9.84
CA SER B 67 -7.80 5.31 10.09
C SER B 67 -8.49 5.79 8.81
N SER B 68 -8.08 5.25 7.67
CA SER B 68 -8.62 5.67 6.40
C SER B 68 -9.68 4.69 5.90
N ILE B 69 -9.53 3.42 6.27
CA ILE B 69 -10.48 2.40 5.85
C ILE B 69 -11.79 2.52 6.64
N ASN B 70 -12.69 3.33 6.13
CA ASN B 70 -14.02 3.43 6.69
C ASN B 70 -14.99 2.65 5.82
N GLU B 71 -15.84 1.87 6.46
CA GLU B 71 -16.77 1.00 5.76
C GLU B 71 -17.86 1.83 5.08
N ASP B 72 -18.62 2.55 5.88
CA ASP B 72 -19.72 3.35 5.37
C ASP B 72 -19.99 4.50 6.33
N LYS B 73 -20.86 5.41 5.92
CA LYS B 73 -21.22 6.55 6.73
C LYS B 73 -21.94 6.08 7.99
N ALA B 74 -21.24 6.11 9.13
CA ALA B 74 -21.79 5.64 10.41
C ALA B 74 -23.04 6.41 10.78
N HIS B 75 -23.11 7.67 10.38
CA HIS B 75 -24.29 8.47 10.59
C HIS B 75 -25.31 8.17 9.50
N LEU B 76 -26.36 7.45 9.86
CA LEU B 76 -27.43 7.13 8.93
C LEU B 76 -28.14 8.41 8.54
N GLU B 77 -27.88 8.89 7.32
CA GLU B 77 -28.46 10.12 6.83
C GLU B 77 -29.98 10.02 6.76
N HIS B 78 -30.67 10.95 7.40
CA HIS B 78 -32.12 11.02 7.30
C HIS B 78 -32.47 11.68 5.98
N HIS B 79 -32.17 10.94 4.92
CA HIS B 79 -32.29 11.43 3.56
C HIS B 79 -33.41 10.68 2.85
N HIS B 80 -34.46 11.41 2.51
CA HIS B 80 -35.65 10.80 1.93
C HIS B 80 -35.39 10.41 0.49
N HIS B 81 -35.06 9.14 0.27
CA HIS B 81 -34.84 8.63 -1.07
C HIS B 81 -35.46 7.24 -1.21
N HIS B 82 -36.51 7.18 -2.00
CA HIS B 82 -37.16 5.91 -2.32
C HIS B 82 -36.66 5.45 -3.68
N HIS B 83 -36.72 4.16 -3.96
CA HIS B 83 -36.25 3.63 -5.23
C HIS B 83 -37.28 3.94 -6.32
N MET A 1 8.97 -22.83 -2.10
CA MET A 1 8.28 -22.78 -3.41
C MET A 1 9.14 -22.07 -4.44
N PRO A 2 9.17 -22.58 -5.68
CA PRO A 2 9.97 -21.99 -6.76
C PRO A 2 9.39 -20.67 -7.26
N GLN A 3 8.07 -20.53 -7.20
CA GLN A 3 7.40 -19.33 -7.66
C GLN A 3 7.24 -18.34 -6.50
N ILE A 4 7.24 -17.05 -6.83
CA ILE A 4 7.03 -16.03 -5.83
C ILE A 4 5.60 -16.06 -5.30
N SER A 5 5.45 -16.63 -4.11
CA SER A 5 4.13 -16.86 -3.48
C SER A 5 3.31 -17.86 -4.29
N ARG A 6 2.83 -17.44 -5.44
CA ARG A 6 2.05 -18.32 -6.32
C ARG A 6 1.96 -17.69 -7.71
N TYR A 7 2.86 -16.76 -8.00
CA TYR A 7 2.79 -16.00 -9.24
C TYR A 7 4.10 -16.12 -10.01
N SER A 8 4.14 -15.48 -11.17
CA SER A 8 5.31 -15.55 -12.04
C SER A 8 6.00 -14.19 -12.08
N ASP A 9 7.29 -14.22 -12.43
CA ASP A 9 8.14 -13.02 -12.40
C ASP A 9 7.60 -11.92 -13.30
N GLU A 10 7.50 -12.23 -14.59
CA GLU A 10 7.11 -11.26 -15.61
C GLU A 10 5.80 -10.58 -15.25
N GLN A 11 4.89 -11.35 -14.67
CA GLN A 11 3.58 -10.86 -14.29
C GLN A 11 3.67 -9.75 -13.25
N VAL A 12 4.22 -10.10 -12.09
CA VAL A 12 4.28 -9.19 -10.96
C VAL A 12 5.22 -8.01 -11.24
N GLU A 13 6.35 -8.29 -11.87
CA GLU A 13 7.35 -7.27 -12.12
C GLU A 13 6.90 -6.33 -13.25
N GLN A 14 6.01 -6.80 -14.12
CA GLN A 14 5.47 -5.95 -15.17
C GLN A 14 4.57 -4.89 -14.56
N LEU A 15 3.72 -5.32 -13.63
CA LEU A 15 2.88 -4.39 -12.88
C LEU A 15 3.74 -3.42 -12.09
N LEU A 16 4.75 -3.96 -11.42
CA LEU A 16 5.68 -3.16 -10.63
C LEU A 16 6.34 -2.10 -11.51
N ALA A 17 6.80 -2.52 -12.68
CA ALA A 17 7.49 -1.63 -13.61
C ALA A 17 6.62 -0.45 -14.00
N GLU A 18 5.37 -0.70 -14.39
CA GLU A 18 4.48 0.37 -14.82
C GLU A 18 4.07 1.27 -13.66
N LEU A 19 3.95 0.70 -12.47
CA LEU A 19 3.63 1.50 -11.29
C LEU A 19 4.78 2.44 -10.95
N LEU A 20 6.01 1.92 -10.98
CA LEU A 20 7.20 2.74 -10.80
C LEU A 20 7.28 3.77 -11.92
N ASN A 21 6.93 3.35 -13.13
CA ASN A 21 6.86 4.23 -14.28
C ASN A 21 5.91 5.39 -14.03
N VAL A 22 4.81 5.13 -13.36
CA VAL A 22 3.84 6.16 -13.01
C VAL A 22 4.50 7.25 -12.16
N LEU A 23 5.15 6.83 -11.08
CA LEU A 23 5.79 7.77 -10.16
C LEU A 23 6.97 8.48 -10.83
N GLU A 24 7.65 7.78 -11.73
CA GLU A 24 8.76 8.36 -12.46
C GLU A 24 8.26 9.38 -13.49
N LYS A 25 7.34 8.93 -14.33
CA LYS A 25 6.80 9.77 -15.41
C LYS A 25 6.15 11.04 -14.87
N HIS A 26 5.34 10.89 -13.83
CA HIS A 26 4.56 12.01 -13.31
C HIS A 26 5.32 12.72 -12.18
N LYS A 27 6.40 12.08 -11.71
CA LYS A 27 7.20 12.61 -10.60
C LYS A 27 6.38 12.75 -9.33
N ALA A 28 6.33 11.67 -8.57
CA ALA A 28 5.62 11.67 -7.30
C ALA A 28 6.60 11.57 -6.14
N PRO A 29 6.74 12.65 -5.36
CA PRO A 29 7.63 12.67 -4.18
C PRO A 29 7.20 11.65 -3.14
N THR A 30 8.15 11.21 -2.32
CA THR A 30 7.90 10.15 -1.35
C THR A 30 6.71 10.47 -0.44
N ASP A 31 6.60 11.73 -0.02
CA ASP A 31 5.53 12.17 0.85
C ASP A 31 4.17 11.97 0.16
N LEU A 32 4.06 12.51 -1.04
CA LEU A 32 2.83 12.44 -1.82
C LEU A 32 2.55 11.00 -2.25
N SER A 33 3.61 10.25 -2.50
CA SER A 33 3.49 8.85 -2.90
C SER A 33 2.70 8.06 -1.87
N LEU A 34 3.09 8.17 -0.60
CA LEU A 34 2.42 7.47 0.48
C LEU A 34 0.97 7.94 0.60
N MET A 35 0.76 9.24 0.40
CA MET A 35 -0.57 9.82 0.44
C MET A 35 -1.46 9.21 -0.65
N VAL A 36 -0.95 9.20 -1.87
CA VAL A 36 -1.71 8.68 -3.01
C VAL A 36 -1.95 7.18 -2.87
N LEU A 37 -0.89 6.43 -2.54
CA LEU A 37 -1.00 4.98 -2.37
C LEU A 37 -2.03 4.64 -1.29
N GLY A 38 -1.97 5.36 -0.18
CA GLY A 38 -2.91 5.13 0.90
C GLY A 38 -4.35 5.36 0.46
N ASN A 39 -4.57 6.45 -0.26
CA ASN A 39 -5.91 6.79 -0.77
C ASN A 39 -6.34 5.79 -1.84
N MET A 40 -5.37 5.32 -2.61
CA MET A 40 -5.62 4.37 -3.68
C MET A 40 -6.01 3.00 -3.12
N VAL A 41 -5.21 2.50 -2.17
CA VAL A 41 -5.45 1.19 -1.58
C VAL A 41 -6.78 1.16 -0.84
N THR A 42 -7.05 2.19 -0.04
CA THR A 42 -8.30 2.27 0.71
C THR A 42 -9.50 2.27 -0.23
N ASN A 43 -9.36 2.94 -1.37
CA ASN A 43 -10.40 2.95 -2.40
C ASN A 43 -10.69 1.53 -2.86
N LEU A 44 -9.65 0.83 -3.29
CA LEU A 44 -9.77 -0.53 -3.79
C LEU A 44 -10.43 -1.44 -2.76
N ILE A 45 -9.96 -1.38 -1.52
CA ILE A 45 -10.46 -2.23 -0.46
C ILE A 45 -11.95 -2.01 -0.21
N ASN A 46 -12.37 -0.75 -0.15
CA ASN A 46 -13.76 -0.43 0.20
C ASN A 46 -14.71 -0.65 -0.97
N THR A 47 -14.16 -0.77 -2.18
CA THR A 47 -15.00 -0.94 -3.36
C THR A 47 -15.11 -2.40 -3.79
N SER A 48 -13.98 -3.09 -3.86
CA SER A 48 -13.95 -4.45 -4.39
C SER A 48 -14.03 -5.49 -3.28
N ILE A 49 -13.39 -5.22 -2.16
CA ILE A 49 -13.31 -6.18 -1.07
C ILE A 49 -14.58 -6.16 -0.22
N ALA A 50 -15.03 -7.34 0.17
CA ALA A 50 -16.19 -7.50 1.03
C ALA A 50 -16.06 -6.67 2.31
N PRO A 51 -17.09 -5.86 2.62
CA PRO A 51 -17.06 -4.90 3.74
C PRO A 51 -16.81 -5.56 5.10
N ALA A 52 -17.20 -6.81 5.25
CA ALA A 52 -17.04 -7.50 6.53
C ALA A 52 -15.58 -7.69 6.88
N GLN A 53 -14.78 -8.13 5.92
CA GLN A 53 -13.40 -8.49 6.18
C GLN A 53 -12.42 -7.49 5.58
N ARG A 54 -12.92 -6.33 5.17
CA ARG A 54 -12.08 -5.33 4.53
C ARG A 54 -10.96 -4.86 5.46
N GLN A 55 -11.27 -4.67 6.74
CA GLN A 55 -10.27 -4.18 7.68
C GLN A 55 -9.32 -5.31 8.07
N ALA A 56 -9.86 -6.51 8.18
CA ALA A 56 -9.05 -7.69 8.49
C ALA A 56 -8.04 -7.96 7.39
N ILE A 57 -8.46 -7.79 6.14
CA ILE A 57 -7.57 -7.94 5.00
C ILE A 57 -6.54 -6.83 4.98
N ALA A 58 -6.97 -5.61 5.33
CA ALA A 58 -6.05 -4.48 5.44
C ALA A 58 -5.01 -4.75 6.53
N ASN A 59 -5.45 -5.35 7.62
CA ASN A 59 -4.56 -5.74 8.70
C ASN A 59 -3.61 -6.82 8.24
N SER A 60 -4.12 -7.75 7.44
CA SER A 60 -3.32 -8.81 6.87
C SER A 60 -2.27 -8.25 5.93
N PHE A 61 -2.64 -7.18 5.22
CA PHE A 61 -1.72 -6.46 4.35
C PHE A 61 -0.52 -5.95 5.16
N ALA A 62 -0.81 -5.42 6.34
CA ALA A 62 0.23 -4.93 7.24
C ALA A 62 1.14 -6.05 7.71
N ARG A 63 0.56 -7.23 7.91
CA ARG A 63 1.32 -8.40 8.33
C ARG A 63 2.35 -8.76 7.28
N ALA A 64 1.90 -8.87 6.04
CA ALA A 64 2.79 -9.18 4.92
C ALA A 64 3.77 -8.04 4.68
N LEU A 65 3.31 -6.83 4.93
CA LEU A 65 4.14 -5.63 4.77
C LEU A 65 5.37 -5.72 5.68
N GLN A 66 5.14 -5.94 6.97
CA GLN A 66 6.23 -6.02 7.94
C GLN A 66 7.14 -7.21 7.64
N SER A 67 6.54 -8.34 7.29
CA SER A 67 7.29 -9.56 7.01
C SER A 67 8.23 -9.38 5.83
N SER A 68 7.78 -8.63 4.82
CA SER A 68 8.57 -8.40 3.62
C SER A 68 9.73 -7.45 3.92
N ILE A 69 9.51 -6.52 4.83
CA ILE A 69 10.56 -5.58 5.24
C ILE A 69 11.62 -6.29 6.09
N ASN A 70 11.16 -7.02 7.09
CA ASN A 70 12.07 -7.78 7.94
C ASN A 70 11.37 -8.99 8.54
N GLU A 71 11.95 -10.15 8.27
CA GLU A 71 11.40 -11.41 8.77
C GLU A 71 11.99 -11.75 10.13
N ASP A 72 11.13 -12.09 11.08
CA ASP A 72 11.57 -12.48 12.41
C ASP A 72 11.70 -13.99 12.50
N LYS A 73 11.20 -14.67 11.48
CA LYS A 73 11.22 -16.13 11.42
C LYS A 73 12.64 -16.66 11.55
N ALA A 74 12.77 -17.85 12.12
CA ALA A 74 14.08 -18.43 12.38
C ALA A 74 14.86 -18.65 11.08
N HIS A 75 15.88 -17.83 10.89
CA HIS A 75 16.78 -17.96 9.76
C HIS A 75 18.23 -17.99 10.24
N LEU A 76 18.39 -18.45 11.48
CA LEU A 76 19.72 -18.58 12.06
C LEU A 76 20.43 -19.80 11.49
N GLU A 77 19.67 -20.86 11.30
CA GLU A 77 20.18 -22.10 10.73
C GLU A 77 19.03 -22.90 10.12
N HIS A 78 19.30 -24.13 9.70
CA HIS A 78 18.26 -24.95 9.08
C HIS A 78 18.21 -26.33 9.70
N HIS A 79 17.56 -26.43 10.85
CA HIS A 79 17.38 -27.71 11.53
C HIS A 79 16.15 -28.42 10.99
N HIS A 80 16.29 -29.71 10.73
CA HIS A 80 15.18 -30.50 10.21
C HIS A 80 14.34 -31.02 11.37
N HIS A 81 13.07 -30.65 11.37
CA HIS A 81 12.17 -31.03 12.46
C HIS A 81 11.95 -32.54 12.47
N HIS A 82 11.78 -33.11 11.28
CA HIS A 82 11.71 -34.56 11.15
C HIS A 82 13.09 -35.16 11.43
N HIS A 83 13.14 -36.07 12.38
CA HIS A 83 14.39 -36.72 12.72
C HIS A 83 14.22 -38.23 12.62
N MET B 1 -9.26 23.74 6.76
CA MET B 1 -8.51 24.79 6.00
C MET B 1 -8.47 24.43 4.53
N PRO B 2 -8.26 25.44 3.65
CA PRO B 2 -8.18 25.22 2.20
C PRO B 2 -7.06 24.25 1.83
N GLN B 3 -7.27 23.49 0.75
CA GLN B 3 -6.31 22.48 0.27
C GLN B 3 -6.24 21.29 1.22
N ILE B 4 -7.01 21.35 2.32
CA ILE B 4 -7.07 20.29 3.32
C ILE B 4 -5.77 20.22 4.14
N SER B 5 -4.66 20.04 3.45
CA SER B 5 -3.35 19.98 4.09
C SER B 5 -2.28 20.57 3.18
N ARG B 6 -2.10 19.99 2.01
CA ARG B 6 -1.08 20.44 1.07
C ARG B 6 -1.52 20.27 -0.37
N TYR B 7 -2.07 19.10 -0.66
CA TYR B 7 -2.17 18.63 -2.03
C TYR B 7 -3.54 18.91 -2.63
N SER B 8 -3.53 19.29 -3.90
CA SER B 8 -4.73 19.62 -4.65
C SER B 8 -5.38 18.34 -5.19
N ASP B 9 -6.71 18.35 -5.26
CA ASP B 9 -7.46 17.18 -5.74
C ASP B 9 -7.02 16.80 -7.14
N GLU B 10 -6.90 17.80 -8.01
CA GLU B 10 -6.55 17.59 -9.42
C GLU B 10 -5.30 16.74 -9.55
N GLN B 11 -4.28 17.03 -8.75
CA GLN B 11 -3.00 16.33 -8.84
C GLN B 11 -3.14 14.89 -8.34
N VAL B 12 -3.80 14.71 -7.21
CA VAL B 12 -3.98 13.39 -6.63
C VAL B 12 -4.89 12.53 -7.49
N GLU B 13 -5.92 13.14 -8.05
CA GLU B 13 -6.88 12.46 -8.89
C GLU B 13 -6.18 11.85 -10.10
N GLN B 14 -5.23 12.58 -10.67
CA GLN B 14 -4.42 12.07 -11.77
C GLN B 14 -3.67 10.82 -11.35
N LEU B 15 -2.92 10.92 -10.25
CA LEU B 15 -2.11 9.80 -9.78
C LEU B 15 -2.97 8.59 -9.43
N LEU B 16 -4.19 8.85 -8.97
CA LEU B 16 -5.14 7.78 -8.69
C LEU B 16 -5.49 7.05 -9.99
N ALA B 17 -5.81 7.82 -11.03
CA ALA B 17 -6.16 7.27 -12.32
C ALA B 17 -4.98 6.52 -12.93
N GLU B 18 -3.79 7.07 -12.74
CA GLU B 18 -2.56 6.43 -13.22
C GLU B 18 -2.44 5.02 -12.68
N LEU B 19 -2.53 4.87 -11.36
CA LEU B 19 -2.39 3.58 -10.72
C LEU B 19 -3.51 2.63 -11.13
N LEU B 20 -4.73 3.13 -11.14
CA LEU B 20 -5.88 2.32 -11.53
C LEU B 20 -5.77 1.85 -12.96
N ASN B 21 -5.27 2.71 -13.84
CA ASN B 21 -5.08 2.37 -15.25
C ASN B 21 -4.16 1.16 -15.40
N VAL B 22 -3.06 1.16 -14.65
CA VAL B 22 -2.10 0.06 -14.71
C VAL B 22 -2.76 -1.26 -14.33
N LEU B 23 -3.54 -1.25 -13.25
CA LEU B 23 -4.23 -2.44 -12.78
C LEU B 23 -5.33 -2.85 -13.75
N GLU B 24 -6.07 -1.87 -14.26
CA GLU B 24 -7.17 -2.11 -15.19
C GLU B 24 -6.65 -2.71 -16.49
N LYS B 25 -5.60 -2.11 -17.02
CA LYS B 25 -5.04 -2.51 -18.31
C LYS B 25 -4.50 -3.95 -18.27
N HIS B 26 -4.22 -4.43 -17.06
CA HIS B 26 -3.72 -5.80 -16.90
C HIS B 26 -4.79 -6.71 -16.34
N LYS B 27 -5.88 -6.10 -15.87
CA LYS B 27 -6.96 -6.81 -15.18
C LYS B 27 -6.40 -7.69 -14.06
N ALA B 28 -5.74 -7.03 -13.12
CA ALA B 28 -5.13 -7.71 -11.99
C ALA B 28 -6.17 -7.99 -10.91
N PRO B 29 -6.36 -9.26 -10.55
CA PRO B 29 -7.29 -9.65 -9.49
C PRO B 29 -6.89 -9.04 -8.14
N THR B 30 -7.83 -9.05 -7.20
CA THR B 30 -7.64 -8.40 -5.90
C THR B 30 -6.36 -8.86 -5.20
N ASP B 31 -6.16 -10.17 -5.12
CA ASP B 31 -4.98 -10.73 -4.44
C ASP B 31 -3.69 -10.28 -5.11
N LEU B 32 -3.63 -10.42 -6.43
CA LEU B 32 -2.47 -9.99 -7.20
C LEU B 32 -2.21 -8.51 -7.00
N SER B 33 -3.27 -7.70 -7.10
CA SER B 33 -3.16 -6.26 -6.91
C SER B 33 -2.56 -5.94 -5.54
N LEU B 34 -3.12 -6.55 -4.49
CA LEU B 34 -2.63 -6.31 -3.13
C LEU B 34 -1.17 -6.70 -3.00
N MET B 35 -0.79 -7.79 -3.64
CA MET B 35 0.60 -8.26 -3.62
C MET B 35 1.51 -7.23 -4.28
N VAL B 36 1.12 -6.76 -5.45
CA VAL B 36 1.92 -5.78 -6.18
C VAL B 36 1.95 -4.44 -5.46
N LEU B 37 0.82 -4.06 -4.87
CA LEU B 37 0.74 -2.84 -4.07
C LEU B 37 1.68 -2.91 -2.87
N GLY B 38 1.64 -4.05 -2.18
CA GLY B 38 2.55 -4.26 -1.06
C GLY B 38 3.99 -4.29 -1.51
N ASN B 39 4.21 -4.88 -2.68
CA ASN B 39 5.54 -4.94 -3.29
C ASN B 39 6.04 -3.52 -3.57
N MET B 40 5.13 -2.67 -4.06
CA MET B 40 5.44 -1.28 -4.32
C MET B 40 5.78 -0.54 -3.02
N VAL B 41 4.91 -0.66 -2.03
CA VAL B 41 5.09 0.03 -0.75
C VAL B 41 6.41 -0.38 -0.10
N THR B 42 6.68 -1.68 -0.05
CA THR B 42 7.90 -2.18 0.56
C THR B 42 9.13 -1.65 -0.17
N ASN B 43 9.15 -1.78 -1.49
CA ASN B 43 10.26 -1.30 -2.30
C ASN B 43 10.48 0.19 -2.10
N LEU B 44 9.41 0.97 -2.24
CA LEU B 44 9.49 2.42 -2.13
C LEU B 44 10.11 2.84 -0.79
N ILE B 45 9.63 2.23 0.29
CA ILE B 45 10.11 2.58 1.62
C ILE B 45 11.55 2.07 1.84
N ASN B 46 11.81 0.84 1.44
CA ASN B 46 13.11 0.22 1.68
C ASN B 46 14.22 0.89 0.87
N THR B 47 13.89 1.45 -0.28
CA THR B 47 14.89 2.09 -1.12
C THR B 47 15.06 3.56 -0.76
N SER B 48 13.95 4.29 -0.68
CA SER B 48 13.99 5.73 -0.47
C SER B 48 14.21 6.09 1.00
N ILE B 49 13.58 5.34 1.89
CA ILE B 49 13.62 5.65 3.32
C ILE B 49 14.77 4.92 4.00
N ALA B 50 15.44 5.61 4.92
CA ALA B 50 16.55 5.04 5.68
C ALA B 50 16.10 3.80 6.45
N PRO B 51 16.89 2.70 6.33
CA PRO B 51 16.60 1.42 6.99
C PRO B 51 16.25 1.55 8.48
N ALA B 52 16.86 2.53 9.13
CA ALA B 52 16.66 2.76 10.56
C ALA B 52 15.18 2.98 10.91
N GLN B 53 14.42 3.56 9.98
CA GLN B 53 13.02 3.87 10.25
C GLN B 53 12.10 3.36 9.16
N ARG B 54 12.62 2.50 8.28
CA ARG B 54 11.83 1.97 7.17
C ARG B 54 10.59 1.22 7.68
N GLN B 55 10.77 0.45 8.75
CA GLN B 55 9.67 -0.32 9.31
C GLN B 55 8.72 0.61 10.08
N ALA B 56 9.29 1.65 10.67
CA ALA B 56 8.49 2.62 11.42
C ALA B 56 7.52 3.33 10.50
N ILE B 57 8.00 3.71 9.31
CA ILE B 57 7.18 4.36 8.31
C ILE B 57 6.06 3.41 7.86
N ALA B 58 6.41 2.14 7.69
CA ALA B 58 5.44 1.13 7.30
C ALA B 58 4.35 0.97 8.37
N ASN B 59 4.77 1.02 9.62
CA ASN B 59 3.83 0.92 10.74
C ASN B 59 2.84 2.07 10.68
N SER B 60 3.34 3.28 10.54
CA SER B 60 2.48 4.45 10.45
C SER B 60 1.60 4.41 9.20
N PHE B 61 2.12 3.78 8.14
CA PHE B 61 1.36 3.64 6.90
C PHE B 61 0.16 2.73 7.13
N ALA B 62 0.40 1.58 7.76
CA ALA B 62 -0.66 0.63 8.07
C ALA B 62 -1.67 1.25 9.04
N ARG B 63 -1.16 2.02 9.99
CA ARG B 63 -2.00 2.73 10.95
C ARG B 63 -2.90 3.75 10.25
N ALA B 64 -2.30 4.54 9.36
CA ALA B 64 -3.06 5.50 8.57
C ALA B 64 -4.05 4.80 7.65
N LEU B 65 -3.63 3.65 7.11
CA LEU B 65 -4.48 2.84 6.27
C LEU B 65 -5.77 2.46 7.01
N GLN B 66 -5.61 1.93 8.21
CA GLN B 66 -6.75 1.53 9.03
C GLN B 66 -7.57 2.74 9.47
N SER B 67 -6.90 3.85 9.69
CA SER B 67 -7.56 5.10 10.10
C SER B 67 -8.40 5.66 8.94
N SER B 68 -8.00 5.34 7.71
CA SER B 68 -8.69 5.84 6.54
C SER B 68 -9.83 4.89 6.13
N ILE B 69 -9.58 3.58 6.24
CA ILE B 69 -10.61 2.60 5.90
C ILE B 69 -11.72 2.60 6.95
N ASN B 70 -11.34 2.85 8.19
CA ASN B 70 -12.29 2.92 9.29
C ASN B 70 -12.09 4.24 10.03
N GLU B 71 -12.93 5.21 9.73
CA GLU B 71 -12.84 6.53 10.35
C GLU B 71 -13.21 6.47 11.83
N ASP B 72 -12.20 6.44 12.68
CA ASP B 72 -12.41 6.44 14.11
C ASP B 72 -12.10 7.80 14.68
N LYS B 73 -13.07 8.69 14.64
CA LYS B 73 -12.91 10.03 15.16
C LYS B 73 -14.19 10.48 15.85
N ALA B 74 -14.24 10.22 17.16
CA ALA B 74 -15.41 10.58 17.95
C ALA B 74 -15.61 12.09 17.99
N HIS B 75 -16.64 12.55 17.32
CA HIS B 75 -16.97 13.97 17.32
C HIS B 75 -18.26 14.18 18.10
N LEU B 76 -18.19 15.06 19.10
CA LEU B 76 -19.33 15.34 19.96
C LEU B 76 -20.13 16.51 19.42
N GLU B 77 -21.03 17.03 20.24
CA GLU B 77 -21.84 18.18 19.86
C GLU B 77 -20.98 19.45 19.91
N HIS B 78 -21.19 20.33 18.96
CA HIS B 78 -20.39 21.55 18.85
C HIS B 78 -20.71 22.51 19.98
N HIS B 79 -19.80 22.60 20.94
CA HIS B 79 -19.91 23.58 22.01
C HIS B 79 -18.64 24.41 22.09
N HIS B 80 -17.72 24.13 21.15
CA HIS B 80 -16.49 24.90 20.97
C HIS B 80 -15.48 24.61 22.07
N HIS B 81 -14.41 23.91 21.70
CA HIS B 81 -13.33 23.56 22.62
C HIS B 81 -12.34 24.73 22.73
N HIS B 82 -12.88 25.92 22.90
CA HIS B 82 -12.09 27.14 22.98
C HIS B 82 -12.98 28.28 23.44
N HIS B 83 -12.47 29.15 24.29
CA HIS B 83 -13.24 30.28 24.76
C HIS B 83 -12.46 31.57 24.57
N MET A 1 11.38 -18.01 6.41
CA MET A 1 10.85 -18.85 5.33
C MET A 1 11.11 -18.21 3.98
N PRO A 2 11.69 -18.96 3.03
CA PRO A 2 11.89 -18.49 1.66
C PRO A 2 10.58 -18.44 0.89
N GLN A 3 10.48 -17.52 -0.04
CA GLN A 3 9.27 -17.37 -0.83
C GLN A 3 9.32 -18.32 -2.03
N ILE A 4 8.22 -19.03 -2.25
CA ILE A 4 8.15 -19.97 -3.36
C ILE A 4 7.46 -19.31 -4.56
N SER A 5 6.73 -18.24 -4.28
CA SER A 5 6.04 -17.46 -5.30
C SER A 5 4.92 -18.29 -5.95
N ARG A 6 4.38 -17.78 -7.03
CA ARG A 6 3.27 -18.44 -7.73
C ARG A 6 3.10 -17.83 -9.11
N TYR A 7 2.91 -16.52 -9.15
CA TYR A 7 2.66 -15.82 -10.39
C TYR A 7 3.95 -15.67 -11.19
N SER A 8 3.82 -15.35 -12.46
CA SER A 8 4.95 -15.21 -13.34
C SER A 8 5.63 -13.87 -13.14
N ASP A 9 6.96 -13.88 -13.02
CA ASP A 9 7.74 -12.66 -12.86
C ASP A 9 7.51 -11.72 -14.02
N GLU A 10 7.18 -12.27 -15.18
CA GLU A 10 6.85 -11.47 -16.36
C GLU A 10 5.65 -10.57 -16.06
N GLN A 11 4.57 -11.18 -15.60
CA GLN A 11 3.33 -10.47 -15.36
C GLN A 11 3.47 -9.52 -14.17
N VAL A 12 4.05 -10.02 -13.08
CA VAL A 12 4.16 -9.24 -11.85
C VAL A 12 5.11 -8.06 -12.01
N GLU A 13 6.35 -8.34 -12.41
CA GLU A 13 7.38 -7.30 -12.49
C GLU A 13 6.99 -6.25 -13.51
N GLN A 14 6.50 -6.67 -14.68
CA GLN A 14 6.11 -5.73 -15.71
C GLN A 14 4.97 -4.84 -15.24
N LEU A 15 4.03 -5.43 -14.52
CA LEU A 15 2.91 -4.68 -13.96
C LEU A 15 3.44 -3.60 -13.01
N LEU A 16 4.35 -4.00 -12.14
CA LEU A 16 4.97 -3.09 -11.19
C LEU A 16 5.80 -2.02 -11.92
N ALA A 17 6.51 -2.45 -12.95
CA ALA A 17 7.34 -1.55 -13.75
C ALA A 17 6.49 -0.46 -14.39
N GLU A 18 5.34 -0.86 -14.94
CA GLU A 18 4.41 0.10 -15.53
C GLU A 18 3.99 1.15 -14.51
N LEU A 19 3.66 0.70 -13.31
CA LEU A 19 3.23 1.60 -12.25
C LEU A 19 4.36 2.54 -11.83
N LEU A 20 5.53 1.96 -11.59
CA LEU A 20 6.69 2.73 -11.17
C LEU A 20 7.10 3.73 -12.24
N ASN A 21 6.99 3.30 -13.49
CA ASN A 21 7.34 4.14 -14.63
C ASN A 21 6.47 5.40 -14.66
N VAL A 22 5.17 5.23 -14.44
CA VAL A 22 4.24 6.36 -14.44
C VAL A 22 4.55 7.30 -13.27
N LEU A 23 5.03 6.73 -12.17
CA LEU A 23 5.39 7.52 -11.00
C LEU A 23 6.54 8.47 -11.32
N GLU A 24 7.66 7.93 -11.80
CA GLU A 24 8.81 8.75 -12.10
C GLU A 24 8.60 9.53 -13.41
N LYS A 25 7.58 9.12 -14.15
CA LYS A 25 7.16 9.84 -15.35
C LYS A 25 6.64 11.22 -14.97
N HIS A 26 5.97 11.28 -13.82
CA HIS A 26 5.45 12.54 -13.31
C HIS A 26 6.40 13.14 -12.29
N LYS A 27 7.19 12.27 -11.65
CA LYS A 27 8.14 12.67 -10.61
C LYS A 27 7.41 13.24 -9.40
N ALA A 28 7.00 12.36 -8.51
CA ALA A 28 6.26 12.73 -7.32
C ALA A 28 7.08 12.43 -6.07
N PRO A 29 6.93 13.25 -5.01
CA PRO A 29 7.60 13.03 -3.73
C PRO A 29 7.17 11.72 -3.07
N THR A 30 8.00 11.20 -2.18
CA THR A 30 7.75 9.93 -1.53
C THR A 30 6.46 9.96 -0.69
N ASP A 31 6.29 11.03 0.08
CA ASP A 31 5.12 11.16 0.94
C ASP A 31 3.84 11.19 0.11
N LEU A 32 3.90 11.87 -1.02
CA LEU A 32 2.79 11.91 -1.95
C LEU A 32 2.50 10.52 -2.50
N SER A 33 3.55 9.84 -2.95
CA SER A 33 3.41 8.50 -3.52
C SER A 33 2.79 7.54 -2.51
N LEU A 34 3.21 7.63 -1.25
CA LEU A 34 2.66 6.79 -0.19
C LEU A 34 1.20 7.12 0.05
N MET A 35 0.85 8.39 -0.01
CA MET A 35 -0.53 8.82 0.19
C MET A 35 -1.40 8.33 -0.97
N VAL A 36 -0.86 8.39 -2.18
CA VAL A 36 -1.56 7.91 -3.36
C VAL A 36 -1.82 6.40 -3.24
N LEU A 37 -0.77 5.64 -2.95
CA LEU A 37 -0.90 4.20 -2.80
C LEU A 37 -1.84 3.84 -1.65
N GLY A 38 -1.66 4.52 -0.52
CA GLY A 38 -2.51 4.28 0.64
C GLY A 38 -3.98 4.52 0.33
N ASN A 39 -4.27 5.66 -0.29
CA ASN A 39 -5.64 5.98 -0.69
C ASN A 39 -6.15 4.98 -1.70
N MET A 40 -5.28 4.60 -2.64
CA MET A 40 -5.62 3.62 -3.68
C MET A 40 -6.04 2.30 -3.06
N VAL A 41 -5.22 1.78 -2.15
CA VAL A 41 -5.52 0.52 -1.48
C VAL A 41 -6.78 0.64 -0.64
N THR A 42 -6.91 1.74 0.08
CA THR A 42 -8.09 1.99 0.92
C THR A 42 -9.36 1.99 0.06
N ASN A 43 -9.33 2.70 -1.05
CA ASN A 43 -10.47 2.74 -1.97
C ASN A 43 -10.76 1.35 -2.49
N LEU A 44 -9.72 0.65 -2.93
CA LEU A 44 -9.86 -0.69 -3.48
C LEU A 44 -10.54 -1.64 -2.50
N ILE A 45 -10.03 -1.70 -1.27
CA ILE A 45 -10.55 -2.60 -0.26
C ILE A 45 -12.03 -2.32 0.02
N ASN A 46 -12.36 -1.07 0.25
CA ASN A 46 -13.72 -0.72 0.66
C ASN A 46 -14.73 -0.93 -0.46
N THR A 47 -14.31 -0.76 -1.71
CA THR A 47 -15.24 -0.85 -2.82
C THR A 47 -15.28 -2.25 -3.44
N SER A 48 -14.15 -2.93 -3.47
CA SER A 48 -14.04 -4.19 -4.19
C SER A 48 -13.95 -5.40 -3.24
N ILE A 49 -13.81 -5.15 -1.96
CA ILE A 49 -13.69 -6.23 -0.99
C ILE A 49 -14.84 -6.18 0.02
N ALA A 50 -15.31 -7.35 0.43
CA ALA A 50 -16.42 -7.48 1.38
C ALA A 50 -16.15 -6.70 2.67
N PRO A 51 -17.14 -5.91 3.12
CA PRO A 51 -17.02 -5.07 4.33
C PRO A 51 -16.72 -5.89 5.59
N ALA A 52 -17.18 -7.14 5.60
CA ALA A 52 -17.01 -7.99 6.77
C ALA A 52 -15.57 -8.53 6.88
N GLN A 53 -14.74 -8.20 5.91
CA GLN A 53 -13.34 -8.64 5.96
C GLN A 53 -12.38 -7.51 5.57
N ARG A 54 -12.86 -6.27 5.64
CA ARG A 54 -12.00 -5.11 5.35
C ARG A 54 -10.79 -5.09 6.26
N GLN A 55 -11.02 -5.38 7.53
CA GLN A 55 -9.96 -5.37 8.52
C GLN A 55 -9.23 -6.70 8.57
N ALA A 56 -9.86 -7.74 8.04
CA ALA A 56 -9.22 -9.04 7.94
C ALA A 56 -8.06 -8.96 6.95
N ILE A 57 -8.30 -8.26 5.84
CA ILE A 57 -7.27 -8.03 4.85
C ILE A 57 -6.20 -7.09 5.41
N ALA A 58 -6.65 -6.02 6.05
CA ALA A 58 -5.76 -5.01 6.62
C ALA A 58 -4.82 -5.62 7.66
N ASN A 59 -5.37 -6.40 8.59
CA ASN A 59 -4.57 -7.04 9.63
C ASN A 59 -3.52 -7.96 9.02
N SER A 60 -3.94 -8.75 8.03
CA SER A 60 -3.03 -9.67 7.36
C SER A 60 -1.92 -8.90 6.63
N PHE A 61 -2.31 -7.82 5.94
CA PHE A 61 -1.35 -6.99 5.22
C PHE A 61 -0.35 -6.35 6.18
N ALA A 62 -0.87 -5.75 7.24
CA ALA A 62 -0.02 -5.06 8.22
C ALA A 62 0.96 -6.02 8.88
N ARG A 63 0.46 -7.17 9.33
CA ARG A 63 1.31 -8.16 9.98
C ARG A 63 2.29 -8.79 9.02
N ALA A 64 1.93 -8.85 7.74
CA ALA A 64 2.83 -9.33 6.71
C ALA A 64 3.93 -8.30 6.47
N LEU A 65 3.55 -7.03 6.44
CA LEU A 65 4.50 -5.93 6.28
C LEU A 65 5.48 -5.91 7.44
N GLN A 66 4.96 -6.05 8.65
CA GLN A 66 5.80 -6.06 9.85
C GLN A 66 6.65 -7.33 9.91
N SER A 67 6.31 -8.32 9.09
CA SER A 67 7.08 -9.55 9.02
C SER A 67 8.05 -9.53 7.84
N SER A 68 8.02 -8.44 7.09
CA SER A 68 8.89 -8.31 5.92
C SER A 68 9.97 -7.26 6.19
N ILE A 69 9.58 -6.14 6.77
CA ILE A 69 10.52 -5.09 7.14
C ILE A 69 11.07 -5.40 8.53
N ASN A 70 12.32 -5.89 8.56
CA ASN A 70 12.93 -6.39 9.78
C ASN A 70 12.19 -7.65 10.24
N GLU A 71 12.63 -8.79 9.72
CA GLU A 71 11.99 -10.07 10.01
C GLU A 71 11.99 -10.36 11.51
N ASP A 72 10.80 -10.48 12.07
CA ASP A 72 10.65 -10.74 13.49
C ASP A 72 11.12 -12.14 13.84
N LYS A 73 12.12 -12.22 14.70
CA LYS A 73 12.63 -13.48 15.18
C LYS A 73 12.73 -13.44 16.69
N ALA A 74 11.67 -13.87 17.36
CA ALA A 74 11.63 -13.83 18.81
C ALA A 74 10.99 -15.09 19.37
N HIS A 75 11.01 -15.23 20.70
CA HIS A 75 10.39 -16.36 21.38
C HIS A 75 9.50 -15.85 22.50
N LEU A 76 8.58 -16.68 22.96
CA LEU A 76 7.62 -16.27 23.97
C LEU A 76 7.59 -17.21 25.15
N GLU A 77 7.75 -16.65 26.34
CA GLU A 77 7.74 -17.41 27.58
C GLU A 77 7.21 -16.53 28.71
N HIS A 78 6.46 -17.13 29.63
CA HIS A 78 5.93 -16.39 30.77
C HIS A 78 6.71 -16.73 32.02
N HIS A 79 7.48 -15.76 32.51
CA HIS A 79 8.27 -15.95 33.73
C HIS A 79 7.38 -15.87 34.96
N HIS A 80 7.89 -16.39 36.08
CA HIS A 80 7.11 -16.53 37.30
C HIS A 80 7.02 -15.23 38.07
N HIS A 81 5.81 -14.88 38.45
CA HIS A 81 5.56 -13.72 39.30
C HIS A 81 4.35 -13.98 40.21
N HIS A 82 4.01 -15.26 40.32
CA HIS A 82 2.90 -15.69 41.16
C HIS A 82 3.35 -16.87 42.02
N HIS A 83 3.34 -16.70 43.32
CA HIS A 83 3.71 -17.78 44.24
C HIS A 83 2.47 -18.30 44.95
N MET B 1 -12.32 14.16 11.80
CA MET B 1 -10.90 14.31 12.14
C MET B 1 -10.29 15.39 11.26
N PRO B 2 -9.78 16.48 11.87
CA PRO B 2 -9.23 17.62 11.14
C PRO B 2 -7.97 17.26 10.35
N GLN B 3 -8.16 17.03 9.06
CA GLN B 3 -7.06 16.71 8.16
C GLN B 3 -7.18 17.52 6.87
N ILE B 4 -6.25 17.30 5.96
CA ILE B 4 -6.24 18.02 4.70
C ILE B 4 -5.36 17.29 3.68
N SER B 5 -5.70 17.42 2.41
CA SER B 5 -4.86 16.89 1.36
C SER B 5 -3.57 17.69 1.28
N ARG B 6 -2.45 17.05 1.61
CA ARG B 6 -1.16 17.73 1.70
C ARG B 6 -0.74 18.31 0.35
N TYR B 7 -1.18 17.64 -0.71
CA TYR B 7 -0.88 18.07 -2.06
C TYR B 7 -2.16 18.43 -2.80
N SER B 8 -2.03 18.96 -4.01
CA SER B 8 -3.19 19.34 -4.80
C SER B 8 -4.09 18.14 -5.04
N ASP B 9 -5.30 18.21 -4.51
CA ASP B 9 -6.29 17.14 -4.61
C ASP B 9 -6.54 16.74 -6.06
N GLU B 10 -6.57 17.73 -6.95
CA GLU B 10 -6.77 17.48 -8.36
C GLU B 10 -5.59 16.70 -8.94
N GLN B 11 -4.38 17.20 -8.69
CA GLN B 11 -3.16 16.56 -9.19
C GLN B 11 -3.06 15.13 -8.71
N VAL B 12 -3.36 14.91 -7.42
CA VAL B 12 -3.34 13.58 -6.84
C VAL B 12 -4.29 12.66 -7.61
N GLU B 13 -5.48 13.14 -7.90
CA GLU B 13 -6.47 12.34 -8.61
C GLU B 13 -6.03 12.10 -10.06
N GLN B 14 -5.49 13.12 -10.70
CA GLN B 14 -5.02 12.99 -12.08
C GLN B 14 -3.93 11.93 -12.19
N LEU B 15 -2.98 11.97 -11.25
CA LEU B 15 -1.90 10.99 -11.22
C LEU B 15 -2.46 9.60 -10.91
N LEU B 16 -3.32 9.54 -9.90
CA LEU B 16 -3.94 8.28 -9.49
C LEU B 16 -4.75 7.67 -10.63
N ALA B 17 -5.54 8.50 -11.30
CA ALA B 17 -6.38 8.05 -12.40
C ALA B 17 -5.55 7.49 -13.55
N GLU B 18 -4.36 8.04 -13.72
CA GLU B 18 -3.46 7.58 -14.77
C GLU B 18 -2.92 6.20 -14.40
N LEU B 19 -2.57 6.02 -13.12
CA LEU B 19 -2.16 4.71 -12.62
C LEU B 19 -3.29 3.71 -12.74
N LEU B 20 -4.49 4.16 -12.38
CA LEU B 20 -5.69 3.34 -12.46
C LEU B 20 -5.97 2.91 -13.89
N ASN B 21 -5.69 3.79 -14.84
CA ASN B 21 -5.90 3.45 -16.26
C ASN B 21 -5.01 2.28 -16.65
N VAL B 22 -3.74 2.35 -16.28
CA VAL B 22 -2.79 1.29 -16.58
C VAL B 22 -3.25 -0.02 -15.96
N LEU B 23 -3.65 0.04 -14.69
CA LEU B 23 -4.13 -1.14 -13.98
C LEU B 23 -5.40 -1.69 -14.61
N GLU B 24 -6.38 -0.82 -14.85
CA GLU B 24 -7.69 -1.23 -15.34
C GLU B 24 -7.62 -1.74 -16.77
N LYS B 25 -6.70 -1.19 -17.56
CA LYS B 25 -6.58 -1.61 -18.95
C LYS B 25 -5.97 -3.01 -19.04
N HIS B 26 -5.27 -3.42 -17.98
CA HIS B 26 -4.72 -4.76 -17.92
C HIS B 26 -5.68 -5.69 -17.17
N LYS B 27 -6.24 -5.19 -16.07
CA LYS B 27 -7.18 -5.94 -15.24
C LYS B 27 -6.59 -7.24 -14.71
N ALA B 28 -6.02 -7.17 -13.52
CA ALA B 28 -5.44 -8.34 -12.87
C ALA B 28 -6.25 -8.67 -11.61
N PRO B 29 -6.19 -9.94 -11.17
CA PRO B 29 -6.87 -10.38 -9.95
C PRO B 29 -6.56 -9.48 -8.76
N THR B 30 -7.57 -9.24 -7.92
CA THR B 30 -7.40 -8.43 -6.73
C THR B 30 -6.35 -9.06 -5.81
N ASP B 31 -6.36 -10.39 -5.75
CA ASP B 31 -5.38 -11.14 -5.00
C ASP B 31 -3.96 -10.76 -5.43
N LEU B 32 -3.74 -10.74 -6.74
CA LEU B 32 -2.44 -10.37 -7.29
C LEU B 32 -2.16 -8.89 -7.07
N SER B 33 -3.18 -8.07 -7.24
CA SER B 33 -3.05 -6.63 -7.06
C SER B 33 -2.57 -6.30 -5.65
N LEU B 34 -3.13 -6.98 -4.66
CA LEU B 34 -2.72 -6.80 -3.27
C LEU B 34 -1.28 -7.26 -3.08
N MET B 35 -0.90 -8.31 -3.80
CA MET B 35 0.46 -8.82 -3.75
C MET B 35 1.43 -7.81 -4.33
N VAL B 36 1.12 -7.33 -5.54
CA VAL B 36 1.99 -6.35 -6.22
C VAL B 36 2.11 -5.07 -5.40
N LEU B 37 0.98 -4.53 -4.96
CA LEU B 37 0.98 -3.32 -4.17
C LEU B 37 1.73 -3.52 -2.85
N GLY B 38 1.56 -4.70 -2.25
CA GLY B 38 2.27 -5.02 -1.03
C GLY B 38 3.76 -5.02 -1.23
N ASN B 39 4.22 -5.71 -2.26
CA ASN B 39 5.64 -5.76 -2.60
C ASN B 39 6.15 -4.37 -2.93
N MET B 40 5.32 -3.61 -3.64
CA MET B 40 5.64 -2.25 -4.03
C MET B 40 5.89 -1.37 -2.81
N VAL B 41 4.90 -1.30 -1.91
CA VAL B 41 5.01 -0.47 -0.72
C VAL B 41 6.20 -0.91 0.13
N THR B 42 6.35 -2.21 0.34
CA THR B 42 7.44 -2.74 1.14
C THR B 42 8.80 -2.26 0.63
N ASN B 43 9.03 -2.41 -0.67
CA ASN B 43 10.30 -2.00 -1.26
C ASN B 43 10.48 -0.49 -1.21
N LEU B 44 9.38 0.25 -1.39
CA LEU B 44 9.43 1.71 -1.31
C LEU B 44 9.91 2.16 0.07
N ILE B 45 9.31 1.60 1.12
CA ILE B 45 9.67 1.95 2.49
C ILE B 45 11.12 1.56 2.78
N ASN B 46 11.52 0.42 2.26
CA ASN B 46 12.85 -0.13 2.55
C ASN B 46 13.97 0.65 1.87
N THR B 47 13.76 1.06 0.63
CA THR B 47 14.84 1.64 -0.16
C THR B 47 14.75 3.17 -0.25
N SER B 48 13.59 3.70 -0.60
CA SER B 48 13.43 5.13 -0.85
C SER B 48 13.36 5.92 0.46
N ILE B 49 13.21 5.22 1.57
CA ILE B 49 13.13 5.86 2.87
C ILE B 49 14.34 5.48 3.71
N ALA B 50 14.78 6.43 4.54
CA ALA B 50 15.94 6.24 5.41
C ALA B 50 15.81 4.95 6.23
N PRO B 51 16.82 4.06 6.11
CA PRO B 51 16.81 2.76 6.77
C PRO B 51 16.57 2.82 8.28
N ALA B 52 17.04 3.89 8.92
CA ALA B 52 16.94 4.02 10.36
C ALA B 52 15.49 4.25 10.82
N GLN B 53 14.60 4.53 9.88
CA GLN B 53 13.20 4.78 10.22
C GLN B 53 12.26 3.94 9.36
N ARG B 54 12.79 2.88 8.75
CA ARG B 54 11.99 2.00 7.89
C ARG B 54 10.77 1.44 8.64
N GLN B 55 11.00 0.93 9.84
CA GLN B 55 9.93 0.31 10.62
C GLN B 55 8.96 1.36 11.14
N ALA B 56 9.49 2.52 11.49
CA ALA B 56 8.68 3.62 12.00
C ALA B 56 7.68 4.09 10.94
N ILE B 57 8.15 4.22 9.70
CA ILE B 57 7.30 4.65 8.61
C ILE B 57 6.30 3.54 8.27
N ALA B 58 6.75 2.29 8.31
CA ALA B 58 5.87 1.15 8.05
C ALA B 58 4.68 1.14 8.99
N ASN B 59 4.92 1.36 10.27
CA ASN B 59 3.85 1.42 11.26
C ASN B 59 2.95 2.61 11.01
N SER B 60 3.55 3.73 10.62
CA SER B 60 2.79 4.94 10.35
C SER B 60 1.94 4.78 9.09
N PHE B 61 2.42 3.99 8.14
CA PHE B 61 1.66 3.67 6.95
C PHE B 61 0.43 2.85 7.32
N ALA B 62 0.62 1.86 8.18
CA ALA B 62 -0.48 1.05 8.67
C ALA B 62 -1.47 1.91 9.46
N ARG B 63 -0.94 2.85 10.23
CA ARG B 63 -1.75 3.80 10.97
C ARG B 63 -2.66 4.59 10.04
N ALA B 64 -2.06 5.13 8.97
CA ALA B 64 -2.80 5.92 7.98
C ALA B 64 -3.86 5.05 7.30
N LEU B 65 -3.47 3.82 6.97
CA LEU B 65 -4.40 2.87 6.35
C LEU B 65 -5.61 2.64 7.25
N GLN B 66 -5.34 2.29 8.51
CA GLN B 66 -6.38 2.02 9.48
C GLN B 66 -7.34 3.21 9.63
N SER B 67 -6.77 4.41 9.67
CA SER B 67 -7.56 5.63 9.85
C SER B 67 -8.44 5.89 8.62
N SER B 68 -7.97 5.46 7.47
CA SER B 68 -8.70 5.68 6.23
C SER B 68 -9.79 4.63 6.06
N ILE B 69 -9.56 3.43 6.61
CA ILE B 69 -10.53 2.35 6.55
C ILE B 69 -11.76 2.71 7.39
N ASN B 70 -11.54 3.03 8.66
CA ASN B 70 -12.62 3.44 9.53
C ASN B 70 -12.12 4.40 10.60
N GLU B 71 -12.98 5.30 11.03
CA GLU B 71 -12.64 6.24 12.08
C GLU B 71 -12.96 5.65 13.44
N ASP B 72 -12.61 6.37 14.50
CA ASP B 72 -12.92 5.92 15.85
C ASP B 72 -13.51 7.09 16.65
N LYS B 73 -14.05 6.77 17.81
CA LYS B 73 -14.59 7.78 18.70
C LYS B 73 -14.58 7.25 20.13
N ALA B 74 -13.61 6.39 20.41
CA ALA B 74 -13.52 5.72 21.69
C ALA B 74 -12.18 5.98 22.35
N HIS B 75 -12.06 5.56 23.60
CA HIS B 75 -10.81 5.70 24.32
C HIS B 75 -10.43 4.37 24.94
N LEU B 76 -9.14 4.09 25.03
CA LEU B 76 -8.67 2.86 25.63
C LEU B 76 -8.82 2.93 27.14
N GLU B 77 -10.00 2.55 27.61
CA GLU B 77 -10.32 2.60 29.03
C GLU B 77 -9.72 1.37 29.71
N HIS B 78 -8.67 1.61 30.48
CA HIS B 78 -7.83 0.53 31.02
C HIS B 78 -8.50 -0.16 32.21
N HIS B 79 -9.46 0.51 32.83
CA HIS B 79 -10.12 0.01 34.04
C HIS B 79 -9.16 -0.04 35.21
N HIS B 80 -9.65 -0.48 36.36
CA HIS B 80 -8.83 -0.64 37.55
C HIS B 80 -9.05 -2.01 38.15
N HIS B 81 -8.00 -2.81 38.23
CA HIS B 81 -8.11 -4.13 38.81
C HIS B 81 -7.38 -4.19 40.15
N HIS B 82 -8.02 -3.63 41.16
CA HIS B 82 -7.44 -3.55 42.50
C HIS B 82 -8.51 -3.14 43.48
N HIS B 83 -8.60 -3.86 44.59
CA HIS B 83 -9.54 -3.51 45.66
C HIS B 83 -8.81 -2.74 46.74
N MET A 1 16.61 -15.38 -4.56
CA MET A 1 15.89 -15.91 -5.74
C MET A 1 15.20 -14.76 -6.47
N PRO A 2 14.58 -15.02 -7.64
CA PRO A 2 13.74 -14.02 -8.31
C PRO A 2 12.52 -13.68 -7.47
N GLN A 3 11.67 -12.79 -7.97
CA GLN A 3 10.47 -12.42 -7.24
C GLN A 3 9.40 -13.47 -7.47
N ILE A 4 9.55 -14.60 -6.76
CA ILE A 4 8.67 -15.74 -6.94
C ILE A 4 7.25 -15.44 -6.48
N SER A 5 6.50 -14.83 -7.36
CA SER A 5 5.12 -14.51 -7.11
C SER A 5 4.25 -15.72 -7.43
N ARG A 6 3.02 -15.71 -6.94
CA ARG A 6 2.12 -16.85 -7.10
C ARG A 6 1.56 -16.90 -8.52
N TYR A 7 1.94 -15.91 -9.32
CA TYR A 7 1.55 -15.85 -10.73
C TYR A 7 2.77 -16.03 -11.61
N SER A 8 3.53 -14.96 -11.80
CA SER A 8 4.77 -15.01 -12.56
C SER A 8 5.67 -13.85 -12.14
N ASP A 9 6.95 -14.15 -11.95
CA ASP A 9 7.96 -13.13 -11.62
C ASP A 9 7.98 -12.03 -12.68
N GLU A 10 8.02 -12.47 -13.94
CA GLU A 10 8.08 -11.57 -15.08
C GLU A 10 6.92 -10.58 -15.06
N GLN A 11 5.70 -11.12 -15.02
CA GLN A 11 4.49 -10.31 -15.06
C GLN A 11 4.46 -9.28 -13.92
N VAL A 12 4.79 -9.74 -12.72
CA VAL A 12 4.76 -8.88 -11.55
C VAL A 12 5.83 -7.79 -11.64
N GLU A 13 7.01 -8.14 -12.12
CA GLU A 13 8.09 -7.18 -12.26
C GLU A 13 7.76 -6.14 -13.33
N GLN A 14 7.16 -6.59 -14.44
CA GLN A 14 6.71 -5.67 -15.47
C GLN A 14 5.62 -4.75 -14.95
N LEU A 15 4.71 -5.31 -14.16
CA LEU A 15 3.64 -4.53 -13.56
C LEU A 15 4.22 -3.55 -12.54
N LEU A 16 5.23 -4.00 -11.80
CA LEU A 16 5.93 -3.16 -10.84
C LEU A 16 6.57 -1.97 -11.54
N ALA A 17 7.33 -2.26 -12.60
CA ALA A 17 7.99 -1.22 -13.37
C ALA A 17 6.96 -0.29 -14.01
N GLU A 18 5.81 -0.85 -14.37
CA GLU A 18 4.70 -0.07 -14.92
C GLU A 18 4.24 0.98 -13.92
N LEU A 19 3.98 0.55 -12.69
CA LEU A 19 3.51 1.44 -11.64
C LEU A 19 4.55 2.51 -11.32
N LEU A 20 5.81 2.11 -11.26
CA LEU A 20 6.90 3.06 -11.01
C LEU A 20 7.04 4.03 -12.18
N ASN A 21 6.80 3.53 -13.39
CA ASN A 21 6.83 4.36 -14.59
C ASN A 21 5.79 5.46 -14.49
N VAL A 22 4.60 5.11 -14.04
CA VAL A 22 3.52 6.08 -13.85
C VAL A 22 3.95 7.17 -12.86
N LEU A 23 4.50 6.76 -11.72
CA LEU A 23 4.95 7.70 -10.71
C LEU A 23 6.01 8.64 -11.28
N GLU A 24 7.06 8.06 -11.85
CA GLU A 24 8.17 8.84 -12.40
C GLU A 24 7.73 9.71 -13.58
N LYS A 25 6.65 9.30 -14.25
CA LYS A 25 6.15 10.04 -15.40
C LYS A 25 5.48 11.36 -14.96
N HIS A 26 5.11 11.42 -13.68
CA HIS A 26 4.53 12.64 -13.13
C HIS A 26 5.52 13.29 -12.15
N LYS A 27 6.45 12.48 -11.64
CA LYS A 27 7.41 12.88 -10.62
C LYS A 27 6.69 13.18 -9.31
N ALA A 28 6.58 12.14 -8.49
CA ALA A 28 5.89 12.22 -7.22
C ALA A 28 6.82 11.83 -6.08
N PRO A 29 7.02 12.72 -5.11
CA PRO A 29 7.87 12.47 -3.93
C PRO A 29 7.31 11.35 -3.05
N THR A 30 8.11 10.93 -2.08
CA THR A 30 7.77 9.78 -1.24
C THR A 30 6.47 10.01 -0.47
N ASP A 31 6.37 11.15 0.21
CA ASP A 31 5.20 11.47 1.03
C ASP A 31 3.94 11.51 0.17
N LEU A 32 4.04 12.17 -0.98
CA LEU A 32 2.93 12.24 -1.92
C LEU A 32 2.50 10.86 -2.40
N SER A 33 3.49 10.05 -2.80
CA SER A 33 3.22 8.71 -3.31
C SER A 33 2.51 7.85 -2.26
N LEU A 34 3.00 7.90 -1.03
CA LEU A 34 2.42 7.10 0.05
C LEU A 34 0.97 7.51 0.31
N MET A 35 0.69 8.80 0.20
CA MET A 35 -0.66 9.31 0.40
C MET A 35 -1.59 8.77 -0.68
N VAL A 36 -1.11 8.77 -1.92
CA VAL A 36 -1.89 8.27 -3.05
C VAL A 36 -2.13 6.77 -2.91
N LEU A 37 -1.07 6.03 -2.59
CA LEU A 37 -1.16 4.59 -2.43
C LEU A 37 -2.14 4.21 -1.32
N GLY A 38 -2.07 4.94 -0.21
CA GLY A 38 -2.97 4.69 0.90
C GLY A 38 -4.43 4.87 0.51
N ASN A 39 -4.70 5.94 -0.22
CA ASN A 39 -6.06 6.22 -0.72
C ASN A 39 -6.49 5.16 -1.73
N MET A 40 -5.53 4.73 -2.53
CA MET A 40 -5.77 3.69 -3.55
C MET A 40 -6.14 2.36 -2.90
N VAL A 41 -5.29 1.90 -1.97
CA VAL A 41 -5.49 0.61 -1.32
C VAL A 41 -6.82 0.56 -0.56
N THR A 42 -7.10 1.60 0.20
CA THR A 42 -8.31 1.64 1.03
C THR A 42 -9.58 1.51 0.19
N ASN A 43 -9.64 2.26 -0.90
CA ASN A 43 -10.79 2.18 -1.79
C ASN A 43 -10.79 0.86 -2.56
N LEU A 44 -9.61 0.36 -2.89
CA LEU A 44 -9.47 -0.90 -3.60
C LEU A 44 -10.11 -2.04 -2.81
N ILE A 45 -9.86 -2.07 -1.51
CA ILE A 45 -10.42 -3.11 -0.65
C ILE A 45 -11.94 -2.99 -0.55
N ASN A 46 -12.41 -1.76 -0.33
CA ASN A 46 -13.85 -1.52 -0.13
C ASN A 46 -14.67 -1.83 -1.40
N THR A 47 -14.04 -1.75 -2.55
CA THR A 47 -14.75 -2.00 -3.82
C THR A 47 -14.68 -3.47 -4.21
N SER A 48 -13.59 -4.13 -3.84
CA SER A 48 -13.41 -5.53 -4.20
C SER A 48 -14.03 -6.44 -3.14
N ILE A 49 -13.89 -6.05 -1.89
CA ILE A 49 -14.42 -6.82 -0.78
C ILE A 49 -15.52 -6.03 -0.08
N ALA A 50 -16.66 -6.68 0.15
CA ALA A 50 -17.78 -6.06 0.85
C ALA A 50 -17.35 -5.55 2.22
N PRO A 51 -17.98 -4.47 2.72
CA PRO A 51 -17.68 -3.90 4.04
C PRO A 51 -17.90 -4.87 5.18
N ALA A 52 -16.90 -5.71 5.43
CA ALA A 52 -16.91 -6.64 6.56
C ALA A 52 -15.49 -7.13 6.85
N GLN A 53 -14.97 -7.96 5.95
CA GLN A 53 -13.63 -8.54 6.11
C GLN A 53 -12.55 -7.53 5.76
N ARG A 54 -12.98 -6.38 5.26
CA ARG A 54 -12.06 -5.34 4.78
C ARG A 54 -11.00 -4.96 5.83
N GLN A 55 -11.42 -4.74 7.06
CA GLN A 55 -10.50 -4.31 8.12
C GLN A 55 -9.55 -5.46 8.49
N ALA A 56 -10.06 -6.69 8.44
CA ALA A 56 -9.23 -7.86 8.71
C ALA A 56 -8.16 -7.98 7.64
N ILE A 57 -8.54 -7.76 6.39
CA ILE A 57 -7.60 -7.80 5.27
C ILE A 57 -6.59 -6.66 5.38
N ALA A 58 -7.05 -5.50 5.82
CA ALA A 58 -6.17 -4.35 6.02
C ALA A 58 -5.09 -4.68 7.04
N ASN A 59 -5.50 -5.24 8.17
CA ASN A 59 -4.56 -5.66 9.19
C ASN A 59 -3.65 -6.76 8.66
N SER A 60 -4.20 -7.62 7.80
CA SER A 60 -3.41 -8.67 7.19
C SER A 60 -2.34 -8.10 6.26
N PHE A 61 -2.73 -7.09 5.48
CA PHE A 61 -1.81 -6.42 4.57
C PHE A 61 -0.71 -5.72 5.36
N ALA A 62 -1.10 -5.00 6.41
CA ALA A 62 -0.14 -4.33 7.28
C ALA A 62 0.78 -5.33 7.95
N ARG A 63 0.20 -6.45 8.39
CA ARG A 63 0.96 -7.53 9.00
C ARG A 63 1.96 -8.08 8.00
N ALA A 64 1.48 -8.43 6.81
CA ALA A 64 2.32 -8.97 5.75
C ALA A 64 3.42 -7.99 5.37
N LEU A 65 3.08 -6.71 5.31
CA LEU A 65 4.04 -5.67 5.00
C LEU A 65 5.21 -5.71 5.98
N GLN A 66 4.89 -5.62 7.27
CA GLN A 66 5.92 -5.61 8.31
C GLN A 66 6.65 -6.95 8.40
N SER A 67 6.03 -8.00 7.86
CA SER A 67 6.65 -9.32 7.84
C SER A 67 7.56 -9.47 6.62
N SER A 68 7.31 -8.66 5.61
CA SER A 68 8.11 -8.68 4.39
C SER A 68 9.34 -7.79 4.56
N ILE A 69 9.22 -6.80 5.43
CA ILE A 69 10.33 -5.91 5.72
C ILE A 69 11.33 -6.60 6.65
N ASN A 70 12.26 -7.31 6.04
CA ASN A 70 13.33 -7.99 6.75
C ASN A 70 14.36 -8.45 5.75
N GLU A 71 15.58 -7.98 5.91
CA GLU A 71 16.65 -8.31 4.98
C GLU A 71 17.77 -9.06 5.70
N ASP A 72 17.44 -9.57 6.90
CA ASP A 72 18.38 -10.27 7.77
C ASP A 72 19.41 -9.32 8.35
N LYS A 73 20.19 -8.71 7.47
CA LYS A 73 21.20 -7.74 7.85
C LYS A 73 21.75 -7.08 6.59
N ALA A 74 21.86 -5.76 6.62
CA ALA A 74 22.43 -5.02 5.51
C ALA A 74 23.87 -5.45 5.26
N HIS A 75 24.16 -5.88 4.05
CA HIS A 75 25.47 -6.39 3.70
C HIS A 75 26.46 -5.25 3.54
N LEU A 76 27.28 -5.04 4.57
CA LEU A 76 28.20 -3.92 4.59
C LEU A 76 29.60 -4.38 4.18
N GLU A 77 30.01 -3.98 2.99
CA GLU A 77 31.37 -4.27 2.52
C GLU A 77 32.33 -3.17 2.96
N HIS A 78 31.76 -2.07 3.43
CA HIS A 78 32.53 -0.89 3.82
C HIS A 78 33.37 -1.20 5.05
N HIS A 79 34.68 -1.36 4.84
CA HIS A 79 35.58 -1.73 5.93
C HIS A 79 35.87 -0.53 6.82
N HIS A 80 35.75 -0.75 8.12
CA HIS A 80 35.96 0.31 9.09
C HIS A 80 36.35 -0.30 10.42
N HIS A 81 37.55 0.01 10.90
CA HIS A 81 38.00 -0.53 12.18
C HIS A 81 37.73 0.49 13.28
N HIS A 82 37.46 0.01 14.48
CA HIS A 82 37.05 0.87 15.59
C HIS A 82 38.18 1.04 16.59
N HIS A 83 38.19 2.16 17.30
CA HIS A 83 39.18 2.41 18.33
C HIS A 83 38.68 1.87 19.66
N MET B 1 -17.37 16.27 -2.04
CA MET B 1 -16.63 16.46 -0.77
C MET B 1 -15.22 15.93 -0.92
N PRO B 2 -14.26 16.81 -1.17
CA PRO B 2 -12.87 16.43 -1.41
C PRO B 2 -12.06 16.29 -0.14
N GLN B 3 -11.01 15.49 -0.20
CA GLN B 3 -10.07 15.41 0.89
C GLN B 3 -8.98 16.44 0.66
N ILE B 4 -9.06 17.56 1.38
CA ILE B 4 -8.13 18.67 1.20
C ILE B 4 -6.69 18.19 1.28
N SER B 5 -6.01 18.20 0.15
CA SER B 5 -4.66 17.69 0.06
C SER B 5 -3.64 18.77 0.44
N ARG B 6 -2.46 18.35 0.86
CA ARG B 6 -1.38 19.27 1.14
C ARG B 6 -0.72 19.69 -0.17
N TYR B 7 -0.97 18.90 -1.20
CA TYR B 7 -0.39 19.14 -2.52
C TYR B 7 -1.49 19.53 -3.49
N SER B 8 -1.11 19.78 -4.74
CA SER B 8 -2.09 20.11 -5.77
C SER B 8 -3.00 18.91 -6.03
N ASP B 9 -4.31 19.12 -5.89
CA ASP B 9 -5.29 18.06 -6.10
C ASP B 9 -5.19 17.49 -7.50
N GLU B 10 -4.70 18.31 -8.42
CA GLU B 10 -4.55 17.91 -9.81
C GLU B 10 -3.66 16.67 -9.93
N GLN B 11 -2.38 16.84 -9.61
CA GLN B 11 -1.42 15.75 -9.77
C GLN B 11 -1.77 14.56 -8.86
N VAL B 12 -2.32 14.85 -7.70
CA VAL B 12 -2.72 13.80 -6.77
C VAL B 12 -3.75 12.86 -7.41
N GLU B 13 -4.81 13.44 -7.96
CA GLU B 13 -5.87 12.64 -8.54
C GLU B 13 -5.47 12.10 -9.90
N GLN B 14 -4.64 12.85 -10.63
CA GLN B 14 -4.12 12.37 -11.92
C GLN B 14 -3.31 11.09 -11.73
N LEU B 15 -2.55 11.02 -10.63
CA LEU B 15 -1.82 9.82 -10.29
C LEU B 15 -2.77 8.66 -10.07
N LEU B 16 -3.74 8.86 -9.18
CA LEU B 16 -4.70 7.83 -8.84
C LEU B 16 -5.48 7.37 -10.08
N ALA B 17 -5.94 8.32 -10.87
CA ALA B 17 -6.70 8.02 -12.08
C ALA B 17 -5.90 7.17 -13.05
N GLU B 18 -4.64 7.53 -13.25
CA GLU B 18 -3.80 6.81 -14.18
C GLU B 18 -3.41 5.45 -13.62
N LEU B 19 -3.20 5.38 -12.31
CA LEU B 19 -2.91 4.11 -11.64
C LEU B 19 -4.06 3.13 -11.85
N LEU B 20 -5.29 3.60 -11.63
CA LEU B 20 -6.47 2.78 -11.85
C LEU B 20 -6.57 2.36 -13.32
N ASN B 21 -6.23 3.29 -14.21
CA ASN B 21 -6.19 3.02 -15.63
C ASN B 21 -5.20 1.90 -15.95
N VAL B 22 -4.07 1.89 -15.24
CA VAL B 22 -3.07 0.84 -15.40
C VAL B 22 -3.61 -0.51 -14.89
N LEU B 23 -4.33 -0.47 -13.78
CA LEU B 23 -4.94 -1.66 -13.22
C LEU B 23 -5.98 -2.24 -14.18
N GLU B 24 -6.74 -1.36 -14.81
CA GLU B 24 -7.74 -1.78 -15.79
C GLU B 24 -7.07 -2.27 -17.07
N LYS B 25 -5.84 -1.80 -17.32
CA LYS B 25 -5.07 -2.22 -18.48
C LYS B 25 -4.83 -3.73 -18.45
N HIS B 26 -4.38 -4.20 -17.30
CA HIS B 26 -4.08 -5.63 -17.13
C HIS B 26 -5.29 -6.38 -16.61
N LYS B 27 -6.14 -5.68 -15.86
CA LYS B 27 -7.23 -6.30 -15.12
C LYS B 27 -6.67 -7.26 -14.09
N ALA B 28 -6.33 -6.72 -12.92
CA ALA B 28 -5.70 -7.49 -11.88
C ALA B 28 -6.62 -7.67 -10.68
N PRO B 29 -6.83 -8.92 -10.26
CA PRO B 29 -7.65 -9.24 -9.08
C PRO B 29 -7.02 -8.70 -7.80
N THR B 30 -7.78 -8.73 -6.71
CA THR B 30 -7.31 -8.22 -5.43
C THR B 30 -6.05 -8.95 -4.97
N ASP B 31 -6.06 -10.28 -5.12
CA ASP B 31 -4.91 -11.10 -4.78
C ASP B 31 -3.65 -10.64 -5.50
N LEU B 32 -3.75 -10.47 -6.81
CA LEU B 32 -2.60 -10.06 -7.61
C LEU B 32 -2.16 -8.65 -7.25
N SER B 33 -3.11 -7.72 -7.17
CA SER B 33 -2.81 -6.32 -6.92
C SER B 33 -2.12 -6.14 -5.56
N LEU B 34 -2.68 -6.76 -4.51
CA LEU B 34 -2.11 -6.66 -3.17
C LEU B 34 -0.70 -7.25 -3.13
N MET B 35 -0.49 -8.33 -3.87
CA MET B 35 0.83 -8.96 -3.95
C MET B 35 1.85 -8.02 -4.57
N VAL B 36 1.45 -7.36 -5.65
CA VAL B 36 2.31 -6.40 -6.33
C VAL B 36 2.52 -5.17 -5.45
N LEU B 37 1.44 -4.66 -4.87
CA LEU B 37 1.51 -3.48 -4.02
C LEU B 37 2.40 -3.73 -2.81
N GLY B 38 2.29 -4.92 -2.23
CA GLY B 38 3.14 -5.28 -1.10
C GLY B 38 4.61 -5.20 -1.46
N ASN B 39 4.97 -5.76 -2.60
CA ASN B 39 6.35 -5.71 -3.09
C ASN B 39 6.74 -4.26 -3.39
N MET B 40 5.84 -3.56 -4.06
CA MET B 40 6.05 -2.17 -4.47
C MET B 40 6.34 -1.27 -3.26
N VAL B 41 5.43 -1.27 -2.29
CA VAL B 41 5.55 -0.41 -1.12
C VAL B 41 6.84 -0.70 -0.35
N THR B 42 7.11 -1.98 -0.10
CA THR B 42 8.28 -2.39 0.65
C THR B 42 9.56 -1.89 -0.03
N ASN B 43 9.64 -2.07 -1.34
CA ASN B 43 10.82 -1.68 -2.11
C ASN B 43 10.93 -0.16 -2.18
N LEU B 44 9.84 0.49 -2.53
CA LEU B 44 9.82 1.94 -2.72
C LEU B 44 10.25 2.69 -1.46
N ILE B 45 9.70 2.28 -0.32
CA ILE B 45 9.99 2.96 0.94
C ILE B 45 11.46 2.79 1.33
N ASN B 46 11.94 1.56 1.34
CA ASN B 46 13.28 1.24 1.84
C ASN B 46 14.37 1.91 0.99
N THR B 47 14.14 2.02 -0.30
CA THR B 47 15.13 2.61 -1.18
C THR B 47 15.06 4.14 -1.15
N SER B 48 13.96 4.67 -0.62
CA SER B 48 13.72 6.10 -0.64
C SER B 48 14.02 6.76 0.72
N ILE B 49 13.46 6.20 1.79
CA ILE B 49 13.64 6.76 3.12
C ILE B 49 14.82 6.08 3.81
N ALA B 50 15.25 6.63 4.95
CA ALA B 50 16.33 6.04 5.73
C ALA B 50 15.95 4.62 6.16
N PRO B 51 16.76 3.62 5.74
CA PRO B 51 16.48 2.19 5.99
C PRO B 51 16.23 1.89 7.46
N ALA B 52 16.89 2.62 8.35
CA ALA B 52 16.74 2.41 9.78
C ALA B 52 15.32 2.73 10.26
N GLN B 53 14.59 3.50 9.47
CA GLN B 53 13.26 3.95 9.85
C GLN B 53 12.18 3.31 9.00
N ARG B 54 12.56 2.39 8.12
CA ARG B 54 11.62 1.77 7.19
C ARG B 54 10.53 1.01 7.94
N GLN B 55 10.88 0.49 9.11
CA GLN B 55 9.93 -0.24 9.94
C GLN B 55 8.93 0.72 10.57
N ALA B 56 9.43 1.88 11.00
CA ALA B 56 8.59 2.89 11.64
C ALA B 56 7.60 3.47 10.64
N ILE B 57 8.02 3.55 9.38
CA ILE B 57 7.14 4.01 8.31
C ILE B 57 5.99 3.02 8.13
N ALA B 58 6.31 1.73 8.16
CA ALA B 58 5.31 0.68 8.05
C ALA B 58 4.32 0.74 9.21
N ASN B 59 4.83 1.01 10.40
CA ASN B 59 3.99 1.17 11.59
C ASN B 59 2.99 2.30 11.38
N SER B 60 3.50 3.43 10.92
CA SER B 60 2.67 4.61 10.69
C SER B 60 1.66 4.36 9.57
N PHE B 61 2.10 3.69 8.52
CA PHE B 61 1.24 3.36 7.39
C PHE B 61 0.08 2.48 7.85
N ALA B 62 0.38 1.53 8.74
CA ALA B 62 -0.63 0.64 9.28
C ALA B 62 -1.72 1.43 10.02
N ARG B 63 -1.29 2.42 10.78
CA ARG B 63 -2.23 3.27 11.52
C ARG B 63 -3.13 4.06 10.57
N ALA B 64 -2.52 4.66 9.55
CA ALA B 64 -3.26 5.43 8.56
C ALA B 64 -4.26 4.55 7.82
N LEU B 65 -3.78 3.38 7.39
CA LEU B 65 -4.62 2.42 6.66
C LEU B 65 -5.81 1.99 7.51
N GLN B 66 -5.53 1.56 8.74
CA GLN B 66 -6.55 1.05 9.64
C GLN B 66 -7.58 2.13 9.96
N SER B 67 -7.13 3.37 10.11
CA SER B 67 -8.00 4.48 10.45
C SER B 67 -8.87 4.88 9.27
N SER B 68 -8.37 4.68 8.06
CA SER B 68 -9.10 5.06 6.86
C SER B 68 -10.29 4.13 6.64
N ILE B 69 -10.10 2.85 6.95
CA ILE B 69 -11.19 1.90 6.84
C ILE B 69 -12.06 1.94 8.08
N ASN B 70 -13.03 2.84 8.07
CA ASN B 70 -13.92 3.04 9.19
C ASN B 70 -15.24 3.63 8.70
N GLU B 71 -15.13 4.74 7.99
CA GLU B 71 -16.29 5.46 7.44
C GLU B 71 -17.17 5.98 8.58
N ASP B 72 -18.33 6.48 8.21
CA ASP B 72 -19.30 6.95 9.20
C ASP B 72 -20.70 6.47 8.84
N LYS B 73 -20.94 5.18 9.13
CA LYS B 73 -22.24 4.54 8.89
C LYS B 73 -22.47 4.30 7.40
N ALA B 74 -22.85 3.08 7.08
CA ALA B 74 -23.14 2.70 5.70
C ALA B 74 -24.51 3.21 5.26
N HIS B 75 -24.91 2.85 4.06
CA HIS B 75 -26.21 3.24 3.55
C HIS B 75 -27.13 2.03 3.48
N LEU B 76 -28.36 2.20 3.92
CA LEU B 76 -29.34 1.14 3.83
C LEU B 76 -30.22 1.36 2.61
N GLU B 77 -29.80 0.81 1.48
CA GLU B 77 -30.53 0.99 0.23
C GLU B 77 -31.80 0.15 0.22
N HIS B 78 -31.63 -1.16 0.38
CA HIS B 78 -32.78 -2.05 0.46
C HIS B 78 -33.13 -2.24 1.93
N HIS B 79 -34.24 -1.63 2.34
CA HIS B 79 -34.59 -1.53 3.76
C HIS B 79 -34.74 -2.90 4.42
N HIS B 80 -35.20 -3.89 3.65
CA HIS B 80 -35.35 -5.26 4.14
C HIS B 80 -36.48 -5.36 5.18
N HIS B 81 -37.52 -6.10 4.85
CA HIS B 81 -38.63 -6.31 5.76
C HIS B 81 -38.16 -7.07 7.00
N HIS B 82 -38.55 -6.59 8.18
CA HIS B 82 -38.14 -7.21 9.43
C HIS B 82 -39.14 -8.31 9.81
N HIS B 83 -40.34 -7.93 10.20
CA HIS B 83 -41.35 -8.88 10.62
C HIS B 83 -42.73 -8.32 10.32
N MET A 1 7.25 -20.40 1.99
CA MET A 1 6.49 -19.32 1.31
C MET A 1 5.11 -19.20 1.92
N PRO A 2 4.61 -17.95 2.11
CA PRO A 2 3.29 -17.71 2.67
C PRO A 2 2.18 -18.24 1.76
N GLN A 3 1.65 -19.41 2.15
CA GLN A 3 0.62 -20.10 1.38
C GLN A 3 1.16 -20.55 0.02
N ILE A 4 1.15 -19.65 -0.95
CA ILE A 4 1.61 -19.92 -2.30
C ILE A 4 1.44 -18.67 -3.15
N SER A 5 2.18 -18.57 -4.24
CA SER A 5 2.03 -17.43 -5.14
C SER A 5 1.68 -17.91 -6.55
N ARG A 6 2.66 -18.51 -7.23
CA ARG A 6 2.48 -19.02 -8.59
C ARG A 6 2.02 -17.90 -9.53
N TYR A 7 2.49 -16.69 -9.27
CA TYR A 7 2.26 -15.58 -10.17
C TYR A 7 3.50 -15.34 -11.02
N SER A 8 3.32 -15.23 -12.32
CA SER A 8 4.43 -15.02 -13.24
C SER A 8 5.14 -13.70 -12.94
N ASP A 9 6.41 -13.80 -12.55
CA ASP A 9 7.20 -12.63 -12.14
C ASP A 9 7.15 -11.54 -13.18
N GLU A 10 7.47 -11.90 -14.42
CA GLU A 10 7.57 -10.93 -15.51
C GLU A 10 6.22 -10.25 -15.78
N GLN A 11 5.13 -10.90 -15.41
CA GLN A 11 3.81 -10.32 -15.57
C GLN A 11 3.54 -9.31 -14.46
N VAL A 12 3.96 -9.67 -13.25
CA VAL A 12 3.83 -8.80 -12.10
C VAL A 12 4.74 -7.59 -12.25
N GLU A 13 5.99 -7.84 -12.61
CA GLU A 13 6.97 -6.77 -12.79
C GLU A 13 6.61 -5.91 -13.99
N GLN A 14 5.89 -6.48 -14.94
CA GLN A 14 5.39 -5.75 -16.10
C GLN A 14 4.46 -4.63 -15.63
N LEU A 15 3.50 -5.00 -14.81
CA LEU A 15 2.56 -4.03 -14.25
C LEU A 15 3.29 -3.11 -13.28
N LEU A 16 4.17 -3.71 -12.47
CA LEU A 16 4.95 -2.95 -11.49
C LEU A 16 5.78 -1.85 -12.16
N ALA A 17 6.43 -2.21 -13.27
CA ALA A 17 7.26 -1.27 -14.01
C ALA A 17 6.43 -0.09 -14.50
N GLU A 18 5.27 -0.39 -15.09
CA GLU A 18 4.40 0.65 -15.60
C GLU A 18 3.81 1.50 -14.47
N LEU A 19 3.52 0.84 -13.34
CA LEU A 19 3.00 1.54 -12.17
C LEU A 19 4.06 2.52 -11.64
N LEU A 20 5.28 2.03 -11.50
CA LEU A 20 6.40 2.85 -11.07
C LEU A 20 6.67 3.94 -12.11
N ASN A 21 6.43 3.60 -13.38
CA ASN A 21 6.57 4.56 -14.47
C ASN A 21 5.62 5.74 -14.27
N VAL A 22 4.43 5.46 -13.78
CA VAL A 22 3.47 6.52 -13.48
C VAL A 22 4.05 7.46 -12.42
N LEU A 23 4.57 6.89 -11.35
CA LEU A 23 5.19 7.66 -10.27
C LEU A 23 6.32 8.53 -10.82
N GLU A 24 7.19 7.92 -11.62
CA GLU A 24 8.36 8.62 -12.15
C GLU A 24 7.97 9.68 -13.18
N LYS A 25 7.08 9.32 -14.10
CA LYS A 25 6.69 10.21 -15.19
C LYS A 25 5.93 11.43 -14.67
N HIS A 26 5.12 11.24 -13.64
CA HIS A 26 4.37 12.36 -13.05
C HIS A 26 5.21 13.08 -12.02
N LYS A 27 6.29 12.42 -11.59
CA LYS A 27 7.19 12.95 -10.58
C LYS A 27 6.45 13.24 -9.29
N ALA A 28 6.19 12.18 -8.54
CA ALA A 28 5.50 12.29 -7.27
C ALA A 28 6.44 12.02 -6.11
N PRO A 29 6.51 12.95 -5.14
CA PRO A 29 7.33 12.78 -3.94
C PRO A 29 6.87 11.58 -3.12
N THR A 30 7.74 11.10 -2.23
CA THR A 30 7.43 9.92 -1.42
C THR A 30 6.15 10.11 -0.62
N ASP A 31 5.97 11.30 -0.06
CA ASP A 31 4.76 11.62 0.72
C ASP A 31 3.51 11.48 -0.14
N LEU A 32 3.54 12.08 -1.31
CA LEU A 32 2.40 12.03 -2.23
C LEU A 32 2.14 10.60 -2.68
N SER A 33 3.21 9.87 -2.98
CA SER A 33 3.10 8.49 -3.41
C SER A 33 2.41 7.64 -2.35
N LEU A 34 2.89 7.73 -1.11
CA LEU A 34 2.33 6.95 -0.02
C LEU A 34 0.88 7.37 0.26
N MET A 35 0.60 8.66 0.13
CA MET A 35 -0.74 9.19 0.34
C MET A 35 -1.70 8.59 -0.68
N VAL A 36 -1.34 8.67 -1.96
CA VAL A 36 -2.18 8.16 -3.03
C VAL A 36 -2.32 6.66 -2.95
N LEU A 37 -1.20 5.95 -2.74
CA LEU A 37 -1.23 4.49 -2.62
C LEU A 37 -2.08 4.06 -1.44
N GLY A 38 -1.97 4.79 -0.33
CA GLY A 38 -2.77 4.49 0.84
C GLY A 38 -4.25 4.62 0.55
N ASN A 39 -4.64 5.70 -0.11
CA ASN A 39 -6.03 5.90 -0.51
C ASN A 39 -6.45 4.84 -1.53
N MET A 40 -5.53 4.52 -2.43
CA MET A 40 -5.77 3.50 -3.45
C MET A 40 -6.12 2.17 -2.80
N VAL A 41 -5.28 1.73 -1.87
CA VAL A 41 -5.52 0.48 -1.14
C VAL A 41 -6.84 0.56 -0.37
N THR A 42 -7.05 1.68 0.31
CA THR A 42 -8.26 1.89 1.09
C THR A 42 -9.51 1.78 0.21
N ASN A 43 -9.52 2.53 -0.89
CA ASN A 43 -10.69 2.57 -1.77
C ASN A 43 -10.89 1.22 -2.46
N LEU A 44 -9.79 0.58 -2.83
CA LEU A 44 -9.83 -0.73 -3.48
C LEU A 44 -10.48 -1.76 -2.56
N ILE A 45 -10.00 -1.82 -1.32
CA ILE A 45 -10.54 -2.77 -0.34
C ILE A 45 -11.97 -2.39 0.05
N ASN A 46 -12.26 -1.10 0.04
CA ASN A 46 -13.60 -0.62 0.41
C ASN A 46 -14.64 -1.02 -0.66
N THR A 47 -14.21 -1.08 -1.91
CA THR A 47 -15.11 -1.38 -3.00
C THR A 47 -15.10 -2.86 -3.38
N SER A 48 -13.92 -3.43 -3.48
CA SER A 48 -13.78 -4.81 -3.95
C SER A 48 -13.97 -5.81 -2.82
N ILE A 49 -13.45 -5.48 -1.64
CA ILE A 49 -13.52 -6.40 -0.51
C ILE A 49 -14.80 -6.17 0.29
N ALA A 50 -15.46 -7.27 0.65
CA ALA A 50 -16.69 -7.21 1.43
C ALA A 50 -16.49 -6.41 2.72
N PRO A 51 -17.44 -5.52 3.04
CA PRO A 51 -17.36 -4.62 4.20
C PRO A 51 -17.31 -5.38 5.53
N ALA A 52 -17.59 -6.67 5.49
CA ALA A 52 -17.60 -7.49 6.69
C ALA A 52 -16.22 -8.07 6.98
N GLN A 53 -15.30 -7.95 6.02
CA GLN A 53 -13.96 -8.51 6.21
C GLN A 53 -12.88 -7.53 5.74
N ARG A 54 -13.29 -6.34 5.32
CA ARG A 54 -12.36 -5.36 4.75
C ARG A 54 -11.28 -4.97 5.76
N GLN A 55 -11.66 -4.76 7.01
CA GLN A 55 -10.70 -4.40 8.04
C GLN A 55 -9.82 -5.59 8.39
N ALA A 56 -10.40 -6.78 8.32
CA ALA A 56 -9.68 -8.00 8.67
C ALA A 56 -8.56 -8.29 7.69
N ILE A 57 -8.86 -8.21 6.40
CA ILE A 57 -7.87 -8.47 5.37
C ILE A 57 -6.77 -7.40 5.39
N ALA A 58 -7.15 -6.17 5.68
CA ALA A 58 -6.18 -5.08 5.78
C ALA A 58 -5.30 -5.26 7.01
N ASN A 59 -5.89 -5.77 8.08
CA ASN A 59 -5.18 -5.99 9.32
C ASN A 59 -4.06 -7.02 9.15
N SER A 60 -4.34 -8.05 8.36
CA SER A 60 -3.33 -9.06 8.06
C SER A 60 -2.32 -8.54 7.04
N PHE A 61 -2.74 -7.60 6.21
CA PHE A 61 -1.85 -6.96 5.25
C PHE A 61 -0.82 -6.13 5.99
N ALA A 62 -1.27 -5.38 6.99
CA ALA A 62 -0.39 -4.59 7.84
C ALA A 62 0.60 -5.50 8.56
N ARG A 63 0.14 -6.67 8.97
CA ARG A 63 1.00 -7.66 9.59
C ARG A 63 2.07 -8.14 8.62
N ALA A 64 1.65 -8.47 7.41
CA ALA A 64 2.55 -8.96 6.37
C ALA A 64 3.57 -7.88 5.99
N LEU A 65 3.14 -6.63 6.05
CA LEU A 65 4.03 -5.50 5.81
C LEU A 65 5.21 -5.55 6.78
N GLN A 66 4.90 -5.68 8.07
CA GLN A 66 5.92 -5.77 9.10
C GLN A 66 6.80 -7.01 8.91
N SER A 67 6.20 -8.07 8.41
CA SER A 67 6.91 -9.31 8.14
C SER A 67 7.94 -9.12 7.02
N SER A 68 7.63 -8.26 6.07
CA SER A 68 8.50 -8.01 4.93
C SER A 68 9.54 -6.95 5.27
N ILE A 69 9.18 -6.05 6.18
CA ILE A 69 10.08 -5.00 6.66
C ILE A 69 11.32 -5.61 7.33
N ASN A 70 11.09 -6.65 8.10
CA ASN A 70 12.15 -7.30 8.85
C ASN A 70 13.04 -8.12 7.91
N GLU A 71 14.31 -7.74 7.85
CA GLU A 71 15.26 -8.42 6.97
C GLU A 71 16.55 -8.73 7.71
N ASP A 72 16.64 -9.92 8.25
CA ASP A 72 17.90 -10.43 8.79
C ASP A 72 18.10 -11.87 8.34
N LYS A 73 18.98 -12.04 7.38
CA LYS A 73 19.19 -13.33 6.74
C LYS A 73 20.07 -14.22 7.61
N ALA A 74 21.27 -13.74 7.90
CA ALA A 74 22.20 -14.48 8.75
C ALA A 74 23.19 -13.53 9.41
N HIS A 75 22.64 -12.51 10.07
CA HIS A 75 23.43 -11.46 10.71
C HIS A 75 24.06 -10.55 9.65
N LEU A 76 24.82 -9.55 10.10
CA LEU A 76 25.39 -8.57 9.20
C LEU A 76 26.50 -9.18 8.34
N GLU A 77 26.17 -9.50 7.10
CA GLU A 77 27.12 -10.07 6.15
C GLU A 77 27.66 -9.00 5.22
N HIS A 78 27.33 -7.75 5.50
CA HIS A 78 27.84 -6.63 4.72
C HIS A 78 29.30 -6.39 5.08
N HIS A 79 30.10 -5.98 4.11
CA HIS A 79 31.49 -5.61 4.38
C HIS A 79 31.54 -4.47 5.36
N HIS A 80 32.19 -4.70 6.48
CA HIS A 80 32.20 -3.74 7.57
C HIS A 80 33.61 -3.35 7.94
N HIS A 81 34.02 -2.19 7.44
CA HIS A 81 35.32 -1.63 7.79
C HIS A 81 35.27 -1.08 9.21
N HIS A 82 36.41 -1.15 9.90
CA HIS A 82 36.52 -0.64 11.28
C HIS A 82 35.83 0.71 11.42
N HIS A 83 36.29 1.69 10.66
CA HIS A 83 35.63 2.98 10.52
C HIS A 83 36.20 3.73 9.34
N MET B 1 -7.18 16.57 10.76
CA MET B 1 -6.17 16.18 9.76
C MET B 1 -4.80 16.07 10.40
N PRO B 2 -4.29 14.84 10.57
CA PRO B 2 -2.97 14.60 11.16
C PRO B 2 -1.86 15.23 10.34
N GLN B 3 -1.72 14.79 9.09
CA GLN B 3 -0.72 15.33 8.18
C GLN B 3 -1.39 16.23 7.17
N ILE B 4 -0.68 17.26 6.72
CA ILE B 4 -1.21 18.15 5.70
C ILE B 4 -1.03 17.56 4.30
N SER B 5 -2.06 16.89 3.83
CA SER B 5 -2.08 16.38 2.47
C SER B 5 -2.76 17.37 1.55
N ARG B 6 -1.98 18.30 1.00
CA ARG B 6 -2.53 19.35 0.16
C ARG B 6 -1.79 19.40 -1.15
N TYR B 7 -2.23 18.58 -2.08
CA TYR B 7 -1.68 18.58 -3.43
C TYR B 7 -2.78 18.95 -4.42
N SER B 8 -2.38 19.43 -5.58
CA SER B 8 -3.32 19.79 -6.62
C SER B 8 -4.23 18.60 -6.94
N ASP B 9 -5.53 18.84 -6.88
CA ASP B 9 -6.52 17.77 -7.10
C ASP B 9 -6.31 17.12 -8.45
N GLU B 10 -6.10 17.93 -9.48
CA GLU B 10 -5.86 17.45 -10.83
C GLU B 10 -4.62 16.56 -10.87
N GLN B 11 -3.59 16.96 -10.14
CA GLN B 11 -2.35 16.21 -10.06
C GLN B 11 -2.62 14.83 -9.45
N VAL B 12 -3.41 14.81 -8.39
CA VAL B 12 -3.79 13.57 -7.72
C VAL B 12 -4.64 12.72 -8.66
N GLU B 13 -5.59 13.36 -9.34
CA GLU B 13 -6.45 12.68 -10.31
C GLU B 13 -5.60 11.99 -11.36
N GLN B 14 -4.78 12.76 -12.06
CA GLN B 14 -3.96 12.24 -13.15
C GLN B 14 -3.05 11.10 -12.69
N LEU B 15 -2.49 11.23 -11.50
CA LEU B 15 -1.62 10.21 -10.94
C LEU B 15 -2.40 8.92 -10.67
N LEU B 16 -3.54 9.06 -10.00
CA LEU B 16 -4.37 7.91 -9.65
C LEU B 16 -5.01 7.31 -10.90
N ALA B 17 -5.37 8.16 -11.84
CA ALA B 17 -6.00 7.72 -13.08
C ALA B 17 -5.07 6.82 -13.87
N GLU B 18 -3.80 7.21 -13.98
CA GLU B 18 -2.84 6.41 -14.71
C GLU B 18 -2.41 5.19 -13.89
N LEU B 19 -2.49 5.33 -12.56
CA LEU B 19 -2.28 4.19 -11.67
C LEU B 19 -3.30 3.11 -11.98
N LEU B 20 -4.56 3.51 -12.04
CA LEU B 20 -5.65 2.62 -12.39
C LEU B 20 -5.61 2.24 -13.86
N ASN B 21 -5.02 3.12 -14.67
CA ASN B 21 -4.85 2.86 -16.10
C ASN B 21 -3.97 1.63 -16.32
N VAL B 22 -2.87 1.55 -15.58
CA VAL B 22 -1.98 0.40 -15.66
C VAL B 22 -2.69 -0.84 -15.13
N LEU B 23 -3.42 -0.67 -14.04
CA LEU B 23 -4.16 -1.76 -13.42
C LEU B 23 -5.24 -2.28 -14.37
N GLU B 24 -5.94 -1.38 -15.03
CA GLU B 24 -7.01 -1.74 -15.97
C GLU B 24 -6.42 -2.23 -17.28
N LYS B 25 -5.20 -1.78 -17.59
CA LYS B 25 -4.52 -2.15 -18.82
C LYS B 25 -4.28 -3.65 -18.88
N HIS B 26 -3.70 -4.19 -17.82
CA HIS B 26 -3.39 -5.63 -17.77
C HIS B 26 -4.45 -6.38 -16.99
N LYS B 27 -5.20 -5.63 -16.18
CA LYS B 27 -6.27 -6.16 -15.36
C LYS B 27 -5.76 -7.15 -14.32
N ALA B 28 -5.48 -6.62 -13.13
CA ALA B 28 -5.05 -7.45 -12.02
C ALA B 28 -6.04 -7.36 -10.88
N PRO B 29 -6.48 -8.51 -10.35
CA PRO B 29 -7.43 -8.57 -9.23
C PRO B 29 -6.85 -7.95 -7.96
N THR B 30 -7.73 -7.62 -7.02
CA THR B 30 -7.34 -7.00 -5.76
C THR B 30 -6.28 -7.84 -5.03
N ASP B 31 -6.47 -9.15 -5.03
CA ASP B 31 -5.51 -10.07 -4.40
C ASP B 31 -4.10 -9.83 -4.92
N LEU B 32 -3.94 -9.90 -6.24
CA LEU B 32 -2.64 -9.68 -6.86
C LEU B 32 -2.17 -8.24 -6.66
N SER B 33 -3.10 -7.30 -6.76
CA SER B 33 -2.79 -5.88 -6.58
C SER B 33 -2.22 -5.61 -5.20
N LEU B 34 -2.78 -6.27 -4.18
CA LEU B 34 -2.28 -6.13 -2.83
C LEU B 34 -0.85 -6.63 -2.71
N MET B 35 -0.57 -7.73 -3.39
CA MET B 35 0.79 -8.27 -3.43
C MET B 35 1.74 -7.28 -4.12
N VAL B 36 1.31 -6.77 -5.28
CA VAL B 36 2.12 -5.83 -6.04
C VAL B 36 2.41 -4.58 -5.23
N LEU B 37 1.35 -3.94 -4.74
CA LEU B 37 1.46 -2.71 -3.98
C LEU B 37 2.24 -2.93 -2.70
N GLY B 38 1.97 -4.04 -2.01
CA GLY B 38 2.68 -4.36 -0.79
C GLY B 38 4.17 -4.48 -1.01
N ASN B 39 4.55 -5.20 -2.06
CA ASN B 39 5.96 -5.37 -2.41
C ASN B 39 6.56 -4.03 -2.83
N MET B 40 5.78 -3.25 -3.56
CA MET B 40 6.20 -1.94 -4.02
C MET B 40 6.46 -0.99 -2.84
N VAL B 41 5.51 -0.93 -1.91
CA VAL B 41 5.65 -0.06 -0.75
C VAL B 41 6.84 -0.49 0.11
N THR B 42 6.96 -1.79 0.36
CA THR B 42 8.07 -2.32 1.14
C THR B 42 9.40 -1.95 0.50
N ASN B 43 9.48 -2.08 -0.82
CA ASN B 43 10.68 -1.71 -1.57
C ASN B 43 10.98 -0.22 -1.41
N LEU B 44 9.94 0.59 -1.62
CA LEU B 44 10.07 2.05 -1.57
C LEU B 44 10.65 2.51 -0.22
N ILE B 45 10.17 1.89 0.86
CA ILE B 45 10.60 2.26 2.21
C ILE B 45 12.08 1.94 2.43
N ASN B 46 12.52 0.79 1.93
CA ASN B 46 13.90 0.34 2.16
C ASN B 46 14.87 1.05 1.21
N THR B 47 14.37 1.57 0.10
CA THR B 47 15.23 2.17 -0.90
C THR B 47 15.27 3.70 -0.80
N SER B 48 14.12 4.33 -1.01
CA SER B 48 14.07 5.79 -1.08
C SER B 48 14.08 6.40 0.32
N ILE B 49 13.61 5.65 1.30
CA ILE B 49 13.60 6.12 2.68
C ILE B 49 14.79 5.50 3.42
N ALA B 50 15.18 6.10 4.53
CA ALA B 50 16.25 5.56 5.36
C ALA B 50 15.87 4.17 5.90
N PRO B 51 16.64 3.14 5.52
CA PRO B 51 16.30 1.74 5.81
C PRO B 51 16.42 1.39 7.29
N ALA B 52 16.93 2.32 8.09
CA ALA B 52 17.07 2.08 9.52
C ALA B 52 15.75 2.39 10.24
N GLN B 53 14.96 3.28 9.67
CA GLN B 53 13.68 3.65 10.26
C GLN B 53 12.53 3.05 9.46
N ARG B 54 12.86 1.99 8.73
CA ARG B 54 11.90 1.32 7.85
C ARG B 54 10.64 0.89 8.63
N GLN B 55 10.83 0.45 9.86
CA GLN B 55 9.72 -0.03 10.68
C GLN B 55 8.83 1.12 11.10
N ALA B 56 9.44 2.26 11.40
CA ALA B 56 8.69 3.43 11.82
C ALA B 56 7.76 3.90 10.71
N ILE B 57 8.26 3.87 9.48
CA ILE B 57 7.47 4.25 8.33
C ILE B 57 6.33 3.25 8.11
N ALA B 58 6.67 1.97 8.11
CA ALA B 58 5.69 0.90 7.92
C ALA B 58 4.63 0.93 9.02
N ASN B 59 5.06 1.17 10.25
CA ASN B 59 4.16 1.23 11.39
C ASN B 59 3.18 2.39 11.25
N SER B 60 3.68 3.54 10.80
CA SER B 60 2.84 4.70 10.57
C SER B 60 1.82 4.43 9.46
N PHE B 61 2.30 3.82 8.39
CA PHE B 61 1.44 3.48 7.26
C PHE B 61 0.39 2.45 7.66
N ALA B 62 0.81 1.44 8.41
CA ALA B 62 -0.08 0.38 8.86
C ALA B 62 -1.21 0.93 9.71
N ARG B 63 -0.86 1.75 10.69
CA ARG B 63 -1.85 2.34 11.59
C ARG B 63 -2.76 3.31 10.83
N ALA B 64 -2.18 4.01 9.87
CA ALA B 64 -2.97 4.91 9.03
C ALA B 64 -3.96 4.10 8.19
N LEU B 65 -3.52 2.95 7.69
CA LEU B 65 -4.35 2.08 6.88
C LEU B 65 -5.51 1.53 7.70
N GLN B 66 -5.21 1.04 8.90
CA GLN B 66 -6.22 0.47 9.79
C GLN B 66 -7.30 1.50 10.12
N SER B 67 -6.89 2.76 10.23
CA SER B 67 -7.81 3.83 10.55
C SER B 67 -8.52 4.33 9.29
N SER B 68 -7.84 4.21 8.16
CA SER B 68 -8.38 4.65 6.88
C SER B 68 -9.53 3.73 6.45
N ILE B 69 -9.30 2.42 6.57
CA ILE B 69 -10.32 1.44 6.21
C ILE B 69 -11.26 1.21 7.39
N ASN B 70 -11.84 2.30 7.84
CA ASN B 70 -12.86 2.29 8.87
C ASN B 70 -13.87 3.38 8.53
N GLU B 71 -14.84 3.03 7.71
CA GLU B 71 -15.73 4.02 7.14
C GLU B 71 -17.05 4.06 7.88
N ASP B 72 -17.12 4.88 8.91
CA ASP B 72 -18.33 5.09 9.66
C ASP B 72 -18.70 6.56 9.63
N LYS B 73 -19.95 6.84 9.28
CA LYS B 73 -20.43 8.21 9.21
C LYS B 73 -21.51 8.44 10.25
N ALA B 74 -21.06 8.71 11.48
CA ALA B 74 -21.94 8.84 12.65
C ALA B 74 -22.51 7.47 13.04
N HIS B 75 -23.31 6.90 12.14
CA HIS B 75 -23.91 5.59 12.33
C HIS B 75 -24.54 5.15 11.02
N LEU B 76 -24.48 3.85 10.73
CA LEU B 76 -25.09 3.33 9.51
C LEU B 76 -26.61 3.41 9.57
N GLU B 77 -27.13 4.59 9.29
CA GLU B 77 -28.55 4.82 9.14
C GLU B 77 -28.73 6.04 8.26
N HIS B 78 -28.82 5.80 6.97
CA HIS B 78 -28.98 6.86 5.99
C HIS B 78 -30.37 6.76 5.39
N HIS B 79 -30.86 5.54 5.31
CA HIS B 79 -32.22 5.25 4.89
C HIS B 79 -32.81 4.22 5.84
N HIS B 80 -33.99 4.52 6.36
CA HIS B 80 -34.62 3.64 7.34
C HIS B 80 -35.95 3.11 6.82
N HIS B 81 -35.97 1.83 6.50
CA HIS B 81 -37.16 1.19 5.98
C HIS B 81 -37.05 -0.32 6.15
N HIS B 82 -38.17 -1.00 6.09
CA HIS B 82 -38.18 -2.45 6.25
C HIS B 82 -37.97 -3.14 4.92
N HIS B 83 -37.32 -4.30 4.99
CA HIS B 83 -37.02 -5.07 3.79
C HIS B 83 -37.97 -6.27 3.67
N MET A 1 -1.90 -21.84 7.16
CA MET A 1 -2.42 -21.64 5.79
C MET A 1 -1.47 -20.79 4.96
N PRO A 2 -0.83 -21.40 3.95
CA PRO A 2 0.04 -20.68 3.03
C PRO A 2 -0.76 -19.84 2.04
N GLN A 3 -0.41 -18.58 1.89
CA GLN A 3 -1.10 -17.69 0.98
C GLN A 3 -0.27 -17.45 -0.27
N ILE A 4 -0.49 -18.28 -1.27
CA ILE A 4 0.26 -18.19 -2.52
C ILE A 4 -0.52 -17.38 -3.55
N SER A 5 0.20 -16.62 -4.35
CA SER A 5 -0.41 -15.86 -5.42
C SER A 5 -0.22 -16.60 -6.74
N ARG A 6 1.01 -17.03 -6.99
CA ARG A 6 1.38 -17.78 -8.19
C ARG A 6 0.80 -17.16 -9.46
N TYR A 7 1.11 -15.89 -9.68
CA TYR A 7 0.77 -15.22 -10.92
C TYR A 7 2.00 -15.16 -11.80
N SER A 8 1.82 -14.86 -13.07
CA SER A 8 2.94 -14.74 -13.99
C SER A 8 3.90 -13.65 -13.52
N ASP A 9 5.07 -14.08 -13.06
CA ASP A 9 6.07 -13.18 -12.49
C ASP A 9 6.58 -12.21 -13.55
N GLU A 10 6.60 -12.69 -14.79
CA GLU A 10 7.02 -11.86 -15.91
C GLU A 10 6.15 -10.62 -16.01
N GLN A 11 4.85 -10.80 -15.80
CA GLN A 11 3.90 -9.71 -15.85
C GLN A 11 4.03 -8.83 -14.61
N VAL A 12 4.39 -9.44 -13.48
CA VAL A 12 4.61 -8.69 -12.25
C VAL A 12 5.75 -7.69 -12.44
N GLU A 13 6.83 -8.15 -13.05
CA GLU A 13 7.95 -7.29 -13.42
C GLU A 13 7.47 -6.09 -14.25
N GLN A 14 6.68 -6.39 -15.28
CA GLN A 14 6.14 -5.36 -16.16
C GLN A 14 5.24 -4.40 -15.40
N LEU A 15 4.35 -4.97 -14.58
CA LEU A 15 3.37 -4.19 -13.82
C LEU A 15 4.08 -3.19 -12.90
N LEU A 16 5.11 -3.65 -12.21
CA LEU A 16 5.89 -2.78 -11.34
C LEU A 16 6.50 -1.63 -12.13
N ALA A 17 7.06 -1.96 -13.29
CA ALA A 17 7.68 -0.98 -14.15
C ALA A 17 6.68 0.08 -14.60
N GLU A 18 5.49 -0.35 -14.98
CA GLU A 18 4.46 0.55 -15.48
C GLU A 18 4.02 1.54 -14.39
N LEU A 19 3.77 1.03 -13.19
CA LEU A 19 3.35 1.87 -12.08
C LEU A 19 4.43 2.89 -11.70
N LEU A 20 5.67 2.43 -11.64
CA LEU A 20 6.78 3.33 -11.34
C LEU A 20 7.00 4.33 -12.46
N ASN A 21 6.74 3.90 -13.69
CA ASN A 21 6.87 4.75 -14.86
C ASN A 21 5.89 5.93 -14.78
N VAL A 22 4.61 5.62 -14.60
CA VAL A 22 3.57 6.64 -14.51
C VAL A 22 3.82 7.57 -13.34
N LEU A 23 4.34 7.01 -12.25
CA LEU A 23 4.63 7.76 -11.04
C LEU A 23 5.62 8.90 -11.35
N GLU A 24 6.77 8.55 -11.92
CA GLU A 24 7.80 9.54 -12.22
C GLU A 24 7.43 10.36 -13.45
N LYS A 25 6.55 9.84 -14.29
CA LYS A 25 6.07 10.58 -15.45
C LYS A 25 5.31 11.82 -15.01
N HIS A 26 4.46 11.66 -13.99
CA HIS A 26 3.79 12.80 -13.38
C HIS A 26 4.73 13.51 -12.42
N LYS A 27 5.65 12.71 -11.86
CA LYS A 27 6.63 13.17 -10.90
C LYS A 27 5.97 13.64 -9.60
N ALA A 28 5.94 12.73 -8.63
CA ALA A 28 5.39 13.04 -7.33
C ALA A 28 6.44 12.79 -6.26
N PRO A 29 6.55 13.67 -5.26
CA PRO A 29 7.47 13.50 -4.13
C PRO A 29 7.18 12.21 -3.37
N THR A 30 8.19 11.72 -2.65
CA THR A 30 8.05 10.48 -1.88
C THR A 30 6.92 10.61 -0.86
N ASP A 31 6.82 11.78 -0.24
CA ASP A 31 5.74 12.11 0.69
C ASP A 31 4.38 11.87 0.02
N LEU A 32 4.20 12.48 -1.14
CA LEU A 32 2.96 12.38 -1.88
C LEU A 32 2.73 10.95 -2.38
N SER A 33 3.81 10.30 -2.81
CA SER A 33 3.72 8.94 -3.34
C SER A 33 3.16 7.99 -2.29
N LEU A 34 3.61 8.11 -1.05
CA LEU A 34 3.12 7.27 0.03
C LEU A 34 1.66 7.56 0.31
N MET A 35 1.28 8.83 0.21
CA MET A 35 -0.11 9.23 0.41
C MET A 35 -0.98 8.64 -0.68
N VAL A 36 -0.51 8.73 -1.93
CA VAL A 36 -1.24 8.18 -3.08
C VAL A 36 -1.43 6.68 -2.94
N LEU A 37 -0.36 5.97 -2.61
CA LEU A 37 -0.42 4.53 -2.45
C LEU A 37 -1.42 4.15 -1.36
N GLY A 38 -1.30 4.79 -0.21
CA GLY A 38 -2.22 4.51 0.88
C GLY A 38 -3.65 4.83 0.52
N ASN A 39 -3.84 5.95 -0.16
CA ASN A 39 -5.16 6.38 -0.61
C ASN A 39 -5.76 5.35 -1.56
N MET A 40 -4.95 4.91 -2.52
CA MET A 40 -5.38 3.91 -3.50
C MET A 40 -5.79 2.61 -2.82
N VAL A 41 -4.92 2.10 -1.95
CA VAL A 41 -5.19 0.85 -1.24
C VAL A 41 -6.46 0.97 -0.41
N THR A 42 -6.61 2.08 0.29
CA THR A 42 -7.78 2.34 1.10
C THR A 42 -9.05 2.28 0.26
N ASN A 43 -9.05 3.00 -0.86
CA ASN A 43 -10.22 3.04 -1.74
C ASN A 43 -10.50 1.68 -2.35
N LEU A 44 -9.45 1.01 -2.80
CA LEU A 44 -9.58 -0.29 -3.46
C LEU A 44 -10.27 -1.29 -2.52
N ILE A 45 -9.74 -1.43 -1.31
CA ILE A 45 -10.26 -2.38 -0.34
C ILE A 45 -11.65 -1.96 0.15
N ASN A 46 -11.87 -0.66 0.25
CA ASN A 46 -13.12 -0.12 0.78
C ASN A 46 -14.27 -0.30 -0.22
N THR A 47 -13.94 -0.28 -1.51
CA THR A 47 -14.96 -0.34 -2.54
C THR A 47 -15.16 -1.75 -3.08
N SER A 48 -14.08 -2.41 -3.47
CA SER A 48 -14.16 -3.73 -4.08
C SER A 48 -14.52 -4.80 -3.06
N ILE A 49 -14.03 -4.64 -1.85
CA ILE A 49 -14.16 -5.67 -0.83
C ILE A 49 -15.25 -5.30 0.18
N ALA A 50 -16.01 -6.31 0.60
CA ALA A 50 -17.10 -6.13 1.56
C ALA A 50 -16.58 -5.57 2.89
N PRO A 51 -17.32 -4.63 3.49
CA PRO A 51 -16.95 -4.00 4.77
C PRO A 51 -16.76 -5.02 5.88
N ALA A 52 -17.39 -6.17 5.73
CA ALA A 52 -17.34 -7.24 6.72
C ALA A 52 -15.91 -7.69 7.00
N GLN A 53 -15.10 -7.82 5.95
CA GLN A 53 -13.80 -8.44 6.07
C GLN A 53 -12.67 -7.55 5.59
N ARG A 54 -12.97 -6.29 5.27
CA ARG A 54 -11.96 -5.39 4.75
C ARG A 54 -11.02 -4.92 5.86
N GLN A 55 -11.47 -5.01 7.11
CA GLN A 55 -10.63 -4.68 8.25
C GLN A 55 -9.65 -5.83 8.51
N ALA A 56 -10.17 -7.06 8.38
CA ALA A 56 -9.35 -8.25 8.57
C ALA A 56 -8.23 -8.29 7.53
N ILE A 57 -8.55 -7.91 6.31
CA ILE A 57 -7.57 -7.87 5.23
C ILE A 57 -6.49 -6.82 5.51
N ALA A 58 -6.93 -5.62 5.90
CA ALA A 58 -5.99 -4.54 6.21
C ALA A 58 -5.09 -4.92 7.38
N ASN A 59 -5.66 -5.64 8.34
CA ASN A 59 -4.92 -6.09 9.51
C ASN A 59 -3.94 -7.20 9.13
N SER A 60 -4.36 -8.08 8.23
CA SER A 60 -3.48 -9.12 7.71
C SER A 60 -2.35 -8.51 6.89
N PHE A 61 -2.68 -7.44 6.17
CA PHE A 61 -1.68 -6.69 5.40
C PHE A 61 -0.62 -6.12 6.34
N ALA A 62 -1.06 -5.60 7.47
CA ALA A 62 -0.16 -5.07 8.49
C ALA A 62 0.83 -6.14 8.93
N ARG A 63 0.31 -7.32 9.23
CA ARG A 63 1.13 -8.46 9.61
C ARG A 63 2.16 -8.79 8.53
N ALA A 64 1.69 -8.86 7.29
CA ALA A 64 2.56 -9.19 6.16
C ALA A 64 3.66 -8.14 6.01
N LEU A 65 3.29 -6.88 6.14
CA LEU A 65 4.24 -5.77 6.01
C LEU A 65 5.31 -5.85 7.10
N GLN A 66 4.87 -6.06 8.34
CA GLN A 66 5.77 -6.12 9.48
C GLN A 66 6.65 -7.37 9.42
N SER A 67 6.22 -8.37 8.67
CA SER A 67 6.99 -9.59 8.52
C SER A 67 7.93 -9.48 7.31
N SER A 68 7.69 -8.48 6.47
CA SER A 68 8.51 -8.28 5.29
C SER A 68 9.64 -7.30 5.57
N ILE A 69 9.32 -6.18 6.20
CA ILE A 69 10.32 -5.18 6.53
C ILE A 69 11.01 -5.54 7.84
N ASN A 70 12.09 -6.29 7.74
CA ASN A 70 12.87 -6.68 8.91
C ASN A 70 14.32 -6.25 8.74
N GLU A 71 14.94 -6.70 7.67
CA GLU A 71 16.33 -6.39 7.40
C GLU A 71 16.49 -5.63 6.10
N ASP A 72 17.11 -4.46 6.16
CA ASP A 72 17.48 -3.75 4.94
C ASP A 72 18.81 -4.29 4.46
N LYS A 73 19.73 -4.45 5.42
CA LYS A 73 21.05 -5.03 5.20
C LYS A 73 21.73 -4.45 3.96
N ALA A 74 22.31 -3.28 4.13
CA ALA A 74 23.02 -2.62 3.05
C ALA A 74 24.23 -3.43 2.63
N HIS A 75 24.09 -4.14 1.51
CA HIS A 75 25.15 -4.99 0.97
C HIS A 75 25.47 -6.16 1.90
N LEU A 76 26.31 -5.90 2.89
CA LEU A 76 26.80 -6.92 3.82
C LEU A 76 27.87 -6.30 4.70
N GLU A 77 28.14 -6.93 5.85
CA GLU A 77 29.20 -6.43 6.72
C GLU A 77 30.54 -6.96 6.24
N HIS A 78 31.61 -6.24 6.53
CA HIS A 78 32.95 -6.66 6.16
C HIS A 78 33.78 -6.92 7.40
N HIS A 79 33.19 -6.66 8.56
CA HIS A 79 33.77 -7.01 9.86
C HIS A 79 35.08 -6.27 10.11
N HIS A 80 35.01 -5.17 10.85
CA HIS A 80 36.21 -4.37 11.10
C HIS A 80 36.94 -4.89 12.34
N HIS A 81 38.09 -5.49 12.12
CA HIS A 81 38.93 -5.96 13.20
C HIS A 81 40.33 -5.35 13.05
N HIS A 82 40.62 -4.90 11.84
CA HIS A 82 41.90 -4.26 11.55
C HIS A 82 41.73 -2.75 11.46
N HIS A 83 42.51 -2.04 12.23
CA HIS A 83 42.52 -0.59 12.18
C HIS A 83 43.84 -0.06 12.75
N MET B 1 3.64 13.97 13.86
CA MET B 1 3.92 13.74 12.43
C MET B 1 3.00 14.58 11.55
N PRO B 2 3.45 15.78 11.16
CA PRO B 2 2.70 16.65 10.27
C PRO B 2 3.01 16.35 8.80
N GLN B 3 2.03 16.60 7.94
CA GLN B 3 2.20 16.39 6.52
C GLN B 3 1.45 17.45 5.73
N ILE B 4 2.13 18.08 4.78
CA ILE B 4 1.50 19.10 3.96
C ILE B 4 0.76 18.48 2.77
N SER B 5 -0.42 17.96 3.05
CA SER B 5 -1.21 17.22 2.06
C SER B 5 -1.87 18.14 1.02
N ARG B 6 -1.47 19.41 1.02
CA ARG B 6 -2.01 20.38 0.09
C ARG B 6 -1.26 20.32 -1.23
N TYR B 7 -1.45 19.22 -1.93
CA TYR B 7 -0.91 19.05 -3.26
C TYR B 7 -1.97 19.39 -4.31
N SER B 8 -1.63 19.18 -5.57
CA SER B 8 -2.55 19.49 -6.65
C SER B 8 -3.49 18.33 -6.90
N ASP B 9 -4.79 18.61 -6.87
CA ASP B 9 -5.82 17.59 -7.08
C ASP B 9 -5.62 16.86 -8.40
N GLU B 10 -5.54 17.62 -9.49
CA GLU B 10 -5.40 17.05 -10.83
C GLU B 10 -4.17 16.16 -10.94
N GLN B 11 -3.08 16.56 -10.32
CA GLN B 11 -1.85 15.80 -10.37
C GLN B 11 -1.98 14.49 -9.61
N VAL B 12 -2.49 14.57 -8.38
CA VAL B 12 -2.58 13.40 -7.52
C VAL B 12 -3.59 12.39 -8.05
N GLU B 13 -4.80 12.86 -8.34
CA GLU B 13 -5.89 11.98 -8.72
C GLU B 13 -5.67 11.34 -10.09
N GLN B 14 -5.15 12.11 -11.05
CA GLN B 14 -4.88 11.57 -12.38
C GLN B 14 -3.71 10.60 -12.37
N LEU B 15 -2.75 10.83 -11.47
CA LEU B 15 -1.65 9.89 -11.29
C LEU B 15 -2.19 8.57 -10.77
N LEU B 16 -2.99 8.66 -9.70
CA LEU B 16 -3.61 7.49 -9.09
C LEU B 16 -4.52 6.79 -10.10
N ALA B 17 -5.21 7.58 -10.91
CA ALA B 17 -6.13 7.05 -11.92
C ALA B 17 -5.38 6.22 -12.96
N GLU B 18 -4.21 6.68 -13.38
CA GLU B 18 -3.43 5.97 -14.39
C GLU B 18 -2.88 4.65 -13.85
N LEU B 19 -2.57 4.60 -12.56
CA LEU B 19 -2.12 3.35 -11.96
C LEU B 19 -3.26 2.34 -11.96
N LEU B 20 -4.47 2.81 -11.66
CA LEU B 20 -5.66 1.97 -11.75
C LEU B 20 -5.96 1.65 -13.21
N ASN B 21 -5.62 2.60 -14.09
CA ASN B 21 -5.78 2.41 -15.51
C ASN B 21 -4.96 1.23 -16.00
N VAL B 22 -3.71 1.16 -15.56
CA VAL B 22 -2.84 0.04 -15.90
C VAL B 22 -3.43 -1.28 -15.38
N LEU B 23 -3.92 -1.24 -14.15
CA LEU B 23 -4.52 -2.42 -13.52
C LEU B 23 -5.76 -2.90 -14.27
N GLU B 24 -6.47 -1.97 -14.89
CA GLU B 24 -7.66 -2.30 -15.66
C GLU B 24 -7.29 -2.70 -17.09
N LYS B 25 -6.34 -1.96 -17.67
CA LYS B 25 -5.84 -2.21 -19.02
C LYS B 25 -5.38 -3.66 -19.15
N HIS B 26 -4.48 -4.05 -18.27
CA HIS B 26 -3.95 -5.40 -18.26
C HIS B 26 -4.90 -6.33 -17.50
N LYS B 27 -5.66 -5.73 -16.59
CA LYS B 27 -6.65 -6.44 -15.78
C LYS B 27 -5.99 -7.40 -14.80
N ALA B 28 -5.78 -6.95 -13.59
CA ALA B 28 -5.20 -7.77 -12.54
C ALA B 28 -6.23 -8.04 -11.46
N PRO B 29 -6.25 -9.27 -10.92
CA PRO B 29 -7.12 -9.63 -9.81
C PRO B 29 -6.76 -8.86 -8.54
N THR B 30 -7.75 -8.66 -7.67
CA THR B 30 -7.55 -7.91 -6.43
C THR B 30 -6.43 -8.51 -5.60
N ASP B 31 -6.34 -9.85 -5.61
CA ASP B 31 -5.29 -10.56 -4.89
C ASP B 31 -3.91 -10.16 -5.41
N LEU B 32 -3.81 -10.00 -6.72
CA LEU B 32 -2.55 -9.61 -7.33
C LEU B 32 -2.29 -8.13 -7.10
N SER B 33 -3.32 -7.31 -7.25
CA SER B 33 -3.20 -5.87 -7.03
C SER B 33 -2.65 -5.56 -5.63
N LEU B 34 -3.21 -6.23 -4.63
CA LEU B 34 -2.78 -6.03 -3.26
C LEU B 34 -1.36 -6.57 -3.06
N MET B 35 -1.05 -7.67 -3.74
CA MET B 35 0.28 -8.26 -3.68
C MET B 35 1.31 -7.29 -4.26
N VAL B 36 1.01 -6.75 -5.44
CA VAL B 36 1.89 -5.81 -6.10
C VAL B 36 2.09 -4.55 -5.25
N LEU B 37 0.99 -3.95 -4.82
CA LEU B 37 1.05 -2.73 -4.01
C LEU B 37 1.80 -2.98 -2.71
N GLY B 38 1.52 -4.12 -2.07
CA GLY B 38 2.19 -4.47 -0.83
C GLY B 38 3.69 -4.62 -1.04
N ASN B 39 4.06 -5.31 -2.10
CA ASN B 39 5.46 -5.48 -2.46
C ASN B 39 6.09 -4.13 -2.77
N MET B 40 5.37 -3.33 -3.55
CA MET B 40 5.82 -2.00 -3.94
C MET B 40 6.11 -1.12 -2.73
N VAL B 41 5.16 -1.07 -1.79
CA VAL B 41 5.33 -0.28 -0.58
C VAL B 41 6.52 -0.77 0.23
N THR B 42 6.62 -2.09 0.39
CA THR B 42 7.72 -2.70 1.12
C THR B 42 9.07 -2.28 0.55
N ASN B 43 9.20 -2.34 -0.77
CA ASN B 43 10.44 -1.98 -1.44
C ASN B 43 10.69 -0.49 -1.34
N LEU B 44 9.63 0.29 -1.46
CA LEU B 44 9.71 1.75 -1.44
C LEU B 44 10.32 2.23 -0.13
N ILE B 45 9.80 1.71 0.98
CA ILE B 45 10.24 2.12 2.31
C ILE B 45 11.68 1.66 2.58
N ASN B 46 12.05 0.51 2.03
CA ASN B 46 13.37 -0.06 2.25
C ASN B 46 14.45 0.61 1.40
N THR B 47 14.05 1.27 0.32
CA THR B 47 15.02 1.86 -0.59
C THR B 47 15.01 3.39 -0.55
N SER B 48 13.85 3.98 -0.77
CA SER B 48 13.73 5.42 -0.87
C SER B 48 13.69 6.07 0.52
N ILE B 49 13.07 5.37 1.46
CA ILE B 49 12.98 5.84 2.83
C ILE B 49 14.25 5.44 3.58
N ALA B 50 14.72 6.33 4.45
CA ALA B 50 15.89 6.03 5.27
C ALA B 50 15.67 4.77 6.08
N PRO B 51 16.53 3.76 5.88
CA PRO B 51 16.38 2.43 6.50
C PRO B 51 16.32 2.48 8.03
N ALA B 52 16.74 3.60 8.61
CA ALA B 52 16.74 3.77 10.05
C ALA B 52 15.31 3.87 10.61
N GLN B 53 14.39 4.37 9.79
CA GLN B 53 13.02 4.57 10.22
C GLN B 53 12.04 3.74 9.38
N ARG B 54 12.59 2.73 8.72
CA ARG B 54 11.80 1.87 7.83
C ARG B 54 10.65 1.19 8.59
N GLN B 55 10.93 0.73 9.80
CA GLN B 55 9.97 -0.03 10.57
C GLN B 55 8.91 0.90 11.16
N ALA B 56 9.35 2.06 11.61
CA ALA B 56 8.45 3.05 12.19
C ALA B 56 7.40 3.49 11.19
N ILE B 57 7.84 3.83 9.98
CA ILE B 57 6.93 4.25 8.93
C ILE B 57 6.05 3.09 8.48
N ALA B 58 6.61 1.89 8.47
CA ALA B 58 5.85 0.69 8.12
C ALA B 58 4.64 0.52 9.02
N ASN B 59 4.87 0.59 10.34
CA ASN B 59 3.79 0.44 11.30
C ASN B 59 2.79 1.59 11.17
N SER B 60 3.31 2.79 10.90
CA SER B 60 2.47 3.96 10.73
C SER B 60 1.54 3.79 9.53
N PHE B 61 2.09 3.29 8.42
CA PHE B 61 1.30 3.05 7.21
C PHE B 61 0.21 2.01 7.48
N ALA B 62 0.58 0.94 8.18
CA ALA B 62 -0.34 -0.13 8.51
C ALA B 62 -1.50 0.38 9.37
N ARG B 63 -1.16 1.14 10.40
CA ARG B 63 -2.15 1.69 11.31
C ARG B 63 -3.04 2.70 10.60
N ALA B 64 -2.42 3.52 9.75
CA ALA B 64 -3.15 4.53 8.99
C ALA B 64 -4.17 3.89 8.06
N LEU B 65 -3.78 2.78 7.44
CA LEU B 65 -4.67 2.04 6.54
C LEU B 65 -5.90 1.57 7.30
N GLN B 66 -5.68 1.00 8.48
CA GLN B 66 -6.75 0.45 9.30
C GLN B 66 -7.72 1.54 9.78
N SER B 67 -7.18 2.71 10.07
CA SER B 67 -7.99 3.81 10.59
C SER B 67 -8.70 4.56 9.46
N SER B 68 -8.12 4.52 8.26
CA SER B 68 -8.73 5.16 7.11
C SER B 68 -9.92 4.34 6.61
N ILE B 69 -9.84 3.03 6.81
CA ILE B 69 -10.95 2.15 6.47
C ILE B 69 -12.03 2.23 7.54
N ASN B 70 -13.13 2.89 7.21
CA ASN B 70 -14.23 3.08 8.15
C ASN B 70 -15.14 1.86 8.15
N GLU B 71 -16.08 1.80 9.08
CA GLU B 71 -16.99 0.67 9.20
C GLU B 71 -18.19 0.88 8.29
N ASP B 72 -19.08 -0.09 8.24
CA ASP B 72 -20.25 -0.04 7.36
C ASP B 72 -21.31 0.90 7.89
N LYS B 73 -21.69 1.87 7.08
CA LYS B 73 -22.78 2.77 7.41
C LYS B 73 -23.94 2.55 6.44
N ALA B 74 -23.76 1.58 5.54
CA ALA B 74 -24.67 1.33 4.43
C ALA B 74 -24.65 2.50 3.46
N HIS B 75 -25.44 3.53 3.77
CA HIS B 75 -25.46 4.77 3.00
C HIS B 75 -26.05 5.86 3.85
N LEU B 76 -27.33 5.72 4.15
CA LEU B 76 -28.03 6.61 5.06
C LEU B 76 -28.83 5.79 6.04
N GLU B 77 -29.70 6.44 6.81
CA GLU B 77 -30.56 5.72 7.74
C GLU B 77 -31.64 4.96 7.00
N HIS B 78 -31.80 3.69 7.34
CA HIS B 78 -32.83 2.87 6.73
C HIS B 78 -33.44 1.96 7.79
N HIS B 79 -33.88 2.56 8.87
CA HIS B 79 -34.49 1.82 9.96
C HIS B 79 -35.92 1.46 9.60
N HIS B 80 -36.19 0.17 9.55
CA HIS B 80 -37.50 -0.30 9.12
C HIS B 80 -38.44 -0.51 10.30
N HIS B 81 -39.18 0.54 10.63
CA HIS B 81 -40.26 0.46 11.60
C HIS B 81 -41.58 0.66 10.88
N HIS B 82 -41.53 1.48 9.85
CA HIS B 82 -42.66 1.74 8.97
C HIS B 82 -42.90 0.54 8.06
N HIS B 83 -44.16 0.15 7.93
CA HIS B 83 -44.56 -0.91 7.02
C HIS B 83 -45.58 -0.37 6.03
N MET A 1 13.34 -13.90 -9.14
CA MET A 1 12.05 -14.46 -8.69
C MET A 1 12.08 -14.74 -7.20
N PRO A 2 11.56 -13.82 -6.38
CA PRO A 2 11.48 -14.00 -4.93
C PRO A 2 10.52 -15.12 -4.56
N GLN A 3 9.43 -15.21 -5.32
CA GLN A 3 8.42 -16.23 -5.11
C GLN A 3 7.88 -16.68 -6.45
N ILE A 4 7.83 -17.99 -6.66
CA ILE A 4 7.30 -18.54 -7.90
C ILE A 4 5.77 -18.52 -7.90
N SER A 5 5.21 -17.38 -8.29
CA SER A 5 3.77 -17.22 -8.36
C SER A 5 3.18 -18.01 -9.52
N ARG A 6 1.88 -18.25 -9.46
CA ARG A 6 1.20 -18.95 -10.54
C ARG A 6 1.01 -18.00 -11.71
N TYR A 7 0.73 -16.74 -11.41
CA TYR A 7 0.70 -15.71 -12.43
C TYR A 7 2.11 -15.43 -12.90
N SER A 8 2.25 -15.23 -14.20
CA SER A 8 3.55 -15.07 -14.83
C SER A 8 4.34 -13.93 -14.20
N ASP A 9 5.62 -14.18 -13.95
CA ASP A 9 6.53 -13.16 -13.44
C ASP A 9 6.59 -12.01 -14.43
N GLU A 10 6.38 -12.33 -15.70
CA GLU A 10 6.29 -11.35 -16.77
C GLU A 10 5.29 -10.27 -16.43
N GLN A 11 4.08 -10.70 -16.06
CA GLN A 11 2.99 -9.80 -15.76
C GLN A 11 3.25 -9.06 -14.45
N VAL A 12 3.79 -9.78 -13.48
CA VAL A 12 4.12 -9.21 -12.17
C VAL A 12 5.15 -8.10 -12.31
N GLU A 13 6.25 -8.42 -12.99
CA GLU A 13 7.33 -7.47 -13.22
C GLU A 13 6.83 -6.30 -14.06
N GLN A 14 6.02 -6.60 -15.07
CA GLN A 14 5.45 -5.60 -15.95
C GLN A 14 4.64 -4.58 -15.16
N LEU A 15 3.69 -5.08 -14.39
CA LEU A 15 2.78 -4.23 -13.62
C LEU A 15 3.55 -3.34 -12.67
N LEU A 16 4.47 -3.93 -11.91
CA LEU A 16 5.29 -3.18 -10.96
C LEU A 16 6.08 -2.10 -11.68
N ALA A 17 6.68 -2.47 -12.81
CA ALA A 17 7.49 -1.54 -13.58
C ALA A 17 6.66 -0.37 -14.11
N GLU A 18 5.48 -0.69 -14.65
CA GLU A 18 4.62 0.35 -15.22
C GLU A 18 4.09 1.28 -14.14
N LEU A 19 3.66 0.72 -13.01
CA LEU A 19 3.14 1.54 -11.91
C LEU A 19 4.21 2.49 -11.39
N LEU A 20 5.42 1.97 -11.21
CA LEU A 20 6.54 2.79 -10.79
C LEU A 20 6.85 3.82 -11.87
N ASN A 21 6.80 3.39 -13.13
CA ASN A 21 7.07 4.27 -14.26
C ASN A 21 6.07 5.42 -14.33
N VAL A 22 4.80 5.14 -13.98
CA VAL A 22 3.79 6.18 -13.92
C VAL A 22 4.21 7.25 -12.93
N LEU A 23 4.68 6.82 -11.76
CA LEU A 23 5.19 7.74 -10.75
C LEU A 23 6.42 8.47 -11.26
N GLU A 24 7.31 7.73 -11.89
CA GLU A 24 8.56 8.28 -12.43
C GLU A 24 8.30 9.38 -13.46
N LYS A 25 7.29 9.18 -14.31
CA LYS A 25 6.94 10.17 -15.33
C LYS A 25 6.51 11.49 -14.70
N HIS A 26 6.10 11.43 -13.44
CA HIS A 26 5.69 12.64 -12.73
C HIS A 26 6.77 13.10 -11.76
N LYS A 27 7.63 12.17 -11.35
CA LYS A 27 8.63 12.41 -10.32
C LYS A 27 7.98 13.02 -9.08
N ALA A 28 7.20 12.20 -8.40
CA ALA A 28 6.46 12.64 -7.24
C ALA A 28 7.30 12.55 -5.97
N PRO A 29 7.09 13.47 -5.02
CA PRO A 29 7.76 13.44 -3.72
C PRO A 29 7.39 12.19 -2.93
N THR A 30 8.30 11.76 -2.06
CA THR A 30 8.13 10.53 -1.29
C THR A 30 6.78 10.50 -0.57
N ASP A 31 6.42 11.62 0.07
CA ASP A 31 5.16 11.73 0.79
C ASP A 31 3.99 11.50 -0.14
N LEU A 32 4.02 12.14 -1.30
CA LEU A 32 2.93 12.07 -2.26
C LEU A 32 2.74 10.64 -2.76
N SER A 33 3.84 10.00 -3.15
CA SER A 33 3.80 8.63 -3.63
C SER A 33 3.17 7.69 -2.60
N LEU A 34 3.57 7.87 -1.33
CA LEU A 34 3.05 7.04 -0.25
C LEU A 34 1.56 7.28 -0.05
N MET A 35 1.15 8.55 -0.10
CA MET A 35 -0.25 8.90 0.09
C MET A 35 -1.12 8.35 -1.04
N VAL A 36 -0.65 8.49 -2.27
CA VAL A 36 -1.39 8.01 -3.43
C VAL A 36 -1.53 6.48 -3.40
N LEU A 37 -0.42 5.79 -3.14
CA LEU A 37 -0.43 4.34 -3.05
C LEU A 37 -1.28 3.87 -1.88
N GLY A 38 -1.17 4.56 -0.75
CA GLY A 38 -1.97 4.24 0.42
C GLY A 38 -3.45 4.38 0.13
N ASN A 39 -3.82 5.50 -0.48
CA ASN A 39 -5.20 5.77 -0.90
C ASN A 39 -5.66 4.67 -1.86
N MET A 40 -4.81 4.36 -2.83
CA MET A 40 -5.09 3.34 -3.83
C MET A 40 -5.36 1.99 -3.17
N VAL A 41 -4.45 1.55 -2.31
CA VAL A 41 -4.59 0.27 -1.62
C VAL A 41 -5.85 0.25 -0.77
N THR A 42 -6.09 1.33 -0.04
CA THR A 42 -7.28 1.44 0.80
C THR A 42 -8.55 1.27 -0.03
N ASN A 43 -8.65 2.05 -1.10
CA ASN A 43 -9.82 2.02 -1.97
C ASN A 43 -9.95 0.66 -2.65
N LEU A 44 -8.82 0.05 -2.99
CA LEU A 44 -8.82 -1.26 -3.62
C LEU A 44 -9.43 -2.31 -2.69
N ILE A 45 -9.06 -2.24 -1.41
CA ILE A 45 -9.61 -3.16 -0.42
C ILE A 45 -11.09 -2.86 -0.17
N ASN A 46 -11.41 -1.58 -0.03
CA ASN A 46 -12.79 -1.15 0.22
C ASN A 46 -13.72 -1.54 -0.91
N THR A 47 -13.23 -1.52 -2.14
CA THR A 47 -14.04 -1.83 -3.30
C THR A 47 -14.16 -3.35 -3.52
N SER A 48 -13.03 -4.04 -3.39
CA SER A 48 -13.00 -5.48 -3.64
C SER A 48 -13.61 -6.26 -2.48
N ILE A 49 -13.21 -5.91 -1.26
CA ILE A 49 -13.67 -6.63 -0.09
C ILE A 49 -14.99 -6.03 0.41
N ALA A 50 -15.94 -6.89 0.70
CA ALA A 50 -17.25 -6.46 1.18
C ALA A 50 -17.13 -5.67 2.49
N PRO A 51 -17.99 -4.67 2.67
CA PRO A 51 -17.99 -3.80 3.86
C PRO A 51 -18.32 -4.57 5.15
N ALA A 52 -17.36 -5.34 5.62
CA ALA A 52 -17.53 -6.10 6.86
C ALA A 52 -16.17 -6.51 7.43
N GLN A 53 -15.42 -7.30 6.66
CA GLN A 53 -14.16 -7.85 7.14
C GLN A 53 -12.96 -7.16 6.48
N ARG A 54 -13.11 -5.89 6.11
CA ARG A 54 -12.03 -5.16 5.46
C ARG A 54 -10.88 -4.92 6.43
N GLN A 55 -11.21 -4.73 7.71
CA GLN A 55 -10.21 -4.54 8.76
C GLN A 55 -9.29 -5.75 8.83
N ALA A 56 -9.87 -6.93 8.73
CA ALA A 56 -9.10 -8.17 8.76
C ALA A 56 -8.12 -8.22 7.60
N ILE A 57 -8.62 -7.93 6.41
CA ILE A 57 -7.79 -7.89 5.21
C ILE A 57 -6.68 -6.85 5.36
N ALA A 58 -7.05 -5.67 5.84
CA ALA A 58 -6.09 -4.59 6.04
C ALA A 58 -4.98 -5.01 7.00
N ASN A 59 -5.36 -5.74 8.05
CA ASN A 59 -4.37 -6.18 9.04
C ASN A 59 -3.48 -7.29 8.49
N SER A 60 -4.06 -8.20 7.70
CA SER A 60 -3.26 -9.25 7.09
C SER A 60 -2.26 -8.65 6.09
N PHE A 61 -2.66 -7.55 5.46
CA PHE A 61 -1.77 -6.83 4.56
C PHE A 61 -0.70 -6.09 5.38
N ALA A 62 -1.14 -5.45 6.45
CA ALA A 62 -0.25 -4.70 7.33
C ALA A 62 0.82 -5.62 7.93
N ARG A 63 0.39 -6.76 8.46
CA ARG A 63 1.32 -7.71 9.07
C ARG A 63 2.28 -8.25 8.02
N ALA A 64 1.79 -8.44 6.80
CA ALA A 64 2.65 -8.86 5.70
C ALA A 64 3.67 -7.78 5.38
N LEU A 65 3.22 -6.52 5.48
CA LEU A 65 4.09 -5.38 5.26
C LEU A 65 5.20 -5.34 6.31
N GLN A 66 4.82 -5.44 7.59
CA GLN A 66 5.79 -5.46 8.67
C GLN A 66 6.81 -6.59 8.50
N SER A 67 6.34 -7.72 7.99
CA SER A 67 7.18 -8.89 7.84
C SER A 67 8.14 -8.77 6.66
N SER A 68 7.88 -7.81 5.77
CA SER A 68 8.70 -7.65 4.58
C SER A 68 9.53 -6.36 4.64
N ILE A 69 8.95 -5.31 5.21
CA ILE A 69 9.62 -4.01 5.30
C ILE A 69 10.84 -4.09 6.22
N ASN A 70 10.88 -5.12 7.05
CA ASN A 70 12.07 -5.42 7.81
C ASN A 70 12.86 -6.46 7.03
N GLU A 71 13.52 -6.01 5.98
CA GLU A 71 14.15 -6.90 5.01
C GLU A 71 15.38 -7.59 5.57
N ASP A 72 15.18 -8.83 5.99
CA ASP A 72 16.25 -9.68 6.46
C ASP A 72 15.79 -11.11 6.58
N LYS A 73 16.09 -11.90 5.56
CA LYS A 73 15.82 -13.32 5.60
C LYS A 73 16.96 -14.01 6.32
N ALA A 74 18.14 -13.91 5.73
CA ALA A 74 19.37 -14.40 6.33
C ALA A 74 20.56 -13.96 5.50
N HIS A 75 21.08 -12.77 5.80
CA HIS A 75 22.18 -12.22 5.02
C HIS A 75 23.52 -12.82 5.47
N LEU A 76 23.82 -13.98 4.91
CA LEU A 76 25.05 -14.68 5.21
C LEU A 76 26.14 -14.23 4.24
N GLU A 77 27.23 -13.72 4.78
CA GLU A 77 28.31 -13.20 3.97
C GLU A 77 29.59 -13.95 4.28
N HIS A 78 30.70 -13.55 3.64
CA HIS A 78 32.02 -14.14 3.85
C HIS A 78 32.09 -15.52 3.19
N HIS A 79 32.68 -15.57 2.01
CA HIS A 79 32.79 -16.80 1.25
C HIS A 79 34.02 -17.58 1.69
N HIS A 80 34.97 -16.87 2.29
CA HIS A 80 36.17 -17.51 2.83
C HIS A 80 35.91 -17.93 4.27
N HIS A 81 35.82 -19.23 4.49
CA HIS A 81 35.65 -19.73 5.85
C HIS A 81 37.01 -19.92 6.49
N HIS A 82 37.71 -18.80 6.64
CA HIS A 82 39.03 -18.75 7.25
C HIS A 82 39.29 -17.32 7.70
N HIS A 83 39.88 -17.15 8.87
CA HIS A 83 40.14 -15.82 9.39
C HIS A 83 41.61 -15.50 9.24
N MET B 1 -14.05 18.90 0.30
CA MET B 1 -13.29 17.63 0.46
C MET B 1 -13.12 17.32 1.94
N PRO B 2 -13.40 16.06 2.35
CA PRO B 2 -13.20 15.63 3.75
C PRO B 2 -11.75 15.73 4.17
N GLN B 3 -10.87 15.35 3.26
CA GLN B 3 -9.43 15.49 3.44
C GLN B 3 -8.87 16.24 2.25
N ILE B 4 -8.10 17.29 2.50
CA ILE B 4 -7.57 18.11 1.43
C ILE B 4 -6.10 17.80 1.18
N SER B 5 -5.72 17.74 -0.08
CA SER B 5 -4.33 17.51 -0.45
C SER B 5 -3.61 18.85 -0.62
N ARG B 6 -2.46 18.98 0.04
CA ARG B 6 -1.67 20.20 -0.06
C ARG B 6 -1.10 20.35 -1.46
N TYR B 7 -0.80 19.21 -2.07
CA TYR B 7 -0.34 19.18 -3.46
C TYR B 7 -1.51 19.43 -4.39
N SER B 8 -1.23 19.49 -5.68
CA SER B 8 -2.27 19.73 -6.67
C SER B 8 -3.29 18.61 -6.67
N ASP B 9 -4.47 18.87 -6.12
CA ASP B 9 -5.54 17.88 -6.02
C ASP B 9 -5.81 17.27 -7.38
N GLU B 10 -5.87 18.15 -8.38
CA GLU B 10 -6.06 17.76 -9.78
C GLU B 10 -5.02 16.71 -10.19
N GLN B 11 -3.76 17.01 -9.92
CA GLN B 11 -2.67 16.14 -10.32
C GLN B 11 -2.71 14.83 -9.52
N VAL B 12 -3.07 14.94 -8.24
CA VAL B 12 -3.20 13.77 -7.38
C VAL B 12 -4.28 12.83 -7.90
N GLU B 13 -5.47 13.37 -8.16
CA GLU B 13 -6.59 12.56 -8.62
C GLU B 13 -6.34 12.03 -10.02
N GLN B 14 -5.62 12.79 -10.84
CA GLN B 14 -5.26 12.33 -12.17
C GLN B 14 -4.27 11.17 -12.09
N LEU B 15 -3.23 11.34 -11.27
CA LEU B 15 -2.24 10.29 -11.05
C LEU B 15 -2.91 9.03 -10.51
N LEU B 16 -3.84 9.23 -9.59
CA LEU B 16 -4.62 8.15 -9.02
C LEU B 16 -5.36 7.42 -10.13
N ALA B 17 -5.99 8.19 -11.02
CA ALA B 17 -6.73 7.64 -12.15
C ALA B 17 -5.80 6.89 -13.09
N GLU B 18 -4.59 7.42 -13.29
CA GLU B 18 -3.61 6.77 -14.16
C GLU B 18 -3.24 5.39 -13.64
N LEU B 19 -3.04 5.29 -12.34
CA LEU B 19 -2.73 4.00 -11.71
C LEU B 19 -3.88 3.02 -11.92
N LEU B 20 -5.10 3.52 -11.80
CA LEU B 20 -6.29 2.71 -12.04
C LEU B 20 -6.39 2.34 -13.51
N ASN B 21 -6.02 3.28 -14.38
CA ASN B 21 -6.00 3.04 -15.82
C ASN B 21 -5.12 1.86 -16.17
N VAL B 22 -3.91 1.86 -15.62
CA VAL B 22 -2.98 0.75 -15.84
C VAL B 22 -3.53 -0.54 -15.25
N LEU B 23 -4.07 -0.45 -14.04
CA LEU B 23 -4.62 -1.62 -13.36
C LEU B 23 -5.79 -2.21 -14.14
N GLU B 24 -6.74 -1.38 -14.54
CA GLU B 24 -7.93 -1.88 -15.25
C GLU B 24 -7.61 -2.19 -16.71
N LYS B 25 -6.43 -1.78 -17.17
CA LYS B 25 -6.00 -2.09 -18.53
C LYS B 25 -5.47 -3.52 -18.59
N HIS B 26 -4.82 -3.94 -17.52
CA HIS B 26 -4.29 -5.30 -17.43
C HIS B 26 -5.31 -6.21 -16.76
N LYS B 27 -6.11 -5.62 -15.88
CA LYS B 27 -7.11 -6.34 -15.09
C LYS B 27 -6.48 -7.51 -14.33
N ALA B 28 -5.85 -7.17 -13.21
CA ALA B 28 -5.24 -8.16 -12.35
C ALA B 28 -6.06 -8.32 -11.08
N PRO B 29 -6.27 -9.56 -10.62
CA PRO B 29 -7.02 -9.85 -9.40
C PRO B 29 -6.49 -9.08 -8.20
N THR B 30 -7.37 -8.77 -7.26
CA THR B 30 -7.01 -7.97 -6.08
C THR B 30 -5.84 -8.60 -5.32
N ASP B 31 -5.85 -9.92 -5.19
CA ASP B 31 -4.76 -10.65 -4.54
C ASP B 31 -3.44 -10.40 -5.25
N LEU B 32 -3.45 -10.60 -6.57
CA LEU B 32 -2.26 -10.36 -7.38
C LEU B 32 -1.82 -8.90 -7.27
N SER B 33 -2.79 -8.00 -7.35
CA SER B 33 -2.52 -6.57 -7.26
C SER B 33 -1.89 -6.22 -5.91
N LEU B 34 -2.53 -6.65 -4.82
CA LEU B 34 -2.04 -6.36 -3.47
C LEU B 34 -0.66 -6.96 -3.24
N MET B 35 -0.40 -8.11 -3.86
CA MET B 35 0.89 -8.76 -3.74
C MET B 35 1.97 -7.91 -4.42
N VAL B 36 1.68 -7.46 -5.64
CA VAL B 36 2.61 -6.61 -6.38
C VAL B 36 2.77 -5.27 -5.68
N LEU B 37 1.65 -4.64 -5.33
CA LEU B 37 1.66 -3.35 -4.65
C LEU B 37 2.41 -3.44 -3.33
N GLY B 38 2.13 -4.47 -2.55
CA GLY B 38 2.81 -4.66 -1.29
C GLY B 38 4.32 -4.71 -1.44
N ASN B 39 4.78 -5.55 -2.36
CA ASN B 39 6.21 -5.68 -2.65
C ASN B 39 6.77 -4.34 -3.13
N MET B 40 5.99 -3.66 -3.95
CA MET B 40 6.37 -2.35 -4.50
C MET B 40 6.54 -1.33 -3.37
N VAL B 41 5.57 -1.29 -2.46
CA VAL B 41 5.61 -0.35 -1.34
C VAL B 41 6.83 -0.64 -0.46
N THR B 42 7.05 -1.92 -0.16
CA THR B 42 8.21 -2.32 0.63
C THR B 42 9.50 -1.82 -0.01
N ASN B 43 9.67 -2.09 -1.30
CA ASN B 43 10.87 -1.66 -2.01
C ASN B 43 10.99 -0.14 -2.05
N LEU B 44 9.85 0.51 -2.24
CA LEU B 44 9.82 1.97 -2.28
C LEU B 44 10.31 2.56 -0.96
N ILE B 45 9.83 2.02 0.15
CA ILE B 45 10.23 2.50 1.46
C ILE B 45 11.69 2.14 1.73
N ASN B 46 12.11 0.96 1.30
CA ASN B 46 13.49 0.51 1.47
C ASN B 46 14.47 1.47 0.79
N THR B 47 14.03 2.09 -0.29
CA THR B 47 14.90 2.94 -1.08
C THR B 47 14.72 4.43 -0.78
N SER B 48 13.47 4.84 -0.55
CA SER B 48 13.17 6.26 -0.37
C SER B 48 13.26 6.67 1.10
N ILE B 49 13.05 5.72 1.99
CA ILE B 49 13.11 5.99 3.42
C ILE B 49 14.38 5.40 4.02
N ALA B 50 14.97 6.11 4.97
CA ALA B 50 16.19 5.65 5.63
C ALA B 50 16.00 4.25 6.22
N PRO B 51 16.96 3.35 5.93
CA PRO B 51 16.91 1.94 6.35
C PRO B 51 17.09 1.75 7.87
N ALA B 52 16.31 2.48 8.65
CA ALA B 52 16.33 2.33 10.10
C ALA B 52 14.90 2.33 10.65
N GLN B 53 14.32 3.52 10.78
CA GLN B 53 12.98 3.67 11.35
C GLN B 53 11.89 3.41 10.31
N ARG B 54 12.26 2.68 9.25
CA ARG B 54 11.34 2.40 8.16
C ARG B 54 10.13 1.58 8.64
N GLN B 55 10.35 0.72 9.63
CA GLN B 55 9.28 -0.13 10.15
C GLN B 55 8.30 0.71 10.94
N ALA B 56 8.83 1.66 11.70
CA ALA B 56 8.00 2.59 12.47
C ALA B 56 7.11 3.40 11.54
N ILE B 57 7.62 3.70 10.35
CA ILE B 57 6.85 4.40 9.33
C ILE B 57 5.67 3.53 8.88
N ALA B 58 5.96 2.25 8.66
CA ALA B 58 4.91 1.31 8.26
C ALA B 58 3.85 1.16 9.34
N ASN B 59 4.28 1.22 10.60
CA ASN B 59 3.35 1.16 11.72
C ASN B 59 2.37 2.32 11.65
N SER B 60 2.89 3.54 11.52
CA SER B 60 2.05 4.72 11.44
C SER B 60 1.20 4.69 10.17
N PHE B 61 1.73 4.08 9.11
CA PHE B 61 0.99 3.91 7.88
C PHE B 61 -0.20 2.98 8.10
N ALA B 62 0.05 1.89 8.82
CA ALA B 62 -1.01 0.94 9.16
C ALA B 62 -2.07 1.59 10.03
N ARG B 63 -1.63 2.49 10.91
CA ARG B 63 -2.56 3.22 11.78
C ARG B 63 -3.49 4.09 10.95
N ALA B 64 -2.91 4.80 9.98
CA ALA B 64 -3.69 5.61 9.06
C ALA B 64 -4.62 4.72 8.24
N LEU B 65 -4.09 3.58 7.80
CA LEU B 65 -4.86 2.60 7.05
C LEU B 65 -6.08 2.14 7.85
N GLN B 66 -5.88 1.86 9.14
CA GLN B 66 -6.96 1.41 10.00
C GLN B 66 -8.08 2.45 10.09
N SER B 67 -7.71 3.72 10.08
CA SER B 67 -8.69 4.79 10.17
C SER B 67 -9.31 5.12 8.80
N SER B 68 -8.72 4.57 7.75
CA SER B 68 -9.20 4.85 6.40
C SER B 68 -9.91 3.63 5.80
N ILE B 69 -9.71 2.48 6.41
CA ILE B 69 -10.30 1.22 5.92
C ILE B 69 -11.80 1.18 6.20
N ASN B 70 -12.28 2.15 6.95
CA ASN B 70 -13.70 2.24 7.27
C ASN B 70 -14.19 3.67 7.05
N GLU B 71 -15.22 3.79 6.24
CA GLU B 71 -15.76 5.09 5.86
C GLU B 71 -17.07 5.39 6.60
N ASP B 72 -17.39 4.58 7.59
CA ASP B 72 -18.63 4.74 8.33
C ASP B 72 -18.55 5.91 9.30
N LYS B 73 -19.16 7.02 8.92
CA LYS B 73 -19.26 8.18 9.78
C LYS B 73 -20.71 8.37 10.18
N ALA B 74 -20.93 8.93 11.36
CA ALA B 74 -22.27 9.23 11.82
C ALA B 74 -22.83 10.40 11.02
N HIS B 75 -23.50 10.08 9.93
CA HIS B 75 -24.00 11.10 9.03
C HIS B 75 -25.52 11.19 9.10
N LEU B 76 -26.00 12.38 9.36
CA LEU B 76 -27.43 12.63 9.40
C LEU B 76 -27.98 12.79 8.00
N GLU B 77 -28.49 11.71 7.44
CA GLU B 77 -29.08 11.74 6.12
C GLU B 77 -30.55 12.10 6.26
N HIS B 78 -31.22 11.39 7.18
CA HIS B 78 -32.66 11.48 7.34
C HIS B 78 -33.15 12.92 7.36
N HIS B 79 -33.76 13.33 6.26
CA HIS B 79 -34.34 14.66 6.16
C HIS B 79 -35.79 14.64 6.57
N HIS B 80 -36.19 15.68 7.32
CA HIS B 80 -37.51 15.78 7.93
C HIS B 80 -37.61 14.85 9.13
N HIS B 81 -37.19 15.36 10.28
CA HIS B 81 -37.38 14.63 11.54
C HIS B 81 -38.85 14.64 11.90
N HIS B 82 -39.51 13.52 11.67
CA HIS B 82 -40.95 13.45 11.83
C HIS B 82 -41.37 12.10 12.39
N HIS B 83 -42.23 12.13 13.39
CA HIS B 83 -42.77 10.92 13.98
C HIS B 83 -43.97 10.42 13.19
N MET A 1 12.38 -9.18 3.12
CA MET A 1 12.32 -10.65 3.36
C MET A 1 11.76 -11.36 2.13
N PRO A 2 12.58 -12.18 1.46
CA PRO A 2 12.19 -12.92 0.28
C PRO A 2 11.46 -14.21 0.62
N GLN A 3 10.15 -14.20 0.46
CA GLN A 3 9.33 -15.38 0.68
C GLN A 3 9.37 -16.27 -0.56
N ILE A 4 9.30 -17.58 -0.37
CA ILE A 4 9.32 -18.51 -1.49
C ILE A 4 7.95 -18.56 -2.18
N SER A 5 7.66 -17.52 -2.94
CA SER A 5 6.42 -17.44 -3.70
C SER A 5 6.57 -16.41 -4.81
N ARG A 6 6.69 -16.88 -6.04
CA ARG A 6 6.82 -16.01 -7.19
C ARG A 6 5.50 -15.35 -7.53
N TYR A 7 4.46 -16.18 -7.62
CA TYR A 7 3.10 -15.76 -7.97
C TYR A 7 3.11 -14.91 -9.24
N SER A 8 3.28 -15.57 -10.38
CA SER A 8 3.32 -14.87 -11.66
C SER A 8 4.42 -13.81 -11.65
N ASP A 9 5.66 -14.26 -11.47
CA ASP A 9 6.82 -13.39 -11.35
C ASP A 9 6.94 -12.44 -12.55
N GLU A 10 6.54 -12.91 -13.72
CA GLU A 10 6.56 -12.07 -14.91
C GLU A 10 5.58 -10.91 -14.78
N GLN A 11 4.33 -11.25 -14.47
CA GLN A 11 3.28 -10.25 -14.32
C GLN A 11 3.61 -9.25 -13.22
N VAL A 12 4.08 -9.74 -12.08
CA VAL A 12 4.41 -8.89 -10.95
C VAL A 12 5.45 -7.85 -11.34
N GLU A 13 6.54 -8.30 -11.95
CA GLU A 13 7.60 -7.39 -12.36
C GLU A 13 7.12 -6.48 -13.49
N GLN A 14 6.31 -7.04 -14.38
CA GLN A 14 5.73 -6.26 -15.48
C GLN A 14 4.90 -5.11 -14.94
N LEU A 15 3.95 -5.43 -14.05
CA LEU A 15 3.08 -4.43 -13.46
C LEU A 15 3.88 -3.43 -12.63
N LEU A 16 4.95 -3.92 -12.02
CA LEU A 16 5.86 -3.07 -11.27
C LEU A 16 6.45 -2.00 -12.17
N ALA A 17 6.93 -2.42 -13.33
CA ALA A 17 7.50 -1.50 -14.30
C ALA A 17 6.45 -0.51 -14.82
N GLU A 18 5.22 -1.01 -14.97
CA GLU A 18 4.11 -0.16 -15.42
C GLU A 18 3.83 0.94 -14.40
N LEU A 19 3.69 0.54 -13.14
CA LEU A 19 3.40 1.49 -12.07
C LEU A 19 4.52 2.50 -11.90
N LEU A 20 5.75 2.02 -11.80
CA LEU A 20 6.91 2.88 -11.62
C LEU A 20 7.08 3.84 -12.80
N ASN A 21 6.62 3.41 -13.98
CA ASN A 21 6.68 4.25 -15.17
C ASN A 21 5.70 5.42 -15.04
N VAL A 22 4.51 5.14 -14.53
CA VAL A 22 3.50 6.18 -14.34
C VAL A 22 3.94 7.19 -13.27
N LEU A 23 4.49 6.66 -12.18
CA LEU A 23 4.99 7.52 -11.09
C LEU A 23 6.15 8.38 -11.59
N GLU A 24 7.11 7.76 -12.25
CA GLU A 24 8.29 8.46 -12.72
C GLU A 24 7.95 9.39 -13.89
N LYS A 25 6.82 9.13 -14.54
CA LYS A 25 6.33 9.99 -15.62
C LYS A 25 6.16 11.42 -15.13
N HIS A 26 5.75 11.55 -13.88
CA HIS A 26 5.53 12.86 -13.27
C HIS A 26 6.63 13.21 -12.28
N LYS A 27 7.24 12.17 -11.70
CA LYS A 27 8.24 12.32 -10.64
C LYS A 27 7.62 13.01 -9.43
N ALA A 28 6.95 12.23 -8.61
CA ALA A 28 6.29 12.74 -7.42
C ALA A 28 7.17 12.54 -6.18
N PRO A 29 7.03 13.41 -5.17
CA PRO A 29 7.76 13.27 -3.90
C PRO A 29 7.34 12.02 -3.14
N THR A 30 8.26 11.48 -2.34
CA THR A 30 8.02 10.25 -1.60
C THR A 30 6.78 10.35 -0.72
N ASP A 31 6.63 11.46 -0.01
CA ASP A 31 5.50 11.65 0.89
C ASP A 31 4.18 11.59 0.13
N LEU A 32 4.14 12.24 -1.03
CA LEU A 32 2.95 12.24 -1.87
C LEU A 32 2.69 10.84 -2.43
N SER A 33 3.77 10.17 -2.85
CA SER A 33 3.66 8.82 -3.39
C SER A 33 3.05 7.88 -2.35
N LEU A 34 3.47 8.02 -1.09
CA LEU A 34 2.94 7.22 0.00
C LEU A 34 1.44 7.46 0.17
N MET A 35 1.03 8.70 0.01
CA MET A 35 -0.38 9.05 0.14
C MET A 35 -1.20 8.45 -1.00
N VAL A 36 -0.71 8.61 -2.23
CA VAL A 36 -1.40 8.09 -3.41
C VAL A 36 -1.54 6.57 -3.32
N LEU A 37 -0.43 5.88 -3.04
CA LEU A 37 -0.46 4.43 -2.89
C LEU A 37 -1.37 4.01 -1.75
N GLY A 38 -1.31 4.77 -0.66
CA GLY A 38 -2.17 4.50 0.48
C GLY A 38 -3.63 4.58 0.11
N ASN A 39 -4.03 5.66 -0.54
CA ASN A 39 -5.41 5.84 -0.97
C ASN A 39 -5.80 4.79 -1.99
N MET A 40 -4.86 4.44 -2.86
CA MET A 40 -5.06 3.43 -3.89
C MET A 40 -5.46 2.10 -3.25
N VAL A 41 -4.63 1.62 -2.32
CA VAL A 41 -4.90 0.35 -1.64
C VAL A 41 -6.16 0.46 -0.79
N THR A 42 -6.29 1.56 -0.06
CA THR A 42 -7.46 1.78 0.80
C THR A 42 -8.75 1.73 -0.02
N ASN A 43 -8.74 2.37 -1.18
CA ASN A 43 -9.90 2.39 -2.05
C ASN A 43 -10.25 0.98 -2.50
N LEU A 44 -9.23 0.22 -2.91
CA LEU A 44 -9.41 -1.15 -3.38
C LEU A 44 -10.07 -2.02 -2.30
N ILE A 45 -9.58 -1.89 -1.07
CA ILE A 45 -10.11 -2.68 0.04
C ILE A 45 -11.57 -2.34 0.33
N ASN A 46 -11.93 -1.08 0.17
CA ASN A 46 -13.29 -0.63 0.46
C ASN A 46 -14.24 -0.90 -0.70
N THR A 47 -13.70 -1.07 -1.90
CA THR A 47 -14.53 -1.26 -3.07
C THR A 47 -14.68 -2.74 -3.44
N SER A 48 -13.58 -3.47 -3.42
CA SER A 48 -13.59 -4.87 -3.84
C SER A 48 -13.84 -5.80 -2.66
N ILE A 49 -13.12 -5.58 -1.57
CA ILE A 49 -13.23 -6.43 -0.41
C ILE A 49 -14.55 -6.19 0.31
N ALA A 50 -15.21 -7.27 0.73
CA ALA A 50 -16.46 -7.18 1.46
C ALA A 50 -16.26 -6.46 2.80
N PRO A 51 -17.11 -5.47 3.10
CA PRO A 51 -17.00 -4.64 4.31
C PRO A 51 -17.03 -5.48 5.58
N ALA A 52 -17.63 -6.67 5.49
CA ALA A 52 -17.72 -7.59 6.62
C ALA A 52 -16.33 -8.04 7.07
N GLN A 53 -15.43 -8.18 6.12
CA GLN A 53 -14.08 -8.65 6.40
C GLN A 53 -13.05 -7.61 5.94
N ARG A 54 -13.54 -6.41 5.68
CA ARG A 54 -12.71 -5.30 5.21
C ARG A 54 -11.56 -5.03 6.18
N GLN A 55 -11.91 -4.93 7.46
CA GLN A 55 -10.90 -4.67 8.48
C GLN A 55 -9.98 -5.87 8.66
N ALA A 56 -10.55 -7.07 8.56
CA ALA A 56 -9.77 -8.29 8.66
C ALA A 56 -8.70 -8.37 7.58
N ILE A 57 -9.05 -7.94 6.37
CA ILE A 57 -8.12 -7.92 5.26
C ILE A 57 -7.06 -6.84 5.48
N ALA A 58 -7.51 -5.66 5.90
CA ALA A 58 -6.62 -4.54 6.15
C ALA A 58 -5.62 -4.86 7.26
N ASN A 59 -6.13 -5.46 8.33
CA ASN A 59 -5.30 -5.84 9.46
C ASN A 59 -4.24 -6.85 9.01
N SER A 60 -4.67 -7.81 8.19
CA SER A 60 -3.79 -8.82 7.66
C SER A 60 -2.72 -8.19 6.76
N PHE A 61 -3.15 -7.29 5.88
CA PHE A 61 -2.24 -6.62 4.96
C PHE A 61 -1.22 -5.78 5.73
N ALA A 62 -1.68 -5.13 6.80
CA ALA A 62 -0.81 -4.33 7.65
C ALA A 62 0.32 -5.17 8.21
N ARG A 63 -0.03 -6.34 8.72
CA ARG A 63 0.96 -7.24 9.28
C ARG A 63 1.79 -7.91 8.19
N ALA A 64 1.19 -8.13 7.04
CA ALA A 64 1.91 -8.67 5.90
C ALA A 64 3.00 -7.70 5.46
N LEU A 65 2.71 -6.41 5.54
CA LEU A 65 3.68 -5.36 5.24
C LEU A 65 4.84 -5.43 6.24
N GLN A 66 4.52 -5.61 7.51
CA GLN A 66 5.52 -5.68 8.57
C GLN A 66 6.35 -6.96 8.45
N SER A 67 5.85 -7.91 7.68
CA SER A 67 6.54 -9.17 7.47
C SER A 67 7.39 -9.10 6.20
N SER A 68 6.95 -8.31 5.24
CA SER A 68 7.69 -8.11 4.00
C SER A 68 8.98 -7.37 4.28
N ILE A 69 8.90 -6.35 5.12
CA ILE A 69 10.09 -5.63 5.57
C ILE A 69 10.83 -6.47 6.59
N ASN A 70 12.15 -6.44 6.53
CA ASN A 70 12.97 -7.22 7.45
C ASN A 70 12.95 -6.63 8.85
N GLU A 71 11.91 -6.96 9.59
CA GLU A 71 11.81 -6.58 10.99
C GLU A 71 12.64 -7.55 11.82
N ASP A 72 13.56 -7.00 12.60
CA ASP A 72 14.48 -7.83 13.37
C ASP A 72 14.53 -7.39 14.83
N LYS A 73 15.57 -7.82 15.53
CA LYS A 73 15.69 -7.60 16.96
C LYS A 73 15.84 -6.12 17.30
N ALA A 74 16.92 -5.51 16.80
CA ALA A 74 17.25 -4.10 17.05
C ALA A 74 17.54 -3.86 18.54
N HIS A 75 17.66 -4.95 19.29
CA HIS A 75 17.91 -4.89 20.72
C HIS A 75 18.92 -5.97 21.11
N LEU A 76 19.77 -5.66 22.08
CA LEU A 76 20.76 -6.61 22.56
C LEU A 76 21.20 -6.23 23.97
N GLU A 77 21.48 -7.24 24.79
CA GLU A 77 21.90 -6.99 26.17
C GLU A 77 23.42 -6.93 26.28
N HIS A 78 23.91 -7.05 27.52
CA HIS A 78 25.35 -6.99 27.83
C HIS A 78 25.89 -5.58 27.62
N HIS A 79 25.66 -4.74 28.61
CA HIS A 79 26.22 -3.40 28.66
C HIS A 79 25.97 -2.81 30.04
N HIS A 80 26.32 -1.54 30.23
CA HIS A 80 26.16 -0.87 31.52
C HIS A 80 27.16 -1.44 32.54
N HIS A 81 27.23 -0.79 33.70
CA HIS A 81 28.15 -1.20 34.78
C HIS A 81 29.60 -1.06 34.33
N HIS A 82 29.78 -0.42 33.19
CA HIS A 82 31.09 -0.17 32.60
C HIS A 82 31.07 1.20 31.94
N HIS A 83 30.73 1.20 30.65
CA HIS A 83 30.62 2.42 29.87
C HIS A 83 29.94 2.11 28.54
N MET B 1 -13.53 5.58 6.59
CA MET B 1 -13.54 6.88 7.29
C MET B 1 -12.87 7.94 6.41
N PRO B 2 -13.58 9.04 6.12
CA PRO B 2 -13.09 10.09 5.22
C PRO B 2 -11.97 10.92 5.85
N GLN B 3 -10.78 10.80 5.29
CA GLN B 3 -9.65 11.64 5.69
C GLN B 3 -9.69 12.94 4.91
N ILE B 4 -10.32 13.95 5.48
CA ILE B 4 -10.52 15.22 4.81
C ILE B 4 -9.20 15.97 4.65
N SER B 5 -8.66 15.95 3.43
CA SER B 5 -7.47 16.69 3.10
C SER B 5 -7.27 16.63 1.58
N ARG B 6 -6.63 17.64 1.02
CA ARG B 6 -6.42 17.70 -0.41
C ARG B 6 -4.99 17.30 -0.78
N TYR B 7 -4.03 18.08 -0.28
CA TYR B 7 -2.62 17.86 -0.60
C TYR B 7 -2.44 17.95 -2.12
N SER B 8 -3.11 18.95 -2.71
CA SER B 8 -3.22 19.08 -4.16
C SER B 8 -3.94 17.87 -4.74
N ASP B 9 -5.23 17.77 -4.43
CA ASP B 9 -6.04 16.62 -4.80
C ASP B 9 -6.15 16.48 -6.31
N GLU B 10 -5.98 17.59 -7.03
CA GLU B 10 -6.01 17.56 -8.48
C GLU B 10 -4.86 16.72 -9.02
N GLN B 11 -3.73 16.79 -8.33
CA GLN B 11 -2.55 16.05 -8.74
C GLN B 11 -2.66 14.60 -8.28
N VAL B 12 -3.18 14.42 -7.07
CA VAL B 12 -3.37 13.09 -6.51
C VAL B 12 -4.35 12.29 -7.36
N GLU B 13 -5.48 12.90 -7.66
CA GLU B 13 -6.52 12.27 -8.48
C GLU B 13 -5.99 11.96 -9.87
N GLN B 14 -5.22 12.89 -10.42
CA GLN B 14 -4.61 12.71 -11.73
C GLN B 14 -3.72 11.47 -11.75
N LEU B 15 -2.86 11.36 -10.75
CA LEU B 15 -1.98 10.21 -10.62
C LEU B 15 -2.78 8.92 -10.41
N LEU B 16 -3.76 8.99 -9.52
CA LEU B 16 -4.58 7.84 -9.19
C LEU B 16 -5.34 7.34 -10.42
N ALA B 17 -5.89 8.27 -11.19
CA ALA B 17 -6.64 7.92 -12.39
C ALA B 17 -5.77 7.15 -13.38
N GLU B 18 -4.54 7.63 -13.57
CA GLU B 18 -3.60 6.96 -14.46
C GLU B 18 -3.30 5.55 -13.97
N LEU B 19 -3.06 5.42 -12.66
CA LEU B 19 -2.79 4.13 -12.06
C LEU B 19 -3.95 3.17 -12.24
N LEU B 20 -5.15 3.62 -11.89
CA LEU B 20 -6.35 2.79 -11.99
C LEU B 20 -6.57 2.32 -13.42
N ASN B 21 -6.31 3.20 -14.38
CA ASN B 21 -6.47 2.88 -15.79
C ASN B 21 -5.50 1.78 -16.21
N VAL B 22 -4.27 1.82 -15.69
CA VAL B 22 -3.28 0.79 -15.98
C VAL B 22 -3.74 -0.56 -15.44
N LEU B 23 -4.20 -0.58 -14.20
CA LEU B 23 -4.67 -1.81 -13.57
C LEU B 23 -5.91 -2.34 -14.26
N GLU B 24 -6.69 -1.43 -14.84
CA GLU B 24 -7.91 -1.81 -15.54
C GLU B 24 -7.59 -2.38 -16.91
N LYS B 25 -6.87 -1.61 -17.71
CA LYS B 25 -6.53 -1.99 -19.07
C LYS B 25 -5.67 -3.26 -19.10
N HIS B 26 -4.80 -3.41 -18.11
CA HIS B 26 -3.92 -4.56 -18.06
C HIS B 26 -4.58 -5.71 -17.31
N LYS B 27 -5.58 -5.37 -16.50
CA LYS B 27 -6.35 -6.34 -15.73
C LYS B 27 -5.50 -7.05 -14.68
N ALA B 28 -5.62 -6.59 -13.44
CA ALA B 28 -4.97 -7.23 -12.32
C ALA B 28 -5.97 -7.43 -11.19
N PRO B 29 -6.32 -8.70 -10.90
CA PRO B 29 -7.23 -9.05 -9.80
C PRO B 29 -6.66 -8.62 -8.44
N THR B 30 -7.50 -8.69 -7.41
CA THR B 30 -7.16 -8.19 -6.08
C THR B 30 -5.90 -8.86 -5.52
N ASP B 31 -5.88 -10.19 -5.53
CA ASP B 31 -4.75 -10.94 -5.00
C ASP B 31 -3.46 -10.60 -5.76
N LEU B 32 -3.56 -10.52 -7.08
CA LEU B 32 -2.41 -10.21 -7.92
C LEU B 32 -1.90 -8.78 -7.66
N SER B 33 -2.81 -7.82 -7.60
CA SER B 33 -2.43 -6.43 -7.41
C SER B 33 -1.81 -6.20 -6.03
N LEU B 34 -2.33 -6.90 -5.03
CA LEU B 34 -1.79 -6.81 -3.68
C LEU B 34 -0.36 -7.34 -3.64
N MET B 35 -0.08 -8.37 -4.42
CA MET B 35 1.28 -8.92 -4.52
C MET B 35 2.23 -7.88 -5.08
N VAL B 36 1.82 -7.22 -6.16
CA VAL B 36 2.64 -6.21 -6.81
C VAL B 36 2.83 -5.00 -5.90
N LEU B 37 1.71 -4.44 -5.42
CA LEU B 37 1.75 -3.25 -4.57
C LEU B 37 2.50 -3.55 -3.26
N GLY B 38 2.30 -4.73 -2.72
CA GLY B 38 2.97 -5.12 -1.50
C GLY B 38 4.48 -5.05 -1.63
N ASN B 39 5.00 -5.68 -2.68
CA ASN B 39 6.44 -5.65 -2.95
C ASN B 39 6.88 -4.23 -3.34
N MET B 40 6.01 -3.55 -4.07
CA MET B 40 6.29 -2.19 -4.54
C MET B 40 6.50 -1.24 -3.36
N VAL B 41 5.50 -1.14 -2.49
CA VAL B 41 5.55 -0.23 -1.35
C VAL B 41 6.71 -0.61 -0.42
N THR B 42 6.87 -1.91 -0.18
CA THR B 42 7.95 -2.39 0.67
C THR B 42 9.31 -1.97 0.12
N ASN B 43 9.52 -2.20 -1.17
CA ASN B 43 10.76 -1.85 -1.83
C ASN B 43 10.99 -0.34 -1.77
N LEU B 44 9.92 0.43 -1.94
CA LEU B 44 9.98 1.89 -1.87
C LEU B 44 10.45 2.35 -0.49
N ILE B 45 9.82 1.80 0.55
CA ILE B 45 10.18 2.14 1.93
C ILE B 45 11.61 1.70 2.23
N ASN B 46 11.99 0.53 1.73
CA ASN B 46 13.32 -0.01 1.96
C ASN B 46 14.40 0.88 1.35
N THR B 47 14.09 1.52 0.22
CA THR B 47 15.08 2.28 -0.52
C THR B 47 15.07 3.77 -0.15
N SER B 48 13.92 4.42 -0.34
CA SER B 48 13.83 5.87 -0.16
C SER B 48 13.83 6.27 1.32
N ILE B 49 13.12 5.52 2.15
CA ILE B 49 13.03 5.84 3.56
C ILE B 49 14.30 5.43 4.29
N ALA B 50 14.75 6.28 5.21
CA ALA B 50 15.96 6.00 5.99
C ALA B 50 15.79 4.72 6.80
N PRO B 51 16.76 3.79 6.69
CA PRO B 51 16.70 2.47 7.33
C PRO B 51 16.33 2.54 8.81
N ALA B 52 16.83 3.57 9.50
CA ALA B 52 16.63 3.71 10.93
C ALA B 52 15.15 3.94 11.30
N GLN B 53 14.38 4.47 10.36
CA GLN B 53 12.97 4.79 10.65
C GLN B 53 12.01 4.12 9.68
N ARG B 54 12.53 3.26 8.80
CA ARG B 54 11.67 2.54 7.84
C ARG B 54 10.54 1.82 8.57
N GLN B 55 10.90 1.15 9.66
CA GLN B 55 9.94 0.38 10.43
C GLN B 55 8.83 1.29 10.97
N ALA B 56 9.22 2.44 11.49
CA ALA B 56 8.28 3.38 12.08
C ALA B 56 7.33 3.92 11.01
N ILE B 57 7.88 4.29 9.86
CA ILE B 57 7.07 4.82 8.76
C ILE B 57 6.09 3.76 8.26
N ALA B 58 6.57 2.52 8.14
CA ALA B 58 5.73 1.42 7.70
C ALA B 58 4.61 1.15 8.70
N ASN B 59 4.97 1.16 9.98
CA ASN B 59 3.99 0.94 11.05
C ASN B 59 2.96 2.06 11.06
N SER B 60 3.41 3.28 10.89
CA SER B 60 2.53 4.43 10.84
C SER B 60 1.61 4.35 9.63
N PHE B 61 2.15 3.89 8.51
CA PHE B 61 1.36 3.69 7.30
C PHE B 61 0.29 2.63 7.54
N ALA B 62 0.70 1.55 8.18
CA ALA B 62 -0.21 0.46 8.51
C ALA B 62 -1.35 0.95 9.40
N ARG B 63 -1.00 1.69 10.44
CA ARG B 63 -1.99 2.22 11.37
C ARG B 63 -2.82 3.33 10.71
N ALA B 64 -2.23 4.03 9.75
CA ALA B 64 -2.97 5.01 8.97
C ALA B 64 -4.04 4.31 8.14
N LEU B 65 -3.70 3.14 7.62
CA LEU B 65 -4.65 2.29 6.92
C LEU B 65 -5.77 1.87 7.87
N GLN B 66 -5.40 1.57 9.11
CA GLN B 66 -6.37 1.15 10.12
C GLN B 66 -7.22 2.33 10.58
N SER B 67 -6.77 3.55 10.27
CA SER B 67 -7.50 4.75 10.61
C SER B 67 -8.41 5.15 9.44
N SER B 68 -7.99 4.80 8.24
CA SER B 68 -8.77 5.09 7.04
C SER B 68 -10.01 4.20 7.01
N ILE B 69 -9.88 3.02 7.58
CA ILE B 69 -11.00 2.11 7.71
C ILE B 69 -11.63 2.24 9.09
N ASN B 70 -12.94 2.11 9.17
CA ASN B 70 -13.66 2.26 10.42
C ASN B 70 -13.61 0.97 11.23
N GLU B 71 -12.93 1.01 12.36
CA GLU B 71 -12.86 -0.13 13.26
C GLU B 71 -14.21 -0.33 13.96
N ASP B 72 -14.61 -1.59 14.11
CA ASP B 72 -15.87 -1.93 14.73
C ASP B 72 -15.78 -1.82 16.25
N LYS B 73 -16.84 -1.34 16.87
CA LYS B 73 -16.87 -1.17 18.32
C LYS B 73 -18.16 -1.73 18.89
N ALA B 74 -18.75 -2.69 18.18
CA ALA B 74 -20.02 -3.25 18.59
C ALA B 74 -19.83 -4.31 19.67
N HIS B 75 -19.73 -3.86 20.92
CA HIS B 75 -19.66 -4.75 22.06
C HIS B 75 -20.59 -4.22 23.16
N LEU B 76 -21.66 -4.95 23.41
CA LEU B 76 -22.66 -4.50 24.36
C LEU B 76 -22.90 -5.55 25.45
N GLU B 77 -23.77 -5.21 26.38
CA GLU B 77 -24.12 -6.09 27.48
C GLU B 77 -25.59 -6.47 27.40
N HIS B 78 -26.19 -6.09 26.28
CA HIS B 78 -27.63 -6.24 26.07
C HIS B 78 -28.03 -7.70 25.93
N HIS B 79 -29.22 -8.00 26.44
CA HIS B 79 -29.87 -9.30 26.28
C HIS B 79 -29.21 -10.39 27.13
N HIS B 80 -28.09 -10.08 27.77
CA HIS B 80 -27.33 -11.12 28.48
C HIS B 80 -27.99 -11.49 29.81
N HIS B 81 -29.14 -10.90 30.10
CA HIS B 81 -29.94 -11.33 31.25
C HIS B 81 -31.42 -11.34 30.87
N HIS B 82 -31.68 -11.53 29.58
CA HIS B 82 -33.03 -11.63 29.07
C HIS B 82 -33.08 -12.72 28.01
N HIS B 83 -34.18 -13.47 27.97
CA HIS B 83 -34.33 -14.50 26.94
C HIS B 83 -35.11 -13.92 25.76
N MET A 1 12.20 -19.23 3.91
CA MET A 1 11.20 -19.26 2.82
C MET A 1 9.78 -19.27 3.37
N PRO A 2 9.10 -18.11 3.33
CA PRO A 2 7.73 -17.98 3.83
C PRO A 2 6.73 -18.77 2.97
N GLN A 3 6.79 -18.54 1.67
CA GLN A 3 5.90 -19.23 0.73
C GLN A 3 6.45 -19.09 -0.69
N ILE A 4 5.75 -19.67 -1.64
CA ILE A 4 6.06 -19.48 -3.05
C ILE A 4 4.86 -18.85 -3.76
N SER A 5 5.07 -17.72 -4.38
CA SER A 5 4.00 -17.01 -5.06
C SER A 5 3.62 -17.73 -6.35
N ARG A 6 2.33 -17.98 -6.52
CA ARG A 6 1.84 -18.70 -7.70
C ARG A 6 1.64 -17.76 -8.87
N TYR A 7 1.73 -16.46 -8.61
CA TYR A 7 1.72 -15.47 -9.66
C TYR A 7 3.13 -15.34 -10.21
N SER A 8 3.30 -15.68 -11.48
CA SER A 8 4.60 -15.65 -12.13
C SER A 8 5.28 -14.30 -11.93
N ASP A 9 6.58 -14.35 -11.67
CA ASP A 9 7.36 -13.13 -11.44
C ASP A 9 7.28 -12.19 -12.64
N GLU A 10 6.99 -12.75 -13.80
CA GLU A 10 6.73 -11.95 -15.00
C GLU A 10 5.64 -10.93 -14.72
N GLN A 11 4.48 -11.45 -14.35
CA GLN A 11 3.30 -10.63 -14.09
C GLN A 11 3.57 -9.60 -13.01
N VAL A 12 4.13 -10.06 -11.89
CA VAL A 12 4.41 -9.19 -10.76
C VAL A 12 5.36 -8.06 -11.16
N GLU A 13 6.44 -8.42 -11.83
CA GLU A 13 7.46 -7.46 -12.23
C GLU A 13 6.90 -6.45 -13.23
N GLN A 14 6.27 -6.95 -14.29
CA GLN A 14 5.78 -6.08 -15.34
C GLN A 14 4.71 -5.11 -14.82
N LEU A 15 3.87 -5.60 -13.91
CA LEU A 15 2.83 -4.78 -13.31
C LEU A 15 3.47 -3.69 -12.44
N LEU A 16 4.37 -4.10 -11.57
CA LEU A 16 5.04 -3.18 -10.65
C LEU A 16 5.90 -2.16 -11.42
N ALA A 17 6.68 -2.66 -12.36
CA ALA A 17 7.58 -1.82 -13.14
C ALA A 17 6.83 -0.78 -13.94
N GLU A 18 5.68 -1.17 -14.47
CA GLU A 18 4.87 -0.26 -15.28
C GLU A 18 4.25 0.81 -14.40
N LEU A 19 3.87 0.44 -13.17
CA LEU A 19 3.36 1.41 -12.21
C LEU A 19 4.45 2.41 -11.84
N LEU A 20 5.65 1.89 -11.61
CA LEU A 20 6.82 2.75 -11.33
C LEU A 20 7.10 3.64 -12.53
N ASN A 21 6.95 3.07 -13.73
CA ASN A 21 7.11 3.83 -14.97
C ASN A 21 6.20 5.05 -14.98
N VAL A 22 4.95 4.85 -14.61
CA VAL A 22 3.97 5.93 -14.55
C VAL A 22 4.37 6.99 -13.53
N LEU A 23 4.70 6.54 -12.32
CA LEU A 23 5.05 7.47 -11.24
C LEU A 23 6.34 8.21 -11.56
N GLU A 24 7.31 7.51 -12.12
CA GLU A 24 8.58 8.12 -12.51
C GLU A 24 8.38 9.08 -13.68
N LYS A 25 7.37 8.80 -14.49
CA LYS A 25 7.05 9.63 -15.64
C LYS A 25 6.53 11.00 -15.20
N HIS A 26 5.77 11.02 -14.12
CA HIS A 26 5.19 12.25 -13.61
C HIS A 26 6.09 12.87 -12.54
N LYS A 27 7.05 12.07 -12.06
CA LYS A 27 7.95 12.45 -10.97
C LYS A 27 7.16 12.68 -9.69
N ALA A 28 6.96 11.60 -8.94
CA ALA A 28 6.18 11.64 -7.72
C ALA A 28 7.09 11.63 -6.50
N PRO A 29 6.92 12.60 -5.60
CA PRO A 29 7.66 12.67 -4.33
C PRO A 29 7.25 11.54 -3.39
N THR A 30 8.15 11.18 -2.48
CA THR A 30 7.90 10.09 -1.53
C THR A 30 6.65 10.35 -0.70
N ASP A 31 6.52 11.58 -0.23
CA ASP A 31 5.38 12.00 0.58
C ASP A 31 4.08 11.75 -0.17
N LEU A 32 4.04 12.18 -1.42
CA LEU A 32 2.85 12.05 -2.25
C LEU A 32 2.60 10.60 -2.62
N SER A 33 3.68 9.87 -2.90
CA SER A 33 3.57 8.47 -3.29
C SER A 33 2.85 7.66 -2.20
N LEU A 34 3.32 7.78 -0.97
CA LEU A 34 2.72 7.06 0.16
C LEU A 34 1.31 7.56 0.43
N MET A 35 1.07 8.84 0.16
CA MET A 35 -0.24 9.43 0.35
C MET A 35 -1.24 8.87 -0.66
N VAL A 36 -0.86 8.87 -1.92
CA VAL A 36 -1.72 8.36 -2.99
C VAL A 36 -1.98 6.87 -2.81
N LEU A 37 -0.91 6.10 -2.61
CA LEU A 37 -1.02 4.65 -2.43
C LEU A 37 -1.86 4.32 -1.20
N GLY A 38 -1.69 5.10 -0.13
CA GLY A 38 -2.43 4.88 1.08
C GLY A 38 -3.93 5.00 0.87
N ASN A 39 -4.36 6.11 0.29
CA ASN A 39 -5.77 6.35 0.01
C ASN A 39 -6.27 5.37 -1.05
N MET A 40 -5.39 5.02 -1.98
CA MET A 40 -5.71 4.08 -3.05
C MET A 40 -6.04 2.71 -2.47
N VAL A 41 -5.10 2.14 -1.71
CA VAL A 41 -5.30 0.83 -1.08
C VAL A 41 -6.51 0.87 -0.15
N THR A 42 -6.68 1.99 0.54
CA THR A 42 -7.82 2.16 1.44
C THR A 42 -9.14 1.91 0.72
N ASN A 43 -9.43 2.69 -0.31
CA ASN A 43 -10.72 2.61 -0.97
C ASN A 43 -10.81 1.34 -1.82
N LEU A 44 -9.66 0.84 -2.25
CA LEU A 44 -9.60 -0.41 -3.00
C LEU A 44 -10.15 -1.55 -2.15
N ILE A 45 -9.56 -1.74 -0.97
CA ILE A 45 -10.01 -2.77 -0.05
C ILE A 45 -11.41 -2.42 0.47
N ASN A 46 -11.68 -1.13 0.58
CA ASN A 46 -12.95 -0.63 1.08
C ASN A 46 -14.13 -1.08 0.20
N THR A 47 -13.93 -1.07 -1.11
CA THR A 47 -15.02 -1.34 -2.05
C THR A 47 -14.88 -2.69 -2.75
N SER A 48 -13.67 -3.08 -3.10
CA SER A 48 -13.45 -4.30 -3.87
C SER A 48 -13.49 -5.53 -2.96
N ILE A 49 -13.17 -5.33 -1.69
CA ILE A 49 -13.17 -6.42 -0.72
C ILE A 49 -14.47 -6.41 0.08
N ALA A 50 -14.86 -7.60 0.57
CA ALA A 50 -16.09 -7.74 1.36
C ALA A 50 -16.15 -6.75 2.52
N PRO A 51 -17.33 -6.14 2.73
CA PRO A 51 -17.52 -5.03 3.68
C PRO A 51 -17.00 -5.30 5.09
N ALA A 52 -17.16 -6.52 5.58
CA ALA A 52 -16.80 -6.82 6.97
C ALA A 52 -15.33 -7.21 7.09
N GLN A 53 -14.92 -8.23 6.35
CA GLN A 53 -13.57 -8.77 6.48
C GLN A 53 -12.52 -7.90 5.78
N ARG A 54 -12.94 -6.76 5.26
CA ARG A 54 -12.01 -5.87 4.57
C ARG A 54 -11.00 -5.28 5.57
N GLN A 55 -11.39 -5.20 6.83
CA GLN A 55 -10.47 -4.76 7.87
C GLN A 55 -9.49 -5.87 8.22
N ALA A 56 -9.94 -7.12 8.11
CA ALA A 56 -9.09 -8.26 8.39
C ALA A 56 -7.94 -8.32 7.40
N ILE A 57 -8.24 -8.07 6.14
CA ILE A 57 -7.22 -8.02 5.10
C ILE A 57 -6.31 -6.81 5.30
N ALA A 58 -6.89 -5.72 5.79
CA ALA A 58 -6.09 -4.55 6.15
C ALA A 58 -5.09 -4.89 7.25
N ASN A 59 -5.54 -5.71 8.21
CA ASN A 59 -4.67 -6.21 9.26
C ASN A 59 -3.58 -7.11 8.66
N SER A 60 -4.00 -7.94 7.71
CA SER A 60 -3.09 -8.86 7.05
C SER A 60 -2.02 -8.10 6.28
N PHE A 61 -2.42 -6.99 5.66
CA PHE A 61 -1.50 -6.15 4.91
C PHE A 61 -0.43 -5.58 5.85
N ALA A 62 -0.87 -5.11 7.01
CA ALA A 62 0.05 -4.60 8.03
C ALA A 62 1.01 -5.70 8.48
N ARG A 63 0.43 -6.84 8.84
CA ARG A 63 1.20 -8.01 9.23
C ARG A 63 2.23 -8.38 8.16
N ALA A 64 1.82 -8.32 6.91
CA ALA A 64 2.69 -8.66 5.79
C ALA A 64 3.92 -7.74 5.75
N LEU A 65 3.68 -6.44 5.83
CA LEU A 65 4.76 -5.46 5.80
C LEU A 65 5.72 -5.64 6.96
N GLN A 66 5.19 -6.02 8.11
CA GLN A 66 6.01 -6.23 9.30
C GLN A 66 6.76 -7.56 9.22
N SER A 67 6.38 -8.38 8.26
CA SER A 67 7.05 -9.66 8.04
C SER A 67 8.11 -9.53 6.95
N SER A 68 7.82 -8.71 5.95
CA SER A 68 8.76 -8.45 4.87
C SER A 68 9.86 -7.51 5.32
N ILE A 69 9.47 -6.42 5.97
CA ILE A 69 10.44 -5.48 6.52
C ILE A 69 10.91 -5.96 7.89
N ASN A 70 12.07 -6.60 7.91
CA ASN A 70 12.62 -7.16 9.14
C ASN A 70 12.93 -6.05 10.15
N GLU A 71 12.62 -6.29 11.41
CA GLU A 71 12.81 -5.30 12.45
C GLU A 71 14.29 -5.09 12.77
N ASP A 72 15.10 -6.10 12.48
CA ASP A 72 16.53 -6.02 12.70
C ASP A 72 17.17 -5.20 11.58
N LYS A 73 18.31 -4.58 11.87
CA LYS A 73 19.00 -3.74 10.89
C LYS A 73 19.62 -4.57 9.78
N ALA A 74 19.69 -5.89 10.01
CA ALA A 74 20.19 -6.86 9.04
C ALA A 74 21.71 -6.80 8.91
N HIS A 75 22.28 -7.91 8.49
CA HIS A 75 23.72 -8.01 8.26
C HIS A 75 24.01 -9.00 7.14
N LEU A 76 23.23 -10.09 7.13
CA LEU A 76 23.39 -11.17 6.16
C LEU A 76 24.69 -11.93 6.42
N GLU A 77 24.73 -13.17 5.96
CA GLU A 77 25.93 -13.97 6.08
C GLU A 77 26.75 -13.85 4.81
N HIS A 78 28.07 -13.94 4.94
CA HIS A 78 28.95 -13.80 3.79
C HIS A 78 28.96 -15.07 2.97
N HIS A 79 28.34 -15.02 1.81
CA HIS A 79 28.31 -16.16 0.90
C HIS A 79 29.70 -16.40 0.33
N HIS A 80 30.48 -15.33 0.27
CA HIS A 80 31.90 -15.40 -0.06
C HIS A 80 32.63 -14.21 0.56
N HIS A 81 33.12 -13.30 -0.30
CA HIS A 81 33.94 -12.16 0.10
C HIS A 81 35.25 -12.63 0.76
N HIS A 82 35.12 -13.22 1.93
CA HIS A 82 36.25 -13.81 2.62
C HIS A 82 35.88 -15.22 3.05
N HIS A 83 36.09 -16.16 2.14
CA HIS A 83 35.69 -17.54 2.35
C HIS A 83 36.28 -18.40 1.24
N MET B 1 -13.66 18.17 10.01
CA MET B 1 -12.47 18.68 9.29
C MET B 1 -11.41 17.59 9.16
N PRO B 2 -11.18 17.11 7.94
CA PRO B 2 -10.15 16.11 7.67
C PRO B 2 -8.78 16.75 7.44
N GLN B 3 -7.75 15.92 7.34
CA GLN B 3 -6.41 16.39 7.03
C GLN B 3 -6.31 16.61 5.52
N ILE B 4 -6.53 17.85 5.10
CA ILE B 4 -6.55 18.18 3.68
C ILE B 4 -5.13 18.44 3.17
N SER B 5 -4.24 18.84 4.07
CA SER B 5 -2.85 19.19 3.75
C SER B 5 -2.79 20.23 2.63
N ARG B 6 -1.61 20.43 2.05
CA ARG B 6 -1.45 21.40 0.99
C ARG B 6 -1.13 20.73 -0.34
N TYR B 7 -1.58 19.50 -0.49
CA TYR B 7 -1.45 18.80 -1.75
C TYR B 7 -2.70 19.04 -2.60
N SER B 8 -2.54 19.10 -3.91
CA SER B 8 -3.65 19.34 -4.81
C SER B 8 -4.36 18.04 -5.15
N ASP B 9 -5.66 17.99 -4.91
CA ASP B 9 -6.45 16.80 -5.20
C ASP B 9 -6.54 16.57 -6.71
N GLU B 10 -6.37 17.64 -7.49
CA GLU B 10 -6.35 17.53 -8.94
C GLU B 10 -5.17 16.66 -9.37
N GLN B 11 -4.03 16.88 -8.74
CA GLN B 11 -2.82 16.13 -9.04
C GLN B 11 -2.96 14.69 -8.60
N VAL B 12 -3.52 14.48 -7.41
CA VAL B 12 -3.78 13.15 -6.89
C VAL B 12 -4.71 12.39 -7.84
N GLU B 13 -5.78 13.07 -8.27
CA GLU B 13 -6.73 12.49 -9.21
C GLU B 13 -6.05 12.13 -10.52
N GLN B 14 -5.15 13.00 -10.98
CA GLN B 14 -4.41 12.77 -12.21
C GLN B 14 -3.63 11.46 -12.13
N LEU B 15 -2.88 11.29 -11.05
CA LEU B 15 -2.13 10.06 -10.83
C LEU B 15 -3.06 8.88 -10.65
N LEU B 16 -4.06 9.05 -9.80
CA LEU B 16 -5.00 7.98 -9.46
C LEU B 16 -5.70 7.47 -10.72
N ALA B 17 -6.21 8.38 -11.53
CA ALA B 17 -6.94 8.02 -12.73
C ALA B 17 -6.05 7.28 -13.71
N GLU B 18 -4.82 7.75 -13.87
CA GLU B 18 -3.88 7.14 -14.81
C GLU B 18 -3.42 5.78 -14.30
N LEU B 19 -3.17 5.67 -13.00
CA LEU B 19 -2.76 4.41 -12.39
C LEU B 19 -3.87 3.36 -12.56
N LEU B 20 -5.09 3.74 -12.22
CA LEU B 20 -6.23 2.84 -12.38
C LEU B 20 -6.46 2.51 -13.84
N ASN B 21 -6.19 3.47 -14.72
CA ASN B 21 -6.27 3.25 -16.16
C ASN B 21 -5.29 2.18 -16.58
N VAL B 22 -4.05 2.29 -16.13
CA VAL B 22 -3.01 1.29 -16.41
C VAL B 22 -3.46 -0.09 -15.96
N LEU B 23 -4.04 -0.15 -14.76
CA LEU B 23 -4.57 -1.39 -14.21
C LEU B 23 -5.67 -1.95 -15.12
N GLU B 24 -6.51 -1.07 -15.65
CA GLU B 24 -7.60 -1.48 -16.53
C GLU B 24 -7.11 -1.83 -17.93
N LYS B 25 -5.96 -1.28 -18.31
CA LYS B 25 -5.37 -1.61 -19.62
C LYS B 25 -5.03 -3.09 -19.68
N HIS B 26 -4.57 -3.62 -18.56
CA HIS B 26 -4.20 -5.02 -18.48
C HIS B 26 -5.35 -5.85 -17.94
N LYS B 27 -6.03 -5.30 -16.93
CA LYS B 27 -7.10 -6.00 -16.22
C LYS B 27 -6.55 -7.16 -15.41
N ALA B 28 -6.08 -6.84 -14.21
CA ALA B 28 -5.52 -7.83 -13.32
C ALA B 28 -6.37 -7.95 -12.07
N PRO B 29 -6.37 -9.14 -11.43
CA PRO B 29 -7.15 -9.37 -10.20
C PRO B 29 -6.69 -8.48 -9.04
N THR B 30 -7.60 -8.21 -8.12
CA THR B 30 -7.30 -7.41 -6.95
C THR B 30 -6.26 -8.12 -6.09
N ASP B 31 -6.30 -9.45 -6.10
CA ASP B 31 -5.32 -10.28 -5.40
C ASP B 31 -3.90 -9.92 -5.83
N LEU B 32 -3.70 -9.86 -7.14
CA LEU B 32 -2.39 -9.52 -7.70
C LEU B 32 -2.06 -8.07 -7.37
N SER B 33 -3.02 -7.19 -7.58
CA SER B 33 -2.83 -5.76 -7.37
C SER B 33 -2.38 -5.47 -5.94
N LEU B 34 -3.05 -6.06 -4.96
CA LEU B 34 -2.70 -5.85 -3.55
C LEU B 34 -1.31 -6.38 -3.25
N MET B 35 -0.97 -7.53 -3.82
CA MET B 35 0.34 -8.12 -3.59
C MET B 35 1.44 -7.24 -4.17
N VAL B 36 1.22 -6.75 -5.39
CA VAL B 36 2.17 -5.86 -6.04
C VAL B 36 2.39 -4.59 -5.21
N LEU B 37 1.29 -4.03 -4.71
CA LEU B 37 1.37 -2.84 -3.87
C LEU B 37 2.12 -3.13 -2.58
N GLY B 38 1.83 -4.28 -1.97
CA GLY B 38 2.53 -4.68 -0.76
C GLY B 38 4.02 -4.82 -0.97
N ASN B 39 4.39 -5.43 -2.09
CA ASN B 39 5.80 -5.57 -2.45
C ASN B 39 6.41 -4.21 -2.74
N MET B 40 5.65 -3.37 -3.43
CA MET B 40 6.09 -2.02 -3.76
C MET B 40 6.39 -1.21 -2.50
N VAL B 41 5.41 -1.13 -1.60
CA VAL B 41 5.55 -0.35 -0.36
C VAL B 41 6.75 -0.84 0.45
N THR B 42 6.89 -2.16 0.57
CA THR B 42 8.00 -2.76 1.30
C THR B 42 9.35 -2.29 0.73
N ASN B 43 9.48 -2.37 -0.58
CA ASN B 43 10.73 -2.02 -1.25
C ASN B 43 10.94 -0.50 -1.21
N LEU B 44 9.88 0.24 -1.51
CA LEU B 44 9.94 1.69 -1.62
C LEU B 44 10.48 2.33 -0.33
N ILE B 45 9.90 1.95 0.80
CA ILE B 45 10.27 2.55 2.08
C ILE B 45 11.73 2.24 2.44
N ASN B 46 12.14 1.00 2.23
CA ASN B 46 13.48 0.56 2.60
C ASN B 46 14.56 1.24 1.75
N THR B 47 14.23 1.58 0.52
CA THR B 47 15.20 2.13 -0.41
C THR B 47 15.24 3.66 -0.37
N SER B 48 14.07 4.29 -0.45
CA SER B 48 14.01 5.75 -0.52
C SER B 48 14.11 6.38 0.87
N ILE B 49 13.48 5.74 1.85
CA ILE B 49 13.45 6.27 3.20
C ILE B 49 14.62 5.70 4.00
N ALA B 50 15.10 6.45 4.98
CA ALA B 50 16.20 6.01 5.85
C ALA B 50 15.87 4.66 6.49
N PRO B 51 16.74 3.66 6.28
CA PRO B 51 16.52 2.28 6.75
C PRO B 51 16.48 2.17 8.28
N ALA B 52 16.70 3.27 8.97
CA ALA B 52 16.64 3.29 10.42
C ALA B 52 15.20 3.43 10.90
N GLN B 53 14.36 4.03 10.08
CA GLN B 53 12.97 4.27 10.47
C GLN B 53 12.00 3.66 9.46
N ARG B 54 12.53 2.81 8.58
CA ARG B 54 11.72 2.15 7.55
C ARG B 54 10.52 1.42 8.16
N GLN B 55 10.75 0.77 9.31
CA GLN B 55 9.69 0.03 9.98
C GLN B 55 8.66 1.00 10.57
N ALA B 56 9.15 2.09 11.15
CA ALA B 56 8.29 3.09 11.76
C ALA B 56 7.34 3.70 10.73
N ILE B 57 7.87 3.97 9.54
CA ILE B 57 7.07 4.51 8.44
C ILE B 57 6.01 3.50 8.02
N ALA B 58 6.43 2.25 7.84
CA ALA B 58 5.50 1.18 7.47
C ALA B 58 4.45 0.97 8.55
N ASN B 59 4.88 1.09 9.80
CA ASN B 59 3.97 0.95 10.93
C ASN B 59 2.95 2.09 10.93
N SER B 60 3.41 3.30 10.63
CA SER B 60 2.54 4.45 10.54
C SER B 60 1.53 4.27 9.40
N PHE B 61 2.01 3.76 8.27
CA PHE B 61 1.16 3.46 7.13
C PHE B 61 0.08 2.46 7.52
N ALA B 62 0.49 1.44 8.26
CA ALA B 62 -0.43 0.42 8.75
C ALA B 62 -1.49 1.02 9.68
N ARG B 63 -1.07 1.96 10.53
CA ARG B 63 -2.00 2.64 11.43
C ARG B 63 -3.04 3.41 10.63
N ALA B 64 -2.57 4.14 9.64
CA ALA B 64 -3.44 4.97 8.80
C ALA B 64 -4.46 4.12 8.05
N LEU B 65 -3.98 3.03 7.44
CA LEU B 65 -4.83 2.13 6.67
C LEU B 65 -5.97 1.58 7.52
N GLN B 66 -5.66 1.21 8.75
CA GLN B 66 -6.64 0.63 9.66
C GLN B 66 -7.55 1.71 10.25
N SER B 67 -7.21 2.96 10.01
CA SER B 67 -8.01 4.09 10.48
C SER B 67 -8.92 4.61 9.37
N SER B 68 -8.43 4.57 8.15
CA SER B 68 -9.20 5.05 7.00
C SER B 68 -10.31 4.07 6.64
N ILE B 69 -10.00 2.77 6.71
CA ILE B 69 -11.01 1.75 6.51
C ILE B 69 -11.86 1.62 7.77
N ASN B 70 -12.94 2.40 7.82
CA ASN B 70 -13.78 2.51 9.01
C ASN B 70 -14.63 1.26 9.22
N GLU B 71 -15.15 1.15 10.43
CA GLU B 71 -16.04 0.06 10.80
C GLU B 71 -17.38 0.62 11.25
N ASP B 72 -17.65 1.86 10.87
CA ASP B 72 -18.86 2.55 11.26
C ASP B 72 -20.07 1.98 10.54
N LYS B 73 -21.13 1.70 11.29
CA LYS B 73 -22.34 1.13 10.73
C LYS B 73 -23.50 2.12 10.76
N ALA B 74 -23.17 3.41 10.76
CA ALA B 74 -24.19 4.45 10.67
C ALA B 74 -24.47 4.79 9.22
N HIS B 75 -23.73 4.11 8.33
CA HIS B 75 -23.89 4.24 6.88
C HIS B 75 -23.35 5.58 6.39
N LEU B 76 -23.23 5.71 5.07
CA LEU B 76 -22.93 7.00 4.48
C LEU B 76 -24.17 7.87 4.54
N GLU B 77 -24.16 8.82 5.46
CA GLU B 77 -25.34 9.62 5.75
C GLU B 77 -25.82 10.40 4.54
N HIS B 78 -27.08 10.25 4.22
CA HIS B 78 -27.74 11.12 3.27
C HIS B 78 -28.48 12.17 4.06
N HIS B 79 -27.91 13.38 4.09
CA HIS B 79 -28.30 14.41 5.05
C HIS B 79 -29.80 14.68 5.04
N HIS B 80 -30.39 14.87 3.87
CA HIS B 80 -31.78 15.28 3.79
C HIS B 80 -32.69 14.14 3.37
N HIS B 81 -33.68 13.87 4.21
CA HIS B 81 -34.76 12.93 3.88
C HIS B 81 -36.08 13.61 4.17
N HIS B 82 -36.35 13.83 5.44
CA HIS B 82 -37.45 14.70 5.85
C HIS B 82 -36.85 15.95 6.47
N HIS B 83 -35.87 15.71 7.33
CA HIS B 83 -35.04 16.77 7.86
C HIS B 83 -33.83 16.95 6.95
N MET A 1 12.95 -18.24 0.02
CA MET A 1 12.17 -19.44 -0.36
C MET A 1 10.75 -19.03 -0.75
N PRO A 2 10.19 -19.66 -1.79
CA PRO A 2 8.82 -19.39 -2.22
C PRO A 2 7.81 -19.96 -1.22
N GLN A 3 7.18 -19.07 -0.46
CA GLN A 3 6.16 -19.47 0.49
C GLN A 3 4.87 -19.87 -0.24
N ILE A 4 4.00 -18.89 -0.46
CA ILE A 4 2.77 -19.12 -1.20
C ILE A 4 2.82 -18.40 -2.54
N SER A 5 3.93 -17.72 -2.78
CA SER A 5 4.12 -16.98 -4.01
C SER A 5 4.55 -17.90 -5.13
N ARG A 6 3.57 -18.38 -5.88
CA ARG A 6 3.83 -19.23 -7.04
C ARG A 6 3.63 -18.43 -8.31
N TYR A 7 3.72 -17.12 -8.19
CA TYR A 7 3.59 -16.22 -9.33
C TYR A 7 4.91 -16.16 -10.09
N SER A 8 4.87 -15.66 -11.31
CA SER A 8 6.07 -15.56 -12.13
C SER A 8 6.78 -14.24 -11.90
N ASP A 9 8.11 -14.30 -11.84
CA ASP A 9 8.96 -13.12 -11.65
C ASP A 9 8.60 -12.03 -12.66
N GLU A 10 8.50 -12.43 -13.91
CA GLU A 10 8.21 -11.51 -15.01
C GLU A 10 6.96 -10.68 -14.73
N GLN A 11 5.84 -11.35 -14.50
CA GLN A 11 4.56 -10.67 -14.36
C GLN A 11 4.58 -9.67 -13.20
N VAL A 12 5.23 -10.07 -12.11
CA VAL A 12 5.35 -9.20 -10.95
C VAL A 12 6.15 -7.94 -11.30
N GLU A 13 7.29 -8.11 -11.96
CA GLU A 13 8.13 -6.98 -12.34
C GLU A 13 7.45 -6.11 -13.40
N GLN A 14 6.75 -6.75 -14.34
CA GLN A 14 6.09 -6.03 -15.43
C GLN A 14 5.01 -5.09 -14.90
N LEU A 15 4.16 -5.60 -14.00
CA LEU A 15 3.09 -4.80 -13.43
C LEU A 15 3.68 -3.75 -12.48
N LEU A 16 4.77 -4.12 -11.82
CA LEU A 16 5.49 -3.19 -10.95
C LEU A 16 6.00 -2.00 -11.78
N ALA A 17 6.47 -2.27 -12.99
CA ALA A 17 6.95 -1.24 -13.88
C ALA A 17 5.81 -0.33 -14.34
N GLU A 18 4.61 -0.90 -14.47
CA GLU A 18 3.42 -0.12 -14.82
C GLU A 18 3.22 1.00 -13.80
N LEU A 19 3.27 0.62 -12.53
CA LEU A 19 3.08 1.56 -11.44
C LEU A 19 4.24 2.55 -11.37
N LEU A 20 5.44 2.08 -11.67
CA LEU A 20 6.63 2.93 -11.69
C LEU A 20 6.55 3.94 -12.83
N ASN A 21 5.96 3.53 -13.95
CA ASN A 21 5.76 4.42 -15.08
C ASN A 21 4.90 5.60 -14.65
N VAL A 22 3.86 5.31 -13.88
CA VAL A 22 3.00 6.36 -13.32
C VAL A 22 3.79 7.26 -12.38
N LEU A 23 4.51 6.63 -11.45
CA LEU A 23 5.26 7.34 -10.43
C LEU A 23 6.33 8.24 -11.06
N GLU A 24 7.21 7.66 -11.85
CA GLU A 24 8.34 8.39 -12.42
C GLU A 24 7.90 9.47 -13.40
N LYS A 25 6.81 9.24 -14.11
CA LYS A 25 6.35 10.17 -15.14
C LYS A 25 5.88 11.50 -14.53
N HIS A 26 5.39 11.44 -13.29
CA HIS A 26 4.97 12.66 -12.59
C HIS A 26 6.01 13.05 -11.55
N LYS A 27 6.83 12.08 -11.17
CA LYS A 27 7.84 12.24 -10.13
C LYS A 27 7.20 12.68 -8.82
N ALA A 28 6.65 11.71 -8.10
CA ALA A 28 6.01 12.00 -6.82
C ALA A 28 7.00 11.79 -5.68
N PRO A 29 7.22 12.82 -4.87
CA PRO A 29 8.07 12.73 -3.68
C PRO A 29 7.45 11.84 -2.61
N THR A 30 8.19 11.57 -1.54
CA THR A 30 7.76 10.62 -0.53
C THR A 30 6.41 10.96 0.08
N ASP A 31 6.17 12.23 0.37
CA ASP A 31 4.89 12.67 0.95
C ASP A 31 3.74 12.37 -0.02
N LEU A 32 3.95 12.72 -1.28
CA LEU A 32 2.91 12.57 -2.29
C LEU A 32 2.72 11.10 -2.66
N SER A 33 3.81 10.38 -2.78
CA SER A 33 3.77 8.97 -3.16
C SER A 33 2.97 8.16 -2.14
N LEU A 34 3.33 8.30 -0.87
CA LEU A 34 2.64 7.58 0.20
C LEU A 34 1.17 8.01 0.25
N MET A 35 0.91 9.27 -0.04
CA MET A 35 -0.44 9.80 -0.06
C MET A 35 -1.28 9.13 -1.14
N VAL A 36 -0.78 9.14 -2.37
CA VAL A 36 -1.51 8.57 -3.50
C VAL A 36 -1.69 7.06 -3.34
N LEU A 37 -0.60 6.38 -2.99
CA LEU A 37 -0.63 4.94 -2.81
C LEU A 37 -1.55 4.56 -1.65
N GLY A 38 -1.47 5.30 -0.57
CA GLY A 38 -2.30 5.06 0.60
C GLY A 38 -3.77 5.14 0.26
N ASN A 39 -4.15 6.17 -0.49
CA ASN A 39 -5.53 6.35 -0.92
C ASN A 39 -5.98 5.17 -1.78
N MET A 40 -5.12 4.76 -2.69
CA MET A 40 -5.42 3.66 -3.61
C MET A 40 -5.63 2.35 -2.85
N VAL A 41 -4.72 2.02 -1.95
CA VAL A 41 -4.83 0.79 -1.18
C VAL A 41 -6.06 0.81 -0.27
N THR A 42 -6.27 1.94 0.40
CA THR A 42 -7.44 2.11 1.26
C THR A 42 -8.73 1.95 0.46
N ASN A 43 -8.77 2.57 -0.71
CA ASN A 43 -9.94 2.50 -1.58
C ASN A 43 -10.21 1.05 -1.99
N LEU A 44 -9.17 0.36 -2.41
CA LEU A 44 -9.28 -1.03 -2.86
C LEU A 44 -9.90 -1.92 -1.78
N ILE A 45 -9.41 -1.77 -0.56
CA ILE A 45 -9.85 -2.61 0.55
C ILE A 45 -11.28 -2.30 0.97
N ASN A 46 -11.74 -1.08 0.72
CA ASN A 46 -13.08 -0.68 1.15
C ASN A 46 -14.13 -0.91 0.07
N THR A 47 -13.76 -0.80 -1.19
CA THR A 47 -14.74 -0.90 -2.27
C THR A 47 -14.65 -2.22 -3.03
N SER A 48 -13.44 -2.71 -3.26
CA SER A 48 -13.26 -3.93 -4.03
C SER A 48 -13.26 -5.16 -3.12
N ILE A 49 -12.70 -4.99 -1.93
CA ILE A 49 -12.70 -6.06 -0.94
C ILE A 49 -14.06 -6.13 -0.26
N ALA A 50 -14.52 -7.35 0.02
CA ALA A 50 -15.80 -7.57 0.68
C ALA A 50 -15.89 -6.76 1.98
N PRO A 51 -16.83 -5.79 2.02
CA PRO A 51 -16.96 -4.87 3.15
C PRO A 51 -17.19 -5.58 4.48
N ALA A 52 -17.75 -6.78 4.42
CA ALA A 52 -18.04 -7.58 5.61
C ALA A 52 -16.76 -7.96 6.36
N GLN A 53 -15.63 -7.88 5.67
CA GLN A 53 -14.36 -8.33 6.22
C GLN A 53 -13.22 -7.45 5.73
N ARG A 54 -13.53 -6.19 5.47
CA ARG A 54 -12.55 -5.25 4.95
C ARG A 54 -11.42 -5.04 5.95
N GLN A 55 -11.76 -4.97 7.23
CA GLN A 55 -10.76 -4.78 8.27
C GLN A 55 -9.94 -6.05 8.49
N ALA A 56 -10.54 -7.20 8.22
CA ALA A 56 -9.83 -8.47 8.34
C ALA A 56 -8.70 -8.54 7.32
N ILE A 57 -8.97 -8.06 6.13
CA ILE A 57 -7.98 -8.02 5.07
C ILE A 57 -6.92 -6.95 5.37
N ALA A 58 -7.38 -5.80 5.85
CA ALA A 58 -6.49 -4.71 6.21
C ALA A 58 -5.49 -5.15 7.28
N ASN A 59 -5.99 -5.84 8.30
CA ASN A 59 -5.13 -6.35 9.37
C ASN A 59 -4.12 -7.34 8.82
N SER A 60 -4.59 -8.25 7.97
CA SER A 60 -3.72 -9.27 7.38
C SER A 60 -2.63 -8.63 6.52
N PHE A 61 -3.00 -7.60 5.76
CA PHE A 61 -2.04 -6.90 4.92
C PHE A 61 -0.97 -6.22 5.76
N ALA A 62 -1.41 -5.47 6.78
CA ALA A 62 -0.49 -4.78 7.67
C ALA A 62 0.39 -5.77 8.42
N ARG A 63 -0.21 -6.88 8.81
CA ARG A 63 0.48 -7.96 9.50
C ARG A 63 1.66 -8.46 8.69
N ALA A 64 1.42 -8.70 7.40
CA ALA A 64 2.46 -9.19 6.51
C ALA A 64 3.46 -8.08 6.17
N LEU A 65 2.94 -6.87 6.01
CA LEU A 65 3.78 -5.71 5.67
C LEU A 65 4.83 -5.46 6.75
N GLN A 66 4.37 -5.38 7.99
CA GLN A 66 5.26 -5.07 9.11
C GLN A 66 6.22 -6.22 9.43
N SER A 67 5.94 -7.41 8.89
CA SER A 67 6.81 -8.55 9.09
C SER A 67 7.73 -8.74 7.89
N SER A 68 7.51 -7.94 6.84
CA SER A 68 8.36 -7.98 5.67
C SER A 68 9.38 -6.84 5.76
N ILE A 69 8.97 -5.71 6.30
CA ILE A 69 9.88 -4.60 6.51
C ILE A 69 10.74 -4.84 7.75
N ASN A 70 11.69 -5.75 7.63
CA ASN A 70 12.56 -6.11 8.74
C ASN A 70 14.01 -6.15 8.28
N GLU A 71 14.89 -6.54 9.19
CA GLU A 71 16.31 -6.63 8.90
C GLU A 71 16.63 -8.00 8.31
N ASP A 72 16.79 -8.04 7.00
CA ASP A 72 17.05 -9.29 6.29
C ASP A 72 18.52 -9.69 6.41
N LYS A 73 18.77 -10.76 7.14
CA LYS A 73 20.13 -11.22 7.37
C LYS A 73 20.46 -12.39 6.45
N ALA A 74 19.46 -12.94 5.78
CA ALA A 74 19.68 -13.97 4.79
C ALA A 74 20.42 -13.36 3.61
N HIS A 75 19.80 -12.34 3.03
CA HIS A 75 20.42 -11.50 1.99
C HIS A 75 21.02 -12.33 0.86
N LEU A 76 20.16 -12.94 0.06
CA LEU A 76 20.61 -13.70 -1.09
C LEU A 76 20.65 -12.77 -2.31
N GLU A 77 21.66 -11.92 -2.33
CA GLU A 77 21.79 -10.91 -3.37
C GLU A 77 22.45 -11.51 -4.61
N HIS A 78 21.89 -11.22 -5.78
CA HIS A 78 22.52 -11.64 -7.03
C HIS A 78 23.70 -10.73 -7.36
N HIS A 79 24.89 -11.17 -6.95
CA HIS A 79 26.09 -10.37 -7.13
C HIS A 79 27.16 -11.18 -7.86
N HIS A 80 27.48 -10.74 -9.08
CA HIS A 80 28.52 -11.36 -9.91
C HIS A 80 28.08 -12.75 -10.40
N HIS A 81 27.95 -13.69 -9.49
CA HIS A 81 27.56 -15.05 -9.85
C HIS A 81 26.59 -15.61 -8.82
N HIS A 82 27.11 -16.36 -7.85
CA HIS A 82 26.29 -17.05 -6.85
C HIS A 82 27.14 -18.10 -6.14
N HIS A 83 27.91 -18.82 -6.95
CA HIS A 83 28.57 -20.06 -6.54
C HIS A 83 27.54 -21.16 -6.41
N MET B 1 -9.70 16.95 2.60
CA MET B 1 -9.93 18.30 3.13
C MET B 1 -8.63 19.10 3.12
N PRO B 2 -8.71 20.43 2.93
CA PRO B 2 -7.54 21.29 2.92
C PRO B 2 -7.01 21.56 4.32
N GLN B 3 -6.17 20.65 4.81
CA GLN B 3 -5.52 20.83 6.11
C GLN B 3 -4.17 21.51 5.92
N ILE B 4 -3.20 20.75 5.45
CA ILE B 4 -1.89 21.29 5.12
C ILE B 4 -1.55 20.92 3.69
N SER B 5 -2.58 20.58 2.94
CA SER B 5 -2.44 20.09 1.58
C SER B 5 -1.99 21.19 0.64
N ARG B 6 -0.72 21.14 0.24
CA ARG B 6 -0.18 22.09 -0.72
C ARG B 6 0.10 21.38 -2.04
N TYR B 7 -0.15 20.08 -2.06
CA TYR B 7 -0.08 19.32 -3.30
C TYR B 7 -1.44 19.39 -3.98
N SER B 8 -1.45 19.90 -5.20
CA SER B 8 -2.70 20.14 -5.92
C SER B 8 -3.51 18.87 -6.09
N ASP B 9 -4.81 18.98 -5.82
CA ASP B 9 -5.73 17.86 -5.91
C ASP B 9 -5.73 17.25 -7.30
N GLU B 10 -5.62 18.11 -8.32
CA GLU B 10 -5.56 17.64 -9.70
C GLU B 10 -4.39 16.68 -9.90
N GLN B 11 -3.22 17.07 -9.39
CA GLN B 11 -2.02 16.25 -9.52
C GLN B 11 -2.23 14.88 -8.87
N VAL B 12 -2.77 14.88 -7.67
CA VAL B 12 -3.04 13.64 -6.94
C VAL B 12 -3.99 12.74 -7.75
N GLU B 13 -5.02 13.36 -8.31
CA GLU B 13 -6.01 12.65 -9.11
C GLU B 13 -5.38 12.05 -10.36
N GLN B 14 -4.40 12.76 -10.92
CA GLN B 14 -3.74 12.31 -12.15
C GLN B 14 -2.97 11.01 -11.92
N LEU B 15 -2.24 10.93 -10.81
CA LEU B 15 -1.53 9.71 -10.46
C LEU B 15 -2.52 8.58 -10.19
N LEU B 16 -3.56 8.90 -9.41
CA LEU B 16 -4.58 7.93 -9.06
C LEU B 16 -5.27 7.38 -10.30
N ALA B 17 -5.58 8.26 -11.24
CA ALA B 17 -6.22 7.87 -12.50
C ALA B 17 -5.33 6.93 -13.30
N GLU B 18 -4.05 7.27 -13.39
CA GLU B 18 -3.10 6.44 -14.13
C GLU B 18 -2.91 5.08 -13.46
N LEU B 19 -2.96 5.06 -12.13
CA LEU B 19 -2.86 3.80 -11.38
C LEU B 19 -4.06 2.92 -11.68
N LEU B 20 -5.25 3.52 -11.65
CA LEU B 20 -6.47 2.79 -11.98
C LEU B 20 -6.45 2.35 -13.44
N ASN B 21 -5.84 3.18 -14.29
CA ASN B 21 -5.67 2.85 -15.69
C ASN B 21 -4.86 1.57 -15.84
N VAL B 22 -3.86 1.39 -14.97
CA VAL B 22 -3.07 0.16 -14.96
C VAL B 22 -3.97 -1.05 -14.66
N LEU B 23 -4.79 -0.92 -13.63
CA LEU B 23 -5.71 -2.00 -13.24
C LEU B 23 -6.70 -2.31 -14.35
N GLU B 24 -7.21 -1.27 -15.01
CA GLU B 24 -8.18 -1.44 -16.08
C GLU B 24 -7.52 -1.99 -17.34
N LYS B 25 -6.37 -1.43 -17.70
CA LYS B 25 -5.67 -1.85 -18.91
C LYS B 25 -5.21 -3.30 -18.81
N HIS B 26 -4.67 -3.66 -17.65
CA HIS B 26 -4.11 -4.99 -17.47
C HIS B 26 -5.18 -5.98 -17.02
N LYS B 27 -6.24 -5.47 -16.40
CA LYS B 27 -7.27 -6.30 -15.77
C LYS B 27 -6.63 -7.28 -14.80
N ALA B 28 -6.14 -6.75 -13.69
CA ALA B 28 -5.43 -7.55 -12.72
C ALA B 28 -6.35 -8.02 -11.60
N PRO B 29 -6.31 -9.32 -11.27
CA PRO B 29 -7.07 -9.89 -10.16
C PRO B 29 -6.58 -9.37 -8.81
N THR B 30 -7.42 -9.46 -7.80
CA THR B 30 -7.08 -8.96 -6.46
C THR B 30 -5.79 -9.62 -5.95
N ASP B 31 -5.62 -10.90 -6.28
CA ASP B 31 -4.43 -11.66 -5.92
C ASP B 31 -3.17 -10.91 -6.35
N LEU B 32 -3.04 -10.70 -7.65
CA LEU B 32 -1.86 -10.08 -8.22
C LEU B 32 -1.81 -8.60 -7.88
N SER B 33 -2.98 -7.99 -7.73
CA SER B 33 -3.07 -6.58 -7.37
C SER B 33 -2.39 -6.33 -6.02
N LEU B 34 -2.85 -7.03 -4.99
CA LEU B 34 -2.29 -6.89 -3.66
C LEU B 34 -0.83 -7.33 -3.65
N MET B 35 -0.52 -8.35 -4.45
CA MET B 35 0.86 -8.83 -4.59
C MET B 35 1.78 -7.72 -5.07
N VAL B 36 1.44 -7.11 -6.20
CA VAL B 36 2.28 -6.06 -6.78
C VAL B 36 2.27 -4.81 -5.90
N LEU B 37 1.10 -4.43 -5.39
CA LEU B 37 0.98 -3.27 -4.53
C LEU B 37 1.85 -3.43 -3.28
N GLY B 38 1.76 -4.59 -2.64
CA GLY B 38 2.56 -4.86 -1.45
C GLY B 38 4.04 -4.77 -1.74
N ASN B 39 4.46 -5.37 -2.85
CA ASN B 39 5.87 -5.35 -3.26
C ASN B 39 6.31 -3.93 -3.59
N MET B 40 5.44 -3.18 -4.24
CA MET B 40 5.74 -1.79 -4.59
C MET B 40 5.96 -0.93 -3.35
N VAL B 41 5.06 -1.04 -2.38
CA VAL B 41 5.20 -0.28 -1.15
C VAL B 41 6.46 -0.71 -0.39
N THR B 42 6.68 -2.01 -0.34
CA THR B 42 7.88 -2.55 0.31
C THR B 42 9.15 -2.03 -0.39
N ASN B 43 9.14 -2.03 -1.71
CA ASN B 43 10.27 -1.55 -2.51
C ASN B 43 10.49 -0.06 -2.29
N LEU B 44 9.38 0.69 -2.24
CA LEU B 44 9.44 2.13 -2.03
C LEU B 44 10.13 2.45 -0.70
N ILE B 45 9.68 1.79 0.36
CA ILE B 45 10.23 2.00 1.69
C ILE B 45 11.68 1.49 1.75
N ASN B 46 11.97 0.47 0.95
CA ASN B 46 13.29 -0.15 0.92
C ASN B 46 14.32 0.75 0.24
N THR B 47 13.89 1.48 -0.79
CA THR B 47 14.82 2.25 -1.60
C THR B 47 14.81 3.74 -1.25
N SER B 48 13.69 4.40 -1.49
CA SER B 48 13.61 5.85 -1.36
C SER B 48 13.62 6.30 0.10
N ILE B 49 13.12 5.45 0.98
CA ILE B 49 13.03 5.80 2.39
C ILE B 49 14.28 5.33 3.14
N ALA B 50 14.67 6.10 4.16
CA ALA B 50 15.85 5.79 4.96
C ALA B 50 15.80 4.37 5.51
N PRO B 51 16.94 3.65 5.45
CA PRO B 51 17.03 2.23 5.80
C PRO B 51 16.85 1.94 7.30
N ALA B 52 16.71 2.98 8.11
CA ALA B 52 16.56 2.79 9.55
C ALA B 52 15.09 2.94 9.97
N GLN B 53 14.54 4.15 9.80
CA GLN B 53 13.16 4.44 10.24
C GLN B 53 12.13 3.85 9.26
N ARG B 54 12.60 3.03 8.33
CA ARG B 54 11.72 2.39 7.35
C ARG B 54 10.63 1.57 8.04
N GLN B 55 10.97 0.95 9.17
CA GLN B 55 10.03 0.10 9.88
C GLN B 55 8.99 0.95 10.61
N ALA B 56 9.43 2.10 11.13
CA ALA B 56 8.54 3.05 11.77
C ALA B 56 7.55 3.59 10.75
N ILE B 57 8.02 3.81 9.52
CA ILE B 57 7.16 4.26 8.43
C ILE B 57 6.08 3.23 8.15
N ALA B 58 6.48 1.96 8.07
CA ALA B 58 5.55 0.87 7.84
C ALA B 58 4.51 0.79 8.96
N ASN B 59 4.97 0.95 10.20
CA ASN B 59 4.10 0.91 11.36
C ASN B 59 3.08 2.04 11.33
N SER B 60 3.55 3.26 11.07
CA SER B 60 2.67 4.41 11.05
C SER B 60 1.73 4.36 9.85
N PHE B 61 2.21 3.81 8.74
CA PHE B 61 1.38 3.63 7.54
C PHE B 61 0.23 2.69 7.85
N ALA B 62 0.54 1.58 8.52
CA ALA B 62 -0.48 0.61 8.91
C ALA B 62 -1.48 1.24 9.88
N ARG B 63 -0.97 2.05 10.79
CA ARG B 63 -1.82 2.74 11.77
C ARG B 63 -2.71 3.76 11.08
N ALA B 64 -2.22 4.35 10.00
CA ALA B 64 -3.00 5.29 9.21
C ALA B 64 -4.09 4.55 8.43
N LEU B 65 -3.74 3.37 7.94
CA LEU B 65 -4.67 2.53 7.21
C LEU B 65 -5.83 2.10 8.12
N GLN B 66 -5.53 1.90 9.40
CA GLN B 66 -6.53 1.53 10.39
C GLN B 66 -7.34 2.74 10.83
N SER B 67 -6.92 3.92 10.38
CA SER B 67 -7.64 5.15 10.69
C SER B 67 -8.59 5.50 9.55
N SER B 68 -8.17 5.21 8.32
CA SER B 68 -8.98 5.51 7.15
C SER B 68 -10.07 4.46 6.94
N ILE B 69 -9.73 3.19 7.15
CA ILE B 69 -10.69 2.12 6.98
C ILE B 69 -11.57 1.99 8.22
N ASN B 70 -12.70 2.66 8.21
CA ASN B 70 -13.67 2.56 9.29
C ASN B 70 -15.09 2.47 8.73
N GLU B 71 -15.67 3.61 8.38
CA GLU B 71 -17.04 3.67 7.85
C GLU B 71 -17.43 5.10 7.50
N ASP B 72 -17.73 5.88 8.56
CA ASP B 72 -18.22 7.26 8.43
C ASP B 72 -19.64 7.26 7.85
N LYS B 73 -20.61 7.36 8.74
CA LYS B 73 -22.02 7.27 8.34
C LYS B 73 -22.46 8.55 7.63
N ALA B 74 -23.52 8.42 6.82
CA ALA B 74 -23.97 9.48 5.92
C ALA B 74 -22.91 9.73 4.85
N HIS B 75 -23.23 10.52 3.84
CA HIS B 75 -22.29 10.73 2.74
C HIS B 75 -22.27 12.18 2.30
N LEU B 76 -21.08 12.78 2.38
CA LEU B 76 -20.87 14.09 1.77
C LEU B 76 -20.46 13.88 0.32
N GLU B 77 -21.46 13.67 -0.52
CA GLU B 77 -21.25 13.27 -1.89
C GLU B 77 -21.83 14.30 -2.85
N HIS B 78 -21.38 14.25 -4.10
CA HIS B 78 -21.99 15.04 -5.16
C HIS B 78 -23.27 14.34 -5.58
N HIS B 79 -24.34 14.60 -4.84
CA HIS B 79 -25.58 13.86 -5.00
C HIS B 79 -26.52 14.60 -5.95
N HIS B 80 -26.90 15.80 -5.55
CA HIS B 80 -27.84 16.59 -6.31
C HIS B 80 -27.85 18.02 -5.79
N HIS B 81 -26.97 18.86 -6.37
CA HIS B 81 -26.83 20.26 -6.01
C HIS B 81 -26.21 20.41 -4.62
N HIS B 82 -25.55 21.55 -4.37
CA HIS B 82 -24.94 21.82 -3.07
C HIS B 82 -25.98 21.71 -1.96
N HIS B 83 -27.15 22.31 -2.21
CA HIS B 83 -28.29 22.17 -1.33
C HIS B 83 -29.55 22.59 -2.09
N MET A 1 2.22 -27.34 -0.80
CA MET A 1 1.17 -26.45 -1.35
C MET A 1 1.07 -26.63 -2.85
N PRO A 2 -0.13 -26.95 -3.36
CA PRO A 2 -0.38 -27.01 -4.81
C PRO A 2 -0.35 -25.61 -5.41
N GLN A 3 -0.65 -24.64 -4.57
CA GLN A 3 -0.58 -23.23 -4.95
C GLN A 3 0.78 -22.67 -4.57
N ILE A 4 1.59 -22.41 -5.57
CA ILE A 4 2.93 -21.91 -5.35
C ILE A 4 2.94 -20.38 -5.42
N SER A 5 3.41 -19.75 -4.35
CA SER A 5 3.42 -18.30 -4.27
C SER A 5 4.58 -17.73 -5.09
N ARG A 6 4.37 -17.72 -6.41
CA ARG A 6 5.34 -17.15 -7.33
C ARG A 6 4.63 -16.39 -8.44
N TYR A 7 3.64 -17.04 -9.05
CA TYR A 7 2.98 -16.53 -10.24
C TYR A 7 3.99 -16.42 -11.38
N SER A 8 3.66 -15.64 -12.39
CA SER A 8 4.57 -15.38 -13.48
C SER A 8 5.43 -14.16 -13.16
N ASP A 9 6.72 -14.40 -12.88
CA ASP A 9 7.65 -13.34 -12.49
C ASP A 9 7.60 -12.16 -13.45
N GLU A 10 7.63 -12.48 -14.74
CA GLU A 10 7.63 -11.46 -15.78
C GLU A 10 6.38 -10.57 -15.71
N GLN A 11 5.23 -11.21 -15.50
CA GLN A 11 3.98 -10.47 -15.40
C GLN A 11 3.97 -9.57 -14.18
N VAL A 12 4.46 -10.09 -13.07
CA VAL A 12 4.54 -9.32 -11.82
C VAL A 12 5.47 -8.13 -11.98
N GLU A 13 6.65 -8.36 -12.54
CA GLU A 13 7.63 -7.30 -12.72
C GLU A 13 7.13 -6.24 -13.69
N GLN A 14 6.45 -6.67 -14.76
CA GLN A 14 5.92 -5.74 -15.74
C GLN A 14 4.84 -4.85 -15.11
N LEU A 15 4.01 -5.45 -14.27
CA LEU A 15 2.96 -4.70 -13.58
C LEU A 15 3.59 -3.75 -12.57
N LEU A 16 4.64 -4.21 -11.90
CA LEU A 16 5.38 -3.40 -10.95
C LEU A 16 6.05 -2.23 -11.67
N ALA A 17 6.70 -2.53 -12.79
CA ALA A 17 7.38 -1.52 -13.59
C ALA A 17 6.41 -0.46 -14.07
N GLU A 18 5.17 -0.89 -14.34
CA GLU A 18 4.12 0.03 -14.75
C GLU A 18 3.84 1.02 -13.62
N LEU A 19 3.58 0.51 -12.43
CA LEU A 19 3.32 1.35 -11.27
C LEU A 19 4.50 2.28 -11.01
N LEU A 20 5.71 1.74 -11.15
CA LEU A 20 6.92 2.50 -10.89
C LEU A 20 7.12 3.60 -11.93
N ASN A 21 6.96 3.27 -13.22
CA ASN A 21 7.23 4.24 -14.27
C ASN A 21 6.20 5.37 -14.24
N VAL A 22 4.94 5.03 -13.92
CA VAL A 22 3.90 6.05 -13.82
C VAL A 22 4.27 7.06 -12.74
N LEU A 23 4.73 6.56 -11.60
CA LEU A 23 5.13 7.41 -10.49
C LEU A 23 6.40 8.19 -10.85
N GLU A 24 7.43 7.47 -11.29
CA GLU A 24 8.75 8.06 -11.52
C GLU A 24 8.73 9.03 -12.70
N LYS A 25 7.98 8.70 -13.75
CA LYS A 25 7.94 9.54 -14.95
C LYS A 25 7.12 10.81 -14.71
N HIS A 26 6.11 10.71 -13.85
CA HIS A 26 5.30 11.88 -13.53
C HIS A 26 5.97 12.72 -12.46
N LYS A 27 6.91 12.09 -11.74
CA LYS A 27 7.73 12.75 -10.72
C LYS A 27 6.90 13.18 -9.52
N ALA A 28 6.89 12.33 -8.50
CA ALA A 28 6.20 12.64 -7.26
C ALA A 28 7.08 12.26 -6.08
N PRO A 29 7.17 13.14 -5.07
CA PRO A 29 7.96 12.87 -3.86
C PRO A 29 7.41 11.69 -3.07
N THR A 30 8.26 11.06 -2.28
CA THR A 30 7.85 9.91 -1.47
C THR A 30 6.67 10.27 -0.56
N ASP A 31 6.71 11.49 -0.02
CA ASP A 31 5.62 12.01 0.81
C ASP A 31 4.27 11.90 0.10
N LEU A 32 4.22 12.40 -1.12
CA LEU A 32 2.99 12.37 -1.90
C LEU A 32 2.69 10.95 -2.38
N SER A 33 3.74 10.20 -2.69
CA SER A 33 3.59 8.82 -3.14
C SER A 33 2.90 7.99 -2.06
N LEU A 34 3.38 8.11 -0.82
CA LEU A 34 2.78 7.39 0.30
C LEU A 34 1.34 7.82 0.51
N MET A 35 1.09 9.11 0.31
CA MET A 35 -0.25 9.67 0.45
C MET A 35 -1.21 9.04 -0.56
N VAL A 36 -0.77 8.96 -1.82
CA VAL A 36 -1.57 8.39 -2.88
C VAL A 36 -1.77 6.89 -2.68
N LEU A 37 -0.67 6.18 -2.45
CA LEU A 37 -0.70 4.73 -2.27
C LEU A 37 -1.57 4.36 -1.07
N GLY A 38 -1.42 5.12 0.01
CA GLY A 38 -2.21 4.87 1.20
C GLY A 38 -3.69 4.96 0.93
N ASN A 39 -4.10 6.03 0.26
CA ASN A 39 -5.50 6.23 -0.10
C ASN A 39 -5.95 5.18 -1.12
N MET A 40 -5.04 4.85 -2.03
CA MET A 40 -5.31 3.86 -3.07
C MET A 40 -5.70 2.52 -2.45
N VAL A 41 -4.85 2.00 -1.58
CA VAL A 41 -5.10 0.71 -0.93
C VAL A 41 -6.37 0.79 -0.08
N THR A 42 -6.52 1.87 0.67
CA THR A 42 -7.69 2.07 1.51
C THR A 42 -8.97 2.07 0.68
N ASN A 43 -8.98 2.89 -0.37
CA ASN A 43 -10.15 3.01 -1.23
C ASN A 43 -10.44 1.69 -1.94
N LEU A 44 -9.39 0.97 -2.31
CA LEU A 44 -9.53 -0.33 -2.93
C LEU A 44 -10.32 -1.26 -2.02
N ILE A 45 -9.96 -1.28 -0.75
CA ILE A 45 -10.63 -2.13 0.23
C ILE A 45 -12.05 -1.64 0.51
N ASN A 46 -12.24 -0.32 0.47
CA ASN A 46 -13.54 0.27 0.77
C ASN A 46 -14.55 0.06 -0.37
N THR A 47 -14.06 -0.15 -1.58
CA THR A 47 -14.94 -0.22 -2.74
C THR A 47 -14.95 -1.60 -3.40
N SER A 48 -13.78 -2.21 -3.53
CA SER A 48 -13.66 -3.45 -4.29
C SER A 48 -13.75 -4.68 -3.38
N ILE A 49 -13.76 -4.44 -2.08
CA ILE A 49 -13.82 -5.53 -1.12
C ILE A 49 -15.13 -5.48 -0.35
N ALA A 50 -15.74 -6.65 -0.15
CA ALA A 50 -17.02 -6.76 0.52
C ALA A 50 -16.92 -6.31 1.98
N PRO A 51 -17.95 -5.60 2.46
CA PRO A 51 -18.02 -5.09 3.83
C PRO A 51 -18.23 -6.21 4.87
N ALA A 52 -17.41 -7.24 4.79
CA ALA A 52 -17.46 -8.33 5.75
C ALA A 52 -16.07 -8.59 6.31
N GLN A 53 -15.13 -8.90 5.42
CA GLN A 53 -13.76 -9.20 5.81
C GLN A 53 -12.83 -8.06 5.42
N ARG A 54 -13.40 -6.89 5.18
CA ARG A 54 -12.64 -5.72 4.73
C ARG A 54 -11.50 -5.38 5.70
N GLN A 55 -11.77 -5.46 7.00
CA GLN A 55 -10.79 -5.08 8.00
C GLN A 55 -9.75 -6.18 8.16
N ALA A 56 -10.12 -7.40 7.77
CA ALA A 56 -9.22 -8.54 7.84
C ALA A 56 -8.13 -8.41 6.79
N ILE A 57 -8.52 -8.07 5.57
CA ILE A 57 -7.58 -7.87 4.49
C ILE A 57 -6.69 -6.66 4.77
N ALA A 58 -7.29 -5.59 5.30
CA ALA A 58 -6.55 -4.39 5.66
C ALA A 58 -5.42 -4.74 6.63
N ASN A 59 -5.74 -5.50 7.66
CA ASN A 59 -4.74 -5.95 8.63
C ASN A 59 -3.73 -6.86 7.96
N SER A 60 -4.21 -7.80 7.15
CA SER A 60 -3.34 -8.75 6.45
C SER A 60 -2.33 -8.02 5.57
N PHE A 61 -2.75 -6.93 4.94
CA PHE A 61 -1.86 -6.12 4.11
C PHE A 61 -0.71 -5.57 4.94
N ALA A 62 -1.05 -4.98 6.09
CA ALA A 62 -0.05 -4.43 6.99
C ALA A 62 0.82 -5.54 7.57
N ARG A 63 0.23 -6.70 7.82
CA ARG A 63 0.95 -7.84 8.37
C ARG A 63 1.95 -8.40 7.35
N ALA A 64 1.65 -8.21 6.07
CA ALA A 64 2.56 -8.65 5.02
C ALA A 64 3.65 -7.61 4.79
N LEU A 65 3.26 -6.34 4.88
CA LEU A 65 4.18 -5.23 4.68
C LEU A 65 5.34 -5.29 5.67
N GLN A 66 5.02 -5.22 6.96
CA GLN A 66 6.02 -5.21 8.01
C GLN A 66 6.82 -6.52 8.05
N SER A 67 6.26 -7.56 7.46
CA SER A 67 6.91 -8.87 7.46
C SER A 67 7.88 -8.99 6.29
N SER A 68 7.74 -8.12 5.29
CA SER A 68 8.59 -8.17 4.11
C SER A 68 9.64 -7.05 4.14
N ILE A 69 9.34 -5.97 4.84
CA ILE A 69 10.25 -4.84 4.93
C ILE A 69 11.23 -5.03 6.09
N ASN A 70 11.07 -6.13 6.80
CA ASN A 70 11.89 -6.41 7.97
C ASN A 70 12.77 -7.61 7.74
N GLU A 71 14.07 -7.37 7.59
CA GLU A 71 15.03 -8.43 7.44
C GLU A 71 15.84 -8.58 8.73
N ASP A 72 16.44 -7.48 9.17
CA ASP A 72 17.22 -7.48 10.40
C ASP A 72 16.38 -6.98 11.56
N LYS A 73 16.10 -7.87 12.51
CA LYS A 73 15.34 -7.50 13.69
C LYS A 73 16.30 -7.06 14.79
N ALA A 74 16.78 -8.04 15.56
CA ALA A 74 17.76 -7.83 16.62
C ALA A 74 17.24 -6.88 17.71
N HIS A 75 18.10 -6.66 18.71
CA HIS A 75 17.81 -5.75 19.82
C HIS A 75 19.00 -5.76 20.77
N LEU A 76 19.83 -6.79 20.63
CA LEU A 76 21.12 -6.85 21.31
C LEU A 76 22.22 -6.91 20.27
N GLU A 77 23.14 -5.95 20.30
CA GLU A 77 24.20 -5.88 19.31
C GLU A 77 25.26 -6.96 19.52
N HIS A 78 25.64 -7.21 20.76
CA HIS A 78 26.63 -8.24 21.03
C HIS A 78 25.99 -9.61 21.22
N HIS A 79 25.59 -10.19 20.09
CA HIS A 79 25.08 -11.55 20.09
C HIS A 79 26.25 -12.54 20.07
N HIS A 80 27.36 -12.11 19.48
CA HIS A 80 28.57 -12.93 19.47
C HIS A 80 29.35 -12.66 20.74
N HIS A 81 29.81 -13.72 21.40
CA HIS A 81 30.53 -13.56 22.66
C HIS A 81 31.99 -13.97 22.53
N HIS A 82 32.84 -13.17 23.16
CA HIS A 82 34.29 -13.33 23.05
C HIS A 82 34.81 -14.24 24.17
N HIS A 83 35.84 -15.00 23.85
CA HIS A 83 36.49 -15.86 24.86
C HIS A 83 37.67 -15.12 25.48
N MET B 1 -1.75 25.15 10.80
CA MET B 1 -0.53 25.40 10.02
C MET B 1 -0.88 26.05 8.69
N PRO B 2 0.02 26.86 8.12
CA PRO B 2 -0.18 27.53 6.84
C PRO B 2 0.01 26.59 5.65
N GLN B 3 -0.35 25.32 5.85
CA GLN B 3 -0.22 24.31 4.81
C GLN B 3 -0.94 23.04 5.22
N ILE B 4 -1.84 22.58 4.38
CA ILE B 4 -2.51 21.31 4.59
C ILE B 4 -2.12 20.34 3.49
N SER B 5 -1.80 19.11 3.86
CA SER B 5 -1.40 18.10 2.88
C SER B 5 -2.60 17.60 2.10
N ARG B 6 -3.10 18.43 1.20
CA ARG B 6 -4.15 18.05 0.27
C ARG B 6 -3.57 18.09 -1.14
N TYR B 7 -2.65 19.03 -1.34
CA TYR B 7 -1.91 19.19 -2.60
C TYR B 7 -2.84 19.53 -3.75
N SER B 8 -2.33 19.38 -4.96
CA SER B 8 -3.10 19.66 -6.16
C SER B 8 -4.11 18.53 -6.41
N ASP B 9 -5.37 18.82 -6.09
CA ASP B 9 -6.44 17.84 -6.15
C ASP B 9 -6.49 17.13 -7.49
N GLU B 10 -6.53 17.91 -8.56
CA GLU B 10 -6.60 17.36 -9.92
C GLU B 10 -5.40 16.44 -10.21
N GLN B 11 -4.24 16.82 -9.70
CA GLN B 11 -3.02 16.07 -9.92
C GLN B 11 -3.06 14.75 -9.14
N VAL B 12 -3.44 14.82 -7.88
CA VAL B 12 -3.55 13.63 -7.04
C VAL B 12 -4.63 12.70 -7.58
N GLU B 13 -5.76 13.28 -7.95
CA GLU B 13 -6.87 12.52 -8.51
C GLU B 13 -6.43 11.82 -9.79
N GLN B 14 -5.71 12.55 -10.64
CA GLN B 14 -5.21 12.00 -11.89
C GLN B 14 -4.32 10.79 -11.64
N LEU B 15 -3.35 10.96 -10.74
CA LEU B 15 -2.41 9.89 -10.43
C LEU B 15 -3.13 8.69 -9.82
N LEU B 16 -4.04 8.97 -8.89
CA LEU B 16 -4.82 7.92 -8.24
C LEU B 16 -5.65 7.15 -9.26
N ALA B 17 -6.37 7.89 -10.10
CA ALA B 17 -7.21 7.27 -11.12
C ALA B 17 -6.35 6.51 -12.13
N GLU B 18 -5.19 7.06 -12.46
CA GLU B 18 -4.28 6.42 -13.39
C GLU B 18 -3.85 5.06 -12.87
N LEU B 19 -3.50 4.99 -11.59
CA LEU B 19 -3.07 3.74 -10.98
C LEU B 19 -4.18 2.69 -11.02
N LEU B 20 -5.39 3.12 -10.70
CA LEU B 20 -6.54 2.22 -10.75
C LEU B 20 -6.83 1.84 -12.20
N ASN B 21 -6.66 2.80 -13.10
CA ASN B 21 -6.83 2.58 -14.52
C ASN B 21 -5.78 1.60 -15.03
N VAL B 22 -4.59 1.64 -14.42
CA VAL B 22 -3.52 0.71 -14.73
C VAL B 22 -3.95 -0.73 -14.45
N LEU B 23 -4.63 -0.93 -13.33
CA LEU B 23 -5.16 -2.24 -12.97
C LEU B 23 -6.08 -2.73 -14.08
N GLU B 24 -6.97 -1.86 -14.54
CA GLU B 24 -7.91 -2.19 -15.60
C GLU B 24 -7.22 -2.17 -16.97
N LYS B 25 -6.02 -1.61 -17.02
CA LYS B 25 -5.28 -1.45 -18.27
C LYS B 25 -4.55 -2.73 -18.62
N HIS B 26 -4.00 -3.39 -17.61
CA HIS B 26 -3.28 -4.65 -17.82
C HIS B 26 -4.18 -5.84 -17.48
N LYS B 27 -5.16 -5.60 -16.62
CA LYS B 27 -6.10 -6.62 -16.16
C LYS B 27 -5.40 -7.77 -15.45
N ALA B 28 -5.31 -7.65 -14.14
CA ALA B 28 -4.71 -8.67 -13.31
C ALA B 28 -5.64 -9.02 -12.15
N PRO B 29 -5.59 -10.27 -11.66
CA PRO B 29 -6.40 -10.69 -10.51
C PRO B 29 -6.10 -9.86 -9.27
N THR B 30 -7.15 -9.50 -8.53
CA THR B 30 -7.00 -8.66 -7.35
C THR B 30 -6.04 -9.29 -6.33
N ASP B 31 -6.03 -10.62 -6.27
CA ASP B 31 -5.11 -11.36 -5.42
C ASP B 31 -3.67 -10.97 -5.75
N LEU B 32 -3.36 -10.94 -7.04
CA LEU B 32 -2.03 -10.58 -7.50
C LEU B 32 -1.77 -9.09 -7.30
N SER B 33 -2.79 -8.27 -7.58
CA SER B 33 -2.68 -6.83 -7.41
C SER B 33 -2.28 -6.47 -5.98
N LEU B 34 -2.94 -7.11 -5.01
CA LEU B 34 -2.63 -6.88 -3.60
C LEU B 34 -1.20 -7.30 -3.29
N MET B 35 -0.78 -8.44 -3.84
CA MET B 35 0.56 -8.96 -3.63
C MET B 35 1.60 -8.02 -4.24
N VAL B 36 1.32 -7.51 -5.43
CA VAL B 36 2.21 -6.57 -6.10
C VAL B 36 2.30 -5.27 -5.32
N LEU B 37 1.15 -4.72 -4.93
CA LEU B 37 1.11 -3.47 -4.15
C LEU B 37 1.87 -3.63 -2.83
N GLY B 38 1.71 -4.80 -2.21
CA GLY B 38 2.41 -5.08 -0.97
C GLY B 38 3.91 -4.99 -1.12
N ASN B 39 4.45 -5.76 -2.06
CA ASN B 39 5.89 -5.75 -2.33
C ASN B 39 6.33 -4.39 -2.84
N MET B 40 5.44 -3.72 -3.58
CA MET B 40 5.71 -2.40 -4.13
C MET B 40 5.99 -1.41 -3.01
N VAL B 41 5.03 -1.26 -2.09
CA VAL B 41 5.17 -0.35 -0.96
C VAL B 41 6.33 -0.78 -0.07
N THR B 42 6.47 -2.10 0.11
CA THR B 42 7.57 -2.66 0.88
C THR B 42 8.91 -2.18 0.34
N ASN B 43 9.14 -2.44 -0.95
CA ASN B 43 10.41 -2.09 -1.58
C ASN B 43 10.62 -0.59 -1.58
N LEU B 44 9.55 0.16 -1.83
CA LEU B 44 9.62 1.61 -1.88
C LEU B 44 10.16 2.19 -0.57
N ILE B 45 9.53 1.80 0.54
CA ILE B 45 9.94 2.31 1.85
C ILE B 45 11.29 1.73 2.25
N ASN B 46 11.54 0.49 1.87
CA ASN B 46 12.77 -0.21 2.24
C ASN B 46 13.99 0.36 1.49
N THR B 47 13.76 1.12 0.44
CA THR B 47 14.85 1.69 -0.34
C THR B 47 14.99 3.20 -0.13
N SER B 48 13.89 3.94 -0.35
CA SER B 48 13.94 5.39 -0.34
C SER B 48 13.94 5.96 1.09
N ILE B 49 13.30 5.26 2.01
CA ILE B 49 13.23 5.70 3.39
C ILE B 49 14.51 5.31 4.13
N ALA B 50 14.97 6.20 5.01
CA ALA B 50 16.19 5.96 5.78
C ALA B 50 16.10 4.65 6.54
N PRO B 51 17.18 3.83 6.47
CA PRO B 51 17.24 2.48 7.05
C PRO B 51 16.73 2.41 8.49
N ALA B 52 16.99 3.45 9.26
CA ALA B 52 16.63 3.47 10.68
C ALA B 52 15.12 3.51 10.88
N GLN B 53 14.42 4.21 10.00
CA GLN B 53 13.01 4.46 10.20
C GLN B 53 12.15 3.86 9.09
N ARG B 54 12.70 2.89 8.37
CA ARG B 54 11.95 2.19 7.32
C ARG B 54 10.68 1.56 7.88
N GLN B 55 10.85 0.65 8.82
CA GLN B 55 9.72 -0.07 9.39
C GLN B 55 8.94 0.86 10.33
N ALA B 56 9.62 1.84 10.89
CA ALA B 56 8.98 2.84 11.73
C ALA B 56 7.94 3.61 10.92
N ILE B 57 8.33 4.09 9.74
CA ILE B 57 7.42 4.81 8.86
C ILE B 57 6.38 3.85 8.27
N ALA B 58 6.77 2.59 8.10
CA ALA B 58 5.83 1.57 7.66
C ALA B 58 4.71 1.40 8.69
N ASN B 59 5.06 1.58 9.95
CA ASN B 59 4.09 1.53 11.04
C ASN B 59 3.13 2.71 10.97
N SER B 60 3.66 3.89 10.68
CA SER B 60 2.83 5.08 10.54
C SER B 60 1.97 4.98 9.26
N PHE B 61 2.46 4.24 8.28
CA PHE B 61 1.69 3.97 7.08
C PHE B 61 0.49 3.08 7.42
N ALA B 62 0.73 2.09 8.28
CA ALA B 62 -0.34 1.23 8.77
C ALA B 62 -1.35 2.05 9.57
N ARG B 63 -0.85 2.98 10.37
CA ARG B 63 -1.70 3.90 11.12
C ARG B 63 -2.59 4.70 10.18
N ALA B 64 -1.99 5.23 9.12
CA ALA B 64 -2.72 6.00 8.12
C ALA B 64 -3.83 5.15 7.50
N LEU B 65 -3.53 3.87 7.29
CA LEU B 65 -4.51 2.92 6.76
C LEU B 65 -5.65 2.72 7.76
N GLN B 66 -5.29 2.40 8.99
CA GLN B 66 -6.27 2.09 10.04
C GLN B 66 -7.22 3.25 10.31
N SER B 67 -6.74 4.47 10.13
CA SER B 67 -7.52 5.66 10.43
C SER B 67 -8.34 6.11 9.23
N SER B 68 -8.17 5.44 8.11
CA SER B 68 -8.88 5.84 6.89
C SER B 68 -9.94 4.80 6.50
N ILE B 69 -9.81 3.59 7.00
CA ILE B 69 -10.78 2.55 6.69
C ILE B 69 -11.81 2.40 7.81
N ASN B 70 -13.08 2.36 7.41
CA ASN B 70 -14.21 2.19 8.34
C ASN B 70 -14.42 3.43 9.20
N GLU B 71 -15.57 4.07 9.03
CA GLU B 71 -15.87 5.31 9.74
C GLU B 71 -16.17 5.01 11.21
N ASP B 72 -17.18 4.19 11.44
CA ASP B 72 -17.64 3.90 12.79
C ASP B 72 -17.55 2.42 13.11
N LYS B 73 -17.60 2.08 14.39
CA LYS B 73 -17.62 0.69 14.80
C LYS B 73 -19.00 0.35 15.36
N ALA B 74 -19.75 -0.46 14.62
CA ALA B 74 -21.04 -0.92 15.08
C ALA B 74 -20.87 -1.77 16.34
N HIS B 75 -21.17 -1.17 17.49
CA HIS B 75 -21.01 -1.86 18.77
C HIS B 75 -22.21 -1.62 19.68
N LEU B 76 -23.11 -0.75 19.24
CA LEU B 76 -24.31 -0.44 19.99
C LEU B 76 -25.55 -0.72 19.17
N GLU B 77 -26.31 -1.71 19.58
CA GLU B 77 -27.59 -1.99 18.97
C GLU B 77 -28.62 -1.05 19.57
N HIS B 78 -28.62 -0.98 20.89
CA HIS B 78 -29.47 -0.03 21.59
C HIS B 78 -28.72 1.28 21.79
N HIS B 79 -28.57 2.01 20.69
CA HIS B 79 -27.84 3.27 20.72
C HIS B 79 -28.68 4.32 21.44
N HIS B 80 -29.97 4.33 21.16
CA HIS B 80 -30.88 5.22 21.85
C HIS B 80 -31.81 4.40 22.73
N HIS B 81 -32.03 4.85 23.93
CA HIS B 81 -32.86 4.11 24.88
C HIS B 81 -34.33 4.30 24.56
N HIS B 82 -35.06 3.19 24.50
CA HIS B 82 -36.46 3.21 24.12
C HIS B 82 -37.32 3.76 25.24
N HIS B 83 -38.19 4.72 24.90
CA HIS B 83 -39.09 5.30 25.89
C HIS B 83 -40.41 4.54 25.89
N MET A 1 9.52 -26.10 -2.66
CA MET A 1 9.80 -24.66 -2.80
C MET A 1 8.68 -23.85 -2.14
N PRO A 2 9.03 -22.94 -1.21
CA PRO A 2 8.05 -22.14 -0.46
C PRO A 2 7.26 -21.17 -1.34
N GLN A 3 7.73 -20.95 -2.56
CA GLN A 3 7.05 -20.05 -3.48
C GLN A 3 5.86 -20.74 -4.13
N ILE A 4 4.74 -20.73 -3.42
CA ILE A 4 3.50 -21.32 -3.93
C ILE A 4 2.53 -20.20 -4.28
N SER A 5 3.05 -18.98 -4.24
CA SER A 5 2.28 -17.78 -4.52
C SER A 5 1.60 -17.89 -5.89
N ARG A 6 0.33 -17.53 -5.93
CA ARG A 6 -0.48 -17.66 -7.12
C ARG A 6 -0.30 -16.46 -8.06
N TYR A 7 0.83 -15.79 -7.91
CA TYR A 7 1.16 -14.65 -8.72
C TYR A 7 2.42 -14.94 -9.52
N SER A 8 2.33 -14.84 -10.83
CA SER A 8 3.48 -15.12 -11.68
C SER A 8 4.49 -13.98 -11.59
N ASP A 9 5.77 -14.33 -11.50
CA ASP A 9 6.83 -13.33 -11.44
C ASP A 9 6.79 -12.43 -12.66
N GLU A 10 6.42 -13.03 -13.79
CA GLU A 10 6.21 -12.29 -15.04
C GLU A 10 5.30 -11.10 -14.80
N GLN A 11 4.12 -11.41 -14.26
CA GLN A 11 3.10 -10.42 -13.97
C GLN A 11 3.61 -9.39 -12.96
N VAL A 12 4.06 -9.89 -11.82
CA VAL A 12 4.46 -9.05 -10.69
C VAL A 12 5.51 -8.02 -11.09
N GLU A 13 6.63 -8.49 -11.61
CA GLU A 13 7.77 -7.62 -11.87
C GLU A 13 7.51 -6.68 -13.04
N GLN A 14 6.76 -7.15 -14.03
CA GLN A 14 6.47 -6.33 -15.20
C GLN A 14 5.40 -5.30 -14.90
N LEU A 15 4.40 -5.70 -14.12
CA LEU A 15 3.32 -4.79 -13.75
C LEU A 15 3.84 -3.73 -12.79
N LEU A 16 4.66 -4.15 -11.83
CA LEU A 16 5.25 -3.22 -10.87
C LEU A 16 6.14 -2.21 -11.61
N ALA A 17 6.86 -2.69 -12.62
CA ALA A 17 7.68 -1.83 -13.44
C ALA A 17 6.83 -0.80 -14.17
N GLU A 18 5.65 -1.22 -14.61
CA GLU A 18 4.71 -0.32 -15.28
C GLU A 18 4.19 0.73 -14.30
N LEU A 19 3.78 0.28 -13.12
CA LEU A 19 3.31 1.20 -12.07
C LEU A 19 4.40 2.19 -11.70
N LEU A 20 5.62 1.69 -11.56
CA LEU A 20 6.76 2.55 -11.26
C LEU A 20 7.04 3.49 -12.43
N ASN A 21 6.86 2.97 -13.64
CA ASN A 21 7.04 3.76 -14.86
C ASN A 21 6.08 4.95 -14.88
N VAL A 22 4.85 4.72 -14.45
CA VAL A 22 3.87 5.80 -14.35
C VAL A 22 4.25 6.76 -13.23
N LEU A 23 4.82 6.21 -12.16
CA LEU A 23 5.28 7.02 -11.05
C LEU A 23 6.43 7.93 -11.49
N GLU A 24 7.46 7.34 -12.11
CA GLU A 24 8.63 8.10 -12.53
C GLU A 24 8.30 8.99 -13.75
N LYS A 25 7.18 8.71 -14.39
CA LYS A 25 6.66 9.55 -15.46
C LYS A 25 6.40 10.95 -14.94
N HIS A 26 5.95 11.04 -13.70
CA HIS A 26 5.66 12.32 -13.06
C HIS A 26 6.75 12.68 -12.06
N LYS A 27 7.35 11.65 -11.47
CA LYS A 27 8.34 11.79 -10.40
C LYS A 27 7.75 12.53 -9.21
N ALA A 28 7.14 11.76 -8.32
CA ALA A 28 6.53 12.30 -7.12
C ALA A 28 7.40 12.03 -5.90
N PRO A 29 7.49 13.00 -4.99
CA PRO A 29 8.25 12.84 -3.74
C PRO A 29 7.66 11.75 -2.86
N THR A 30 8.45 11.26 -1.90
CA THR A 30 8.04 10.17 -1.03
C THR A 30 6.77 10.54 -0.25
N ASP A 31 6.60 11.83 0.03
CA ASP A 31 5.39 12.32 0.70
C ASP A 31 4.16 11.99 -0.13
N LEU A 32 4.21 12.34 -1.41
CA LEU A 32 3.07 12.22 -2.29
C LEU A 32 2.82 10.77 -2.68
N SER A 33 3.89 10.02 -2.90
CA SER A 33 3.77 8.62 -3.31
C SER A 33 3.01 7.82 -2.25
N LEU A 34 3.40 7.99 -0.98
CA LEU A 34 2.74 7.31 0.11
C LEU A 34 1.32 7.86 0.31
N MET A 35 1.16 9.14 0.06
CA MET A 35 -0.15 9.79 0.18
C MET A 35 -1.14 9.22 -0.84
N VAL A 36 -0.73 9.15 -2.09
CA VAL A 36 -1.57 8.62 -3.15
C VAL A 36 -1.88 7.14 -2.91
N LEU A 37 -0.84 6.37 -2.60
CA LEU A 37 -1.00 4.94 -2.37
C LEU A 37 -1.91 4.67 -1.17
N GLY A 38 -1.79 5.49 -0.14
CA GLY A 38 -2.63 5.35 1.04
C GLY A 38 -4.10 5.43 0.69
N ASN A 39 -4.47 6.48 -0.06
CA ASN A 39 -5.85 6.67 -0.48
C ASN A 39 -6.25 5.56 -1.47
N MET A 40 -5.33 5.25 -2.38
CA MET A 40 -5.55 4.23 -3.41
C MET A 40 -5.88 2.87 -2.79
N VAL A 41 -5.02 2.42 -1.88
CA VAL A 41 -5.21 1.13 -1.22
C VAL A 41 -6.50 1.11 -0.41
N THR A 42 -6.79 2.23 0.28
CA THR A 42 -8.02 2.35 1.05
C THR A 42 -9.24 2.10 0.16
N ASN A 43 -9.29 2.81 -0.96
CA ASN A 43 -10.41 2.69 -1.90
C ASN A 43 -10.54 1.26 -2.39
N LEU A 44 -9.43 0.68 -2.83
CA LEU A 44 -9.43 -0.65 -3.40
C LEU A 44 -9.91 -1.70 -2.39
N ILE A 45 -9.30 -1.70 -1.21
CA ILE A 45 -9.66 -2.67 -0.18
C ILE A 45 -11.12 -2.52 0.23
N ASN A 46 -11.54 -1.28 0.48
CA ASN A 46 -12.88 -1.03 1.00
C ASN A 46 -13.97 -1.44 0.01
N THR A 47 -13.73 -1.24 -1.28
CA THR A 47 -14.76 -1.48 -2.28
C THR A 47 -14.69 -2.89 -2.88
N SER A 48 -13.49 -3.45 -2.95
CA SER A 48 -13.31 -4.75 -3.58
C SER A 48 -13.48 -5.88 -2.57
N ILE A 49 -13.06 -5.65 -1.34
CA ILE A 49 -13.15 -6.69 -0.31
C ILE A 49 -14.48 -6.58 0.43
N ALA A 50 -15.08 -7.73 0.73
CA ALA A 50 -16.35 -7.78 1.43
C ALA A 50 -16.29 -7.03 2.75
N PRO A 51 -17.40 -6.35 3.12
CA PRO A 51 -17.45 -5.45 4.29
C PRO A 51 -17.06 -6.13 5.61
N ALA A 52 -17.15 -7.45 5.65
CA ALA A 52 -16.89 -8.20 6.87
C ALA A 52 -15.41 -8.18 7.24
N GLN A 53 -14.59 -8.82 6.42
CA GLN A 53 -13.18 -9.03 6.75
C GLN A 53 -12.27 -7.95 6.18
N ARG A 54 -12.85 -6.78 5.86
CA ARG A 54 -12.06 -5.64 5.42
C ARG A 54 -10.91 -5.35 6.38
N GLN A 55 -11.25 -5.30 7.67
CA GLN A 55 -10.27 -4.99 8.71
C GLN A 55 -9.30 -6.14 8.91
N ALA A 56 -9.81 -7.37 8.86
CA ALA A 56 -8.99 -8.56 9.04
C ALA A 56 -7.87 -8.64 8.00
N ILE A 57 -8.21 -8.35 6.75
CA ILE A 57 -7.24 -8.39 5.67
C ILE A 57 -6.29 -7.19 5.77
N ALA A 58 -6.80 -6.06 6.25
CA ALA A 58 -5.98 -4.88 6.44
C ALA A 58 -4.90 -5.13 7.50
N ASN A 59 -5.25 -5.87 8.53
CA ASN A 59 -4.32 -6.21 9.60
C ASN A 59 -3.27 -7.21 9.11
N SER A 60 -3.72 -8.24 8.41
CA SER A 60 -2.81 -9.26 7.91
C SER A 60 -1.85 -8.68 6.87
N PHE A 61 -2.38 -7.83 5.99
CA PHE A 61 -1.55 -7.13 5.02
C PHE A 61 -0.53 -6.24 5.72
N ALA A 62 -0.97 -5.61 6.80
CA ALA A 62 -0.10 -4.74 7.60
C ALA A 62 1.12 -5.51 8.10
N ARG A 63 0.89 -6.69 8.66
CA ARG A 63 1.97 -7.50 9.18
C ARG A 63 2.78 -8.12 8.05
N ALA A 64 2.13 -8.42 6.94
CA ALA A 64 2.83 -8.95 5.76
C ALA A 64 3.82 -7.91 5.24
N LEU A 65 3.40 -6.66 5.24
CA LEU A 65 4.27 -5.55 4.84
C LEU A 65 5.47 -5.45 5.77
N GLN A 66 5.20 -5.50 7.07
CA GLN A 66 6.26 -5.38 8.07
C GLN A 66 7.16 -6.62 8.06
N SER A 67 6.64 -7.73 7.58
CA SER A 67 7.43 -8.96 7.46
C SER A 67 8.35 -8.87 6.25
N SER A 68 7.99 -8.01 5.30
CA SER A 68 8.80 -7.80 4.10
C SER A 68 9.90 -6.79 4.38
N ILE A 69 9.65 -5.91 5.34
CA ILE A 69 10.64 -4.93 5.76
C ILE A 69 11.53 -5.52 6.86
N ASN A 70 12.71 -5.95 6.46
CA ASN A 70 13.65 -6.57 7.38
C ASN A 70 14.13 -5.57 8.43
N GLU A 71 14.26 -6.04 9.66
CA GLU A 71 14.69 -5.21 10.79
C GLU A 71 16.12 -4.72 10.62
N ASP A 72 16.85 -5.38 9.70
CA ASP A 72 18.25 -5.10 9.44
C ASP A 72 19.08 -5.55 10.63
N LYS A 73 20.32 -5.09 10.73
CA LYS A 73 21.18 -5.47 11.85
C LYS A 73 21.90 -4.25 12.40
N ALA A 74 21.65 -3.97 13.67
CA ALA A 74 22.27 -2.84 14.36
C ALA A 74 23.74 -3.11 14.69
N HIS A 75 24.18 -4.33 14.42
CA HIS A 75 25.58 -4.69 14.59
C HIS A 75 26.13 -5.22 13.28
N LEU A 76 27.15 -4.56 12.77
CA LEU A 76 27.77 -4.94 11.51
C LEU A 76 28.71 -6.12 11.73
N GLU A 77 28.15 -7.32 11.64
CA GLU A 77 28.93 -8.53 11.75
C GLU A 77 29.44 -8.94 10.37
N HIS A 78 30.58 -8.42 10.00
CA HIS A 78 31.10 -8.60 8.64
C HIS A 78 31.83 -9.92 8.49
N HIS A 79 32.55 -10.34 9.53
CA HIS A 79 33.32 -11.58 9.45
C HIS A 79 32.90 -12.54 10.55
N HIS A 80 32.17 -13.58 10.16
CA HIS A 80 31.76 -14.61 11.09
C HIS A 80 32.97 -15.43 11.52
N HIS A 81 33.12 -15.64 12.82
CA HIS A 81 34.25 -16.39 13.35
C HIS A 81 34.20 -17.85 12.90
N HIS A 82 35.19 -18.24 12.11
CA HIS A 82 35.26 -19.57 11.55
C HIS A 82 35.91 -20.54 12.53
N HIS A 83 35.10 -21.38 13.15
CA HIS A 83 35.61 -22.42 14.04
C HIS A 83 34.58 -23.53 14.14
N MET B 1 -11.32 21.81 11.18
CA MET B 1 -11.21 21.03 9.93
C MET B 1 -9.77 21.02 9.43
N PRO B 2 -9.10 19.86 9.51
CA PRO B 2 -7.75 19.69 8.99
C PRO B 2 -7.73 19.81 7.47
N GLN B 3 -6.96 20.77 6.97
CA GLN B 3 -6.94 21.07 5.55
C GLN B 3 -5.51 21.05 5.02
N ILE B 4 -4.56 20.73 5.90
CA ILE B 4 -3.14 20.71 5.53
C ILE B 4 -2.87 19.73 4.39
N SER B 5 -2.53 20.28 3.24
CA SER B 5 -2.22 19.48 2.06
C SER B 5 -1.48 20.33 1.03
N ARG B 6 -0.19 20.06 0.88
CA ARG B 6 0.64 20.80 -0.07
C ARG B 6 0.35 20.37 -1.50
N TYR B 7 -0.14 19.16 -1.64
CA TYR B 7 -0.39 18.57 -2.95
C TYR B 7 -1.84 18.79 -3.37
N SER B 8 -2.02 19.52 -4.45
CA SER B 8 -3.33 19.89 -4.94
C SER B 8 -4.08 18.66 -5.49
N ASP B 9 -5.40 18.73 -5.46
CA ASP B 9 -6.27 17.62 -5.88
C ASP B 9 -5.98 17.19 -7.32
N GLU B 10 -5.77 18.16 -8.22
CA GLU B 10 -5.50 17.87 -9.63
C GLU B 10 -4.29 16.95 -9.77
N GLN B 11 -3.27 17.21 -8.98
CA GLN B 11 -2.02 16.46 -9.06
C GLN B 11 -2.22 15.03 -8.58
N VAL B 12 -2.90 14.88 -7.45
CA VAL B 12 -3.18 13.56 -6.88
C VAL B 12 -4.07 12.74 -7.81
N GLU B 13 -5.16 13.36 -8.26
CA GLU B 13 -6.12 12.69 -9.12
C GLU B 13 -5.49 12.24 -10.43
N GLN B 14 -4.67 13.11 -11.02
CA GLN B 14 -4.01 12.79 -12.29
C GLN B 14 -3.18 11.52 -12.17
N LEU B 15 -2.32 11.48 -11.15
CA LEU B 15 -1.45 10.33 -10.94
C LEU B 15 -2.28 9.09 -10.63
N LEU B 16 -3.23 9.24 -9.73
CA LEU B 16 -4.09 8.13 -9.31
C LEU B 16 -4.87 7.56 -10.50
N ALA B 17 -5.40 8.45 -11.32
CA ALA B 17 -6.20 8.06 -12.48
C ALA B 17 -5.40 7.16 -13.42
N GLU B 18 -4.16 7.53 -13.68
CA GLU B 18 -3.32 6.76 -14.57
C GLU B 18 -2.93 5.43 -13.94
N LEU B 19 -2.69 5.44 -12.62
CA LEU B 19 -2.37 4.22 -11.89
C LEU B 19 -3.52 3.22 -11.98
N LEU B 20 -4.72 3.69 -11.68
CA LEU B 20 -5.93 2.87 -11.75
C LEU B 20 -6.16 2.40 -13.18
N ASN B 21 -5.89 3.30 -14.13
CA ASN B 21 -6.02 2.98 -15.54
C ASN B 21 -5.16 1.79 -15.93
N VAL B 22 -3.93 1.74 -15.42
CA VAL B 22 -3.02 0.65 -15.71
C VAL B 22 -3.58 -0.69 -15.22
N LEU B 23 -4.05 -0.69 -13.99
CA LEU B 23 -4.61 -1.90 -13.39
C LEU B 23 -5.89 -2.33 -14.11
N GLU B 24 -6.73 -1.35 -14.45
CA GLU B 24 -7.98 -1.63 -15.15
C GLU B 24 -7.73 -2.10 -16.57
N LYS B 25 -6.80 -1.44 -17.26
CA LYS B 25 -6.46 -1.80 -18.64
C LYS B 25 -5.92 -3.22 -18.71
N HIS B 26 -5.14 -3.61 -17.70
CA HIS B 26 -4.61 -4.97 -17.62
C HIS B 26 -5.67 -5.94 -17.13
N LYS B 27 -6.68 -5.39 -16.44
CA LYS B 27 -7.75 -6.18 -15.84
C LYS B 27 -7.15 -7.25 -14.92
N ALA B 28 -6.39 -6.78 -13.94
CA ALA B 28 -5.74 -7.67 -12.99
C ALA B 28 -6.61 -7.83 -11.75
N PRO B 29 -6.60 -9.04 -11.16
CA PRO B 29 -7.39 -9.33 -9.95
C PRO B 29 -6.90 -8.54 -8.74
N THR B 30 -7.81 -8.30 -7.80
CA THR B 30 -7.48 -7.56 -6.58
C THR B 30 -6.30 -8.21 -5.86
N ASP B 31 -6.28 -9.54 -5.88
CA ASP B 31 -5.21 -10.32 -5.28
C ASP B 31 -3.85 -9.82 -5.76
N LEU B 32 -3.69 -9.83 -7.07
CA LEU B 32 -2.45 -9.43 -7.70
C LEU B 32 -2.20 -7.94 -7.50
N SER B 33 -3.26 -7.15 -7.62
CA SER B 33 -3.17 -5.70 -7.46
C SER B 33 -2.58 -5.34 -6.10
N LEU B 34 -3.20 -5.85 -5.04
CA LEU B 34 -2.76 -5.54 -3.69
C LEU B 34 -1.34 -6.05 -3.43
N MET B 35 -1.04 -7.22 -3.98
CA MET B 35 0.28 -7.83 -3.78
C MET B 35 1.35 -6.99 -4.48
N VAL B 36 1.08 -6.60 -5.72
CA VAL B 36 2.01 -5.77 -6.48
C VAL B 36 2.22 -4.43 -5.78
N LEU B 37 1.12 -3.81 -5.36
CA LEU B 37 1.19 -2.53 -4.65
C LEU B 37 2.00 -2.68 -3.37
N GLY B 38 1.74 -3.75 -2.62
CA GLY B 38 2.46 -4.01 -1.40
C GLY B 38 3.96 -4.15 -1.62
N ASN B 39 4.33 -4.90 -2.64
CA ASN B 39 5.74 -5.09 -2.97
C ASN B 39 6.34 -3.78 -3.49
N MET B 40 5.53 -3.03 -4.21
CA MET B 40 5.94 -1.72 -4.74
C MET B 40 6.23 -0.77 -3.59
N VAL B 41 5.35 -0.74 -2.59
CA VAL B 41 5.56 0.06 -1.39
C VAL B 41 6.84 -0.37 -0.68
N THR B 42 7.00 -1.69 -0.52
CA THR B 42 8.18 -2.25 0.12
C THR B 42 9.45 -1.83 -0.61
N ASN B 43 9.39 -1.85 -1.94
CA ASN B 43 10.53 -1.47 -2.78
C ASN B 43 10.85 0.01 -2.57
N LEU B 44 9.81 0.84 -2.59
CA LEU B 44 9.96 2.28 -2.40
C LEU B 44 10.58 2.59 -1.04
N ILE B 45 10.05 1.96 -0.01
CA ILE B 45 10.56 2.15 1.35
C ILE B 45 12.03 1.72 1.44
N ASN B 46 12.33 0.63 0.75
CA ASN B 46 13.68 0.04 0.77
C ASN B 46 14.72 0.99 0.18
N THR B 47 14.38 1.65 -0.92
CA THR B 47 15.36 2.44 -1.67
C THR B 47 15.17 3.94 -1.49
N SER B 48 14.30 4.35 -0.58
CA SER B 48 14.06 5.77 -0.37
C SER B 48 14.01 6.12 1.12
N ILE B 49 13.20 5.38 1.87
CA ILE B 49 13.02 5.66 3.28
C ILE B 49 14.17 5.07 4.10
N ALA B 50 14.77 5.90 4.94
CA ALA B 50 15.90 5.49 5.76
C ALA B 50 15.55 4.28 6.63
N PRO B 51 16.50 3.32 6.77
CA PRO B 51 16.30 2.09 7.55
C PRO B 51 15.90 2.38 9.00
N ALA B 52 16.24 3.57 9.47
CA ALA B 52 15.98 3.97 10.85
C ALA B 52 14.50 3.84 11.22
N GLN B 53 13.65 4.36 10.37
CA GLN B 53 12.23 4.51 10.69
C GLN B 53 11.34 3.87 9.65
N ARG B 54 11.90 2.98 8.84
CA ARG B 54 11.14 2.36 7.76
C ARG B 54 10.08 1.40 8.31
N GLN B 55 10.30 0.89 9.51
CA GLN B 55 9.34 0.00 10.14
C GLN B 55 8.21 0.81 10.76
N ALA B 56 8.56 1.94 11.35
CA ALA B 56 7.57 2.86 11.93
C ALA B 56 6.67 3.40 10.83
N ILE B 57 7.25 3.69 9.68
CA ILE B 57 6.48 4.14 8.53
C ILE B 57 5.46 3.08 8.11
N ALA B 58 5.93 1.83 8.03
CA ALA B 58 5.07 0.71 7.66
C ALA B 58 3.92 0.54 8.66
N ASN B 59 4.23 0.67 9.94
CA ASN B 59 3.24 0.51 10.98
C ASN B 59 2.23 1.66 10.99
N SER B 60 2.73 2.88 10.87
CA SER B 60 1.86 4.06 10.86
C SER B 60 0.99 4.09 9.60
N PHE B 61 1.56 3.67 8.48
CA PHE B 61 0.81 3.55 7.22
C PHE B 61 -0.33 2.55 7.40
N ALA B 62 -0.01 1.41 7.98
CA ALA B 62 -1.00 0.38 8.25
C ALA B 62 -2.08 0.89 9.20
N ARG B 63 -1.65 1.59 10.23
CA ARG B 63 -2.57 2.18 11.20
C ARG B 63 -3.49 3.20 10.52
N ALA B 64 -2.92 4.00 9.64
CA ALA B 64 -3.69 4.99 8.89
C ALA B 64 -4.71 4.31 7.99
N LEU B 65 -4.29 3.21 7.37
CA LEU B 65 -5.17 2.43 6.50
C LEU B 65 -6.40 1.94 7.28
N GLN B 66 -6.14 1.36 8.45
CA GLN B 66 -7.22 0.81 9.29
C GLN B 66 -8.14 1.91 9.80
N SER B 67 -7.63 3.13 9.88
CA SER B 67 -8.41 4.25 10.39
C SER B 67 -9.04 5.05 9.24
N SER B 68 -8.65 4.70 8.02
CA SER B 68 -9.19 5.35 6.83
C SER B 68 -10.40 4.56 6.32
N ILE B 69 -10.39 3.26 6.59
CA ILE B 69 -11.50 2.39 6.23
C ILE B 69 -12.51 2.33 7.38
N ASN B 70 -13.71 2.82 7.12
CA ASN B 70 -14.74 2.85 8.16
C ASN B 70 -15.40 1.48 8.30
N GLU B 71 -15.64 1.08 9.54
CA GLU B 71 -16.25 -0.22 9.83
C GLU B 71 -17.77 -0.15 9.71
N ASP B 72 -18.38 -1.29 9.43
CA ASP B 72 -19.83 -1.36 9.27
C ASP B 72 -20.47 -1.93 10.52
N LYS B 73 -21.69 -1.52 10.84
CA LYS B 73 -22.34 -1.97 12.05
C LYS B 73 -23.55 -2.85 11.76
N ALA B 74 -24.75 -2.34 11.98
CA ALA B 74 -25.95 -3.15 11.85
C ALA B 74 -27.22 -2.31 11.68
N HIS B 75 -27.42 -1.34 12.56
CA HIS B 75 -28.61 -0.53 12.52
C HIS B 75 -28.48 0.65 11.55
N LEU B 76 -29.25 0.58 10.48
CA LEU B 76 -29.40 1.71 9.59
C LEU B 76 -30.64 2.47 10.00
N GLU B 77 -30.44 3.61 10.64
CA GLU B 77 -31.54 4.39 11.21
C GLU B 77 -32.57 4.74 10.15
N HIS B 78 -32.10 5.05 8.94
CA HIS B 78 -32.97 5.32 7.79
C HIS B 78 -33.83 6.56 8.04
N HIS B 79 -34.93 6.38 8.76
CA HIS B 79 -35.72 7.51 9.23
C HIS B 79 -35.20 7.89 10.60
N HIS B 80 -34.40 8.95 10.65
CA HIS B 80 -33.56 9.25 11.81
C HIS B 80 -34.35 9.83 13.00
N HIS B 81 -35.60 9.40 13.15
CA HIS B 81 -36.45 9.83 14.27
C HIS B 81 -36.73 11.33 14.21
N HIS B 82 -37.56 11.80 15.13
CA HIS B 82 -37.79 13.24 15.26
C HIS B 82 -37.09 13.73 16.53
N HIS B 83 -36.75 12.79 17.39
CA HIS B 83 -36.02 13.09 18.61
C HIS B 83 -34.61 12.54 18.49
N MET A 1 8.76 -28.08 -2.97
CA MET A 1 7.62 -28.65 -3.73
C MET A 1 7.16 -27.65 -4.78
N PRO A 2 6.57 -28.14 -5.88
CA PRO A 2 6.10 -27.27 -6.96
C PRO A 2 4.93 -26.38 -6.52
N GLN A 3 5.28 -25.19 -6.03
CA GLN A 3 4.29 -24.20 -5.68
C GLN A 3 3.89 -23.42 -6.92
N ILE A 4 2.59 -23.42 -7.21
CA ILE A 4 2.09 -22.80 -8.43
C ILE A 4 2.23 -21.29 -8.38
N SER A 5 1.39 -20.66 -7.56
CA SER A 5 1.30 -19.20 -7.51
C SER A 5 0.93 -18.66 -8.89
N ARG A 6 -0.35 -18.42 -9.12
CA ARG A 6 -0.86 -18.05 -10.44
C ARG A 6 -0.53 -16.61 -10.81
N TYR A 7 0.50 -16.07 -10.18
CA TYR A 7 1.00 -14.75 -10.48
C TYR A 7 2.50 -14.82 -10.61
N SER A 8 2.94 -15.13 -11.83
CA SER A 8 4.35 -15.37 -12.12
C SER A 8 5.17 -14.07 -12.01
N ASP A 9 6.47 -14.24 -11.81
CA ASP A 9 7.40 -13.12 -11.68
C ASP A 9 7.23 -12.11 -12.81
N GLU A 10 7.08 -12.63 -14.03
CA GLU A 10 6.94 -11.78 -15.21
C GLU A 10 5.72 -10.87 -15.09
N GLN A 11 4.58 -11.45 -14.75
CA GLN A 11 3.33 -10.70 -14.66
C GLN A 11 3.44 -9.61 -13.58
N VAL A 12 4.06 -9.96 -12.46
CA VAL A 12 4.27 -9.02 -11.38
C VAL A 12 5.23 -7.91 -11.81
N GLU A 13 6.35 -8.31 -12.41
CA GLU A 13 7.37 -7.37 -12.84
C GLU A 13 6.84 -6.41 -13.90
N GLN A 14 6.12 -6.94 -14.88
CA GLN A 14 5.58 -6.14 -15.97
C GLN A 14 4.59 -5.10 -15.44
N LEU A 15 3.70 -5.52 -14.54
CA LEU A 15 2.73 -4.60 -13.98
C LEU A 15 3.43 -3.54 -13.13
N LEU A 16 4.39 -3.98 -12.32
CA LEU A 16 5.16 -3.08 -11.47
C LEU A 16 5.94 -2.07 -12.32
N ALA A 17 6.56 -2.57 -13.39
CA ALA A 17 7.32 -1.72 -14.30
C ALA A 17 6.44 -0.63 -14.89
N GLU A 18 5.25 -1.00 -15.32
CA GLU A 18 4.29 -0.05 -15.88
C GLU A 18 3.96 1.03 -14.84
N LEU A 19 3.60 0.60 -13.64
CA LEU A 19 3.22 1.52 -12.57
C LEU A 19 4.37 2.46 -12.23
N LEU A 20 5.57 1.90 -12.07
CA LEU A 20 6.75 2.69 -11.75
C LEU A 20 7.09 3.65 -12.89
N ASN A 21 7.01 3.16 -14.12
CA ASN A 21 7.34 3.96 -15.28
C ASN A 21 6.42 5.17 -15.38
N VAL A 22 5.12 4.95 -15.26
CA VAL A 22 4.15 6.03 -15.36
C VAL A 22 4.33 7.05 -14.23
N LEU A 23 4.66 6.55 -13.03
CA LEU A 23 4.91 7.42 -11.89
C LEU A 23 6.07 8.35 -12.17
N GLU A 24 7.18 7.77 -12.61
CA GLU A 24 8.39 8.54 -12.93
C GLU A 24 8.18 9.41 -14.16
N LYS A 25 7.27 8.97 -15.02
CA LYS A 25 6.96 9.65 -16.28
C LYS A 25 6.28 11.00 -16.00
N HIS A 26 5.44 11.04 -14.98
CA HIS A 26 4.75 12.28 -14.63
C HIS A 26 5.48 13.02 -13.51
N LYS A 27 6.47 12.34 -12.92
CA LYS A 27 7.30 12.90 -11.86
C LYS A 27 6.50 13.10 -10.58
N ALA A 28 6.54 12.09 -9.72
CA ALA A 28 5.80 12.14 -8.47
C ALA A 28 6.72 11.88 -7.29
N PRO A 29 6.82 12.86 -6.37
CA PRO A 29 7.61 12.72 -5.14
C PRO A 29 7.03 11.65 -4.23
N THR A 30 7.85 11.11 -3.33
CA THR A 30 7.45 9.99 -2.49
C THR A 30 6.27 10.37 -1.60
N ASP A 31 6.21 11.63 -1.18
CA ASP A 31 5.09 12.13 -0.38
C ASP A 31 3.77 11.94 -1.13
N LEU A 32 3.78 12.30 -2.41
CA LEU A 32 2.58 12.28 -3.22
C LEU A 32 2.24 10.87 -3.66
N SER A 33 3.27 10.08 -3.98
CA SER A 33 3.05 8.71 -4.43
C SER A 33 2.43 7.88 -3.31
N LEU A 34 2.92 8.04 -2.09
CA LEU A 34 2.37 7.34 -0.94
C LEU A 34 0.93 7.77 -0.67
N MET A 35 0.67 9.06 -0.86
CA MET A 35 -0.67 9.61 -0.69
C MET A 35 -1.66 8.93 -1.64
N VAL A 36 -1.29 8.83 -2.90
CA VAL A 36 -2.16 8.22 -3.90
C VAL A 36 -2.30 6.73 -3.66
N LEU A 37 -1.18 6.05 -3.42
CA LEU A 37 -1.20 4.61 -3.18
C LEU A 37 -2.05 4.27 -1.97
N GLY A 38 -1.90 5.05 -0.90
CA GLY A 38 -2.68 4.84 0.29
C GLY A 38 -4.17 4.98 0.03
N ASN A 39 -4.52 6.00 -0.76
CA ASN A 39 -5.90 6.23 -1.16
C ASN A 39 -6.43 5.05 -1.96
N MET A 40 -5.62 4.57 -2.90
CA MET A 40 -5.97 3.43 -3.73
C MET A 40 -6.26 2.19 -2.89
N VAL A 41 -5.32 1.86 -2.00
CA VAL A 41 -5.48 0.68 -1.14
C VAL A 41 -6.71 0.80 -0.26
N THR A 42 -6.91 1.99 0.32
CA THR A 42 -8.05 2.24 1.18
C THR A 42 -9.36 1.95 0.46
N ASN A 43 -9.56 2.59 -0.69
CA ASN A 43 -10.81 2.46 -1.43
C ASN A 43 -10.98 1.04 -1.99
N LEU A 44 -9.85 0.42 -2.35
CA LEU A 44 -9.88 -0.93 -2.90
C LEU A 44 -10.45 -1.92 -1.88
N ILE A 45 -9.88 -1.93 -0.69
CA ILE A 45 -10.33 -2.84 0.36
C ILE A 45 -11.75 -2.49 0.82
N ASN A 46 -12.06 -1.20 0.80
CA ASN A 46 -13.35 -0.70 1.26
C ASN A 46 -14.48 -1.10 0.31
N THR A 47 -14.16 -1.31 -0.96
CA THR A 47 -15.21 -1.57 -1.94
C THR A 47 -15.16 -3.00 -2.50
N SER A 48 -13.96 -3.50 -2.79
CA SER A 48 -13.82 -4.76 -3.52
C SER A 48 -13.75 -5.96 -2.57
N ILE A 49 -13.56 -5.72 -1.28
CA ILE A 49 -13.48 -6.81 -0.32
C ILE A 49 -14.75 -6.87 0.53
N ALA A 50 -15.22 -8.09 0.78
CA ALA A 50 -16.45 -8.34 1.55
C ALA A 50 -16.53 -7.49 2.82
N PRO A 51 -17.74 -6.98 3.12
CA PRO A 51 -17.99 -6.08 4.26
C PRO A 51 -17.92 -6.77 5.62
N ALA A 52 -16.86 -7.53 5.83
CA ALA A 52 -16.63 -8.19 7.12
C ALA A 52 -15.15 -8.42 7.33
N GLN A 53 -14.55 -9.22 6.45
CA GLN A 53 -13.14 -9.58 6.57
C GLN A 53 -12.24 -8.49 6.02
N ARG A 54 -12.82 -7.41 5.52
CA ARG A 54 -12.05 -6.31 4.96
C ARG A 54 -11.11 -5.72 6.00
N GLN A 55 -11.56 -5.65 7.23
CA GLN A 55 -10.72 -5.14 8.32
C GLN A 55 -9.65 -6.16 8.68
N ALA A 56 -10.02 -7.44 8.63
CA ALA A 56 -9.08 -8.53 8.93
C ALA A 56 -7.96 -8.56 7.89
N ILE A 57 -8.31 -8.30 6.64
CA ILE A 57 -7.33 -8.22 5.57
C ILE A 57 -6.36 -7.05 5.81
N ALA A 58 -6.91 -5.92 6.24
CA ALA A 58 -6.08 -4.77 6.57
C ALA A 58 -5.14 -5.08 7.71
N ASN A 59 -5.66 -5.75 8.74
CA ASN A 59 -4.86 -6.16 9.88
C ASN A 59 -3.77 -7.14 9.49
N SER A 60 -4.15 -8.20 8.78
CA SER A 60 -3.21 -9.24 8.39
C SER A 60 -2.14 -8.68 7.44
N PHE A 61 -2.54 -7.82 6.52
CA PHE A 61 -1.61 -7.19 5.60
C PHE A 61 -0.57 -6.37 6.37
N ALA A 62 -1.04 -5.64 7.38
CA ALA A 62 -0.15 -4.84 8.21
C ALA A 62 0.83 -5.74 8.95
N ARG A 63 0.34 -6.86 9.46
CA ARG A 63 1.17 -7.81 10.19
C ARG A 63 2.17 -8.47 9.24
N ALA A 64 1.73 -8.71 8.01
CA ALA A 64 2.61 -9.27 6.98
C ALA A 64 3.72 -8.28 6.67
N LEU A 65 3.36 -6.99 6.60
CA LEU A 65 4.32 -5.93 6.38
C LEU A 65 5.37 -5.92 7.50
N GLN A 66 4.89 -5.99 8.74
CA GLN A 66 5.76 -6.03 9.91
C GLN A 66 6.70 -7.23 9.86
N SER A 67 6.18 -8.36 9.38
CA SER A 67 6.95 -9.59 9.30
C SER A 67 7.94 -9.55 8.13
N SER A 68 7.65 -8.70 7.15
CA SER A 68 8.53 -8.54 6.00
C SER A 68 9.74 -7.67 6.35
N ILE A 69 9.56 -6.81 7.35
CA ILE A 69 10.64 -5.98 7.84
C ILE A 69 11.61 -6.83 8.67
N ASN A 70 12.80 -7.06 8.14
CA ASN A 70 13.81 -7.87 8.81
C ASN A 70 15.16 -7.17 8.76
N GLU A 71 15.71 -6.84 9.92
CA GLU A 71 16.91 -6.03 10.01
C GLU A 71 18.19 -6.83 9.72
N ASP A 72 18.62 -7.62 10.70
CA ASP A 72 19.92 -8.30 10.60
C ASP A 72 19.75 -9.72 10.09
N LYS A 73 18.63 -9.98 9.43
CA LYS A 73 18.33 -11.31 8.94
C LYS A 73 19.29 -11.72 7.81
N ALA A 74 19.42 -10.85 6.83
CA ALA A 74 20.25 -11.15 5.67
C ALA A 74 21.58 -10.42 5.74
N HIS A 75 22.65 -11.11 5.36
CA HIS A 75 23.97 -10.53 5.35
C HIS A 75 24.46 -10.38 3.91
N LEU A 76 24.41 -9.15 3.41
CA LEU A 76 24.78 -8.88 2.03
C LEU A 76 26.28 -8.68 1.89
N GLU A 77 26.96 -9.68 1.35
CA GLU A 77 28.38 -9.60 1.07
C GLU A 77 28.83 -10.88 0.37
N HIS A 78 29.09 -10.78 -0.93
CA HIS A 78 29.51 -11.93 -1.73
C HIS A 78 30.69 -11.61 -2.62
N HIS A 79 31.46 -10.60 -2.26
CA HIS A 79 32.62 -10.23 -3.06
C HIS A 79 33.91 -10.72 -2.40
N HIS A 80 33.78 -11.22 -1.19
CA HIS A 80 34.89 -11.89 -0.51
C HIS A 80 34.87 -13.38 -0.83
N HIS A 81 35.97 -13.87 -1.39
CA HIS A 81 36.05 -15.26 -1.78
C HIS A 81 36.98 -16.00 -0.83
N HIS A 82 36.89 -17.32 -0.83
CA HIS A 82 37.86 -18.14 -0.11
C HIS A 82 39.06 -18.39 -1.01
N HIS A 83 38.77 -18.84 -2.21
CA HIS A 83 39.76 -18.98 -3.28
C HIS A 83 39.06 -18.85 -4.61
N MET B 1 -9.17 26.71 6.56
CA MET B 1 -7.69 26.58 6.68
C MET B 1 -7.06 26.44 5.31
N PRO B 2 -6.03 27.25 5.02
CA PRO B 2 -5.29 27.16 3.77
C PRO B 2 -4.31 26.00 3.79
N GLN B 3 -4.52 25.02 2.92
CA GLN B 3 -3.65 23.87 2.85
C GLN B 3 -2.36 24.22 2.13
N ILE B 4 -1.33 24.52 2.91
CA ILE B 4 -0.04 24.87 2.36
C ILE B 4 0.78 23.62 2.08
N SER B 5 0.74 23.19 0.83
CA SER B 5 1.50 22.03 0.42
C SER B 5 1.80 22.10 -1.08
N ARG B 6 2.91 21.47 -1.47
CA ARG B 6 3.28 21.35 -2.88
C ARG B 6 2.19 20.66 -3.68
N TYR B 7 1.43 19.82 -2.99
CA TYR B 7 0.50 18.92 -3.64
C TYR B 7 -0.93 19.42 -3.50
N SER B 8 -1.74 19.14 -4.51
CA SER B 8 -3.13 19.58 -4.52
C SER B 8 -4.02 18.43 -5.00
N ASP B 9 -5.32 18.57 -4.78
CA ASP B 9 -6.31 17.54 -5.13
C ASP B 9 -6.16 17.07 -6.58
N GLU B 10 -6.03 18.02 -7.49
CA GLU B 10 -5.94 17.73 -8.91
C GLU B 10 -4.70 16.88 -9.23
N GLN B 11 -3.64 17.10 -8.48
CA GLN B 11 -2.40 16.37 -8.70
C GLN B 11 -2.53 14.94 -8.19
N VAL B 12 -3.33 14.77 -7.16
CA VAL B 12 -3.66 13.44 -6.66
C VAL B 12 -4.52 12.72 -7.69
N GLU B 13 -5.49 13.46 -8.25
CA GLU B 13 -6.34 12.93 -9.30
C GLU B 13 -5.51 12.51 -10.51
N GLN B 14 -4.57 13.35 -10.89
CA GLN B 14 -3.67 13.07 -12.01
C GLN B 14 -2.99 11.71 -11.86
N LEU B 15 -2.42 11.47 -10.69
CA LEU B 15 -1.72 10.20 -10.44
C LEU B 15 -2.72 9.07 -10.27
N LEU B 16 -3.81 9.35 -9.58
CA LEU B 16 -4.86 8.35 -9.35
C LEU B 16 -5.38 7.83 -10.68
N ALA B 17 -5.67 8.76 -11.59
CA ALA B 17 -6.15 8.40 -12.92
C ALA B 17 -5.15 7.52 -13.65
N GLU B 18 -3.90 7.97 -13.71
CA GLU B 18 -2.86 7.23 -14.41
C GLU B 18 -2.62 5.85 -13.80
N LEU B 19 -2.33 5.81 -12.51
CA LEU B 19 -2.00 4.55 -11.84
C LEU B 19 -3.14 3.55 -11.93
N LEU B 20 -4.37 4.03 -11.72
CA LEU B 20 -5.53 3.17 -11.77
C LEU B 20 -5.80 2.74 -13.20
N ASN B 21 -5.66 3.67 -14.14
CA ASN B 21 -5.92 3.38 -15.55
C ASN B 21 -4.97 2.33 -16.08
N VAL B 22 -3.68 2.45 -15.76
CA VAL B 22 -2.69 1.48 -16.20
C VAL B 22 -3.03 0.08 -15.68
N LEU B 23 -3.38 0.01 -14.39
CA LEU B 23 -3.70 -1.26 -13.76
C LEU B 23 -4.99 -1.84 -14.36
N GLU B 24 -6.01 -1.00 -14.51
CA GLU B 24 -7.30 -1.45 -15.02
C GLU B 24 -7.22 -1.78 -16.51
N LYS B 25 -6.39 -1.04 -17.24
CA LYS B 25 -6.22 -1.26 -18.67
C LYS B 25 -5.52 -2.59 -18.95
N HIS B 26 -4.44 -2.85 -18.21
CA HIS B 26 -3.71 -4.10 -18.37
C HIS B 26 -4.47 -5.24 -17.69
N LYS B 27 -5.40 -4.86 -16.82
CA LYS B 27 -6.34 -5.78 -16.18
C LYS B 27 -5.61 -6.79 -15.30
N ALA B 28 -5.43 -6.40 -14.05
CA ALA B 28 -4.78 -7.24 -13.06
C ALA B 28 -5.77 -7.59 -11.96
N PRO B 29 -5.85 -8.88 -11.58
CA PRO B 29 -6.73 -9.36 -10.52
C PRO B 29 -6.47 -8.66 -9.18
N THR B 30 -7.46 -8.70 -8.30
CA THR B 30 -7.38 -8.04 -7.00
C THR B 30 -6.20 -8.58 -6.19
N ASP B 31 -5.94 -9.89 -6.32
CA ASP B 31 -4.83 -10.51 -5.62
C ASP B 31 -3.50 -9.96 -6.12
N LEU B 32 -3.37 -9.89 -7.44
CA LEU B 32 -2.14 -9.45 -8.08
C LEU B 32 -1.82 -8.01 -7.71
N SER B 33 -2.83 -7.15 -7.79
CA SER B 33 -2.65 -5.74 -7.49
C SER B 33 -2.18 -5.55 -6.05
N LEU B 34 -2.79 -6.29 -5.12
CA LEU B 34 -2.39 -6.24 -3.72
C LEU B 34 -0.95 -6.73 -3.54
N MET B 35 -0.60 -7.80 -4.25
CA MET B 35 0.75 -8.34 -4.18
C MET B 35 1.78 -7.34 -4.70
N VAL B 36 1.47 -6.72 -5.83
CA VAL B 36 2.36 -5.73 -6.43
C VAL B 36 2.48 -4.50 -5.53
N LEU B 37 1.34 -3.95 -5.12
CA LEU B 37 1.32 -2.76 -4.27
C LEU B 37 2.04 -3.03 -2.96
N GLY B 38 1.82 -4.22 -2.41
CA GLY B 38 2.47 -4.61 -1.18
C GLY B 38 3.99 -4.54 -1.29
N ASN B 39 4.54 -5.18 -2.30
CA ASN B 39 5.98 -5.17 -2.53
C ASN B 39 6.45 -3.77 -2.90
N MET B 40 5.63 -3.05 -3.66
CA MET B 40 5.95 -1.70 -4.09
C MET B 40 6.15 -0.78 -2.89
N VAL B 41 5.17 -0.76 -1.99
CA VAL B 41 5.24 0.08 -0.79
C VAL B 41 6.42 -0.35 0.09
N THR B 42 6.57 -1.65 0.28
CA THR B 42 7.66 -2.19 1.08
C THR B 42 9.01 -1.73 0.51
N ASN B 43 9.14 -1.75 -0.80
CA ASN B 43 10.37 -1.32 -1.46
C ASN B 43 10.62 0.16 -1.21
N LEU B 44 9.58 0.98 -1.31
CA LEU B 44 9.70 2.41 -1.08
C LEU B 44 10.27 2.70 0.31
N ILE B 45 9.73 2.00 1.31
CA ILE B 45 10.17 2.17 2.69
C ILE B 45 11.62 1.69 2.88
N ASN B 46 12.04 0.77 2.02
CA ASN B 46 13.38 0.21 2.11
C ASN B 46 14.36 0.90 1.16
N THR B 47 13.88 1.85 0.38
CA THR B 47 14.76 2.56 -0.56
C THR B 47 14.90 4.05 -0.21
N SER B 48 13.81 4.79 -0.29
CA SER B 48 13.85 6.22 -0.04
C SER B 48 13.74 6.53 1.44
N ILE B 49 12.94 5.72 2.14
CA ILE B 49 12.81 5.86 3.59
C ILE B 49 14.04 5.28 4.28
N ALA B 50 14.46 5.90 5.37
CA ALA B 50 15.62 5.43 6.11
C ALA B 50 15.39 4.03 6.67
N PRO B 51 16.24 3.07 6.28
CA PRO B 51 16.10 1.65 6.67
C PRO B 51 16.12 1.45 8.18
N ALA B 52 16.65 2.42 8.91
CA ALA B 52 16.72 2.34 10.37
C ALA B 52 15.33 2.51 10.99
N GLN B 53 14.50 3.31 10.33
CA GLN B 53 13.18 3.63 10.86
C GLN B 53 12.07 3.00 10.01
N ARG B 54 12.45 2.10 9.11
CA ARG B 54 11.49 1.44 8.22
C ARG B 54 10.44 0.68 9.03
N GLN B 55 10.85 0.16 10.19
CA GLN B 55 9.96 -0.61 11.04
C GLN B 55 8.89 0.32 11.64
N ALA B 56 9.34 1.44 12.18
CA ALA B 56 8.44 2.42 12.77
C ALA B 56 7.52 3.02 11.71
N ILE B 57 8.07 3.33 10.54
CA ILE B 57 7.31 3.90 9.45
C ILE B 57 6.22 2.95 8.97
N ALA B 58 6.57 1.68 8.80
CA ALA B 58 5.62 0.67 8.36
C ALA B 58 4.46 0.55 9.34
N ASN B 59 4.77 0.57 10.62
CA ASN B 59 3.76 0.47 11.67
C ASN B 59 2.90 1.74 11.69
N SER B 60 3.54 2.89 11.49
CA SER B 60 2.83 4.16 11.42
C SER B 60 1.87 4.16 10.23
N PHE B 61 2.33 3.62 9.11
CA PHE B 61 1.51 3.53 7.90
C PHE B 61 0.29 2.66 8.17
N ALA B 62 0.46 1.64 9.00
CA ALA B 62 -0.64 0.77 9.38
C ALA B 62 -1.74 1.56 10.08
N ARG B 63 -1.36 2.43 11.02
CA ARG B 63 -2.33 3.29 11.68
C ARG B 63 -2.99 4.22 10.68
N ALA B 64 -2.19 4.82 9.81
CA ALA B 64 -2.68 5.74 8.79
C ALA B 64 -3.70 5.06 7.89
N LEU B 65 -3.38 3.85 7.45
CA LEU B 65 -4.27 3.08 6.59
C LEU B 65 -5.58 2.78 7.29
N GLN B 66 -5.50 2.28 8.52
CA GLN B 66 -6.68 1.91 9.28
C GLN B 66 -7.54 3.13 9.64
N SER B 67 -6.90 4.28 9.78
CA SER B 67 -7.61 5.52 10.06
C SER B 67 -8.24 6.07 8.78
N SER B 68 -7.71 5.65 7.64
CA SER B 68 -8.21 6.07 6.36
C SER B 68 -9.45 5.25 5.99
N ILE B 69 -9.47 3.99 6.40
CA ILE B 69 -10.61 3.12 6.12
C ILE B 69 -11.75 3.40 7.09
N ASN B 70 -12.50 4.46 6.82
CA ASN B 70 -13.68 4.75 7.60
C ASN B 70 -14.92 4.31 6.82
N GLU B 71 -15.59 3.29 7.33
CA GLU B 71 -16.78 2.75 6.68
C GLU B 71 -18.02 3.49 7.15
N ASP B 72 -17.87 4.25 8.22
CA ASP B 72 -18.96 5.06 8.74
C ASP B 72 -18.44 6.49 8.93
N LYS B 73 -19.16 7.31 9.69
CA LYS B 73 -18.82 8.72 9.91
C LYS B 73 -19.12 9.53 8.64
N ALA B 74 -19.60 8.83 7.62
CA ALA B 74 -20.01 9.46 6.37
C ALA B 74 -21.15 8.66 5.75
N HIS B 75 -22.37 9.10 6.02
CA HIS B 75 -23.55 8.43 5.48
C HIS B 75 -24.02 9.13 4.22
N LEU B 76 -24.26 8.35 3.17
CA LEU B 76 -24.62 8.89 1.87
C LEU B 76 -26.14 8.98 1.71
N GLU B 77 -26.87 8.54 2.72
CA GLU B 77 -28.32 8.57 2.67
C GLU B 77 -28.83 9.98 2.97
N HIS B 78 -28.52 10.90 2.05
CA HIS B 78 -28.97 12.27 2.14
C HIS B 78 -30.20 12.48 1.27
N HIS B 79 -30.59 11.41 0.59
CA HIS B 79 -31.77 11.43 -0.26
C HIS B 79 -33.01 11.57 0.62
N HIS B 80 -34.04 12.22 0.08
CA HIS B 80 -35.25 12.56 0.82
C HIS B 80 -34.97 13.69 1.81
N HIS B 81 -35.40 14.89 1.45
CA HIS B 81 -35.29 16.05 2.34
C HIS B 81 -36.40 15.97 3.37
N HIS B 82 -36.57 17.01 4.17
CA HIS B 82 -37.75 17.12 5.01
C HIS B 82 -38.99 17.25 4.11
N HIS B 83 -38.76 17.74 2.89
CA HIS B 83 -39.75 17.75 1.83
C HIS B 83 -39.05 18.07 0.52
N MET A 1 9.26 -23.59 -1.54
CA MET A 1 8.72 -22.27 -1.15
C MET A 1 7.27 -22.40 -0.70
N PRO A 2 6.98 -21.98 0.54
CA PRO A 2 5.61 -22.00 1.07
C PRO A 2 4.67 -21.11 0.28
N GLN A 3 5.22 -20.05 -0.29
CA GLN A 3 4.44 -19.14 -1.12
C GLN A 3 4.70 -19.43 -2.60
N ILE A 4 3.80 -20.17 -3.22
CA ILE A 4 3.93 -20.53 -4.62
C ILE A 4 3.34 -19.43 -5.49
N SER A 5 4.12 -18.98 -6.46
CA SER A 5 3.69 -17.90 -7.34
C SER A 5 3.30 -18.46 -8.71
N ARG A 6 2.00 -18.66 -8.91
CA ARG A 6 1.49 -19.14 -10.19
C ARG A 6 1.41 -17.97 -11.16
N TYR A 7 1.37 -16.77 -10.61
CA TYR A 7 1.29 -15.55 -11.40
C TYR A 7 2.58 -15.33 -12.16
N SER A 8 2.46 -14.91 -13.41
CA SER A 8 3.61 -14.71 -14.29
C SER A 8 4.52 -13.61 -13.77
N ASP A 9 5.72 -14.01 -13.35
CA ASP A 9 6.74 -13.08 -12.83
C ASP A 9 7.01 -11.94 -13.80
N GLU A 10 7.10 -12.27 -15.08
CA GLU A 10 7.36 -11.28 -16.13
C GLU A 10 6.31 -10.17 -16.12
N GLN A 11 5.04 -10.55 -16.04
CA GLN A 11 3.95 -9.60 -16.03
C GLN A 11 3.93 -8.79 -14.73
N VAL A 12 4.24 -9.45 -13.61
CA VAL A 12 4.34 -8.77 -12.33
C VAL A 12 5.46 -7.74 -12.40
N GLU A 13 6.57 -8.13 -13.02
CA GLU A 13 7.69 -7.24 -13.24
C GLU A 13 7.26 -6.04 -14.08
N GLN A 14 6.51 -6.31 -15.14
CA GLN A 14 6.00 -5.28 -16.03
C GLN A 14 5.17 -4.26 -15.24
N LEU A 15 4.20 -4.76 -14.48
CA LEU A 15 3.32 -3.91 -13.69
C LEU A 15 4.13 -3.10 -12.67
N LEU A 16 5.01 -3.78 -11.97
CA LEU A 16 5.85 -3.15 -10.94
C LEU A 16 6.69 -2.04 -11.54
N ALA A 17 7.39 -2.35 -12.63
CA ALA A 17 8.24 -1.37 -13.29
C ALA A 17 7.43 -0.20 -13.82
N GLU A 18 6.29 -0.51 -14.42
CA GLU A 18 5.43 0.51 -14.98
C GLU A 18 4.93 1.47 -13.90
N LEU A 19 4.43 0.92 -12.79
CA LEU A 19 3.92 1.73 -11.70
C LEU A 19 5.00 2.64 -11.12
N LEU A 20 6.21 2.10 -10.95
CA LEU A 20 7.33 2.88 -10.46
C LEU A 20 7.74 3.93 -11.48
N ASN A 21 7.65 3.59 -12.75
CA ASN A 21 8.00 4.51 -13.82
C ASN A 21 6.95 5.61 -13.92
N VAL A 22 5.71 5.27 -13.61
CA VAL A 22 4.63 6.25 -13.53
C VAL A 22 4.96 7.33 -12.50
N LEU A 23 5.46 6.89 -11.36
CA LEU A 23 5.87 7.80 -10.29
C LEU A 23 6.91 8.78 -10.83
N GLU A 24 7.87 8.27 -11.58
CA GLU A 24 8.92 9.10 -12.16
C GLU A 24 8.35 10.00 -13.25
N LYS A 25 7.53 9.45 -14.14
CA LYS A 25 6.95 10.20 -15.25
C LYS A 25 6.12 11.39 -14.78
N HIS A 26 5.42 11.22 -13.68
CA HIS A 26 4.58 12.30 -13.14
C HIS A 26 5.32 13.06 -12.04
N LYS A 27 6.48 12.54 -11.63
CA LYS A 27 7.28 13.10 -10.55
C LYS A 27 6.41 13.50 -9.35
N ALA A 28 5.94 12.50 -8.63
CA ALA A 28 5.13 12.73 -7.44
C ALA A 28 6.00 12.65 -6.20
N PRO A 29 5.82 13.60 -5.26
CA PRO A 29 6.56 13.63 -4.00
C PRO A 29 6.46 12.30 -3.25
N THR A 30 7.53 11.94 -2.55
CA THR A 30 7.61 10.66 -1.86
C THR A 30 6.45 10.48 -0.87
N ASP A 31 6.13 11.56 -0.15
CA ASP A 31 5.06 11.54 0.84
C ASP A 31 3.70 11.44 0.16
N LEU A 32 3.55 12.14 -0.96
CA LEU A 32 2.31 12.08 -1.74
C LEU A 32 2.12 10.69 -2.34
N SER A 33 3.23 10.08 -2.76
CA SER A 33 3.19 8.73 -3.33
C SER A 33 2.58 7.75 -2.35
N LEU A 34 3.03 7.79 -1.10
CA LEU A 34 2.48 6.92 -0.07
C LEU A 34 1.01 7.23 0.19
N MET A 35 0.69 8.52 0.20
CA MET A 35 -0.68 8.97 0.42
C MET A 35 -1.61 8.45 -0.68
N VAL A 36 -1.17 8.58 -1.93
CA VAL A 36 -1.94 8.13 -3.08
C VAL A 36 -2.08 6.61 -3.08
N LEU A 37 -0.97 5.90 -2.87
CA LEU A 37 -0.99 4.45 -2.82
C LEU A 37 -1.93 3.96 -1.73
N GLY A 38 -1.79 4.53 -0.54
CA GLY A 38 -2.63 4.15 0.57
C GLY A 38 -4.11 4.39 0.29
N ASN A 39 -4.42 5.57 -0.21
CA ASN A 39 -5.81 5.94 -0.50
C ASN A 39 -6.42 4.97 -1.51
N MET A 40 -5.68 4.69 -2.58
CA MET A 40 -6.18 3.83 -3.65
C MET A 40 -6.42 2.41 -3.11
N VAL A 41 -5.42 1.84 -2.45
CA VAL A 41 -5.53 0.49 -1.91
C VAL A 41 -6.67 0.40 -0.89
N THR A 42 -6.79 1.43 -0.07
CA THR A 42 -7.86 1.49 0.93
C THR A 42 -9.24 1.40 0.27
N ASN A 43 -9.46 2.26 -0.73
CA ASN A 43 -10.74 2.28 -1.44
C ASN A 43 -10.95 0.97 -2.20
N LEU A 44 -9.86 0.41 -2.72
CA LEU A 44 -9.93 -0.86 -3.43
C LEU A 44 -10.45 -1.95 -2.51
N ILE A 45 -9.80 -2.11 -1.36
CA ILE A 45 -10.20 -3.12 -0.38
C ILE A 45 -11.60 -2.83 0.15
N ASN A 46 -11.89 -1.56 0.40
CA ASN A 46 -13.16 -1.13 0.98
C ASN A 46 -14.34 -1.44 0.06
N THR A 47 -14.13 -1.37 -1.25
CA THR A 47 -15.22 -1.55 -2.20
C THR A 47 -15.23 -2.95 -2.82
N SER A 48 -14.08 -3.60 -2.88
CA SER A 48 -13.98 -4.91 -3.51
C SER A 48 -14.18 -6.02 -2.49
N ILE A 49 -13.49 -5.92 -1.36
CA ILE A 49 -13.56 -6.94 -0.33
C ILE A 49 -14.80 -6.72 0.53
N ALA A 50 -15.39 -7.81 1.00
CA ALA A 50 -16.56 -7.75 1.87
C ALA A 50 -16.31 -6.80 3.04
N PRO A 51 -17.18 -5.78 3.19
CA PRO A 51 -17.03 -4.73 4.22
C PRO A 51 -17.02 -5.29 5.64
N ALA A 52 -17.48 -6.52 5.81
CA ALA A 52 -17.48 -7.16 7.11
C ALA A 52 -16.06 -7.52 7.54
N GLN A 53 -15.16 -7.67 6.57
CA GLN A 53 -13.79 -8.06 6.85
C GLN A 53 -12.79 -7.15 6.15
N ARG A 54 -13.27 -6.01 5.66
CA ARG A 54 -12.39 -5.04 4.98
C ARG A 54 -11.24 -4.59 5.89
N GLN A 55 -11.54 -4.40 7.17
CA GLN A 55 -10.54 -3.94 8.11
C GLN A 55 -9.58 -5.07 8.46
N ALA A 56 -10.07 -6.30 8.40
CA ALA A 56 -9.24 -7.47 8.66
C ALA A 56 -8.15 -7.58 7.61
N ILE A 57 -8.48 -7.20 6.39
CA ILE A 57 -7.52 -7.20 5.29
C ILE A 57 -6.49 -6.08 5.51
N ALA A 58 -6.96 -4.94 5.98
CA ALA A 58 -6.07 -3.83 6.31
C ALA A 58 -5.10 -4.23 7.41
N ASN A 59 -5.61 -4.94 8.42
CA ASN A 59 -4.79 -5.42 9.52
C ASN A 59 -3.75 -6.42 9.04
N SER A 60 -4.18 -7.37 8.21
CA SER A 60 -3.29 -8.41 7.71
C SER A 60 -2.28 -7.84 6.71
N PHE A 61 -2.64 -6.75 6.05
CA PHE A 61 -1.70 -6.06 5.17
C PHE A 61 -0.57 -5.47 6.00
N ALA A 62 -0.92 -4.82 7.09
CA ALA A 62 0.06 -4.27 8.02
C ALA A 62 0.89 -5.41 8.62
N ARG A 63 0.19 -6.49 8.98
CA ARG A 63 0.83 -7.71 9.45
C ARG A 63 1.89 -8.19 8.46
N ALA A 64 1.52 -8.27 7.19
CA ALA A 64 2.43 -8.71 6.14
C ALA A 64 3.59 -7.74 5.98
N LEU A 65 3.27 -6.45 5.96
CA LEU A 65 4.28 -5.41 5.77
C LEU A 65 5.38 -5.50 6.82
N GLN A 66 4.99 -5.53 8.09
CA GLN A 66 5.95 -5.57 9.19
C GLN A 66 6.67 -6.91 9.27
N SER A 67 6.22 -7.88 8.49
CA SER A 67 6.87 -9.17 8.43
C SER A 67 7.80 -9.25 7.21
N SER A 68 7.68 -8.25 6.34
CA SER A 68 8.47 -8.20 5.12
C SER A 68 9.65 -7.26 5.28
N ILE A 69 9.55 -6.33 6.23
CA ILE A 69 10.62 -5.38 6.49
C ILE A 69 11.77 -6.06 7.23
N ASN A 70 12.90 -6.20 6.54
CA ASN A 70 14.11 -6.81 7.11
C ASN A 70 13.89 -8.27 7.49
N GLU A 71 14.30 -9.19 6.63
CA GLU A 71 14.30 -10.59 6.97
C GLU A 71 15.73 -11.05 7.24
N ASP A 72 15.92 -12.30 7.61
CA ASP A 72 17.24 -12.85 7.80
C ASP A 72 17.28 -14.29 7.30
N LYS A 73 17.65 -14.44 6.04
CA LYS A 73 17.71 -15.75 5.42
C LYS A 73 19.07 -16.39 5.69
N ALA A 74 20.12 -15.70 5.29
CA ALA A 74 21.46 -16.16 5.54
C ALA A 74 22.20 -15.16 6.42
N HIS A 75 22.52 -15.59 7.64
CA HIS A 75 23.25 -14.73 8.56
C HIS A 75 24.73 -14.79 8.28
N LEU A 76 25.31 -13.62 7.98
CA LEU A 76 26.72 -13.49 7.61
C LEU A 76 26.97 -14.25 6.31
N GLU A 77 26.66 -13.59 5.20
CA GLU A 77 26.81 -14.18 3.88
C GLU A 77 28.24 -14.00 3.37
N HIS A 78 28.96 -13.07 3.97
CA HIS A 78 30.35 -12.79 3.63
C HIS A 78 30.43 -12.17 2.23
N HIS A 79 29.38 -11.46 1.83
CA HIS A 79 29.38 -10.74 0.56
C HIS A 79 30.33 -9.55 0.62
N HIS A 80 31.28 -9.52 -0.29
CA HIS A 80 32.28 -8.46 -0.30
C HIS A 80 32.92 -8.38 -1.68
N HIS A 81 33.36 -7.19 -2.08
CA HIS A 81 34.02 -7.02 -3.37
C HIS A 81 35.53 -6.86 -3.19
N HIS A 82 36.26 -7.93 -3.49
CA HIS A 82 37.73 -7.94 -3.44
C HIS A 82 38.26 -7.68 -2.03
N HIS A 83 38.52 -6.41 -1.73
CA HIS A 83 39.13 -6.02 -0.46
C HIS A 83 38.46 -4.77 0.05
N MET B 1 -6.37 23.50 10.84
CA MET B 1 -6.52 22.04 10.58
C MET B 1 -5.15 21.39 10.39
N PRO B 2 -4.83 20.39 11.24
CA PRO B 2 -3.57 19.63 11.13
C PRO B 2 -3.40 18.98 9.78
N GLN B 3 -4.51 18.56 9.18
CA GLN B 3 -4.48 17.97 7.84
C GLN B 3 -4.55 19.08 6.79
N ILE B 4 -3.38 19.59 6.41
CA ILE B 4 -3.30 20.66 5.43
C ILE B 4 -3.22 20.08 4.02
N SER B 5 -4.28 20.27 3.26
CA SER B 5 -4.32 19.83 1.88
C SER B 5 -3.63 20.85 0.98
N ARG B 6 -2.32 20.72 0.85
CA ARG B 6 -1.55 21.60 -0.02
C ARG B 6 -1.22 20.87 -1.32
N TYR B 7 -1.61 19.61 -1.38
CA TYR B 7 -1.36 18.79 -2.55
C TYR B 7 -2.29 19.20 -3.67
N SER B 8 -1.72 19.48 -4.84
CA SER B 8 -2.50 19.85 -6.00
C SER B 8 -3.50 18.75 -6.36
N ASP B 9 -4.78 19.07 -6.25
CA ASP B 9 -5.86 18.11 -6.50
C ASP B 9 -5.70 17.45 -7.84
N GLU B 10 -5.41 18.26 -8.85
CA GLU B 10 -5.22 17.79 -10.21
C GLU B 10 -4.12 16.73 -10.28
N GLN B 11 -2.99 17.01 -9.65
CA GLN B 11 -1.86 16.08 -9.64
C GLN B 11 -2.23 14.79 -8.92
N VAL B 12 -2.82 14.93 -7.74
CA VAL B 12 -3.19 13.77 -6.92
C VAL B 12 -4.19 12.88 -7.65
N GLU B 13 -5.22 13.50 -8.20
CA GLU B 13 -6.27 12.76 -8.90
C GLU B 13 -5.69 12.03 -10.11
N GLN B 14 -4.82 12.71 -10.86
CA GLN B 14 -4.20 12.11 -12.04
C GLN B 14 -3.35 10.91 -11.66
N LEU B 15 -2.67 10.97 -10.52
CA LEU B 15 -1.85 9.85 -10.07
C LEU B 15 -2.73 8.68 -9.66
N LEU B 16 -3.82 8.99 -8.96
CA LEU B 16 -4.81 7.98 -8.59
C LEU B 16 -5.37 7.31 -9.83
N ALA B 17 -5.77 8.14 -10.80
CA ALA B 17 -6.34 7.65 -12.04
C ALA B 17 -5.32 6.87 -12.85
N GLU B 18 -4.08 7.34 -12.86
CA GLU B 18 -3.01 6.71 -13.63
C GLU B 18 -2.73 5.29 -13.13
N LEU B 19 -2.62 5.14 -11.82
CA LEU B 19 -2.35 3.84 -11.22
C LEU B 19 -3.46 2.86 -11.58
N LEU B 20 -4.70 3.30 -11.41
CA LEU B 20 -5.85 2.47 -11.72
C LEU B 20 -5.97 2.24 -13.24
N ASN B 21 -5.53 3.23 -14.01
CA ASN B 21 -5.52 3.16 -15.46
C ASN B 21 -4.75 1.94 -15.93
N VAL B 22 -3.49 1.85 -15.53
CA VAL B 22 -2.61 0.75 -15.90
C VAL B 22 -3.18 -0.59 -15.45
N LEU B 23 -3.66 -0.63 -14.22
CA LEU B 23 -4.19 -1.85 -13.64
C LEU B 23 -5.47 -2.28 -14.37
N GLU B 24 -6.36 -1.34 -14.60
CA GLU B 24 -7.64 -1.63 -15.24
C GLU B 24 -7.46 -2.09 -16.68
N LYS B 25 -6.44 -1.56 -17.35
CA LYS B 25 -6.16 -1.92 -18.74
C LYS B 25 -5.77 -3.39 -18.87
N HIS B 26 -5.44 -4.02 -17.75
CA HIS B 26 -5.11 -5.44 -17.74
C HIS B 26 -6.14 -6.23 -16.93
N LYS B 27 -6.69 -5.60 -15.90
CA LYS B 27 -7.64 -6.24 -14.98
C LYS B 27 -7.08 -7.54 -14.43
N ALA B 28 -6.10 -7.43 -13.55
CA ALA B 28 -5.48 -8.59 -12.93
C ALA B 28 -6.30 -9.00 -11.71
N PRO B 29 -6.28 -10.30 -11.36
CA PRO B 29 -6.98 -10.82 -10.18
C PRO B 29 -6.65 -10.03 -8.92
N THR B 30 -7.62 -9.94 -8.01
CA THR B 30 -7.48 -9.14 -6.80
C THR B 30 -6.28 -9.56 -5.98
N ASP B 31 -6.02 -10.87 -5.94
CA ASP B 31 -4.90 -11.40 -5.16
C ASP B 31 -3.57 -10.98 -5.79
N LEU B 32 -3.57 -10.88 -7.11
CA LEU B 32 -2.36 -10.50 -7.85
C LEU B 32 -2.14 -8.99 -7.77
N SER B 33 -3.20 -8.22 -7.90
CA SER B 33 -3.09 -6.77 -7.85
C SER B 33 -2.60 -6.32 -6.48
N LEU B 34 -3.16 -6.91 -5.43
CA LEU B 34 -2.72 -6.62 -4.06
C LEU B 34 -1.28 -7.10 -3.84
N MET B 35 -0.92 -8.20 -4.52
CA MET B 35 0.43 -8.72 -4.45
C MET B 35 1.43 -7.73 -5.03
N VAL B 36 1.09 -7.17 -6.20
CA VAL B 36 1.93 -6.19 -6.86
C VAL B 36 2.03 -4.91 -6.01
N LEU B 37 0.89 -4.41 -5.58
CA LEU B 37 0.83 -3.18 -4.78
C LEU B 37 1.58 -3.35 -3.47
N GLY B 38 1.38 -4.49 -2.81
CA GLY B 38 2.06 -4.76 -1.56
C GLY B 38 3.56 -4.80 -1.74
N ASN B 39 4.01 -5.49 -2.79
CA ASN B 39 5.43 -5.56 -3.10
C ASN B 39 5.97 -4.19 -3.46
N MET B 40 5.14 -3.42 -4.18
CA MET B 40 5.49 -2.06 -4.58
C MET B 40 5.73 -1.17 -3.36
N VAL B 41 4.76 -1.12 -2.46
CA VAL B 41 4.87 -0.30 -1.26
C VAL B 41 6.06 -0.72 -0.41
N THR B 42 6.22 -2.03 -0.23
CA THR B 42 7.32 -2.58 0.55
C THR B 42 8.67 -2.17 -0.05
N ASN B 43 8.79 -2.35 -1.36
CA ASN B 43 10.03 -2.03 -2.06
C ASN B 43 10.32 -0.53 -1.98
N LEU B 44 9.28 0.28 -2.18
CA LEU B 44 9.40 1.73 -2.15
C LEU B 44 9.96 2.19 -0.81
N ILE B 45 9.35 1.74 0.27
CA ILE B 45 9.79 2.10 1.62
C ILE B 45 11.16 1.50 1.92
N ASN B 46 11.39 0.30 1.41
CA ASN B 46 12.65 -0.42 1.63
C ASN B 46 13.84 0.35 1.08
N THR B 47 13.70 0.89 -0.12
CA THR B 47 14.82 1.51 -0.80
C THR B 47 14.89 3.03 -0.58
N SER B 48 13.74 3.69 -0.61
CA SER B 48 13.69 5.15 -0.53
C SER B 48 13.91 5.65 0.89
N ILE B 49 13.58 4.81 1.86
CA ILE B 49 13.69 5.19 3.26
C ILE B 49 14.81 4.40 3.93
N ALA B 50 15.61 5.09 4.74
CA ALA B 50 16.71 4.46 5.44
C ALA B 50 16.20 3.41 6.43
N PRO B 51 16.92 2.28 6.56
CA PRO B 51 16.51 1.14 7.39
C PRO B 51 16.09 1.51 8.81
N ALA B 52 16.75 2.49 9.40
CA ALA B 52 16.47 2.89 10.78
C ALA B 52 15.00 3.26 10.97
N GLN B 53 14.54 4.27 10.24
CA GLN B 53 13.17 4.74 10.37
C GLN B 53 12.26 4.08 9.32
N ARG B 54 12.80 3.11 8.59
CA ARG B 54 12.05 2.40 7.57
C ARG B 54 10.81 1.74 8.17
N GLN B 55 11.00 1.02 9.26
CA GLN B 55 9.90 0.33 9.93
C GLN B 55 9.00 1.32 10.65
N ALA B 56 9.55 2.48 11.00
CA ALA B 56 8.79 3.52 11.66
C ALA B 56 7.77 4.12 10.70
N ILE B 57 8.23 4.44 9.50
CA ILE B 57 7.36 4.98 8.47
C ILE B 57 6.34 3.92 8.04
N ALA B 58 6.78 2.68 7.97
CA ALA B 58 5.91 1.56 7.64
C ALA B 58 4.75 1.47 8.62
N ASN B 59 5.05 1.67 9.91
CA ASN B 59 4.01 1.62 10.94
C ASN B 59 3.06 2.80 10.84
N SER B 60 3.59 3.99 10.56
CA SER B 60 2.74 5.17 10.42
C SER B 60 1.80 5.01 9.23
N PHE B 61 2.28 4.30 8.20
CA PHE B 61 1.47 4.00 7.03
C PHE B 61 0.43 2.94 7.39
N ALA B 62 0.87 1.93 8.15
CA ALA B 62 -0.01 0.86 8.61
C ALA B 62 -1.17 1.41 9.44
N ARG B 63 -0.85 2.30 10.37
CA ARG B 63 -1.88 2.90 11.22
C ARG B 63 -2.86 3.71 10.37
N ALA B 64 -2.34 4.43 9.38
CA ALA B 64 -3.18 5.21 8.49
C ALA B 64 -4.11 4.31 7.69
N LEU B 65 -3.59 3.17 7.24
CA LEU B 65 -4.36 2.19 6.51
C LEU B 65 -5.49 1.63 7.38
N GLN B 66 -5.13 1.23 8.60
CA GLN B 66 -6.10 0.64 9.53
C GLN B 66 -7.13 1.67 9.99
N SER B 67 -6.83 2.94 9.75
CA SER B 67 -7.73 4.02 10.10
C SER B 67 -8.59 4.42 8.91
N SER B 68 -7.95 4.75 7.79
CA SER B 68 -8.66 5.25 6.61
C SER B 68 -9.53 4.16 5.99
N ILE B 69 -9.31 2.92 6.39
CA ILE B 69 -10.15 1.81 5.95
C ILE B 69 -11.57 2.00 6.48
N ASN B 70 -11.71 2.81 7.52
CA ASN B 70 -13.00 3.14 8.10
C ASN B 70 -13.07 4.63 8.43
N GLU B 71 -13.57 5.40 7.49
CA GLU B 71 -13.68 6.84 7.66
C GLU B 71 -15.13 7.30 7.66
N ASP B 72 -15.80 7.14 8.79
CA ASP B 72 -17.15 7.65 8.94
C ASP B 72 -17.13 8.93 9.76
N LYS B 73 -17.72 9.98 9.20
CA LYS B 73 -17.67 11.30 9.82
C LYS B 73 -19.08 11.74 10.25
N ALA B 74 -20.09 11.21 9.56
CA ALA B 74 -21.47 11.57 9.85
C ALA B 74 -21.98 10.87 11.10
N HIS B 75 -23.01 11.44 11.70
CA HIS B 75 -23.62 10.84 12.89
C HIS B 75 -25.10 10.61 12.67
N LEU B 76 -25.80 11.67 12.25
CA LEU B 76 -27.23 11.59 12.00
C LEU B 76 -27.63 12.67 11.01
N GLU B 77 -28.09 12.25 9.84
CA GLU B 77 -28.56 13.17 8.82
C GLU B 77 -29.72 12.56 8.06
N HIS B 78 -30.43 13.36 7.29
CA HIS B 78 -31.48 12.86 6.42
C HIS B 78 -30.94 12.64 5.03
N HIS B 79 -30.26 11.51 4.86
CA HIS B 79 -29.61 11.20 3.59
C HIS B 79 -30.60 10.47 2.68
N HIS B 80 -31.67 9.99 3.27
CA HIS B 80 -32.76 9.37 2.53
C HIS B 80 -33.46 10.42 1.67
N HIS B 81 -33.21 10.37 0.37
CA HIS B 81 -33.67 11.42 -0.54
C HIS B 81 -35.18 11.41 -0.69
N HIS B 82 -35.70 10.36 -1.30
CA HIS B 82 -37.14 10.25 -1.53
C HIS B 82 -37.76 9.45 -0.40
N HIS B 83 -38.81 10.00 0.19
CA HIS B 83 -39.46 9.38 1.35
C HIS B 83 -39.96 7.96 1.05
N MET A 1 12.27 -11.32 -1.98
CA MET A 1 11.26 -10.64 -2.83
C MET A 1 10.50 -11.67 -3.64
N PRO A 2 9.40 -11.27 -4.33
CA PRO A 2 8.70 -12.16 -5.26
C PRO A 2 9.58 -12.54 -6.44
N GLN A 3 10.31 -13.63 -6.28
CA GLN A 3 11.26 -14.09 -7.29
C GLN A 3 10.78 -15.40 -7.91
N ILE A 4 9.65 -15.88 -7.41
CA ILE A 4 9.03 -17.10 -7.90
C ILE A 4 7.59 -17.18 -7.38
N SER A 5 6.65 -16.88 -8.25
CA SER A 5 5.24 -16.83 -7.87
C SER A 5 4.43 -17.84 -8.67
N ARG A 6 3.15 -17.97 -8.34
CA ARG A 6 2.25 -18.84 -9.11
C ARG A 6 1.66 -18.07 -10.28
N TYR A 7 2.23 -16.91 -10.54
CA TYR A 7 1.90 -16.13 -11.73
C TYR A 7 3.17 -15.93 -12.53
N SER A 8 3.08 -15.20 -13.63
CA SER A 8 4.27 -14.80 -14.36
C SER A 8 4.96 -13.67 -13.60
N ASP A 9 6.08 -13.98 -12.96
CA ASP A 9 6.85 -12.99 -12.21
C ASP A 9 7.28 -11.86 -13.12
N GLU A 10 7.48 -12.19 -14.39
CA GLU A 10 7.81 -11.21 -15.41
C GLU A 10 6.70 -10.15 -15.50
N GLN A 11 5.46 -10.61 -15.44
CA GLN A 11 4.32 -9.71 -15.46
C GLN A 11 4.30 -8.83 -14.20
N VAL A 12 4.62 -9.46 -13.07
CA VAL A 12 4.69 -8.74 -11.79
C VAL A 12 5.76 -7.66 -11.85
N GLU A 13 6.94 -8.01 -12.36
CA GLU A 13 8.03 -7.06 -12.54
C GLU A 13 7.61 -5.95 -13.51
N GLN A 14 6.94 -6.35 -14.60
CA GLN A 14 6.44 -5.39 -15.58
C GLN A 14 5.48 -4.41 -14.90
N LEU A 15 4.53 -4.95 -14.13
CA LEU A 15 3.55 -4.13 -13.43
C LEU A 15 4.24 -3.19 -12.44
N LEU A 16 5.24 -3.71 -11.74
CA LEU A 16 6.00 -2.90 -10.80
C LEU A 16 6.71 -1.78 -11.54
N ALA A 17 7.44 -2.13 -12.60
CA ALA A 17 8.15 -1.17 -13.40
C ALA A 17 7.21 -0.20 -14.10
N GLU A 18 5.98 -0.64 -14.35
CA GLU A 18 4.98 0.17 -15.02
C GLU A 18 4.35 1.16 -14.05
N LEU A 19 4.08 0.71 -12.83
CA LEU A 19 3.59 1.59 -11.78
C LEU A 19 4.65 2.62 -11.41
N LEU A 20 5.89 2.15 -11.30
CA LEU A 20 7.02 3.04 -11.06
C LEU A 20 7.29 3.91 -12.28
N ASN A 21 6.92 3.41 -13.45
CA ASN A 21 7.05 4.18 -14.68
C ASN A 21 6.15 5.40 -14.60
N VAL A 22 4.91 5.19 -14.17
CA VAL A 22 3.98 6.29 -13.94
C VAL A 22 4.54 7.27 -12.93
N LEU A 23 5.12 6.74 -11.87
CA LEU A 23 5.70 7.55 -10.81
C LEU A 23 6.82 8.43 -11.36
N GLU A 24 7.76 7.83 -12.08
CA GLU A 24 8.89 8.57 -12.63
C GLU A 24 8.45 9.45 -13.80
N LYS A 25 7.41 9.02 -14.50
CA LYS A 25 6.85 9.76 -15.63
C LYS A 25 6.50 11.19 -15.20
N HIS A 26 5.85 11.30 -14.05
CA HIS A 26 5.42 12.59 -13.55
C HIS A 26 6.39 13.13 -12.51
N LYS A 27 7.09 12.23 -11.83
CA LYS A 27 8.03 12.57 -10.76
C LYS A 27 7.30 13.14 -9.55
N ALA A 28 7.15 12.31 -8.53
CA ALA A 28 6.46 12.70 -7.31
C ALA A 28 7.30 12.35 -6.09
N PRO A 29 7.26 13.19 -5.04
CA PRO A 29 7.93 12.93 -3.77
C PRO A 29 7.37 11.68 -3.08
N THR A 30 8.20 11.02 -2.30
CA THR A 30 7.80 9.80 -1.60
C THR A 30 6.62 10.05 -0.66
N ASP A 31 6.63 11.22 -0.03
CA ASP A 31 5.54 11.62 0.85
C ASP A 31 4.22 11.67 0.09
N LEU A 32 4.27 12.25 -1.11
CA LEU A 32 3.09 12.41 -1.93
C LEU A 32 2.62 11.08 -2.51
N SER A 33 3.56 10.26 -2.96
CA SER A 33 3.23 8.98 -3.55
C SER A 33 2.57 8.07 -2.53
N LEU A 34 3.10 8.08 -1.30
CA LEU A 34 2.53 7.28 -0.22
C LEU A 34 1.14 7.78 0.16
N MET A 35 0.92 9.08 0.00
CA MET A 35 -0.39 9.66 0.25
C MET A 35 -1.42 9.15 -0.76
N VAL A 36 -1.03 9.15 -2.03
CA VAL A 36 -1.89 8.64 -3.10
C VAL A 36 -2.15 7.15 -2.91
N LEU A 37 -1.08 6.40 -2.64
CA LEU A 37 -1.17 4.97 -2.42
C LEU A 37 -2.05 4.66 -1.21
N GLY A 38 -1.97 5.52 -0.20
CA GLY A 38 -2.77 5.34 0.99
C GLY A 38 -4.26 5.32 0.70
N ASN A 39 -4.72 6.34 -0.01
CA ASN A 39 -6.12 6.41 -0.41
C ASN A 39 -6.48 5.26 -1.34
N MET A 40 -5.56 4.97 -2.26
CA MET A 40 -5.74 3.91 -3.25
C MET A 40 -5.93 2.55 -2.58
N VAL A 41 -5.01 2.20 -1.68
CA VAL A 41 -5.05 0.91 -0.99
C VAL A 41 -6.27 0.85 -0.07
N THR A 42 -6.54 1.92 0.66
CA THR A 42 -7.67 1.98 1.56
C THR A 42 -8.98 1.77 0.81
N ASN A 43 -9.14 2.47 -0.31
CA ASN A 43 -10.34 2.34 -1.14
C ASN A 43 -10.46 0.91 -1.67
N LEU A 44 -9.33 0.34 -2.08
CA LEU A 44 -9.31 -1.01 -2.61
C LEU A 44 -9.77 -2.02 -1.55
N ILE A 45 -9.09 -2.04 -0.41
CA ILE A 45 -9.42 -2.98 0.66
C ILE A 45 -10.86 -2.77 1.13
N ASN A 46 -11.32 -1.54 1.09
CA ASN A 46 -12.67 -1.20 1.52
C ASN A 46 -13.70 -1.82 0.59
N THR A 47 -13.56 -1.57 -0.71
CA THR A 47 -14.63 -1.89 -1.65
C THR A 47 -14.36 -3.17 -2.46
N SER A 48 -13.32 -3.92 -2.11
CA SER A 48 -13.00 -5.13 -2.85
C SER A 48 -13.25 -6.38 -2.01
N ILE A 49 -13.72 -6.20 -0.78
CA ILE A 49 -14.02 -7.32 0.08
C ILE A 49 -15.21 -6.96 0.99
N ALA A 50 -15.86 -7.98 1.54
CA ALA A 50 -17.02 -7.81 2.40
C ALA A 50 -16.75 -6.83 3.55
N PRO A 51 -17.81 -6.12 4.02
CA PRO A 51 -17.70 -5.05 5.02
C PRO A 51 -16.92 -5.43 6.28
N ALA A 52 -17.07 -6.67 6.74
CA ALA A 52 -16.40 -7.09 7.97
C ALA A 52 -14.97 -7.55 7.68
N GLN A 53 -14.82 -8.24 6.56
CA GLN A 53 -13.54 -8.85 6.21
C GLN A 53 -12.49 -7.80 5.85
N ARG A 54 -12.92 -6.60 5.49
CA ARG A 54 -11.98 -5.54 5.14
C ARG A 54 -11.08 -5.18 6.32
N GLN A 55 -11.61 -5.35 7.53
CA GLN A 55 -10.83 -5.08 8.73
C GLN A 55 -9.87 -6.22 9.00
N ALA A 56 -10.26 -7.43 8.61
CA ALA A 56 -9.41 -8.60 8.74
C ALA A 56 -8.29 -8.53 7.72
N ILE A 57 -8.63 -8.15 6.49
CA ILE A 57 -7.65 -7.99 5.43
C ILE A 57 -6.64 -6.91 5.79
N ALA A 58 -7.13 -5.80 6.33
CA ALA A 58 -6.26 -4.71 6.75
C ALA A 58 -5.24 -5.17 7.78
N ASN A 59 -5.68 -5.97 8.73
CA ASN A 59 -4.80 -6.49 9.77
C ASN A 59 -3.87 -7.57 9.21
N SER A 60 -4.35 -8.29 8.20
CA SER A 60 -3.52 -9.29 7.53
C SER A 60 -2.46 -8.61 6.69
N PHE A 61 -2.83 -7.49 6.08
CA PHE A 61 -1.90 -6.68 5.30
C PHE A 61 -0.79 -6.14 6.19
N ALA A 62 -1.18 -5.72 7.40
CA ALA A 62 -0.21 -5.24 8.38
C ALA A 62 0.80 -6.34 8.73
N ARG A 63 0.28 -7.55 8.94
CA ARG A 63 1.14 -8.71 9.21
C ARG A 63 2.11 -8.94 8.06
N ALA A 64 1.62 -8.78 6.84
CA ALA A 64 2.44 -8.98 5.65
C ALA A 64 3.46 -7.85 5.49
N LEU A 65 3.01 -6.63 5.71
CA LEU A 65 3.86 -5.45 5.56
C LEU A 65 5.03 -5.50 6.53
N GLN A 66 4.77 -5.94 7.76
CA GLN A 66 5.80 -6.02 8.78
C GLN A 66 6.77 -7.18 8.51
N SER A 67 6.41 -8.08 7.60
CA SER A 67 7.29 -9.18 7.26
C SER A 67 8.07 -8.89 5.97
N SER A 68 7.53 -7.99 5.14
CA SER A 68 8.18 -7.64 3.89
C SER A 68 9.14 -6.46 4.10
N ILE A 69 8.97 -5.77 5.21
CA ILE A 69 9.83 -4.65 5.54
C ILE A 69 10.59 -4.91 6.83
N ASN A 70 11.91 -4.75 6.76
CA ASN A 70 12.75 -4.89 7.94
C ASN A 70 13.82 -3.79 7.94
N GLU A 71 14.50 -3.64 9.06
CA GLU A 71 15.57 -2.65 9.17
C GLU A 71 16.83 -3.20 8.51
N ASP A 72 17.70 -2.30 8.06
CA ASP A 72 18.88 -2.71 7.32
C ASP A 72 20.17 -2.48 8.11
N LYS A 73 20.50 -3.45 8.96
CA LYS A 73 21.80 -3.55 9.62
C LYS A 73 22.11 -2.39 10.58
N ALA A 74 22.46 -1.23 10.02
CA ALA A 74 23.06 -0.13 10.76
C ALA A 74 22.26 0.27 12.00
N HIS A 75 22.83 -0.02 13.16
CA HIS A 75 22.28 0.37 14.45
C HIS A 75 23.42 0.48 15.44
N LEU A 76 23.08 0.54 16.74
CA LEU A 76 24.09 0.58 17.80
C LEU A 76 24.91 1.85 17.73
N GLU A 77 24.35 2.95 18.23
CA GLU A 77 25.04 4.21 18.28
C GLU A 77 26.00 4.22 19.46
N HIS A 78 27.24 4.61 19.19
CA HIS A 78 28.33 4.51 20.17
C HIS A 78 28.59 3.05 20.49
N HIS A 79 29.26 2.38 19.57
CA HIS A 79 29.53 0.96 19.69
C HIS A 79 30.82 0.76 20.49
N HIS A 80 30.70 0.17 21.67
CA HIS A 80 31.83 0.02 22.59
C HIS A 80 33.06 -0.58 21.91
N HIS A 81 32.86 -1.69 21.21
CA HIS A 81 33.96 -2.31 20.50
C HIS A 81 34.07 -1.73 19.09
N HIS A 82 34.97 -0.78 18.93
CA HIS A 82 35.13 -0.08 17.65
C HIS A 82 36.00 -0.89 16.71
N HIS A 83 35.96 -0.53 15.43
CA HIS A 83 36.82 -1.16 14.45
C HIS A 83 38.07 -0.31 14.24
N MET B 1 -12.99 9.50 2.68
CA MET B 1 -11.86 10.18 2.00
C MET B 1 -11.84 11.66 2.34
N PRO B 2 -10.65 12.25 2.49
CA PRO B 2 -10.50 13.66 2.86
C PRO B 2 -10.99 14.60 1.76
N GLN B 3 -11.95 15.46 2.11
CA GLN B 3 -12.49 16.44 1.18
C GLN B 3 -11.45 17.52 0.88
N ILE B 4 -10.65 17.85 1.89
CA ILE B 4 -9.63 18.88 1.74
C ILE B 4 -8.25 18.25 1.62
N SER B 5 -7.57 18.53 0.52
CA SER B 5 -6.21 18.06 0.32
C SER B 5 -5.22 19.23 0.39
N ARG B 6 -4.08 19.00 1.02
CA ARG B 6 -3.08 20.06 1.20
C ARG B 6 -1.94 19.91 0.19
N TYR B 7 -2.21 19.19 -0.89
CA TYR B 7 -1.24 19.03 -1.97
C TYR B 7 -1.90 19.42 -3.29
N SER B 8 -1.10 19.43 -4.35
CA SER B 8 -1.62 19.71 -5.68
C SER B 8 -2.57 18.60 -6.12
N ASP B 9 -3.86 18.85 -5.96
CA ASP B 9 -4.90 17.86 -6.26
C ASP B 9 -4.83 17.41 -7.71
N GLU B 10 -4.52 18.34 -8.60
CA GLU B 10 -4.37 18.05 -10.02
C GLU B 10 -3.35 16.95 -10.25
N GLN B 11 -2.26 17.01 -9.50
CA GLN B 11 -1.18 16.02 -9.62
C GLN B 11 -1.62 14.69 -9.03
N VAL B 12 -2.36 14.76 -7.92
CA VAL B 12 -2.88 13.58 -7.26
C VAL B 12 -3.88 12.86 -8.17
N GLU B 13 -4.81 13.62 -8.74
CA GLU B 13 -5.80 13.10 -9.66
C GLU B 13 -5.12 12.42 -10.85
N GLN B 14 -4.11 13.11 -11.40
CA GLN B 14 -3.37 12.59 -12.54
C GLN B 14 -2.72 11.26 -12.19
N LEU B 15 -1.98 11.23 -11.08
CA LEU B 15 -1.33 10.00 -10.63
C LEU B 15 -2.33 8.88 -10.43
N LEU B 16 -3.44 9.19 -9.77
CA LEU B 16 -4.48 8.19 -9.51
C LEU B 16 -5.03 7.64 -10.83
N ALA B 17 -5.36 8.53 -11.75
CA ALA B 17 -5.91 8.15 -13.04
C ALA B 17 -4.93 7.29 -13.82
N GLU B 18 -3.66 7.63 -13.76
CA GLU B 18 -2.60 6.87 -14.43
C GLU B 18 -2.51 5.46 -13.86
N LEU B 19 -2.44 5.37 -12.53
CA LEU B 19 -2.28 4.09 -11.85
C LEU B 19 -3.48 3.16 -12.11
N LEU B 20 -4.68 3.72 -12.02
CA LEU B 20 -5.89 2.95 -12.27
C LEU B 20 -5.95 2.49 -13.72
N ASN B 21 -5.51 3.35 -14.63
CA ASN B 21 -5.49 3.03 -16.04
C ASN B 21 -4.56 1.84 -16.30
N VAL B 22 -3.42 1.82 -15.63
CA VAL B 22 -2.47 0.71 -15.71
C VAL B 22 -3.13 -0.61 -15.33
N LEU B 23 -3.75 -0.63 -14.15
CA LEU B 23 -4.41 -1.84 -13.67
C LEU B 23 -5.53 -2.27 -14.61
N GLU B 24 -6.31 -1.29 -15.06
CA GLU B 24 -7.42 -1.53 -15.97
C GLU B 24 -6.94 -2.12 -17.29
N LYS B 25 -5.77 -1.68 -17.72
CA LYS B 25 -5.22 -2.10 -19.02
C LYS B 25 -4.80 -3.57 -19.01
N HIS B 26 -4.55 -4.12 -17.83
CA HIS B 26 -4.12 -5.51 -17.73
C HIS B 26 -5.23 -6.38 -17.14
N LYS B 27 -6.02 -5.78 -16.24
CA LYS B 27 -7.08 -6.48 -15.51
C LYS B 27 -6.49 -7.52 -14.57
N ALA B 28 -6.10 -7.07 -13.40
CA ALA B 28 -5.51 -7.95 -12.40
C ALA B 28 -6.55 -8.31 -11.33
N PRO B 29 -6.59 -9.59 -10.93
CA PRO B 29 -7.48 -10.04 -9.86
C PRO B 29 -7.12 -9.42 -8.51
N THR B 30 -8.04 -9.51 -7.56
CA THR B 30 -7.82 -8.95 -6.22
C THR B 30 -6.52 -9.47 -5.61
N ASP B 31 -6.26 -10.76 -5.80
CA ASP B 31 -5.04 -11.39 -5.31
C ASP B 31 -3.81 -10.67 -5.85
N LEU B 32 -3.74 -10.56 -7.17
CA LEU B 32 -2.58 -9.96 -7.83
C LEU B 32 -2.49 -8.47 -7.52
N SER B 33 -3.64 -7.82 -7.43
CA SER B 33 -3.69 -6.38 -7.13
C SER B 33 -3.03 -6.09 -5.78
N LEU B 34 -3.41 -6.86 -4.76
CA LEU B 34 -2.84 -6.69 -3.43
C LEU B 34 -1.36 -7.08 -3.44
N MET B 35 -1.03 -8.12 -4.21
CA MET B 35 0.34 -8.59 -4.34
C MET B 35 1.24 -7.50 -4.91
N VAL B 36 0.83 -6.92 -6.03
CA VAL B 36 1.62 -5.90 -6.70
C VAL B 36 1.73 -4.63 -5.87
N LEU B 37 0.58 -4.09 -5.44
CA LEU B 37 0.56 -2.84 -4.67
C LEU B 37 1.28 -3.01 -3.34
N GLY B 38 1.12 -4.17 -2.71
CA GLY B 38 1.79 -4.42 -1.45
C GLY B 38 3.30 -4.35 -1.57
N ASN B 39 3.84 -5.02 -2.58
CA ASN B 39 5.27 -5.02 -2.83
C ASN B 39 5.72 -3.69 -3.41
N MET B 40 4.79 -3.01 -4.06
CA MET B 40 5.06 -1.68 -4.62
C MET B 40 5.35 -0.69 -3.49
N VAL B 41 4.43 -0.62 -2.53
CA VAL B 41 4.62 0.22 -1.35
C VAL B 41 5.87 -0.20 -0.59
N THR B 42 6.02 -1.51 -0.41
CA THR B 42 7.18 -2.07 0.27
C THR B 42 8.48 -1.65 -0.43
N ASN B 43 8.47 -1.66 -1.77
CA ASN B 43 9.64 -1.30 -2.55
C ASN B 43 10.10 0.12 -2.22
N LEU B 44 9.19 1.08 -2.38
CA LEU B 44 9.51 2.50 -2.17
C LEU B 44 10.00 2.75 -0.75
N ILE B 45 9.41 2.08 0.23
CA ILE B 45 9.80 2.24 1.62
C ILE B 45 11.22 1.72 1.88
N ASN B 46 11.62 0.72 1.12
CA ASN B 46 12.95 0.13 1.30
C ASN B 46 13.99 0.81 0.41
N THR B 47 13.58 1.30 -0.74
CA THR B 47 14.50 1.89 -1.69
C THR B 47 14.71 3.39 -1.45
N SER B 48 13.65 4.08 -1.07
CA SER B 48 13.71 5.53 -0.96
C SER B 48 13.81 5.98 0.50
N ILE B 49 13.13 5.28 1.39
CA ILE B 49 13.08 5.67 2.80
C ILE B 49 14.27 5.09 3.56
N ALA B 50 14.74 5.83 4.56
CA ALA B 50 15.88 5.44 5.38
C ALA B 50 15.69 4.04 5.97
N PRO B 51 16.78 3.24 5.99
CA PRO B 51 16.75 1.83 6.39
C PRO B 51 16.13 1.56 7.77
N ALA B 52 16.41 2.44 8.73
CA ALA B 52 15.90 2.24 10.08
C ALA B 52 14.49 2.78 10.23
N GLN B 53 14.15 3.77 9.42
CA GLN B 53 12.87 4.44 9.53
C GLN B 53 11.82 3.77 8.64
N ARG B 54 12.21 2.70 7.97
CA ARG B 54 11.29 1.92 7.14
C ARG B 54 10.08 1.48 7.96
N GLN B 55 10.35 0.78 9.06
CA GLN B 55 9.30 0.26 9.92
C GLN B 55 8.46 1.39 10.52
N ALA B 56 9.13 2.50 10.86
CA ALA B 56 8.45 3.64 11.47
C ALA B 56 7.31 4.14 10.59
N ILE B 57 7.62 4.41 9.34
CA ILE B 57 6.63 4.91 8.40
C ILE B 57 5.66 3.81 7.99
N ALA B 58 6.19 2.61 7.79
CA ALA B 58 5.37 1.46 7.40
C ALA B 58 4.30 1.15 8.45
N ASN B 59 4.70 1.17 9.71
CA ASN B 59 3.77 0.88 10.80
C ASN B 59 2.78 2.03 10.98
N SER B 60 3.22 3.25 10.67
CA SER B 60 2.34 4.41 10.71
C SER B 60 1.27 4.29 9.63
N PHE B 61 1.67 3.76 8.47
CA PHE B 61 0.74 3.51 7.38
C PHE B 61 -0.35 2.55 7.82
N ALA B 62 0.04 1.50 8.54
CA ALA B 62 -0.91 0.51 9.05
C ALA B 62 -1.90 1.15 10.00
N ARG B 63 -1.43 2.10 10.80
CA ARG B 63 -2.29 2.81 11.74
C ARG B 63 -3.33 3.63 10.98
N ALA B 64 -2.87 4.37 9.98
CA ALA B 64 -3.75 5.20 9.17
C ALA B 64 -4.72 4.35 8.36
N LEU B 65 -4.23 3.23 7.85
CA LEU B 65 -5.04 2.31 7.05
C LEU B 65 -6.27 1.86 7.84
N GLN B 66 -6.04 1.37 9.05
CA GLN B 66 -7.12 0.85 9.88
C GLN B 66 -7.94 1.98 10.50
N SER B 67 -7.47 3.20 10.34
CA SER B 67 -8.18 4.37 10.82
C SER B 67 -9.07 4.94 9.72
N SER B 68 -8.72 4.66 8.47
CA SER B 68 -9.50 5.13 7.33
C SER B 68 -10.50 4.07 6.90
N ILE B 69 -10.15 2.81 7.12
CA ILE B 69 -11.06 1.71 6.82
C ILE B 69 -12.07 1.53 7.94
N ASN B 70 -13.32 1.84 7.64
CA ASN B 70 -14.39 1.67 8.61
C ASN B 70 -15.28 0.50 8.19
N GLU B 71 -15.64 -0.33 9.15
CA GLU B 71 -16.53 -1.46 8.88
C GLU B 71 -17.97 -0.98 8.81
N ASP B 72 -18.71 -1.45 7.81
CA ASP B 72 -20.12 -1.12 7.71
C ASP B 72 -20.87 -1.65 8.91
N LYS B 73 -21.70 -0.79 9.50
CA LYS B 73 -22.43 -1.14 10.71
C LYS B 73 -23.66 -1.99 10.40
N ALA B 74 -23.72 -2.51 9.18
CA ALA B 74 -24.77 -3.43 8.78
C ALA B 74 -24.43 -4.84 9.25
N HIS B 75 -24.16 -4.97 10.54
CA HIS B 75 -23.73 -6.24 11.11
C HIS B 75 -24.91 -7.03 11.67
N LEU B 76 -26.11 -6.62 11.32
CA LEU B 76 -27.32 -7.27 11.81
C LEU B 76 -27.57 -8.58 11.07
N GLU B 77 -26.79 -9.60 11.40
CA GLU B 77 -26.96 -10.92 10.83
C GLU B 77 -28.30 -11.48 11.25
N HIS B 78 -28.48 -11.58 12.55
CA HIS B 78 -29.74 -12.06 13.11
C HIS B 78 -30.20 -11.12 14.21
N HIS B 79 -29.35 -10.98 15.23
CA HIS B 79 -29.62 -10.12 16.39
C HIS B 79 -30.77 -10.69 17.22
N HIS B 80 -31.97 -10.58 16.68
CA HIS B 80 -33.20 -11.09 17.30
C HIS B 80 -34.38 -10.53 16.52
N HIS B 81 -34.22 -9.29 16.13
CA HIS B 81 -35.23 -8.57 15.36
C HIS B 81 -34.54 -7.72 14.32
N HIS B 82 -34.96 -7.85 13.07
CA HIS B 82 -34.38 -7.06 11.98
C HIS B 82 -35.11 -5.73 11.87
N HIS B 83 -36.37 -5.78 11.46
CA HIS B 83 -37.19 -4.59 11.32
C HIS B 83 -38.65 -4.96 11.52
N MET A 1 9.02 -21.83 2.25
CA MET A 1 9.13 -21.19 0.93
C MET A 1 7.80 -21.24 0.20
N PRO A 2 7.17 -20.08 -0.01
CA PRO A 2 5.94 -19.98 -0.79
C PRO A 2 6.21 -20.28 -2.26
N GLN A 3 5.54 -21.30 -2.79
CA GLN A 3 5.77 -21.72 -4.16
C GLN A 3 4.52 -21.58 -5.01
N ILE A 4 3.41 -21.20 -4.38
CA ILE A 4 2.16 -21.02 -5.12
C ILE A 4 2.15 -19.66 -5.81
N SER A 5 2.71 -19.64 -7.00
CA SER A 5 2.69 -18.44 -7.82
C SER A 5 2.06 -18.75 -9.17
N ARG A 6 0.78 -18.46 -9.28
CA ARG A 6 0.04 -18.74 -10.50
C ARG A 6 0.08 -17.52 -11.43
N TYR A 7 1.02 -16.63 -11.18
CA TYR A 7 1.15 -15.41 -11.97
C TYR A 7 2.50 -15.39 -12.67
N SER A 8 2.47 -15.23 -13.98
CA SER A 8 3.69 -15.12 -14.77
C SER A 8 4.51 -13.93 -14.30
N ASP A 9 5.79 -14.19 -13.98
CA ASP A 9 6.65 -13.18 -13.41
C ASP A 9 6.88 -12.02 -14.37
N GLU A 10 6.90 -12.32 -15.68
CA GLU A 10 7.05 -11.28 -16.68
C GLU A 10 5.88 -10.30 -16.66
N GLN A 11 4.70 -10.83 -16.40
CA GLN A 11 3.50 -10.00 -16.30
C GLN A 11 3.61 -9.09 -15.08
N VAL A 12 4.12 -9.65 -13.99
CA VAL A 12 4.35 -8.88 -12.77
C VAL A 12 5.39 -7.79 -13.03
N GLU A 13 6.51 -8.19 -13.64
CA GLU A 13 7.58 -7.26 -14.00
C GLU A 13 7.05 -6.13 -14.88
N GLN A 14 6.29 -6.49 -15.90
CA GLN A 14 5.76 -5.51 -16.85
C GLN A 14 4.84 -4.51 -16.13
N LEU A 15 3.95 -5.03 -15.29
CA LEU A 15 3.03 -4.19 -14.54
C LEU A 15 3.79 -3.31 -13.55
N LEU A 16 4.71 -3.92 -12.82
CA LEU A 16 5.53 -3.21 -11.84
C LEU A 16 6.32 -2.09 -12.52
N ALA A 17 6.86 -2.40 -13.69
CA ALA A 17 7.64 -1.43 -14.47
C ALA A 17 6.79 -0.22 -14.84
N GLU A 18 5.60 -0.47 -15.34
CA GLU A 18 4.71 0.61 -15.77
C GLU A 18 4.28 1.47 -14.57
N LEU A 19 3.96 0.84 -13.45
CA LEU A 19 3.55 1.55 -12.25
C LEU A 19 4.64 2.52 -11.81
N LEU A 20 5.86 2.01 -11.66
CA LEU A 20 6.99 2.83 -11.26
C LEU A 20 7.36 3.83 -12.36
N ASN A 21 7.10 3.46 -13.60
CA ASN A 21 7.36 4.33 -14.75
C ASN A 21 6.48 5.57 -14.68
N VAL A 22 5.21 5.38 -14.33
CA VAL A 22 4.28 6.50 -14.18
C VAL A 22 4.73 7.40 -13.03
N LEU A 23 5.21 6.78 -11.95
CA LEU A 23 5.73 7.50 -10.80
C LEU A 23 7.00 8.25 -11.17
N GLU A 24 7.71 7.76 -12.17
CA GLU A 24 8.92 8.40 -12.66
C GLU A 24 8.56 9.59 -13.56
N LYS A 25 7.70 9.34 -14.54
CA LYS A 25 7.31 10.38 -15.51
C LYS A 25 6.65 11.56 -14.82
N HIS A 26 5.80 11.28 -13.83
CA HIS A 26 5.15 12.35 -13.08
C HIS A 26 6.04 12.81 -11.93
N LYS A 27 6.90 11.89 -11.49
CA LYS A 27 7.86 12.15 -10.41
C LYS A 27 7.16 12.58 -9.12
N ALA A 28 6.74 11.59 -8.36
CA ALA A 28 6.07 11.83 -7.10
C ALA A 28 6.92 11.34 -5.94
N PRO A 29 7.07 12.15 -4.88
CA PRO A 29 7.84 11.80 -3.70
C PRO A 29 7.23 10.62 -2.93
N THR A 30 8.04 9.97 -2.08
CA THR A 30 7.63 8.78 -1.35
C THR A 30 6.34 9.01 -0.57
N ASP A 31 6.28 10.09 0.19
CA ASP A 31 5.11 10.40 1.03
C ASP A 31 3.87 10.58 0.16
N LEU A 32 4.00 11.35 -0.91
CA LEU A 32 2.89 11.56 -1.85
C LEU A 32 2.48 10.24 -2.50
N SER A 33 3.46 9.42 -2.83
CA SER A 33 3.19 8.11 -3.41
C SER A 33 2.41 7.25 -2.41
N LEU A 34 2.74 7.39 -1.13
CA LEU A 34 2.03 6.66 -0.08
C LEU A 34 0.61 7.19 0.08
N MET A 35 0.44 8.49 -0.12
CA MET A 35 -0.89 9.09 -0.10
C MET A 35 -1.77 8.46 -1.19
N VAL A 36 -1.22 8.41 -2.39
CA VAL A 36 -1.93 7.85 -3.53
C VAL A 36 -2.15 6.35 -3.37
N LEU A 37 -1.07 5.61 -3.18
CA LEU A 37 -1.14 4.15 -3.08
C LEU A 37 -1.94 3.70 -1.86
N GLY A 38 -1.79 4.43 -0.76
CA GLY A 38 -2.51 4.10 0.45
C GLY A 38 -4.00 4.20 0.25
N ASN A 39 -4.44 5.30 -0.34
CA ASN A 39 -5.85 5.51 -0.63
C ASN A 39 -6.32 4.53 -1.69
N MET A 40 -5.42 4.23 -2.63
CA MET A 40 -5.71 3.27 -3.70
C MET A 40 -6.03 1.90 -3.11
N VAL A 41 -5.16 1.42 -2.23
CA VAL A 41 -5.38 0.13 -1.57
C VAL A 41 -6.63 0.19 -0.69
N THR A 42 -6.77 1.26 0.07
CA THR A 42 -7.93 1.45 0.93
C THR A 42 -9.22 1.38 0.13
N ASN A 43 -9.30 2.15 -0.95
CA ASN A 43 -10.50 2.20 -1.78
C ASN A 43 -10.73 0.86 -2.47
N LEU A 44 -9.64 0.19 -2.84
CA LEU A 44 -9.71 -1.12 -3.48
C LEU A 44 -10.41 -2.10 -2.55
N ILE A 45 -9.92 -2.20 -1.31
CA ILE A 45 -10.51 -3.09 -0.33
C ILE A 45 -11.92 -2.63 0.04
N ASN A 46 -12.07 -1.31 0.20
CA ASN A 46 -13.35 -0.68 0.53
C ASN A 46 -14.47 -1.12 -0.40
N THR A 47 -14.19 -1.08 -1.70
CA THR A 47 -15.21 -1.35 -2.70
C THR A 47 -15.35 -2.84 -3.01
N SER A 48 -14.23 -3.55 -3.03
CA SER A 48 -14.23 -4.96 -3.41
C SER A 48 -14.94 -5.84 -2.38
N ILE A 49 -14.43 -5.88 -1.17
CA ILE A 49 -14.94 -6.77 -0.15
C ILE A 49 -16.02 -6.08 0.68
N ALA A 50 -16.96 -6.85 1.19
CA ALA A 50 -18.06 -6.29 1.98
C ALA A 50 -17.59 -5.85 3.37
N PRO A 51 -18.20 -4.77 3.90
CA PRO A 51 -17.89 -4.27 5.24
C PRO A 51 -18.19 -5.28 6.33
N ALA A 52 -17.13 -5.92 6.83
CA ALA A 52 -17.23 -6.97 7.84
C ALA A 52 -15.84 -7.53 8.12
N GLN A 53 -15.28 -8.22 7.15
CA GLN A 53 -13.92 -8.71 7.22
C GLN A 53 -13.00 -7.78 6.44
N ARG A 54 -13.54 -6.64 6.03
CA ARG A 54 -12.83 -5.66 5.25
C ARG A 54 -11.63 -5.12 6.02
N GLN A 55 -11.86 -4.73 7.27
CA GLN A 55 -10.79 -4.24 8.13
C GLN A 55 -9.76 -5.35 8.37
N ALA A 56 -10.25 -6.59 8.46
CA ALA A 56 -9.38 -7.74 8.70
C ALA A 56 -8.38 -7.92 7.56
N ILE A 57 -8.84 -7.70 6.33
CA ILE A 57 -7.95 -7.80 5.18
C ILE A 57 -6.87 -6.72 5.25
N ALA A 58 -7.27 -5.50 5.59
CA ALA A 58 -6.33 -4.41 5.73
C ALA A 58 -5.35 -4.69 6.87
N ASN A 59 -5.86 -5.23 7.96
CA ASN A 59 -5.04 -5.59 9.11
C ASN A 59 -4.05 -6.69 8.75
N SER A 60 -4.51 -7.64 7.93
CA SER A 60 -3.64 -8.71 7.45
C SER A 60 -2.50 -8.13 6.64
N PHE A 61 -2.82 -7.16 5.79
CA PHE A 61 -1.81 -6.47 4.99
C PHE A 61 -0.82 -5.74 5.89
N ALA A 62 -1.33 -5.13 6.95
CA ALA A 62 -0.50 -4.42 7.92
C ALA A 62 0.52 -5.36 8.55
N ARG A 63 0.03 -6.47 9.12
CA ARG A 63 0.90 -7.46 9.72
C ARG A 63 1.85 -8.07 8.69
N ALA A 64 1.35 -8.27 7.48
CA ALA A 64 2.18 -8.80 6.39
C ALA A 64 3.33 -7.84 6.10
N LEU A 65 3.02 -6.56 6.00
CA LEU A 65 4.04 -5.52 5.77
C LEU A 65 5.11 -5.58 6.86
N GLN A 66 4.66 -5.61 8.11
CA GLN A 66 5.58 -5.65 9.25
C GLN A 66 6.44 -6.92 9.22
N SER A 67 5.88 -8.00 8.69
CA SER A 67 6.61 -9.25 8.60
C SER A 67 7.61 -9.21 7.45
N SER A 68 7.28 -8.43 6.42
CA SER A 68 8.13 -8.32 5.25
C SER A 68 9.29 -7.37 5.53
N ILE A 69 9.17 -6.56 6.58
CA ILE A 69 10.24 -5.66 6.97
C ILE A 69 11.33 -6.43 7.73
N ASN A 70 12.46 -6.65 7.07
CA ASN A 70 13.58 -7.36 7.68
C ASN A 70 14.35 -6.43 8.63
N GLU A 71 13.88 -5.19 8.71
CA GLU A 71 14.50 -4.15 9.53
C GLU A 71 15.91 -3.84 9.02
N ASP A 72 16.89 -4.50 9.61
CA ASP A 72 18.30 -4.28 9.26
C ASP A 72 19.19 -5.23 10.03
N LYS A 73 19.13 -5.13 11.35
CA LYS A 73 19.99 -5.91 12.22
C LYS A 73 19.16 -6.80 13.13
N ALA A 74 18.03 -7.25 12.62
CA ALA A 74 17.08 -8.05 13.39
C ALA A 74 17.64 -9.43 13.70
N HIS A 75 18.69 -9.82 12.99
CA HIS A 75 19.36 -11.09 13.22
C HIS A 75 20.80 -10.83 13.65
N LEU A 76 21.01 -10.70 14.95
CA LEU A 76 22.31 -10.37 15.50
C LEU A 76 22.81 -11.52 16.39
N GLU A 77 23.82 -11.24 17.22
CA GLU A 77 24.38 -12.24 18.12
C GLU A 77 23.34 -12.75 19.11
N HIS A 78 23.38 -14.06 19.37
CA HIS A 78 22.42 -14.68 20.28
C HIS A 78 23.12 -15.15 21.56
N HIS A 79 24.23 -14.48 21.89
CA HIS A 79 25.09 -14.80 23.05
C HIS A 79 25.54 -16.27 23.05
N HIS A 80 26.28 -16.65 24.09
CA HIS A 80 26.79 -18.01 24.21
C HIS A 80 26.18 -18.72 25.41
N HIS A 81 26.35 -20.03 25.45
CA HIS A 81 25.79 -20.85 26.52
C HIS A 81 26.60 -20.73 27.80
N HIS A 82 25.96 -20.21 28.84
CA HIS A 82 26.54 -20.17 30.18
C HIS A 82 25.46 -19.75 31.16
N HIS A 83 25.67 -20.05 32.43
CA HIS A 83 24.77 -19.57 33.46
C HIS A 83 25.21 -18.18 33.88
N MET B 1 -9.23 20.19 11.88
CA MET B 1 -9.49 19.51 10.60
C MET B 1 -8.28 19.61 9.68
N PRO B 2 -7.71 18.45 9.29
CA PRO B 2 -6.55 18.41 8.38
C PRO B 2 -6.85 19.03 7.03
N GLN B 3 -6.34 20.23 6.82
CA GLN B 3 -6.57 20.95 5.57
C GLN B 3 -5.23 21.34 4.94
N ILE B 4 -4.19 21.44 5.78
CA ILE B 4 -2.87 21.81 5.32
C ILE B 4 -2.33 20.78 4.33
N SER B 5 -2.36 21.14 3.05
CA SER B 5 -1.87 20.27 2.00
C SER B 5 -1.38 21.12 0.82
N ARG B 6 -0.15 20.87 0.38
CA ARG B 6 0.38 21.59 -0.76
C ARG B 6 0.12 20.81 -2.05
N TYR B 7 -0.20 19.54 -1.89
CA TYR B 7 -0.55 18.70 -3.02
C TYR B 7 -2.01 18.92 -3.37
N SER B 8 -2.25 19.58 -4.49
CA SER B 8 -3.60 19.94 -4.91
C SER B 8 -4.41 18.69 -5.23
N ASP B 9 -5.73 18.79 -5.06
CA ASP B 9 -6.65 17.68 -5.31
C ASP B 9 -6.45 17.13 -6.72
N GLU B 10 -6.36 18.03 -7.69
CA GLU B 10 -6.15 17.65 -9.08
C GLU B 10 -4.86 16.85 -9.27
N GLN B 11 -3.83 17.22 -8.52
CA GLN B 11 -2.54 16.55 -8.60
C GLN B 11 -2.67 15.10 -8.16
N VAL B 12 -3.36 14.89 -7.04
CA VAL B 12 -3.57 13.55 -6.51
C VAL B 12 -4.54 12.78 -7.40
N GLU B 13 -5.59 13.46 -7.86
CA GLU B 13 -6.58 12.88 -8.76
C GLU B 13 -5.89 12.27 -9.98
N GLN B 14 -5.06 13.07 -10.61
CA GLN B 14 -4.32 12.66 -11.80
C GLN B 14 -3.46 11.43 -11.52
N LEU B 15 -2.69 11.49 -10.43
CA LEU B 15 -1.79 10.40 -10.06
C LEU B 15 -2.57 9.12 -9.79
N LEU B 16 -3.63 9.22 -8.99
CA LEU B 16 -4.43 8.07 -8.63
C LEU B 16 -5.08 7.44 -9.87
N ALA B 17 -5.66 8.29 -10.71
CA ALA B 17 -6.36 7.84 -11.90
C ALA B 17 -5.40 7.13 -12.86
N GLU B 18 -4.21 7.68 -13.02
CA GLU B 18 -3.24 7.12 -13.97
C GLU B 18 -2.67 5.81 -13.47
N LEU B 19 -2.45 5.70 -12.16
CA LEU B 19 -1.94 4.46 -11.58
C LEU B 19 -2.99 3.35 -11.69
N LEU B 20 -4.24 3.70 -11.41
CA LEU B 20 -5.34 2.76 -11.54
C LEU B 20 -5.53 2.36 -12.99
N ASN B 21 -5.30 3.31 -13.89
CA ASN B 21 -5.41 3.07 -15.33
C ASN B 21 -4.44 1.98 -15.77
N VAL B 22 -3.22 2.03 -15.26
CA VAL B 22 -2.20 1.04 -15.59
C VAL B 22 -2.60 -0.34 -15.05
N LEU B 23 -3.22 -0.36 -13.88
CA LEU B 23 -3.68 -1.61 -13.30
C LEU B 23 -4.76 -2.21 -14.18
N GLU B 24 -5.76 -1.41 -14.53
CA GLU B 24 -6.87 -1.86 -15.38
C GLU B 24 -6.41 -2.18 -16.79
N LYS B 25 -5.26 -1.62 -17.17
CA LYS B 25 -4.65 -1.91 -18.47
C LYS B 25 -4.37 -3.41 -18.59
N HIS B 26 -3.98 -4.02 -17.48
CA HIS B 26 -3.68 -5.45 -17.45
C HIS B 26 -4.83 -6.22 -16.82
N LYS B 27 -5.53 -5.53 -15.92
CA LYS B 27 -6.67 -6.10 -15.19
C LYS B 27 -6.21 -7.28 -14.33
N ALA B 28 -5.81 -6.96 -13.10
CA ALA B 28 -5.25 -7.96 -12.20
C ALA B 28 -6.26 -8.34 -11.12
N PRO B 29 -6.26 -9.61 -10.71
CA PRO B 29 -7.10 -10.08 -9.60
C PRO B 29 -6.76 -9.37 -8.29
N THR B 30 -7.68 -9.38 -7.34
CA THR B 30 -7.48 -8.72 -6.05
C THR B 30 -6.22 -9.24 -5.36
N ASP B 31 -6.05 -10.56 -5.37
CA ASP B 31 -4.86 -11.19 -4.79
C ASP B 31 -3.59 -10.65 -5.41
N LEU B 32 -3.53 -10.68 -6.75
CA LEU B 32 -2.36 -10.21 -7.48
C LEU B 32 -2.12 -8.71 -7.23
N SER B 33 -3.20 -7.96 -7.14
CA SER B 33 -3.10 -6.52 -6.88
C SER B 33 -2.42 -6.26 -5.55
N LEU B 34 -2.82 -7.01 -4.52
CA LEU B 34 -2.22 -6.88 -3.20
C LEU B 34 -0.75 -7.28 -3.24
N MET B 35 -0.46 -8.33 -4.01
CA MET B 35 0.91 -8.81 -4.16
C MET B 35 1.81 -7.74 -4.78
N VAL B 36 1.37 -7.18 -5.91
CA VAL B 36 2.17 -6.20 -6.63
C VAL B 36 2.27 -4.88 -5.85
N LEU B 37 1.13 -4.38 -5.37
CA LEU B 37 1.11 -3.11 -4.66
C LEU B 37 1.93 -3.18 -3.39
N GLY B 38 1.72 -4.24 -2.61
CA GLY B 38 2.47 -4.40 -1.37
C GLY B 38 3.96 -4.53 -1.63
N ASN B 39 4.31 -5.24 -2.70
CA ASN B 39 5.70 -5.42 -3.09
C ASN B 39 6.33 -4.08 -3.43
N MET B 40 5.65 -3.30 -4.27
CA MET B 40 6.17 -2.03 -4.75
C MET B 40 6.30 -1.03 -3.61
N VAL B 41 5.30 -0.99 -2.72
CA VAL B 41 5.34 -0.08 -1.57
C VAL B 41 6.53 -0.38 -0.68
N THR B 42 6.73 -1.66 -0.36
CA THR B 42 7.83 -2.08 0.49
C THR B 42 9.17 -1.69 -0.12
N ASN B 43 9.35 -2.02 -1.40
CA ASN B 43 10.59 -1.71 -2.12
C ASN B 43 10.81 -0.20 -2.20
N LEU B 44 9.73 0.53 -2.46
CA LEU B 44 9.78 1.99 -2.55
C LEU B 44 10.37 2.60 -1.29
N ILE B 45 9.75 2.29 -0.16
CA ILE B 45 10.18 2.84 1.12
C ILE B 45 11.59 2.37 1.48
N ASN B 46 11.86 1.11 1.18
CA ASN B 46 13.12 0.46 1.57
C ASN B 46 14.34 1.18 1.00
N THR B 47 14.26 1.60 -0.26
CA THR B 47 15.43 2.15 -0.93
C THR B 47 15.35 3.67 -1.07
N SER B 48 14.47 4.32 -0.31
CA SER B 48 14.34 5.77 -0.41
C SER B 48 14.62 6.47 0.92
N ILE B 49 14.09 5.94 2.01
CA ILE B 49 14.23 6.57 3.30
C ILE B 49 15.28 5.83 4.15
N ALA B 50 15.66 6.43 5.28
CA ALA B 50 16.69 5.87 6.14
C ALA B 50 16.23 4.59 6.83
N PRO B 51 17.17 3.69 7.19
CA PRO B 51 16.87 2.38 7.79
C PRO B 51 15.87 2.44 8.94
N ALA B 52 16.20 3.22 9.97
CA ALA B 52 15.33 3.33 11.14
C ALA B 52 13.97 3.90 10.78
N GLN B 53 13.97 4.85 9.85
CA GLN B 53 12.74 5.53 9.45
C GLN B 53 11.84 4.60 8.63
N ARG B 54 12.43 3.55 8.06
CA ARG B 54 11.65 2.55 7.35
C ARG B 54 10.65 1.89 8.29
N GLN B 55 11.07 1.67 9.53
CA GLN B 55 10.19 1.08 10.53
C GLN B 55 9.09 2.07 10.90
N ALA B 56 9.48 3.32 11.09
CA ALA B 56 8.54 4.37 11.47
C ALA B 56 7.47 4.57 10.40
N ILE B 57 7.90 4.65 9.15
CA ILE B 57 6.99 4.84 8.03
C ILE B 57 6.07 3.62 7.87
N ALA B 58 6.64 2.43 8.01
CA ALA B 58 5.86 1.20 7.91
C ALA B 58 4.74 1.17 8.94
N ASN B 59 5.07 1.49 10.17
CA ASN B 59 4.09 1.55 11.26
C ASN B 59 3.06 2.63 10.99
N SER B 60 3.54 3.78 10.51
CA SER B 60 2.67 4.91 10.21
C SER B 60 1.67 4.53 9.11
N PHE B 61 2.17 3.88 8.07
CA PHE B 61 1.34 3.47 6.94
C PHE B 61 0.31 2.44 7.40
N ALA B 62 0.76 1.46 8.18
CA ALA B 62 -0.12 0.43 8.70
C ALA B 62 -1.25 1.03 9.54
N ARG B 63 -0.89 1.97 10.41
CA ARG B 63 -1.86 2.65 11.24
C ARG B 63 -2.82 3.47 10.39
N ALA B 64 -2.27 4.23 9.45
CA ALA B 64 -3.07 5.05 8.56
C ALA B 64 -4.09 4.21 7.80
N LEU B 65 -3.64 3.08 7.28
CA LEU B 65 -4.51 2.16 6.55
C LEU B 65 -5.67 1.70 7.43
N GLN B 66 -5.34 1.15 8.59
CA GLN B 66 -6.33 0.62 9.52
C GLN B 66 -7.30 1.73 9.97
N SER B 67 -6.79 2.94 10.09
CA SER B 67 -7.59 4.07 10.56
C SER B 67 -8.41 4.68 9.41
N SER B 68 -8.12 4.26 8.18
CA SER B 68 -8.86 4.74 7.02
C SER B 68 -9.99 3.78 6.67
N ILE B 69 -9.87 2.55 7.14
CA ILE B 69 -10.94 1.56 6.95
C ILE B 69 -12.11 1.86 7.87
N ASN B 70 -13.15 2.46 7.31
CA ASN B 70 -14.33 2.84 8.08
C ASN B 70 -15.49 1.90 7.79
N GLU B 71 -15.80 1.03 8.74
CA GLU B 71 -16.90 0.10 8.61
C GLU B 71 -18.22 0.79 8.95
N ASP B 72 -19.29 0.41 8.26
CA ASP B 72 -20.58 1.08 8.40
C ASP B 72 -21.22 0.78 9.76
N LYS B 73 -20.78 -0.31 10.37
CA LYS B 73 -21.43 -0.82 11.57
C LYS B 73 -20.81 -0.23 12.83
N ALA B 74 -20.32 0.99 12.72
CA ALA B 74 -19.75 1.68 13.87
C ALA B 74 -20.84 2.24 14.78
N HIS B 75 -22.01 2.49 14.21
CA HIS B 75 -23.13 3.01 14.98
C HIS B 75 -24.29 2.03 15.02
N LEU B 76 -24.50 1.41 16.17
CA LEU B 76 -25.61 0.48 16.35
C LEU B 76 -26.40 0.86 17.59
N GLU B 77 -25.90 0.41 18.74
CA GLU B 77 -26.49 0.73 20.04
C GLU B 77 -25.59 0.15 21.12
N HIS B 78 -25.60 0.76 22.29
CA HIS B 78 -24.72 0.33 23.37
C HIS B 78 -25.48 0.33 24.71
N HIS B 79 -25.87 1.51 25.18
CA HIS B 79 -26.68 1.65 26.38
C HIS B 79 -26.89 3.13 26.65
N HIS B 80 -27.97 3.47 27.35
CA HIS B 80 -28.28 4.88 27.62
C HIS B 80 -28.23 5.15 29.13
N HIS B 81 -28.30 6.41 29.50
CA HIS B 81 -28.12 6.80 30.91
C HIS B 81 -29.25 6.32 31.79
N HIS B 82 -28.88 5.53 32.78
CA HIS B 82 -29.78 5.01 33.81
C HIS B 82 -29.03 3.99 34.66
N HIS B 83 -28.02 3.39 34.05
CA HIS B 83 -27.14 2.44 34.71
C HIS B 83 -25.99 2.12 33.78
N MET A 1 6.62 -24.59 -13.34
CA MET A 1 6.51 -24.86 -11.90
C MET A 1 6.64 -23.58 -11.10
N PRO A 2 5.54 -23.13 -10.46
CA PRO A 2 5.53 -21.95 -9.64
C PRO A 2 5.82 -22.25 -8.16
N GLN A 3 6.99 -21.84 -7.69
CA GLN A 3 7.39 -22.09 -6.31
C GLN A 3 6.75 -21.07 -5.37
N ILE A 4 7.32 -19.87 -5.29
CA ILE A 4 6.78 -18.82 -4.46
C ILE A 4 5.80 -17.99 -5.27
N SER A 5 6.29 -17.44 -6.37
CA SER A 5 5.43 -16.72 -7.30
C SER A 5 4.57 -17.71 -8.08
N ARG A 6 3.30 -17.78 -7.71
CA ARG A 6 2.38 -18.72 -8.35
C ARG A 6 1.89 -18.13 -9.69
N TYR A 7 2.09 -16.84 -9.86
CA TYR A 7 1.73 -16.16 -11.09
C TYR A 7 2.96 -16.00 -11.96
N SER A 8 2.76 -15.89 -13.27
CA SER A 8 3.86 -15.83 -14.21
C SER A 8 4.67 -14.55 -14.04
N ASP A 9 5.97 -14.68 -14.28
CA ASP A 9 6.91 -13.58 -14.16
C ASP A 9 6.47 -12.39 -15.00
N GLU A 10 5.97 -12.67 -16.19
CA GLU A 10 5.52 -11.64 -17.11
C GLU A 10 4.52 -10.69 -16.45
N GLN A 11 3.51 -11.26 -15.79
CA GLN A 11 2.49 -10.45 -15.13
C GLN A 11 3.11 -9.58 -14.04
N VAL A 12 3.90 -10.23 -13.17
CA VAL A 12 4.53 -9.54 -12.06
C VAL A 12 5.47 -8.44 -12.54
N GLU A 13 6.36 -8.81 -13.45
CA GLU A 13 7.37 -7.89 -13.97
C GLU A 13 6.73 -6.65 -14.59
N GLN A 14 5.89 -6.86 -15.59
CA GLN A 14 5.31 -5.75 -16.36
C GLN A 14 4.45 -4.85 -15.50
N LEU A 15 3.57 -5.45 -14.70
CA LEU A 15 2.64 -4.67 -13.88
C LEU A 15 3.39 -3.85 -12.85
N LEU A 16 4.35 -4.48 -12.18
CA LEU A 16 5.14 -3.80 -11.15
C LEU A 16 5.97 -2.68 -11.79
N ALA A 17 6.56 -2.98 -12.94
CA ALA A 17 7.37 -2.01 -13.66
C ALA A 17 6.56 -0.78 -14.03
N GLU A 18 5.35 -1.00 -14.53
CA GLU A 18 4.49 0.09 -14.95
C GLU A 18 4.11 0.99 -13.77
N LEU A 19 3.67 0.39 -12.66
CA LEU A 19 3.27 1.15 -11.48
C LEU A 19 4.41 2.05 -11.00
N LEU A 20 5.61 1.48 -10.86
CA LEU A 20 6.75 2.23 -10.39
C LEU A 20 7.22 3.25 -11.43
N ASN A 21 7.08 2.92 -12.70
CA ASN A 21 7.54 3.79 -13.77
C ASN A 21 6.59 4.98 -13.96
N VAL A 22 5.29 4.71 -14.02
CA VAL A 22 4.30 5.78 -14.18
C VAL A 22 4.40 6.79 -13.04
N LEU A 23 4.61 6.29 -11.83
CA LEU A 23 4.79 7.14 -10.67
C LEU A 23 6.04 8.00 -10.84
N GLU A 24 7.10 7.38 -11.35
CA GLU A 24 8.38 8.07 -11.54
C GLU A 24 8.31 9.04 -12.73
N LYS A 25 7.40 8.78 -13.66
CA LYS A 25 7.21 9.66 -14.82
C LYS A 25 6.77 11.05 -14.39
N HIS A 26 6.13 11.13 -13.23
CA HIS A 26 5.74 12.42 -12.68
C HIS A 26 6.62 12.76 -11.48
N LYS A 27 7.37 11.75 -11.01
CA LYS A 27 8.23 11.87 -9.84
C LYS A 27 7.46 12.40 -8.64
N ALA A 28 6.60 11.56 -8.09
CA ALA A 28 5.85 11.92 -6.90
C ALA A 28 6.73 11.75 -5.67
N PRO A 29 6.85 12.80 -4.85
CA PRO A 29 7.61 12.77 -3.60
C PRO A 29 7.07 11.70 -2.65
N THR A 30 7.91 11.26 -1.72
CA THR A 30 7.55 10.19 -0.80
C THR A 30 6.26 10.51 -0.04
N ASP A 31 6.15 11.75 0.45
CA ASP A 31 4.96 12.19 1.16
C ASP A 31 3.71 12.05 0.30
N LEU A 32 3.82 12.50 -0.95
CA LEU A 32 2.70 12.44 -1.88
C LEU A 32 2.39 11.00 -2.24
N SER A 33 3.43 10.20 -2.43
CA SER A 33 3.27 8.80 -2.78
C SER A 33 2.51 8.06 -1.68
N LEU A 34 2.83 8.36 -0.42
CA LEU A 34 2.15 7.76 0.72
C LEU A 34 0.67 8.14 0.72
N MET A 35 0.37 9.36 0.30
CA MET A 35 -1.01 9.82 0.19
C MET A 35 -1.70 9.10 -0.96
N VAL A 36 -1.04 9.06 -2.11
CA VAL A 36 -1.59 8.41 -3.30
C VAL A 36 -1.85 6.94 -3.05
N LEU A 37 -0.81 6.20 -2.67
CA LEU A 37 -0.93 4.76 -2.43
C LEU A 37 -1.88 4.49 -1.27
N GLY A 38 -1.82 5.34 -0.25
CA GLY A 38 -2.70 5.18 0.89
C GLY A 38 -4.17 5.20 0.52
N ASN A 39 -4.58 6.24 -0.19
CA ASN A 39 -5.97 6.37 -0.62
C ASN A 39 -6.31 5.29 -1.65
N MET A 40 -5.34 4.95 -2.48
CA MET A 40 -5.53 3.93 -3.51
C MET A 40 -5.85 2.57 -2.89
N VAL A 41 -4.98 2.12 -1.97
CA VAL A 41 -5.18 0.83 -1.31
C VAL A 41 -6.45 0.84 -0.48
N THR A 42 -6.68 1.93 0.25
CA THR A 42 -7.88 2.08 1.06
C THR A 42 -9.14 1.93 0.22
N ASN A 43 -9.17 2.63 -0.92
CA ASN A 43 -10.32 2.55 -1.82
C ASN A 43 -10.56 1.12 -2.27
N LEU A 44 -9.50 0.46 -2.71
CA LEU A 44 -9.58 -0.91 -3.22
C LEU A 44 -10.19 -1.85 -2.18
N ILE A 45 -9.65 -1.81 -0.97
CA ILE A 45 -10.09 -2.73 0.09
C ILE A 45 -11.53 -2.46 0.51
N ASN A 46 -11.96 -1.21 0.46
CA ASN A 46 -13.29 -0.84 0.92
C ASN A 46 -14.37 -1.11 -0.13
N THR A 47 -13.98 -1.18 -1.39
CA THR A 47 -14.96 -1.32 -2.47
C THR A 47 -14.91 -2.69 -3.13
N SER A 48 -13.70 -3.19 -3.38
CA SER A 48 -13.53 -4.44 -4.12
C SER A 48 -13.47 -5.64 -3.18
N ILE A 49 -13.49 -5.39 -1.88
CA ILE A 49 -13.45 -6.46 -0.89
C ILE A 49 -14.69 -6.39 -0.01
N ALA A 50 -15.16 -7.56 0.43
CA ALA A 50 -16.34 -7.64 1.29
C ALA A 50 -16.19 -6.73 2.51
N PRO A 51 -17.15 -5.82 2.71
CA PRO A 51 -17.11 -4.82 3.78
C PRO A 51 -16.81 -5.41 5.16
N ALA A 52 -17.39 -6.57 5.45
CA ALA A 52 -17.20 -7.23 6.74
C ALA A 52 -15.77 -7.73 6.92
N GLN A 53 -15.06 -7.94 5.82
CA GLN A 53 -13.70 -8.47 5.87
C GLN A 53 -12.66 -7.37 5.63
N ARG A 54 -13.12 -6.20 5.21
CA ARG A 54 -12.20 -5.16 4.76
C ARG A 54 -11.30 -4.68 5.91
N GLN A 55 -11.81 -4.74 7.13
CA GLN A 55 -11.01 -4.37 8.29
C GLN A 55 -9.99 -5.46 8.59
N ALA A 56 -10.39 -6.71 8.39
CA ALA A 56 -9.51 -7.84 8.62
C ALA A 56 -8.40 -7.87 7.59
N ILE A 57 -8.77 -7.63 6.33
CA ILE A 57 -7.80 -7.55 5.25
C ILE A 57 -6.81 -6.41 5.48
N ALA A 58 -7.32 -5.30 6.01
CA ALA A 58 -6.48 -4.16 6.36
C ALA A 58 -5.40 -4.57 7.36
N ASN A 59 -5.82 -5.27 8.41
CA ASN A 59 -4.88 -5.79 9.41
C ASN A 59 -3.89 -6.75 8.78
N SER A 60 -4.41 -7.63 7.91
CA SER A 60 -3.59 -8.63 7.25
C SER A 60 -2.53 -7.98 6.37
N PHE A 61 -2.94 -6.96 5.61
CA PHE A 61 -2.02 -6.24 4.74
C PHE A 61 -0.95 -5.54 5.56
N ALA A 62 -1.35 -4.96 6.68
CA ALA A 62 -0.42 -4.30 7.58
C ALA A 62 0.64 -5.28 8.07
N ARG A 63 0.19 -6.44 8.54
CA ARG A 63 1.09 -7.48 9.01
C ARG A 63 2.09 -7.87 7.93
N ALA A 64 1.58 -8.10 6.72
CA ALA A 64 2.41 -8.50 5.60
C ALA A 64 3.37 -7.39 5.22
N LEU A 65 2.93 -6.14 5.35
CA LEU A 65 3.74 -4.99 4.99
C LEU A 65 4.98 -4.89 5.89
N GLN A 66 4.77 -4.86 7.20
CA GLN A 66 5.89 -4.76 8.14
C GLN A 66 6.82 -5.97 8.01
N SER A 67 6.25 -7.14 7.76
CA SER A 67 7.03 -8.36 7.62
C SER A 67 7.82 -8.38 6.32
N SER A 68 7.35 -7.64 5.33
CA SER A 68 8.03 -7.57 4.05
C SER A 68 9.16 -6.55 4.12
N ILE A 69 8.93 -5.46 4.85
CA ILE A 69 9.92 -4.42 5.03
C ILE A 69 11.02 -4.87 5.99
N ASN A 70 10.60 -5.46 7.10
CA ASN A 70 11.54 -6.01 8.07
C ASN A 70 11.31 -7.52 8.18
N GLU A 71 12.14 -8.28 7.51
CA GLU A 71 11.95 -9.72 7.35
C GLU A 71 12.18 -10.48 8.65
N ASP A 72 13.13 -10.04 9.46
CA ASP A 72 13.45 -10.75 10.69
C ASP A 72 12.33 -10.59 11.70
N LYS A 73 11.72 -11.69 12.08
CA LYS A 73 10.59 -11.69 12.99
C LYS A 73 11.05 -12.03 14.41
N ALA A 74 12.34 -12.26 14.55
CA ALA A 74 12.90 -12.65 15.84
C ALA A 74 13.03 -11.43 16.74
N HIS A 75 12.56 -11.58 17.97
CA HIS A 75 12.65 -10.52 18.95
C HIS A 75 14.04 -10.56 19.60
N LEU A 76 15.03 -10.05 18.89
CA LEU A 76 16.41 -10.09 19.35
C LEU A 76 16.71 -8.91 20.27
N GLU A 77 17.14 -9.23 21.49
CA GLU A 77 17.54 -8.22 22.46
C GLU A 77 18.58 -8.79 23.41
N HIS A 78 19.42 -7.92 23.95
CA HIS A 78 20.30 -8.30 25.04
C HIS A 78 20.20 -7.26 26.14
N HIS A 79 20.04 -6.00 25.73
CA HIS A 79 19.80 -4.87 26.64
C HIS A 79 20.86 -4.79 27.75
N HIS A 80 20.61 -5.45 28.87
CA HIS A 80 21.51 -5.41 30.00
C HIS A 80 22.83 -6.10 29.66
N HIS A 81 23.86 -5.29 29.49
CA HIS A 81 25.20 -5.78 29.19
C HIS A 81 26.07 -5.63 30.43
N HIS A 82 27.12 -6.42 30.54
CA HIS A 82 28.01 -6.38 31.71
C HIS A 82 28.91 -5.13 31.71
N HIS A 83 28.39 -4.04 31.14
CA HIS A 83 29.14 -2.79 31.00
C HIS A 83 30.29 -2.98 30.03
N MET B 1 -5.36 27.03 -0.89
CA MET B 1 -5.50 26.95 0.59
C MET B 1 -5.08 25.58 1.09
N PRO B 2 -3.91 25.51 1.76
CA PRO B 2 -3.35 24.26 2.25
C PRO B 2 -4.07 23.77 3.51
N GLN B 3 -5.17 23.06 3.31
CA GLN B 3 -5.90 22.47 4.43
C GLN B 3 -5.10 21.28 4.97
N ILE B 4 -5.23 20.15 4.30
CA ILE B 4 -4.42 18.98 4.59
C ILE B 4 -3.57 18.67 3.35
N SER B 5 -3.67 19.56 2.39
CA SER B 5 -2.99 19.41 1.12
C SER B 5 -1.70 20.23 1.07
N ARG B 6 -0.57 19.55 1.10
CA ARG B 6 0.70 20.18 0.84
C ARG B 6 1.09 19.92 -0.61
N TYR B 7 0.36 19.00 -1.22
CA TYR B 7 0.47 18.72 -2.63
C TYR B 7 -0.92 18.87 -3.26
N SER B 8 -0.96 19.12 -4.56
CA SER B 8 -2.23 19.33 -5.24
C SER B 8 -3.13 18.10 -5.14
N ASP B 9 -4.39 18.35 -4.81
CA ASP B 9 -5.41 17.29 -4.75
C ASP B 9 -5.58 16.67 -6.12
N GLU B 10 -5.38 17.48 -7.16
CA GLU B 10 -5.48 17.01 -8.53
C GLU B 10 -4.30 16.13 -8.90
N GLN B 11 -3.17 16.33 -8.22
CA GLN B 11 -2.03 15.44 -8.41
C GLN B 11 -2.37 14.04 -7.90
N VAL B 12 -2.95 13.98 -6.71
CA VAL B 12 -3.41 12.71 -6.15
C VAL B 12 -4.45 12.09 -7.08
N GLU B 13 -5.43 12.90 -7.47
CA GLU B 13 -6.48 12.50 -8.40
C GLU B 13 -5.89 11.91 -9.68
N GLN B 14 -4.99 12.66 -10.31
CA GLN B 14 -4.40 12.26 -11.58
C GLN B 14 -3.61 10.97 -11.43
N LEU B 15 -2.79 10.89 -10.39
CA LEU B 15 -1.96 9.70 -10.15
C LEU B 15 -2.83 8.47 -9.91
N LEU B 16 -3.87 8.63 -9.10
CA LEU B 16 -4.81 7.53 -8.85
C LEU B 16 -5.42 7.03 -10.15
N ALA B 17 -5.79 7.97 -11.01
CA ALA B 17 -6.41 7.63 -12.29
C ALA B 17 -5.47 6.79 -13.14
N GLU B 18 -4.22 7.22 -13.27
CA GLU B 18 -3.25 6.52 -14.10
C GLU B 18 -2.86 5.18 -13.49
N LEU B 19 -2.73 5.12 -12.17
CA LEU B 19 -2.37 3.88 -11.49
C LEU B 19 -3.48 2.84 -11.68
N LEU B 20 -4.73 3.28 -11.57
CA LEU B 20 -5.86 2.41 -11.82
C LEU B 20 -5.95 2.05 -13.30
N ASN B 21 -5.53 2.98 -14.15
CA ASN B 21 -5.48 2.74 -15.59
C ASN B 21 -4.53 1.60 -15.91
N VAL B 22 -3.34 1.64 -15.30
CA VAL B 22 -2.35 0.58 -15.47
C VAL B 22 -2.97 -0.78 -15.09
N LEU B 23 -3.71 -0.77 -14.00
CA LEU B 23 -4.41 -1.97 -13.55
C LEU B 23 -5.42 -2.41 -14.60
N GLU B 24 -6.22 -1.46 -15.08
CA GLU B 24 -7.27 -1.75 -16.06
C GLU B 24 -6.71 -2.27 -17.38
N LYS B 25 -5.47 -1.91 -17.69
CA LYS B 25 -4.84 -2.38 -18.93
C LYS B 25 -4.38 -3.83 -18.80
N HIS B 26 -4.59 -4.41 -17.63
CA HIS B 26 -4.28 -5.81 -17.40
C HIS B 26 -5.49 -6.54 -16.85
N LYS B 27 -6.28 -5.85 -16.03
CA LYS B 27 -7.44 -6.42 -15.36
C LYS B 27 -7.02 -7.64 -14.56
N ALA B 28 -5.98 -7.44 -13.75
CA ALA B 28 -5.39 -8.51 -12.97
C ALA B 28 -6.23 -8.81 -11.74
N PRO B 29 -6.13 -10.04 -11.21
CA PRO B 29 -6.83 -10.43 -9.99
C PRO B 29 -6.39 -9.63 -8.77
N THR B 30 -7.25 -9.56 -7.77
CA THR B 30 -6.97 -8.83 -6.54
C THR B 30 -5.66 -9.31 -5.91
N ASP B 31 -5.42 -10.61 -6.03
CA ASP B 31 -4.19 -11.23 -5.51
C ASP B 31 -2.96 -10.55 -6.09
N LEU B 32 -2.88 -10.52 -7.41
CA LEU B 32 -1.73 -9.94 -8.09
C LEU B 32 -1.65 -8.44 -7.82
N SER B 33 -2.81 -7.80 -7.74
CA SER B 33 -2.87 -6.37 -7.45
C SER B 33 -2.22 -6.05 -6.11
N LEU B 34 -2.62 -6.78 -5.07
CA LEU B 34 -2.07 -6.57 -3.73
C LEU B 34 -0.61 -7.01 -3.68
N MET B 35 -0.28 -8.04 -4.45
CA MET B 35 1.09 -8.54 -4.53
C MET B 35 2.03 -7.45 -5.03
N VAL B 36 1.63 -6.77 -6.09
CA VAL B 36 2.41 -5.69 -6.65
C VAL B 36 2.44 -4.49 -5.70
N LEU B 37 1.26 -4.07 -5.24
CA LEU B 37 1.16 -2.92 -4.33
C LEU B 37 2.00 -3.14 -3.07
N GLY B 38 1.93 -4.35 -2.52
CA GLY B 38 2.68 -4.66 -1.32
C GLY B 38 4.17 -4.48 -1.51
N ASN B 39 4.71 -5.07 -2.57
CA ASN B 39 6.13 -4.95 -2.87
C ASN B 39 6.48 -3.53 -3.30
N MET B 40 5.53 -2.87 -3.96
CA MET B 40 5.73 -1.49 -4.41
C MET B 40 6.02 -0.58 -3.23
N VAL B 41 5.14 -0.60 -2.24
CA VAL B 41 5.30 0.22 -1.04
C VAL B 41 6.57 -0.18 -0.29
N THR B 42 6.76 -1.48 -0.12
CA THR B 42 7.92 -2.02 0.59
C THR B 42 9.22 -1.56 -0.06
N ASN B 43 9.34 -1.80 -1.35
CA ASN B 43 10.56 -1.46 -2.09
C ASN B 43 10.79 0.04 -2.08
N LEU B 44 9.71 0.80 -2.29
CA LEU B 44 9.78 2.25 -2.32
C LEU B 44 10.42 2.80 -1.05
N ILE B 45 9.90 2.40 0.10
CA ILE B 45 10.41 2.88 1.37
C ILE B 45 11.88 2.52 1.56
N ASN B 46 12.22 1.27 1.25
CA ASN B 46 13.58 0.77 1.46
C ASN B 46 14.59 1.42 0.53
N THR B 47 14.13 1.92 -0.60
CA THR B 47 15.05 2.48 -1.60
C THR B 47 15.02 4.01 -1.60
N SER B 48 14.28 4.61 -0.68
CA SER B 48 14.17 6.07 -0.66
C SER B 48 14.71 6.66 0.64
N ILE B 49 14.27 6.12 1.77
CA ILE B 49 14.65 6.67 3.06
C ILE B 49 15.56 5.70 3.81
N ALA B 50 16.25 6.22 4.83
CA ALA B 50 17.14 5.42 5.65
C ALA B 50 16.45 4.18 6.21
N PRO B 51 17.15 3.02 6.18
CA PRO B 51 16.59 1.73 6.64
C PRO B 51 16.27 1.72 8.13
N ALA B 52 16.53 2.82 8.80
CA ALA B 52 16.22 2.95 10.22
C ALA B 52 14.75 3.34 10.41
N GLN B 53 14.20 4.07 9.45
CA GLN B 53 12.84 4.59 9.59
C GLN B 53 11.84 3.72 8.83
N ARG B 54 12.34 2.76 8.05
CA ARG B 54 11.50 1.97 7.16
C ARG B 54 10.39 1.24 7.92
N GLN B 55 10.70 0.72 9.09
CA GLN B 55 9.71 -0.02 9.87
C GLN B 55 8.77 0.96 10.57
N ALA B 56 9.31 2.10 10.99
CA ALA B 56 8.52 3.11 11.67
C ALA B 56 7.48 3.72 10.73
N ILE B 57 7.89 4.00 9.51
CA ILE B 57 6.98 4.51 8.49
C ILE B 57 5.91 3.46 8.18
N ALA B 58 6.33 2.20 8.15
CA ALA B 58 5.40 1.10 7.92
C ALA B 58 4.30 1.08 8.95
N ASN B 59 4.68 1.23 10.22
CA ASN B 59 3.72 1.28 11.32
C ASN B 59 2.75 2.44 11.14
N SER B 60 3.30 3.60 10.80
CA SER B 60 2.50 4.80 10.63
C SER B 60 1.53 4.63 9.46
N PHE B 61 2.01 4.02 8.37
CA PHE B 61 1.18 3.75 7.21
C PHE B 61 0.05 2.79 7.57
N ALA B 62 0.40 1.77 8.35
CA ALA B 62 -0.58 0.81 8.82
C ALA B 62 -1.65 1.48 9.67
N ARG B 63 -1.21 2.33 10.59
CA ARG B 63 -2.13 3.07 11.45
C ARG B 63 -3.04 3.97 10.61
N ALA B 64 -2.48 4.55 9.56
CA ALA B 64 -3.24 5.40 8.66
C ALA B 64 -4.28 4.58 7.90
N LEU B 65 -3.93 3.32 7.62
CA LEU B 65 -4.82 2.41 6.91
C LEU B 65 -5.96 1.95 7.82
N GLN B 66 -5.61 1.56 9.04
CA GLN B 66 -6.60 1.08 10.01
C GLN B 66 -7.55 2.19 10.44
N SER B 67 -7.12 3.44 10.34
CA SER B 67 -7.95 4.56 10.75
C SER B 67 -8.86 5.03 9.61
N SER B 68 -8.44 4.78 8.38
CA SER B 68 -9.22 5.21 7.22
C SER B 68 -10.25 4.13 6.83
N ILE B 69 -9.85 2.87 6.96
CA ILE B 69 -10.76 1.78 6.70
C ILE B 69 -11.68 1.57 7.91
N ASN B 70 -12.98 1.74 7.68
CA ASN B 70 -13.99 1.66 8.72
C ASN B 70 -13.79 2.80 9.73
N GLU B 71 -14.19 3.99 9.33
CA GLU B 71 -14.11 5.17 10.18
C GLU B 71 -15.32 5.21 11.09
N ASP B 72 -15.13 4.82 12.33
CA ASP B 72 -16.23 4.65 13.27
C ASP B 72 -15.73 4.77 14.69
N LYS B 73 -14.88 3.82 15.10
CA LYS B 73 -14.20 3.85 16.39
C LYS B 73 -15.18 3.63 17.56
N ALA B 74 -16.43 3.35 17.23
CA ALA B 74 -17.44 3.09 18.24
C ALA B 74 -17.52 1.60 18.53
N HIS B 75 -16.73 1.16 19.48
CA HIS B 75 -16.59 -0.26 19.77
C HIS B 75 -17.76 -0.76 20.61
N LEU B 76 -18.80 -1.22 19.93
CA LEU B 76 -19.96 -1.77 20.62
C LEU B 76 -19.63 -3.14 21.20
N GLU B 77 -19.57 -3.20 22.53
CA GLU B 77 -19.34 -4.45 23.21
C GLU B 77 -20.68 -5.04 23.62
N HIS B 78 -21.02 -6.18 23.04
CA HIS B 78 -22.28 -6.82 23.33
C HIS B 78 -22.16 -8.33 23.25
N HIS B 79 -21.37 -8.90 24.15
CA HIS B 79 -21.31 -10.35 24.29
C HIS B 79 -22.68 -10.86 24.69
N HIS B 80 -23.34 -10.09 25.54
CA HIS B 80 -24.75 -10.28 25.83
C HIS B 80 -25.54 -9.33 24.96
N HIS B 81 -26.47 -9.86 24.17
CA HIS B 81 -27.29 -9.01 23.31
C HIS B 81 -28.10 -8.05 24.16
N HIS B 82 -29.09 -8.59 24.85
CA HIS B 82 -29.80 -7.85 25.89
C HIS B 82 -30.21 -8.82 26.99
N HIS B 83 -29.59 -10.00 26.95
CA HIS B 83 -29.89 -11.08 27.88
C HIS B 83 -28.83 -12.15 27.75
N MET A 1 16.30 -24.80 -2.59
CA MET A 1 15.11 -24.33 -1.85
C MET A 1 14.25 -23.43 -2.75
N PRO A 2 13.22 -24.00 -3.37
CA PRO A 2 12.30 -23.27 -4.24
C PRO A 2 11.08 -22.74 -3.49
N GLN A 3 10.59 -21.59 -3.93
CA GLN A 3 9.36 -21.03 -3.42
C GLN A 3 8.55 -20.48 -4.58
N ILE A 4 7.36 -21.02 -4.79
CA ILE A 4 6.59 -20.68 -5.98
C ILE A 4 5.31 -19.92 -5.65
N SER A 5 5.05 -18.90 -6.45
CA SER A 5 3.80 -18.17 -6.44
C SER A 5 3.54 -17.69 -7.87
N ARG A 6 2.89 -18.53 -8.66
CA ARG A 6 2.88 -18.36 -10.10
C ARG A 6 1.58 -17.74 -10.59
N TYR A 7 1.47 -16.44 -10.37
CA TYR A 7 0.46 -15.62 -11.03
C TYR A 7 1.08 -14.97 -12.25
N SER A 8 2.01 -15.69 -12.88
CA SER A 8 2.88 -15.15 -13.91
C SER A 8 3.80 -14.11 -13.31
N ASP A 9 5.00 -14.53 -12.92
CA ASP A 9 5.97 -13.64 -12.30
C ASP A 9 6.39 -12.56 -13.27
N GLU A 10 6.30 -12.86 -14.57
CA GLU A 10 6.61 -11.89 -15.60
C GLU A 10 5.59 -10.77 -15.59
N GLN A 11 4.35 -11.10 -15.22
CA GLN A 11 3.28 -10.13 -15.16
C GLN A 11 3.34 -9.33 -13.87
N VAL A 12 3.66 -10.02 -12.78
CA VAL A 12 3.82 -9.38 -11.47
C VAL A 12 4.85 -8.24 -11.57
N GLU A 13 6.00 -8.56 -12.16
CA GLU A 13 7.05 -7.57 -12.32
C GLU A 13 6.72 -6.56 -13.41
N GLN A 14 5.91 -6.98 -14.39
CA GLN A 14 5.50 -6.10 -15.48
C GLN A 14 4.56 -5.02 -14.96
N LEU A 15 3.51 -5.44 -14.27
CA LEU A 15 2.54 -4.53 -13.71
C LEU A 15 3.20 -3.56 -12.74
N LEU A 16 4.05 -4.10 -11.87
CA LEU A 16 4.79 -3.29 -10.90
C LEU A 16 5.68 -2.30 -11.63
N ALA A 17 6.36 -2.78 -12.67
CA ALA A 17 7.23 -1.92 -13.47
C ALA A 17 6.46 -0.78 -14.10
N GLU A 18 5.31 -1.11 -14.69
CA GLU A 18 4.46 -0.09 -15.32
C GLU A 18 4.00 0.94 -14.30
N LEU A 19 3.54 0.48 -13.15
CA LEU A 19 3.06 1.38 -12.10
C LEU A 19 4.17 2.28 -11.60
N LEU A 20 5.34 1.69 -11.35
CA LEU A 20 6.50 2.45 -10.89
C LEU A 20 6.99 3.39 -11.99
N ASN A 21 6.90 2.93 -13.23
CA ASN A 21 7.29 3.74 -14.38
C ASN A 21 6.42 4.98 -14.47
N VAL A 22 5.11 4.82 -14.31
CA VAL A 22 4.19 5.94 -14.33
C VAL A 22 4.55 6.96 -13.25
N LEU A 23 4.92 6.46 -12.08
CA LEU A 23 5.35 7.31 -10.98
C LEU A 23 6.58 8.12 -11.41
N GLU A 24 7.56 7.42 -11.96
CA GLU A 24 8.80 8.05 -12.42
C GLU A 24 8.57 8.97 -13.63
N LYS A 25 7.43 8.78 -14.30
CA LYS A 25 7.07 9.64 -15.44
C LYS A 25 6.60 11.00 -14.94
N HIS A 26 6.14 11.07 -13.70
CA HIS A 26 5.67 12.32 -13.13
C HIS A 26 6.68 12.86 -12.11
N LYS A 27 7.23 11.94 -11.31
CA LYS A 27 8.17 12.27 -10.24
C LYS A 27 7.53 13.16 -9.18
N ALA A 28 7.08 12.54 -8.11
CA ALA A 28 6.41 13.23 -7.04
C ALA A 28 7.10 12.93 -5.71
N PRO A 29 6.93 13.81 -4.70
CA PRO A 29 7.53 13.62 -3.38
C PRO A 29 7.21 12.25 -2.78
N THR A 30 8.16 11.70 -2.03
CA THR A 30 8.01 10.37 -1.43
C THR A 30 6.76 10.30 -0.55
N ASP A 31 6.56 11.33 0.27
CA ASP A 31 5.45 11.35 1.21
C ASP A 31 4.12 11.55 0.48
N LEU A 32 4.17 12.29 -0.63
CA LEU A 32 2.98 12.48 -1.46
C LEU A 32 2.62 11.17 -2.15
N SER A 33 3.64 10.45 -2.60
CA SER A 33 3.44 9.15 -3.24
C SER A 33 2.81 8.16 -2.27
N LEU A 34 3.19 8.26 -0.99
CA LEU A 34 2.59 7.44 0.05
C LEU A 34 1.11 7.77 0.19
N MET A 35 0.79 9.06 0.09
CA MET A 35 -0.59 9.52 0.15
C MET A 35 -1.39 8.96 -1.04
N VAL A 36 -0.79 9.04 -2.23
CA VAL A 36 -1.43 8.52 -3.44
C VAL A 36 -1.72 7.03 -3.32
N LEU A 37 -0.67 6.25 -3.06
CA LEU A 37 -0.81 4.81 -2.93
C LEU A 37 -1.72 4.45 -1.76
N GLY A 38 -1.56 5.15 -0.65
CA GLY A 38 -2.40 4.90 0.52
C GLY A 38 -3.86 5.10 0.22
N ASN A 39 -4.19 6.25 -0.36
CA ASN A 39 -5.56 6.55 -0.75
C ASN A 39 -6.08 5.52 -1.76
N MET A 40 -5.25 5.24 -2.76
CA MET A 40 -5.59 4.28 -3.81
C MET A 40 -5.91 2.91 -3.21
N VAL A 41 -5.02 2.41 -2.37
CA VAL A 41 -5.22 1.11 -1.73
C VAL A 41 -6.43 1.13 -0.80
N THR A 42 -6.60 2.22 -0.07
CA THR A 42 -7.75 2.38 0.82
C THR A 42 -9.05 2.26 0.04
N ASN A 43 -9.14 3.02 -1.06
CA ASN A 43 -10.33 2.99 -1.89
C ASN A 43 -10.53 1.59 -2.47
N LEU A 44 -9.45 1.01 -2.98
CA LEU A 44 -9.50 -0.31 -3.60
C LEU A 44 -10.09 -1.34 -2.64
N ILE A 45 -9.50 -1.46 -1.46
CA ILE A 45 -9.93 -2.45 -0.48
C ILE A 45 -11.37 -2.18 -0.01
N ASN A 46 -11.65 -0.92 0.28
CA ASN A 46 -12.92 -0.55 0.92
C ASN A 46 -14.09 -0.62 -0.06
N THR A 47 -13.80 -0.73 -1.36
CA THR A 47 -14.86 -0.81 -2.36
C THR A 47 -14.88 -2.15 -3.08
N SER A 48 -13.71 -2.76 -3.29
CA SER A 48 -13.62 -3.97 -4.10
C SER A 48 -13.44 -5.22 -3.25
N ILE A 49 -13.42 -5.05 -1.94
CA ILE A 49 -13.35 -6.19 -1.04
C ILE A 49 -14.57 -6.20 -0.14
N ALA A 50 -15.22 -7.37 -0.06
CA ALA A 50 -16.41 -7.57 0.77
C ALA A 50 -16.20 -7.04 2.18
N PRO A 51 -17.14 -6.22 2.67
CA PRO A 51 -17.06 -5.57 3.99
C PRO A 51 -16.80 -6.55 5.13
N ALA A 52 -17.17 -7.81 4.91
CA ALA A 52 -16.94 -8.86 5.91
C ALA A 52 -15.45 -9.08 6.15
N GLN A 53 -14.67 -9.02 5.08
CA GLN A 53 -13.26 -9.37 5.15
C GLN A 53 -12.36 -8.17 4.86
N ARG A 54 -12.96 -7.02 4.57
CA ARG A 54 -12.18 -5.82 4.24
C ARG A 54 -11.18 -5.47 5.32
N GLN A 55 -11.60 -5.58 6.59
CA GLN A 55 -10.76 -5.22 7.70
C GLN A 55 -9.74 -6.31 7.97
N ALA A 56 -10.16 -7.56 7.80
CA ALA A 56 -9.29 -8.71 8.02
C ALA A 56 -8.11 -8.67 7.05
N ILE A 57 -8.42 -8.47 5.77
CA ILE A 57 -7.38 -8.37 4.74
C ILE A 57 -6.43 -7.23 5.04
N ALA A 58 -6.99 -6.06 5.35
CA ALA A 58 -6.20 -4.88 5.66
C ALA A 58 -5.30 -5.12 6.86
N ASN A 59 -5.80 -5.84 7.84
CA ASN A 59 -5.02 -6.13 9.05
C ASN A 59 -3.87 -7.07 8.72
N SER A 60 -4.16 -8.16 8.01
CA SER A 60 -3.13 -9.11 7.63
C SER A 60 -2.10 -8.47 6.68
N PHE A 61 -2.56 -7.50 5.89
CA PHE A 61 -1.68 -6.79 4.97
C PHE A 61 -0.61 -6.03 5.73
N ALA A 62 -1.02 -5.33 6.78
CA ALA A 62 -0.10 -4.59 7.62
C ALA A 62 0.88 -5.52 8.31
N ARG A 63 0.36 -6.65 8.80
CA ARG A 63 1.17 -7.64 9.48
C ARG A 63 2.23 -8.22 8.54
N ALA A 64 1.82 -8.47 7.30
CA ALA A 64 2.72 -8.99 6.30
C ALA A 64 3.77 -7.95 5.91
N LEU A 65 3.34 -6.70 5.84
CA LEU A 65 4.22 -5.59 5.49
C LEU A 65 5.41 -5.50 6.44
N GLN A 66 5.12 -5.37 7.73
CA GLN A 66 6.16 -5.26 8.74
C GLN A 66 7.04 -6.51 8.75
N SER A 67 6.43 -7.66 8.51
CA SER A 67 7.17 -8.92 8.52
C SER A 67 7.98 -9.10 7.23
N SER A 68 7.72 -8.25 6.24
CA SER A 68 8.46 -8.29 4.99
C SER A 68 9.73 -7.45 5.10
N ILE A 69 9.66 -6.40 5.91
CA ILE A 69 10.83 -5.57 6.17
C ILE A 69 11.62 -6.14 7.35
N ASN A 70 12.45 -7.14 7.07
CA ASN A 70 13.17 -7.85 8.12
C ASN A 70 14.67 -7.91 7.85
N GLU A 71 15.17 -6.91 7.12
CA GLU A 71 16.60 -6.85 6.81
C GLU A 71 17.39 -6.42 8.03
N ASP A 72 16.69 -5.92 9.04
CA ASP A 72 17.32 -5.43 10.25
C ASP A 72 17.77 -6.60 11.14
N LYS A 73 18.28 -6.30 12.32
CA LYS A 73 18.86 -7.32 13.17
C LYS A 73 18.39 -7.16 14.62
N ALA A 74 18.44 -8.24 15.37
CA ALA A 74 18.12 -8.21 16.79
C ALA A 74 19.31 -7.71 17.60
N HIS A 75 19.22 -7.78 18.92
CA HIS A 75 20.30 -7.29 19.77
C HIS A 75 21.39 -8.36 19.92
N LEU A 76 21.35 -9.34 19.04
CA LEU A 76 22.38 -10.35 18.94
C LEU A 76 22.49 -10.83 17.50
N GLU A 77 23.55 -10.41 16.82
CA GLU A 77 23.73 -10.76 15.42
C GLU A 77 24.29 -12.19 15.29
N HIS A 78 24.36 -12.68 14.07
CA HIS A 78 24.97 -13.96 13.81
C HIS A 78 25.89 -13.85 12.61
N HIS A 79 27.13 -14.23 12.81
CA HIS A 79 28.17 -14.08 11.79
C HIS A 79 28.40 -15.38 11.05
N HIS A 80 27.51 -16.34 11.29
CA HIS A 80 27.52 -17.58 10.54
C HIS A 80 26.12 -17.91 10.04
N HIS A 81 26.08 -18.53 8.87
CA HIS A 81 24.85 -19.06 8.30
C HIS A 81 25.09 -20.52 7.96
N HIS A 82 24.60 -21.40 8.82
CA HIS A 82 24.94 -22.82 8.72
C HIS A 82 23.91 -23.59 7.92
N HIS A 83 24.41 -24.45 7.04
CA HIS A 83 23.55 -25.41 6.35
C HIS A 83 23.49 -26.69 7.15
N MET B 1 -15.31 23.28 8.77
CA MET B 1 -13.89 23.28 8.36
C MET B 1 -13.76 23.11 6.85
N PRO B 2 -12.89 23.88 6.20
CA PRO B 2 -12.60 23.73 4.78
C PRO B 2 -11.68 22.54 4.50
N GLN B 3 -10.58 22.46 5.26
CA GLN B 3 -9.55 21.44 5.07
C GLN B 3 -9.04 21.46 3.62
N ILE B 4 -8.24 22.46 3.30
CA ILE B 4 -7.70 22.59 1.95
C ILE B 4 -6.33 21.92 1.87
N SER B 5 -6.22 20.96 0.96
CA SER B 5 -5.00 20.20 0.81
C SER B 5 -3.94 21.00 0.09
N ARG B 6 -2.76 21.12 0.69
CA ARG B 6 -1.63 21.73 0.03
C ARG B 6 -1.09 20.79 -1.04
N TYR B 7 -1.26 19.49 -0.80
CA TYR B 7 -0.93 18.49 -1.81
C TYR B 7 -1.78 18.75 -3.04
N SER B 8 -1.14 18.94 -4.18
CA SER B 8 -1.83 19.26 -5.42
C SER B 8 -2.94 18.25 -5.70
N ASP B 9 -4.18 18.68 -5.45
CA ASP B 9 -5.37 17.85 -5.60
C ASP B 9 -5.42 17.29 -7.02
N GLU B 10 -5.24 18.17 -7.99
CA GLU B 10 -5.35 17.80 -9.40
C GLU B 10 -4.20 16.92 -9.85
N GLN B 11 -3.06 17.05 -9.17
CA GLN B 11 -1.89 16.23 -9.47
C GLN B 11 -2.08 14.82 -8.92
N VAL B 12 -2.52 14.75 -7.66
CA VAL B 12 -2.81 13.48 -7.03
C VAL B 12 -3.97 12.80 -7.73
N GLU B 13 -5.00 13.58 -8.07
CA GLU B 13 -6.16 13.08 -8.78
C GLU B 13 -5.77 12.36 -10.06
N GLN B 14 -4.95 13.03 -10.87
CA GLN B 14 -4.51 12.44 -12.13
C GLN B 14 -3.72 11.17 -11.90
N LEU B 15 -2.83 11.20 -10.91
CA LEU B 15 -1.98 10.06 -10.63
C LEU B 15 -2.80 8.88 -10.12
N LEU B 16 -3.80 9.17 -9.28
CA LEU B 16 -4.71 8.14 -8.80
C LEU B 16 -5.38 7.42 -9.96
N ALA B 17 -6.01 8.20 -10.83
CA ALA B 17 -6.73 7.65 -11.97
C ALA B 17 -5.76 6.98 -12.94
N GLU B 18 -4.59 7.59 -13.14
CA GLU B 18 -3.62 7.10 -14.09
C GLU B 18 -3.04 5.75 -13.64
N LEU B 19 -2.65 5.66 -12.37
CA LEU B 19 -2.12 4.41 -11.82
C LEU B 19 -3.17 3.32 -11.88
N LEU B 20 -4.40 3.66 -11.50
CA LEU B 20 -5.49 2.71 -11.53
C LEU B 20 -5.79 2.29 -12.97
N ASN B 21 -5.70 3.25 -13.89
CA ASN B 21 -5.95 2.99 -15.31
C ASN B 21 -4.93 2.02 -15.88
N VAL B 22 -3.66 2.21 -15.54
CA VAL B 22 -2.58 1.33 -16.02
C VAL B 22 -2.81 -0.10 -15.52
N LEU B 23 -3.25 -0.23 -14.27
CA LEU B 23 -3.55 -1.54 -13.70
C LEU B 23 -4.82 -2.09 -14.35
N GLU B 24 -5.80 -1.21 -14.55
CA GLU B 24 -7.09 -1.59 -15.14
C GLU B 24 -6.89 -2.20 -16.53
N LYS B 25 -5.89 -1.71 -17.26
CA LYS B 25 -5.57 -2.23 -18.59
C LYS B 25 -5.32 -3.74 -18.56
N HIS B 26 -4.72 -4.22 -17.48
CA HIS B 26 -4.40 -5.63 -17.35
C HIS B 26 -5.53 -6.41 -16.68
N LYS B 27 -6.19 -5.74 -15.72
CA LYS B 27 -7.20 -6.39 -14.88
C LYS B 27 -6.60 -7.52 -14.06
N ALA B 28 -6.15 -7.21 -12.86
CA ALA B 28 -5.53 -8.19 -11.99
C ALA B 28 -6.42 -8.48 -10.79
N PRO B 29 -6.53 -9.76 -10.40
CA PRO B 29 -7.31 -10.18 -9.22
C PRO B 29 -6.90 -9.41 -7.96
N THR B 30 -7.87 -9.19 -7.08
CA THR B 30 -7.66 -8.37 -5.89
C THR B 30 -6.46 -8.84 -5.06
N ASP B 31 -6.34 -10.16 -4.89
CA ASP B 31 -5.28 -10.73 -4.08
C ASP B 31 -3.91 -10.55 -4.74
N LEU B 32 -3.88 -10.64 -6.06
CA LEU B 32 -2.66 -10.41 -6.82
C LEU B 32 -2.33 -8.92 -6.85
N SER B 33 -3.35 -8.10 -7.00
CA SER B 33 -3.19 -6.65 -7.02
C SER B 33 -2.51 -6.17 -5.74
N LEU B 34 -3.05 -6.60 -4.60
CA LEU B 34 -2.48 -6.24 -3.31
C LEU B 34 -1.08 -6.82 -3.14
N MET B 35 -0.85 -7.97 -3.75
CA MET B 35 0.46 -8.60 -3.72
C MET B 35 1.48 -7.73 -4.45
N VAL B 36 1.10 -7.24 -5.62
CA VAL B 36 1.96 -6.37 -6.41
C VAL B 36 2.13 -5.02 -5.72
N LEU B 37 1.03 -4.38 -5.39
CA LEU B 37 1.04 -3.08 -4.73
C LEU B 37 1.82 -3.14 -3.43
N GLY B 38 1.57 -4.18 -2.64
CA GLY B 38 2.26 -4.35 -1.38
C GLY B 38 3.76 -4.42 -1.55
N ASN B 39 4.21 -5.20 -2.52
CA ASN B 39 5.63 -5.33 -2.82
C ASN B 39 6.20 -3.97 -3.26
N MET B 40 5.45 -3.30 -4.14
CA MET B 40 5.82 -1.98 -4.64
C MET B 40 5.97 -0.98 -3.50
N VAL B 41 4.98 -0.94 -2.60
CA VAL B 41 5.01 -0.05 -1.45
C VAL B 41 6.18 -0.41 -0.54
N THR B 42 6.41 -1.71 -0.35
CA THR B 42 7.51 -2.18 0.46
C THR B 42 8.84 -1.64 -0.09
N ASN B 43 9.03 -1.76 -1.41
CA ASN B 43 10.25 -1.27 -2.05
C ASN B 43 10.43 0.22 -1.80
N LEU B 44 9.36 0.98 -2.01
CA LEU B 44 9.39 2.42 -1.84
C LEU B 44 9.86 2.80 -0.44
N ILE B 45 9.21 2.24 0.57
CA ILE B 45 9.53 2.56 1.95
C ILE B 45 10.90 2.01 2.34
N ASN B 46 11.25 0.84 1.81
CA ASN B 46 12.45 0.13 2.24
C ASN B 46 13.72 0.79 1.71
N THR B 47 13.71 1.26 0.45
CA THR B 47 14.93 1.81 -0.12
C THR B 47 14.85 3.32 -0.37
N SER B 48 13.67 3.82 -0.75
CA SER B 48 13.55 5.23 -1.12
C SER B 48 13.44 6.10 0.14
N ILE B 49 13.25 5.44 1.28
CA ILE B 49 13.21 6.14 2.56
C ILE B 49 14.38 5.67 3.42
N ALA B 50 14.74 6.47 4.43
CA ALA B 50 15.85 6.16 5.32
C ALA B 50 15.68 4.78 5.96
N PRO B 51 16.73 3.95 5.88
CA PRO B 51 16.70 2.55 6.32
C PRO B 51 16.20 2.36 7.75
N ALA B 52 16.85 2.99 8.72
CA ALA B 52 16.60 2.71 10.13
C ALA B 52 15.16 3.03 10.54
N GLN B 53 14.56 4.02 9.89
CA GLN B 53 13.24 4.48 10.30
C GLN B 53 12.13 3.94 9.39
N ARG B 54 12.50 3.13 8.41
CA ARG B 54 11.53 2.63 7.43
C ARG B 54 10.52 1.70 8.09
N GLN B 55 10.94 1.02 9.16
CA GLN B 55 10.04 0.15 9.90
C GLN B 55 8.99 0.96 10.66
N ALA B 56 9.41 2.10 11.19
CA ALA B 56 8.52 2.97 11.94
C ALA B 56 7.51 3.64 11.02
N ILE B 57 8.00 4.16 9.90
CA ILE B 57 7.14 4.81 8.92
C ILE B 57 6.14 3.81 8.33
N ALA B 58 6.58 2.57 8.16
CA ALA B 58 5.70 1.51 7.69
C ALA B 58 4.55 1.30 8.66
N ASN B 59 4.85 1.36 9.95
CA ASN B 59 3.84 1.21 10.99
C ASN B 59 2.89 2.41 10.99
N SER B 60 3.44 3.60 10.79
CA SER B 60 2.63 4.81 10.68
C SER B 60 1.67 4.71 9.50
N PHE B 61 2.17 4.20 8.38
CA PHE B 61 1.35 3.99 7.20
C PHE B 61 0.29 2.93 7.47
N ALA B 62 0.72 1.82 8.06
CA ALA B 62 -0.19 0.73 8.41
C ALA B 62 -1.30 1.21 9.33
N ARG B 63 -0.94 1.94 10.38
CA ARG B 63 -1.91 2.45 11.32
C ARG B 63 -2.91 3.36 10.62
N ALA B 64 -2.43 4.15 9.67
CA ALA B 64 -3.28 5.05 8.90
C ALA B 64 -4.30 4.27 8.09
N LEU B 65 -3.92 3.07 7.67
CA LEU B 65 -4.83 2.19 6.93
C LEU B 65 -6.01 1.79 7.81
N GLN B 66 -5.71 1.32 9.02
CA GLN B 66 -6.75 0.96 9.98
C GLN B 66 -7.51 2.18 10.47
N SER B 67 -6.92 3.36 10.30
CA SER B 67 -7.58 4.60 10.66
C SER B 67 -8.58 5.00 9.57
N SER B 68 -8.40 4.42 8.40
CA SER B 68 -9.29 4.68 7.28
C SER B 68 -10.34 3.57 7.17
N ILE B 69 -9.87 2.33 7.07
CA ILE B 69 -10.77 1.19 6.97
C ILE B 69 -11.19 0.74 8.36
N ASN B 70 -12.23 1.37 8.89
CA ASN B 70 -12.71 1.08 10.23
C ASN B 70 -14.17 1.49 10.37
N GLU B 71 -14.88 1.50 9.24
CA GLU B 71 -16.29 1.87 9.24
C GLU B 71 -17.15 0.69 9.68
N ASP B 72 -16.91 0.22 10.91
CA ASP B 72 -17.58 -0.95 11.43
C ASP B 72 -18.81 -0.54 12.23
N LYS B 73 -19.58 -1.53 12.67
CA LYS B 73 -20.78 -1.27 13.44
C LYS B 73 -20.44 -1.05 14.91
N ALA B 74 -21.37 -0.45 15.63
CA ALA B 74 -21.20 -0.21 17.05
C ALA B 74 -22.35 -0.81 17.83
N HIS B 75 -22.23 -0.84 19.15
CA HIS B 75 -23.29 -1.39 20.00
C HIS B 75 -24.29 -0.31 20.38
N LEU B 76 -24.11 0.88 19.82
CA LEU B 76 -24.96 2.01 20.11
C LEU B 76 -25.14 2.88 18.87
N GLU B 77 -26.19 3.67 18.86
CA GLU B 77 -26.42 4.62 17.78
C GLU B 77 -26.66 6.02 18.31
N HIS B 78 -25.75 6.93 17.98
CA HIS B 78 -25.92 8.33 18.34
C HIS B 78 -26.78 9.04 17.30
N HIS B 79 -28.08 8.77 17.36
CA HIS B 79 -29.03 9.34 16.42
C HIS B 79 -28.97 10.86 16.40
N HIS B 80 -28.80 11.40 15.19
CA HIS B 80 -28.63 12.83 14.97
C HIS B 80 -27.26 13.31 15.44
N HIS B 81 -26.39 13.56 14.47
CA HIS B 81 -25.04 14.07 14.73
C HIS B 81 -25.12 15.39 15.48
N HIS B 82 -24.40 15.48 16.60
CA HIS B 82 -24.34 16.72 17.35
C HIS B 82 -23.50 17.73 16.60
N HIS B 83 -24.17 18.74 16.06
CA HIS B 83 -23.54 19.70 15.16
C HIS B 83 -22.48 20.53 15.88
N MET A 1 5.20 -29.53 1.12
CA MET A 1 5.68 -28.15 1.38
C MET A 1 4.71 -27.15 0.75
N PRO A 2 4.05 -26.34 1.59
CA PRO A 2 3.02 -25.41 1.15
C PRO A 2 3.58 -24.22 0.37
N GLN A 3 3.03 -23.99 -0.80
CA GLN A 3 3.38 -22.83 -1.62
C GLN A 3 2.13 -22.20 -2.17
N ILE A 4 2.07 -20.88 -2.17
CA ILE A 4 0.91 -20.16 -2.67
C ILE A 4 0.79 -20.35 -4.17
N SER A 5 1.75 -19.81 -4.91
CA SER A 5 1.78 -19.91 -6.37
C SER A 5 3.00 -19.19 -6.91
N ARG A 6 3.51 -19.66 -8.03
CA ARG A 6 4.60 -18.99 -8.70
C ARG A 6 4.01 -18.12 -9.78
N TYR A 7 3.39 -17.03 -9.35
CA TYR A 7 2.80 -16.05 -10.25
C TYR A 7 3.79 -15.65 -11.33
N SER A 8 3.29 -15.43 -12.54
CA SER A 8 4.11 -15.05 -13.67
C SER A 8 5.03 -13.88 -13.33
N ASP A 9 6.33 -14.15 -13.33
CA ASP A 9 7.33 -13.11 -13.10
C ASP A 9 7.17 -12.03 -14.15
N GLU A 10 6.90 -12.47 -15.37
CA GLU A 10 6.69 -11.58 -16.51
C GLU A 10 5.54 -10.60 -16.22
N GLN A 11 4.44 -11.14 -15.73
CA GLN A 11 3.25 -10.35 -15.44
C GLN A 11 3.51 -9.32 -14.35
N VAL A 12 4.14 -9.76 -13.27
CA VAL A 12 4.45 -8.88 -12.15
C VAL A 12 5.49 -7.84 -12.55
N GLU A 13 6.48 -8.28 -13.30
CA GLU A 13 7.55 -7.40 -13.78
C GLU A 13 6.99 -6.31 -14.69
N GLN A 14 6.03 -6.70 -15.54
CA GLN A 14 5.37 -5.76 -16.43
C GLN A 14 4.61 -4.71 -15.62
N LEU A 15 3.79 -5.18 -14.69
CA LEU A 15 2.99 -4.29 -13.84
C LEU A 15 3.89 -3.32 -13.07
N LEU A 16 4.99 -3.83 -12.53
CA LEU A 16 5.96 -2.99 -11.82
C LEU A 16 6.50 -1.92 -12.74
N ALA A 17 6.89 -2.32 -13.94
CA ALA A 17 7.45 -1.39 -14.92
C ALA A 17 6.46 -0.28 -15.25
N GLU A 18 5.20 -0.67 -15.47
CA GLU A 18 4.16 0.30 -15.79
C GLU A 18 3.92 1.25 -14.63
N LEU A 19 3.70 0.70 -13.44
CA LEU A 19 3.42 1.52 -12.25
C LEU A 19 4.58 2.46 -11.93
N LEU A 20 5.79 1.95 -12.01
CA LEU A 20 6.98 2.77 -11.74
C LEU A 20 7.14 3.84 -12.80
N ASN A 21 6.84 3.49 -14.04
CA ASN A 21 6.93 4.44 -15.14
C ASN A 21 5.93 5.58 -14.93
N VAL A 22 4.71 5.24 -14.52
CA VAL A 22 3.70 6.24 -14.23
C VAL A 22 4.17 7.19 -13.13
N LEU A 23 4.67 6.62 -12.05
CA LEU A 23 5.16 7.41 -10.92
C LEU A 23 6.32 8.30 -11.38
N GLU A 24 7.27 7.70 -12.09
CA GLU A 24 8.44 8.41 -12.60
C GLU A 24 8.04 9.54 -13.55
N LYS A 25 7.10 9.24 -14.43
CA LYS A 25 6.62 10.18 -15.44
C LYS A 25 6.12 11.47 -14.80
N HIS A 26 5.33 11.34 -13.75
CA HIS A 26 4.76 12.50 -13.09
C HIS A 26 5.73 13.08 -12.06
N LYS A 27 6.53 12.19 -11.48
CA LYS A 27 7.44 12.52 -10.39
C LYS A 27 6.68 12.96 -9.15
N ALA A 28 6.49 12.02 -8.23
CA ALA A 28 5.80 12.29 -6.99
C ALA A 28 6.73 12.04 -5.82
N PRO A 29 6.81 13.00 -4.88
CA PRO A 29 7.62 12.85 -3.67
C PRO A 29 7.21 11.63 -2.85
N THR A 30 8.13 11.12 -2.04
CA THR A 30 7.89 9.93 -1.24
C THR A 30 6.63 10.08 -0.38
N ASP A 31 6.45 11.26 0.19
CA ASP A 31 5.28 11.57 1.01
C ASP A 31 3.99 11.42 0.20
N LEU A 32 3.96 12.10 -0.95
CA LEU A 32 2.80 12.08 -1.83
C LEU A 32 2.56 10.67 -2.34
N SER A 33 3.63 9.98 -2.72
CA SER A 33 3.54 8.61 -3.24
C SER A 33 2.83 7.71 -2.25
N LEU A 34 3.32 7.69 -1.01
CA LEU A 34 2.74 6.84 0.03
C LEU A 34 1.30 7.24 0.33
N MET A 35 1.02 8.53 0.25
CA MET A 35 -0.33 9.02 0.52
C MET A 35 -1.29 8.59 -0.59
N VAL A 36 -0.83 8.68 -1.84
CA VAL A 36 -1.63 8.25 -2.98
C VAL A 36 -1.84 6.73 -2.94
N LEU A 37 -0.75 5.99 -2.73
CA LEU A 37 -0.83 4.54 -2.64
C LEU A 37 -1.74 4.12 -1.49
N GLY A 38 -1.61 4.80 -0.35
CA GLY A 38 -2.46 4.52 0.78
C GLY A 38 -3.92 4.74 0.48
N ASN A 39 -4.23 5.86 -0.16
CA ASN A 39 -5.61 6.18 -0.54
C ASN A 39 -6.11 5.16 -1.56
N MET A 40 -5.23 4.78 -2.47
CA MET A 40 -5.52 3.78 -3.49
C MET A 40 -5.87 2.44 -2.83
N VAL A 41 -5.00 1.96 -1.96
CA VAL A 41 -5.22 0.71 -1.24
C VAL A 41 -6.52 0.76 -0.45
N THR A 42 -6.76 1.88 0.22
CA THR A 42 -7.98 2.08 0.99
C THR A 42 -9.22 1.86 0.11
N ASN A 43 -9.29 2.58 -1.01
CA ASN A 43 -10.43 2.48 -1.91
C ASN A 43 -10.54 1.09 -2.50
N LEU A 44 -9.41 0.48 -2.81
CA LEU A 44 -9.37 -0.86 -3.38
C LEU A 44 -10.05 -1.87 -2.43
N ILE A 45 -9.67 -1.80 -1.16
CA ILE A 45 -10.21 -2.72 -0.16
C ILE A 45 -11.68 -2.41 0.15
N ASN A 46 -12.08 -1.16 -0.03
CA ASN A 46 -13.45 -0.75 0.26
C ASN A 46 -14.41 -1.11 -0.87
N THR A 47 -13.87 -1.31 -2.07
CA THR A 47 -14.70 -1.54 -3.24
C THR A 47 -14.72 -3.01 -3.65
N SER A 48 -13.55 -3.59 -3.86
CA SER A 48 -13.47 -4.96 -4.36
C SER A 48 -13.56 -5.97 -3.22
N ILE A 49 -13.03 -5.61 -2.07
CA ILE A 49 -13.08 -6.47 -0.90
C ILE A 49 -14.38 -6.26 -0.14
N ALA A 50 -14.94 -7.33 0.40
CA ALA A 50 -16.18 -7.25 1.16
C ALA A 50 -16.03 -6.33 2.36
N PRO A 51 -16.86 -5.28 2.44
CA PRO A 51 -16.81 -4.28 3.52
C PRO A 51 -16.93 -4.89 4.90
N ALA A 52 -17.50 -6.08 4.98
CA ALA A 52 -17.67 -6.78 6.24
C ALA A 52 -16.34 -7.26 6.79
N GLN A 53 -15.41 -7.61 5.91
CA GLN A 53 -14.13 -8.19 6.35
C GLN A 53 -12.95 -7.34 5.90
N ARG A 54 -13.23 -6.10 5.49
CA ARG A 54 -12.17 -5.21 5.02
C ARG A 54 -11.13 -4.94 6.13
N GLN A 55 -11.55 -5.05 7.38
CA GLN A 55 -10.65 -4.87 8.51
C GLN A 55 -9.67 -6.04 8.62
N ALA A 56 -10.13 -7.23 8.25
CA ALA A 56 -9.29 -8.42 8.30
C ALA A 56 -8.19 -8.35 7.26
N ILE A 57 -8.56 -7.94 6.06
CA ILE A 57 -7.59 -7.78 4.97
C ILE A 57 -6.59 -6.68 5.32
N ALA A 58 -7.11 -5.56 5.81
CA ALA A 58 -6.26 -4.43 6.20
C ALA A 58 -5.22 -4.85 7.23
N ASN A 59 -5.66 -5.56 8.27
CA ASN A 59 -4.74 -6.04 9.29
C ASN A 59 -3.73 -7.01 8.71
N SER A 60 -4.19 -7.95 7.91
CA SER A 60 -3.31 -8.95 7.31
C SER A 60 -2.23 -8.30 6.45
N PHE A 61 -2.60 -7.25 5.72
CA PHE A 61 -1.65 -6.51 4.92
C PHE A 61 -0.57 -5.89 5.79
N ALA A 62 -0.99 -5.35 6.93
CA ALA A 62 -0.09 -4.72 7.88
C ALA A 62 0.94 -5.73 8.42
N ARG A 63 0.46 -6.91 8.81
CA ARG A 63 1.36 -7.95 9.30
C ARG A 63 2.31 -8.41 8.22
N ALA A 64 1.81 -8.52 7.00
CA ALA A 64 2.63 -8.93 5.86
C ALA A 64 3.74 -7.92 5.61
N LEU A 65 3.36 -6.64 5.56
CA LEU A 65 4.33 -5.56 5.34
C LEU A 65 5.42 -5.56 6.42
N GLN A 66 4.99 -5.53 7.67
CA GLN A 66 5.91 -5.48 8.80
C GLN A 66 6.86 -6.66 8.82
N SER A 67 6.36 -7.83 8.44
CA SER A 67 7.16 -9.05 8.46
C SER A 67 8.05 -9.15 7.23
N SER A 68 7.62 -8.55 6.13
CA SER A 68 8.38 -8.56 4.90
C SER A 68 9.63 -7.70 5.05
N ILE A 69 9.55 -6.73 5.97
CA ILE A 69 10.69 -5.88 6.27
C ILE A 69 11.78 -6.65 7.00
N ASN A 70 12.78 -7.08 6.24
CA ASN A 70 13.98 -7.71 6.81
C ASN A 70 15.19 -6.92 6.34
N GLU A 71 16.39 -7.32 6.76
CA GLU A 71 17.59 -6.58 6.36
C GLU A 71 18.79 -7.51 6.20
N ASP A 72 19.28 -8.03 7.32
CA ASP A 72 20.52 -8.81 7.31
C ASP A 72 20.23 -10.29 7.08
N LYS A 73 21.25 -10.99 6.60
CA LYS A 73 21.13 -12.43 6.34
C LYS A 73 21.67 -13.22 7.54
N ALA A 74 21.42 -14.52 7.55
CA ALA A 74 21.93 -15.37 8.61
C ALA A 74 22.90 -16.40 8.03
N HIS A 75 24.19 -16.11 8.13
CA HIS A 75 25.20 -17.00 7.61
C HIS A 75 25.66 -17.98 8.68
N LEU A 76 24.82 -18.96 8.96
CA LEU A 76 25.09 -19.94 10.00
C LEU A 76 25.94 -21.08 9.46
N GLU A 77 27.18 -21.15 9.92
CA GLU A 77 28.09 -22.19 9.50
C GLU A 77 27.91 -23.42 10.39
N HIS A 78 28.04 -24.60 9.82
CA HIS A 78 27.98 -25.83 10.59
C HIS A 78 29.15 -26.72 10.22
N HIS A 79 29.05 -27.36 9.07
CA HIS A 79 30.16 -28.13 8.53
C HIS A 79 30.77 -27.39 7.36
N HIS A 80 29.96 -26.58 6.71
CA HIS A 80 30.40 -25.81 5.55
C HIS A 80 30.38 -24.32 5.84
N HIS A 81 31.26 -23.60 5.17
CA HIS A 81 31.30 -22.14 5.24
C HIS A 81 30.37 -21.58 4.19
N HIS A 82 30.63 -21.93 2.92
CA HIS A 82 29.80 -21.53 1.79
C HIS A 82 29.67 -20.00 1.69
N HIS A 83 30.44 -19.41 0.79
CA HIS A 83 30.38 -17.97 0.57
C HIS A 83 29.60 -17.67 -0.69
N MET B 1 -2.38 21.99 13.37
CA MET B 1 -3.03 20.83 12.71
C MET B 1 -2.07 20.19 11.71
N PRO B 2 -1.99 18.84 11.69
CA PRO B 2 -1.08 18.10 10.80
C PRO B 2 -1.10 18.61 9.36
N GLN B 3 -2.21 18.37 8.66
CA GLN B 3 -2.39 18.81 7.27
C GLN B 3 -1.51 18.01 6.30
N ILE B 4 -0.22 17.93 6.59
CA ILE B 4 0.75 17.22 5.76
C ILE B 4 1.02 17.96 4.46
N SER B 5 0.10 17.86 3.51
CA SER B 5 0.25 18.48 2.21
C SER B 5 -1.10 18.71 1.55
N ARG B 6 -1.14 19.65 0.62
CA ARG B 6 -2.36 19.93 -0.13
C ARG B 6 -2.23 19.43 -1.56
N TYR B 7 -1.33 20.08 -2.30
CA TYR B 7 -1.11 19.82 -3.71
C TYR B 7 -2.35 20.13 -4.53
N SER B 8 -2.24 20.00 -5.84
CA SER B 8 -3.38 20.14 -6.72
C SER B 8 -4.17 18.83 -6.74
N ASP B 9 -5.44 18.93 -6.36
CA ASP B 9 -6.31 17.75 -6.29
C ASP B 9 -6.36 17.06 -7.65
N GLU B 10 -6.30 17.86 -8.70
CA GLU B 10 -6.36 17.37 -10.06
C GLU B 10 -5.21 16.40 -10.34
N GLN B 11 -4.03 16.73 -9.79
CA GLN B 11 -2.84 15.89 -9.99
C GLN B 11 -2.99 14.58 -9.25
N VAL B 12 -3.38 14.66 -7.98
CA VAL B 12 -3.57 13.47 -7.15
C VAL B 12 -4.63 12.58 -7.77
N GLU B 13 -5.69 13.21 -8.25
CA GLU B 13 -6.77 12.51 -8.92
C GLU B 13 -6.27 11.81 -10.18
N GLN B 14 -5.46 12.54 -10.97
CA GLN B 14 -4.92 11.98 -12.21
C GLN B 14 -4.00 10.81 -11.90
N LEU B 15 -3.19 10.96 -10.85
CA LEU B 15 -2.30 9.88 -10.42
C LEU B 15 -3.09 8.62 -10.13
N LEU B 16 -4.09 8.75 -9.26
CA LEU B 16 -4.94 7.63 -8.89
C LEU B 16 -5.63 7.04 -10.12
N ALA B 17 -6.23 7.91 -10.93
CA ALA B 17 -6.97 7.48 -12.11
C ALA B 17 -6.07 6.76 -13.10
N GLU B 18 -4.84 7.25 -13.27
CA GLU B 18 -3.91 6.67 -14.21
C GLU B 18 -3.33 5.36 -13.66
N LEU B 19 -3.12 5.31 -12.34
CA LEU B 19 -2.67 4.07 -11.71
C LEU B 19 -3.74 2.99 -11.84
N LEU B 20 -4.99 3.36 -11.57
CA LEU B 20 -6.11 2.44 -11.74
C LEU B 20 -6.24 2.03 -13.19
N ASN B 21 -5.93 2.96 -14.10
CA ASN B 21 -5.97 2.70 -15.53
C ASN B 21 -4.97 1.60 -15.90
N VAL B 22 -3.83 1.58 -15.21
CA VAL B 22 -2.83 0.52 -15.42
C VAL B 22 -3.41 -0.83 -15.03
N LEU B 23 -4.03 -0.89 -13.86
CA LEU B 23 -4.65 -2.13 -13.38
C LEU B 23 -5.80 -2.56 -14.27
N GLU B 24 -6.59 -1.59 -14.72
CA GLU B 24 -7.71 -1.85 -15.62
C GLU B 24 -7.21 -2.30 -16.99
N LYS B 25 -6.08 -1.76 -17.40
CA LYS B 25 -5.47 -2.04 -18.70
C LYS B 25 -5.31 -3.54 -18.92
N HIS B 26 -4.93 -4.26 -17.86
CA HIS B 26 -4.69 -5.71 -17.96
C HIS B 26 -5.68 -6.49 -17.10
N LYS B 27 -6.51 -5.75 -16.35
CA LYS B 27 -7.35 -6.33 -15.30
C LYS B 27 -6.52 -7.14 -14.31
N ALA B 28 -6.06 -6.47 -13.28
CA ALA B 28 -5.30 -7.12 -12.23
C ALA B 28 -6.19 -7.35 -11.00
N PRO B 29 -6.32 -8.61 -10.56
CA PRO B 29 -7.12 -8.96 -9.38
C PRO B 29 -6.59 -8.28 -8.12
N THR B 30 -7.48 -8.06 -7.16
CA THR B 30 -7.12 -7.40 -5.91
C THR B 30 -6.02 -8.18 -5.18
N ASP B 31 -6.12 -9.50 -5.21
CA ASP B 31 -5.11 -10.37 -4.59
C ASP B 31 -3.73 -10.08 -5.19
N LEU B 32 -3.68 -9.96 -6.50
CA LEU B 32 -2.45 -9.65 -7.21
C LEU B 32 -2.03 -8.20 -6.94
N SER B 33 -3.00 -7.30 -6.92
CA SER B 33 -2.73 -5.89 -6.67
C SER B 33 -2.03 -5.69 -5.33
N LEU B 34 -2.51 -6.40 -4.30
CA LEU B 34 -1.91 -6.33 -2.99
C LEU B 34 -0.50 -6.91 -3.01
N MET B 35 -0.31 -7.97 -3.79
CA MET B 35 0.99 -8.59 -3.95
C MET B 35 1.98 -7.62 -4.60
N VAL B 36 1.54 -6.98 -5.68
CA VAL B 36 2.37 -6.03 -6.41
C VAL B 36 2.65 -4.78 -5.58
N LEU B 37 1.59 -4.15 -5.08
CA LEU B 37 1.74 -2.92 -4.30
C LEU B 37 2.53 -3.18 -3.02
N GLY B 38 2.32 -4.35 -2.42
CA GLY B 38 3.06 -4.73 -1.23
C GLY B 38 4.56 -4.72 -1.47
N ASN B 39 4.97 -5.36 -2.56
CA ASN B 39 6.38 -5.41 -2.93
C ASN B 39 6.90 -4.00 -3.25
N MET B 40 6.09 -3.25 -3.99
CA MET B 40 6.42 -1.89 -4.39
C MET B 40 6.67 -1.00 -3.17
N VAL B 41 5.73 -1.03 -2.21
CA VAL B 41 5.86 -0.25 -0.99
C VAL B 41 7.05 -0.71 -0.16
N THR B 42 7.23 -2.03 -0.08
CA THR B 42 8.33 -2.60 0.69
C THR B 42 9.68 -2.10 0.19
N ASN B 43 9.90 -2.17 -1.11
CA ASN B 43 11.17 -1.73 -1.70
C ASN B 43 11.36 -0.23 -1.50
N LEU B 44 10.27 0.52 -1.55
CA LEU B 44 10.33 1.95 -1.36
C LEU B 44 10.75 2.30 0.07
N ILE B 45 10.06 1.75 1.05
CA ILE B 45 10.32 2.09 2.45
C ILE B 45 11.66 1.54 2.93
N ASN B 46 11.99 0.32 2.51
CA ASN B 46 13.21 -0.35 2.99
C ASN B 46 14.46 0.16 2.29
N THR B 47 14.33 0.52 1.03
CA THR B 47 15.49 0.86 0.21
C THR B 47 15.63 2.36 -0.04
N SER B 48 14.50 3.05 -0.20
CA SER B 48 14.53 4.46 -0.56
C SER B 48 14.41 5.36 0.68
N ILE B 49 13.94 4.79 1.78
CA ILE B 49 13.77 5.54 3.02
C ILE B 49 14.82 5.09 4.05
N ALA B 50 15.16 5.99 4.97
CA ALA B 50 16.13 5.71 6.02
C ALA B 50 15.79 4.42 6.76
N PRO B 51 16.69 3.42 6.69
CA PRO B 51 16.43 2.08 7.22
C PRO B 51 16.06 2.06 8.70
N ALA B 52 16.58 3.01 9.47
CA ALA B 52 16.32 3.06 10.90
C ALA B 52 14.88 3.44 11.21
N GLN B 53 14.28 4.26 10.35
CA GLN B 53 12.93 4.77 10.59
C GLN B 53 11.90 4.02 9.74
N ARG B 54 12.35 3.02 9.00
CA ARG B 54 11.46 2.35 8.05
C ARG B 54 10.41 1.51 8.77
N GLN B 55 10.71 1.05 9.97
CA GLN B 55 9.73 0.31 10.77
C GLN B 55 8.64 1.24 11.27
N ALA B 56 9.04 2.37 11.84
CA ALA B 56 8.09 3.35 12.36
C ALA B 56 7.16 3.85 11.26
N ILE B 57 7.73 4.14 10.09
CA ILE B 57 6.95 4.62 8.96
C ILE B 57 5.99 3.55 8.46
N ALA B 58 6.46 2.31 8.40
CA ALA B 58 5.63 1.19 7.97
C ALA B 58 4.45 1.00 8.91
N ASN B 59 4.73 1.02 10.21
CA ASN B 59 3.69 0.88 11.23
C ASN B 59 2.73 2.06 11.15
N SER B 60 3.25 3.24 10.90
CA SER B 60 2.43 4.43 10.76
C SER B 60 1.53 4.32 9.54
N PHE B 61 2.07 3.74 8.47
CA PHE B 61 1.30 3.51 7.25
C PHE B 61 0.15 2.55 7.52
N ALA B 62 0.44 1.46 8.23
CA ALA B 62 -0.56 0.49 8.61
C ALA B 62 -1.64 1.15 9.47
N ARG B 63 -1.20 1.95 10.43
CA ARG B 63 -2.11 2.68 11.30
C ARG B 63 -2.97 3.66 10.49
N ALA B 64 -2.33 4.36 9.55
CA ALA B 64 -3.05 5.29 8.69
C ALA B 64 -4.10 4.56 7.87
N LEU B 65 -3.77 3.36 7.43
CA LEU B 65 -4.70 2.53 6.68
C LEU B 65 -5.91 2.17 7.55
N GLN B 66 -5.68 2.04 8.85
CA GLN B 66 -6.75 1.70 9.78
C GLN B 66 -7.64 2.91 10.05
N SER B 67 -7.08 4.10 9.89
CA SER B 67 -7.84 5.31 10.10
C SER B 67 -8.58 5.75 8.83
N SER B 68 -8.04 5.38 7.67
CA SER B 68 -8.67 5.74 6.40
C SER B 68 -9.85 4.82 6.12
N ILE B 69 -9.68 3.53 6.39
CA ILE B 69 -10.76 2.57 6.21
C ILE B 69 -11.73 2.63 7.39
N ASN B 70 -12.84 3.33 7.17
CA ASN B 70 -13.88 3.41 8.19
C ASN B 70 -15.16 2.79 7.68
N GLU B 71 -15.98 2.33 8.61
CA GLU B 71 -17.26 1.72 8.26
C GLU B 71 -18.24 2.78 7.76
N ASP B 72 -18.72 3.62 8.65
CA ASP B 72 -19.62 4.70 8.27
C ASP B 72 -19.49 5.85 9.26
N LYS B 73 -20.37 6.83 9.17
CA LYS B 73 -20.37 7.96 10.07
C LYS B 73 -21.53 7.85 11.05
N ALA B 74 -21.23 8.01 12.33
CA ALA B 74 -22.25 7.92 13.37
C ALA B 74 -23.33 8.98 13.20
N HIS B 75 -24.57 8.58 13.38
CA HIS B 75 -25.69 9.51 13.34
C HIS B 75 -25.91 10.11 14.72
N LEU B 76 -25.31 11.27 14.94
CA LEU B 76 -25.33 11.91 16.24
C LEU B 76 -26.45 12.94 16.32
N GLU B 77 -27.40 12.70 17.22
CA GLU B 77 -28.51 13.62 17.41
C GLU B 77 -28.44 14.31 18.75
N HIS B 78 -27.86 15.50 18.77
CA HIS B 78 -27.86 16.33 19.97
C HIS B 78 -29.26 16.88 20.21
N HIS B 79 -29.67 17.79 19.34
CA HIS B 79 -30.97 18.43 19.45
C HIS B 79 -31.24 19.20 18.16
N HIS B 80 -30.19 19.85 17.67
CA HIS B 80 -30.24 20.54 16.38
C HIS B 80 -30.13 19.52 15.25
N HIS B 81 -31.26 19.14 14.69
CA HIS B 81 -31.31 18.07 13.70
C HIS B 81 -30.71 18.51 12.37
N HIS B 82 -29.84 17.68 11.81
CA HIS B 82 -29.24 17.93 10.52
C HIS B 82 -30.02 17.21 9.43
N HIS B 83 -29.88 15.89 9.42
CA HIS B 83 -30.56 15.04 8.46
C HIS B 83 -30.26 13.58 8.82
N MET A 1 13.76 -13.69 -3.22
CA MET A 1 13.93 -14.65 -4.33
C MET A 1 12.61 -14.81 -5.09
N PRO A 2 12.67 -14.87 -6.43
CA PRO A 2 11.48 -15.10 -7.27
C PRO A 2 10.93 -16.52 -7.12
N GLN A 3 10.07 -16.92 -8.05
CA GLN A 3 9.45 -18.25 -8.07
C GLN A 3 8.35 -18.37 -7.01
N ILE A 4 8.53 -17.73 -5.87
CA ILE A 4 7.54 -17.75 -4.79
C ILE A 4 6.27 -16.99 -5.22
N SER A 5 6.36 -16.29 -6.34
CA SER A 5 5.24 -15.55 -6.88
C SER A 5 4.04 -16.48 -7.14
N ARG A 6 2.87 -16.07 -6.65
CA ARG A 6 1.64 -16.83 -6.88
C ARG A 6 1.28 -16.74 -8.36
N TYR A 7 1.33 -15.53 -8.89
CA TYR A 7 1.08 -15.30 -10.29
C TYR A 7 2.40 -15.28 -11.07
N SER A 8 2.30 -15.26 -12.39
CA SER A 8 3.48 -15.28 -13.23
C SER A 8 4.28 -13.99 -13.07
N ASP A 9 5.60 -14.11 -13.11
CA ASP A 9 6.47 -12.95 -12.99
C ASP A 9 6.23 -11.97 -14.13
N GLU A 10 5.75 -12.49 -15.25
CA GLU A 10 5.35 -11.68 -16.39
C GLU A 10 4.34 -10.63 -15.92
N GLN A 11 3.30 -11.11 -15.26
CA GLN A 11 2.20 -10.27 -14.80
C GLN A 11 2.66 -9.32 -13.70
N VAL A 12 3.39 -9.87 -12.74
CA VAL A 12 3.84 -9.11 -11.57
C VAL A 12 4.79 -7.97 -11.96
N GLU A 13 5.89 -8.33 -12.59
CA GLU A 13 6.96 -7.36 -12.84
C GLU A 13 6.60 -6.40 -13.97
N GLN A 14 5.79 -6.84 -14.93
CA GLN A 14 5.37 -5.96 -16.01
C GLN A 14 4.41 -4.90 -15.49
N LEU A 15 3.52 -5.32 -14.59
CA LEU A 15 2.61 -4.39 -13.94
C LEU A 15 3.39 -3.43 -13.06
N LEU A 16 4.32 -3.97 -12.30
CA LEU A 16 5.21 -3.18 -11.44
C LEU A 16 5.96 -2.14 -12.27
N ALA A 17 6.55 -2.58 -13.37
CA ALA A 17 7.33 -1.71 -14.23
C ALA A 17 6.52 -0.53 -14.74
N GLU A 18 5.31 -0.81 -15.21
CA GLU A 18 4.47 0.24 -15.77
C GLU A 18 3.96 1.19 -14.69
N LEU A 19 3.59 0.62 -13.53
CA LEU A 19 3.16 1.44 -12.40
C LEU A 19 4.27 2.39 -11.96
N LEU A 20 5.48 1.85 -11.83
CA LEU A 20 6.64 2.65 -11.48
C LEU A 20 6.94 3.65 -12.58
N ASN A 21 6.81 3.21 -13.83
CA ASN A 21 7.02 4.08 -14.98
C ASN A 21 6.14 5.32 -14.90
N VAL A 22 4.88 5.12 -14.51
CA VAL A 22 3.95 6.23 -14.36
C VAL A 22 4.46 7.23 -13.32
N LEU A 23 4.85 6.73 -12.15
CA LEU A 23 5.33 7.59 -11.08
C LEU A 23 6.63 8.29 -11.48
N GLU A 24 7.50 7.56 -12.18
CA GLU A 24 8.78 8.11 -12.62
C GLU A 24 8.60 9.10 -13.78
N LYS A 25 7.56 8.89 -14.58
CA LYS A 25 7.25 9.80 -15.68
C LYS A 25 6.81 11.15 -15.11
N HIS A 26 6.12 11.10 -13.99
CA HIS A 26 5.67 12.31 -13.32
C HIS A 26 6.71 12.79 -12.31
N LYS A 27 7.70 11.93 -12.06
CA LYS A 27 8.76 12.22 -11.10
C LYS A 27 8.14 12.48 -9.73
N ALA A 28 7.13 11.67 -9.40
CA ALA A 28 6.33 11.85 -8.20
C ALA A 28 7.17 11.68 -6.92
N PRO A 29 6.98 12.58 -5.95
CA PRO A 29 7.65 12.51 -4.66
C PRO A 29 7.30 11.22 -3.91
N THR A 30 8.24 10.73 -3.11
CA THR A 30 8.05 9.49 -2.35
C THR A 30 6.83 9.61 -1.43
N ASP A 31 6.73 10.75 -0.78
CA ASP A 31 5.64 11.03 0.15
C ASP A 31 4.30 11.06 -0.59
N LEU A 32 4.28 11.71 -1.75
CA LEU A 32 3.06 11.79 -2.56
C LEU A 32 2.68 10.40 -3.08
N SER A 33 3.68 9.63 -3.46
CA SER A 33 3.46 8.27 -3.94
C SER A 33 2.80 7.43 -2.85
N LEU A 34 3.32 7.50 -1.63
CA LEU A 34 2.76 6.77 -0.51
C LEU A 34 1.34 7.28 -0.19
N MET A 35 1.15 8.58 -0.36
CA MET A 35 -0.16 9.19 -0.14
C MET A 35 -1.19 8.61 -1.11
N VAL A 36 -0.82 8.53 -2.38
CA VAL A 36 -1.70 7.99 -3.41
C VAL A 36 -1.89 6.48 -3.23
N LEU A 37 -0.79 5.77 -3.04
CA LEU A 37 -0.84 4.32 -2.84
C LEU A 37 -1.68 3.95 -1.62
N GLY A 38 -1.51 4.71 -0.54
CA GLY A 38 -2.28 4.47 0.66
C GLY A 38 -3.77 4.57 0.41
N ASN A 39 -4.17 5.64 -0.27
CA ASN A 39 -5.57 5.85 -0.63
C ASN A 39 -6.03 4.74 -1.57
N MET A 40 -5.18 4.45 -2.57
CA MET A 40 -5.47 3.42 -3.56
C MET A 40 -5.77 2.07 -2.89
N VAL A 41 -4.91 1.67 -1.97
CA VAL A 41 -5.09 0.41 -1.25
C VAL A 41 -6.33 0.46 -0.36
N THR A 42 -6.48 1.56 0.39
CA THR A 42 -7.62 1.73 1.28
C THR A 42 -8.93 1.64 0.51
N ASN A 43 -9.01 2.36 -0.60
CA ASN A 43 -10.20 2.35 -1.44
C ASN A 43 -10.45 0.94 -2.00
N LEU A 44 -9.38 0.31 -2.48
CA LEU A 44 -9.47 -1.02 -3.08
C LEU A 44 -10.05 -2.04 -2.10
N ILE A 45 -9.53 -2.05 -0.88
CA ILE A 45 -9.97 -2.99 0.14
C ILE A 45 -11.43 -2.76 0.52
N ASN A 46 -11.85 -1.50 0.56
CA ASN A 46 -13.21 -1.17 0.99
C ASN A 46 -14.23 -1.35 -0.14
N THR A 47 -13.76 -1.46 -1.37
CA THR A 47 -14.65 -1.60 -2.51
C THR A 47 -14.68 -3.03 -3.04
N SER A 48 -13.52 -3.60 -3.26
CA SER A 48 -13.42 -4.93 -3.85
C SER A 48 -13.58 -6.02 -2.79
N ILE A 49 -13.11 -5.74 -1.59
CA ILE A 49 -13.22 -6.70 -0.49
C ILE A 49 -14.48 -6.38 0.33
N ALA A 50 -15.15 -7.44 0.79
CA ALA A 50 -16.38 -7.28 1.56
C ALA A 50 -16.14 -6.46 2.82
N PRO A 51 -17.07 -5.55 3.15
CA PRO A 51 -16.97 -4.69 4.33
C PRO A 51 -16.79 -5.46 5.65
N ALA A 52 -17.18 -6.73 5.66
CA ALA A 52 -17.02 -7.57 6.84
C ALA A 52 -15.64 -8.23 6.88
N GLN A 53 -14.91 -8.15 5.77
CA GLN A 53 -13.60 -8.79 5.66
C GLN A 53 -12.48 -7.76 5.66
N ARG A 54 -12.82 -6.52 5.29
CA ARG A 54 -11.83 -5.48 5.09
C ARG A 54 -10.90 -5.27 6.29
N GLN A 55 -11.45 -5.29 7.50
CA GLN A 55 -10.66 -5.03 8.69
C GLN A 55 -9.71 -6.18 8.99
N ALA A 56 -10.16 -7.41 8.72
CA ALA A 56 -9.32 -8.58 8.89
C ALA A 56 -8.21 -8.60 7.83
N ILE A 57 -8.58 -8.22 6.61
CA ILE A 57 -7.62 -8.14 5.52
C ILE A 57 -6.57 -7.06 5.79
N ALA A 58 -7.04 -5.91 6.28
CA ALA A 58 -6.15 -4.81 6.63
C ALA A 58 -5.14 -5.24 7.68
N ASN A 59 -5.62 -5.95 8.71
CA ASN A 59 -4.74 -6.43 9.76
C ASN A 59 -3.74 -7.44 9.22
N SER A 60 -4.17 -8.26 8.27
CA SER A 60 -3.29 -9.23 7.64
C SER A 60 -2.22 -8.52 6.81
N PHE A 61 -2.65 -7.53 6.04
CA PHE A 61 -1.73 -6.77 5.20
C PHE A 61 -0.70 -6.04 6.06
N ALA A 62 -1.17 -5.38 7.10
CA ALA A 62 -0.29 -4.67 8.02
C ALA A 62 0.68 -5.63 8.70
N ARG A 63 0.19 -6.82 9.03
CA ARG A 63 1.02 -7.83 9.67
C ARG A 63 2.14 -8.27 8.74
N ALA A 64 1.76 -8.65 7.53
CA ALA A 64 2.72 -9.12 6.53
C ALA A 64 3.73 -8.04 6.19
N LEU A 65 3.26 -6.80 6.12
CA LEU A 65 4.13 -5.66 5.82
C LEU A 65 5.23 -5.53 6.86
N GLN A 66 4.85 -5.50 8.14
CA GLN A 66 5.81 -5.32 9.22
C GLN A 66 6.69 -6.57 9.41
N SER A 67 6.26 -7.69 8.85
CA SER A 67 7.03 -8.91 8.93
C SER A 67 8.08 -8.97 7.81
N SER A 68 7.71 -8.42 6.65
CA SER A 68 8.59 -8.45 5.49
C SER A 68 9.56 -7.28 5.50
N ILE A 69 9.30 -6.29 6.34
CA ILE A 69 10.18 -5.13 6.45
C ILE A 69 11.29 -5.41 7.47
N ASN A 70 11.39 -6.66 7.89
CA ASN A 70 12.43 -7.08 8.82
C ASN A 70 13.58 -7.72 8.06
N GLU A 71 14.74 -7.10 8.12
CA GLU A 71 15.96 -7.68 7.56
C GLU A 71 16.56 -8.64 8.56
N ASP A 72 16.39 -9.93 8.30
CA ASP A 72 16.81 -10.98 9.25
C ASP A 72 18.28 -11.33 9.10
N LYS A 73 18.77 -11.31 7.86
CA LYS A 73 20.13 -11.73 7.60
C LYS A 73 21.13 -10.64 7.97
N ALA A 74 21.70 -10.76 9.16
CA ALA A 74 22.74 -9.86 9.61
C ALA A 74 24.08 -10.29 9.03
N HIS A 75 24.92 -9.32 8.68
CA HIS A 75 26.22 -9.60 8.10
C HIS A 75 27.22 -9.95 9.20
N LEU A 76 28.30 -10.62 8.83
CA LEU A 76 29.29 -11.10 9.79
C LEU A 76 28.64 -12.13 10.72
N GLU A 77 29.14 -12.23 11.94
CA GLU A 77 28.54 -13.12 12.93
C GLU A 77 27.19 -12.59 13.36
N HIS A 78 26.23 -13.49 13.52
CA HIS A 78 24.92 -13.12 14.03
C HIS A 78 25.00 -12.95 15.54
N HIS A 79 25.61 -11.84 15.95
CA HIS A 79 25.93 -11.57 17.35
C HIS A 79 26.98 -12.56 17.85
N HIS A 80 26.54 -13.72 18.34
CA HIS A 80 27.45 -14.77 18.77
C HIS A 80 26.68 -16.04 19.13
N HIS A 81 27.13 -17.16 18.59
CA HIS A 81 26.52 -18.45 18.92
C HIS A 81 27.54 -19.40 19.52
N HIS A 82 28.42 -19.96 18.68
CA HIS A 82 29.51 -20.88 19.08
C HIS A 82 29.39 -21.41 20.51
N HIS A 83 29.92 -20.64 21.46
CA HIS A 83 29.81 -20.93 22.88
C HIS A 83 30.14 -19.69 23.69
N MET B 1 -13.51 18.16 5.66
CA MET B 1 -13.40 18.02 4.19
C MET B 1 -12.29 17.04 3.84
N PRO B 2 -12.48 16.23 2.79
CA PRO B 2 -11.42 15.38 2.25
C PRO B 2 -10.31 16.21 1.63
N GLN B 3 -10.62 17.45 1.27
CA GLN B 3 -9.66 18.34 0.66
C GLN B 3 -8.72 18.93 1.70
N ILE B 4 -7.68 18.17 2.03
CA ILE B 4 -6.59 18.66 2.85
C ILE B 4 -5.35 18.77 1.98
N SER B 5 -5.58 19.16 0.74
CA SER B 5 -4.58 19.15 -0.31
C SER B 5 -3.39 20.05 0.01
N ARG B 6 -2.27 19.43 0.33
CA ARG B 6 -1.00 20.13 0.37
C ARG B 6 -0.43 20.19 -1.04
N TYR B 7 -0.83 19.20 -1.84
CA TYR B 7 -0.53 19.19 -3.26
C TYR B 7 -1.76 19.67 -4.03
N SER B 8 -1.75 19.53 -5.34
CA SER B 8 -2.86 19.99 -6.15
C SER B 8 -3.94 18.92 -6.24
N ASP B 9 -5.21 19.34 -6.14
CA ASP B 9 -6.36 18.43 -6.23
C ASP B 9 -6.26 17.49 -7.43
N GLU B 10 -6.29 18.07 -8.63
CA GLU B 10 -6.24 17.29 -9.86
C GLU B 10 -4.92 16.55 -10.01
N GLN B 11 -3.88 17.06 -9.36
CA GLN B 11 -2.58 16.40 -9.37
C GLN B 11 -2.65 15.05 -8.67
N VAL B 12 -3.32 15.03 -7.51
CA VAL B 12 -3.52 13.82 -6.75
C VAL B 12 -4.42 12.85 -7.53
N GLU B 13 -5.51 13.39 -8.07
CA GLU B 13 -6.44 12.59 -8.87
C GLU B 13 -5.72 12.02 -10.09
N GLN B 14 -4.81 12.80 -10.67
CA GLN B 14 -4.05 12.40 -11.83
C GLN B 14 -3.27 11.11 -11.57
N LEU B 15 -2.42 11.13 -10.55
CA LEU B 15 -1.61 9.96 -10.21
C LEU B 15 -2.49 8.76 -9.87
N LEU B 16 -3.53 9.00 -9.08
CA LEU B 16 -4.45 7.95 -8.68
C LEU B 16 -5.13 7.33 -9.90
N ALA B 17 -5.63 8.18 -10.79
CA ALA B 17 -6.34 7.72 -11.98
C ALA B 17 -5.41 6.95 -12.90
N GLU B 18 -4.18 7.42 -13.04
CA GLU B 18 -3.23 6.78 -13.93
C GLU B 18 -2.80 5.41 -13.40
N LEU B 19 -2.72 5.25 -12.08
CA LEU B 19 -2.40 3.96 -11.50
C LEU B 19 -3.53 2.97 -11.74
N LEU B 20 -4.77 3.43 -11.50
CA LEU B 20 -5.95 2.62 -11.77
C LEU B 20 -6.06 2.34 -13.26
N ASN B 21 -5.63 3.31 -14.06
CA ASN B 21 -5.59 3.17 -15.50
C ASN B 21 -4.71 2.00 -15.92
N VAL B 22 -3.53 1.90 -15.31
CA VAL B 22 -2.61 0.82 -15.61
C VAL B 22 -3.25 -0.54 -15.32
N LEU B 23 -3.99 -0.61 -14.22
CA LEU B 23 -4.71 -1.84 -13.86
C LEU B 23 -5.72 -2.21 -14.93
N GLU B 24 -6.54 -1.23 -15.34
CA GLU B 24 -7.59 -1.47 -16.31
C GLU B 24 -7.01 -1.61 -17.72
N LYS B 25 -5.81 -1.10 -17.91
CA LYS B 25 -5.10 -1.21 -19.18
C LYS B 25 -4.62 -2.64 -19.40
N HIS B 26 -4.40 -3.36 -18.31
CA HIS B 26 -3.94 -4.74 -18.38
C HIS B 26 -5.06 -5.73 -18.09
N LYS B 27 -6.02 -5.30 -17.28
CA LYS B 27 -7.06 -6.19 -16.74
C LYS B 27 -6.41 -7.24 -15.84
N ALA B 28 -6.13 -6.85 -14.60
CA ALA B 28 -5.44 -7.72 -13.66
C ALA B 28 -6.33 -8.05 -12.46
N PRO B 29 -6.18 -9.26 -11.89
CA PRO B 29 -6.94 -9.67 -10.71
C PRO B 29 -6.56 -8.89 -9.46
N THR B 30 -7.47 -8.83 -8.50
CA THR B 30 -7.26 -8.11 -7.25
C THR B 30 -6.04 -8.66 -6.51
N ASP B 31 -5.88 -9.98 -6.54
CA ASP B 31 -4.75 -10.64 -5.87
C ASP B 31 -3.43 -10.08 -6.39
N LEU B 32 -3.32 -10.04 -7.72
CA LEU B 32 -2.11 -9.55 -8.38
C LEU B 32 -1.88 -8.08 -8.04
N SER B 33 -2.96 -7.30 -8.07
CA SER B 33 -2.90 -5.89 -7.76
C SER B 33 -2.36 -5.67 -6.35
N LEU B 34 -2.93 -6.39 -5.38
CA LEU B 34 -2.50 -6.29 -3.98
C LEU B 34 -1.05 -6.72 -3.83
N MET B 35 -0.67 -7.81 -4.50
CA MET B 35 0.69 -8.33 -4.44
C MET B 35 1.70 -7.30 -4.93
N VAL B 36 1.40 -6.68 -6.07
CA VAL B 36 2.29 -5.68 -6.64
C VAL B 36 2.35 -4.44 -5.76
N LEU B 37 1.18 -3.96 -5.32
CA LEU B 37 1.11 -2.77 -4.48
C LEU B 37 1.89 -2.96 -3.19
N GLY B 38 1.74 -4.14 -2.59
CA GLY B 38 2.48 -4.46 -1.37
C GLY B 38 3.98 -4.39 -1.59
N ASN B 39 4.42 -4.90 -2.72
CA ASN B 39 5.83 -4.87 -3.08
C ASN B 39 6.29 -3.43 -3.31
N MET B 40 5.44 -2.63 -3.96
CA MET B 40 5.74 -1.23 -4.22
C MET B 40 5.96 -0.48 -2.91
N VAL B 41 5.01 -0.62 -1.99
CA VAL B 41 5.10 0.05 -0.69
C VAL B 41 6.36 -0.38 0.06
N THR B 42 6.56 -1.69 0.18
CA THR B 42 7.71 -2.22 0.89
C THR B 42 9.03 -1.73 0.29
N ASN B 43 9.16 -1.86 -1.04
CA ASN B 43 10.38 -1.46 -1.72
C ASN B 43 10.64 0.04 -1.57
N LEU B 44 9.60 0.84 -1.76
CA LEU B 44 9.73 2.29 -1.70
C LEU B 44 10.21 2.75 -0.33
N ILE B 45 9.65 2.16 0.72
CA ILE B 45 10.01 2.53 2.09
C ILE B 45 11.40 2.00 2.47
N ASN B 46 11.81 0.90 1.85
CA ASN B 46 13.10 0.30 2.18
C ASN B 46 14.24 0.95 1.40
N THR B 47 13.92 1.69 0.35
CA THR B 47 14.95 2.30 -0.47
C THR B 47 15.05 3.82 -0.25
N SER B 48 13.96 4.53 -0.51
CA SER B 48 13.97 5.99 -0.45
C SER B 48 13.52 6.51 0.91
N ILE B 49 13.46 5.64 1.90
CA ILE B 49 13.14 6.05 3.27
C ILE B 49 14.25 5.59 4.20
N ALA B 50 14.59 6.43 5.17
CA ALA B 50 15.67 6.15 6.12
C ALA B 50 15.50 4.78 6.78
N PRO B 51 16.45 3.87 6.55
CA PRO B 51 16.39 2.49 7.06
C PRO B 51 16.31 2.41 8.59
N ALA B 52 16.76 3.45 9.26
CA ALA B 52 16.77 3.46 10.72
C ALA B 52 15.38 3.72 11.30
N GLN B 53 14.48 4.27 10.48
CA GLN B 53 13.15 4.63 10.97
C GLN B 53 12.04 4.10 10.06
N ARG B 54 12.40 3.28 9.07
CA ARG B 54 11.42 2.83 8.09
C ARG B 54 10.37 1.87 8.68
N GLN B 55 10.64 1.31 9.86
CA GLN B 55 9.66 0.44 10.49
C GLN B 55 8.65 1.28 11.27
N ALA B 56 9.12 2.40 11.79
CA ALA B 56 8.23 3.37 12.43
C ALA B 56 7.28 3.94 11.39
N ILE B 57 7.83 4.19 10.20
CA ILE B 57 7.03 4.63 9.06
C ILE B 57 5.98 3.58 8.71
N ALA B 58 6.40 2.32 8.69
CA ALA B 58 5.50 1.21 8.43
C ALA B 58 4.37 1.16 9.46
N ASN B 59 4.70 1.46 10.71
CA ASN B 59 3.71 1.48 11.78
C ASN B 59 2.70 2.60 11.55
N SER B 60 3.20 3.80 11.31
CA SER B 60 2.33 4.95 11.09
C SER B 60 1.44 4.74 9.86
N PHE B 61 1.98 4.07 8.84
CA PHE B 61 1.22 3.77 7.64
C PHE B 61 0.12 2.76 7.94
N ALA B 62 0.49 1.68 8.63
CA ALA B 62 -0.46 0.64 8.98
C ALA B 62 -1.57 1.17 9.88
N ARG B 63 -1.20 1.99 10.84
CA ARG B 63 -2.17 2.56 11.77
C ARG B 63 -3.08 3.56 11.06
N ALA B 64 -2.51 4.28 10.08
CA ALA B 64 -3.30 5.21 9.28
C ALA B 64 -4.33 4.46 8.44
N LEU B 65 -3.93 3.30 7.93
CA LEU B 65 -4.83 2.42 7.21
C LEU B 65 -6.00 2.02 8.11
N GLN B 66 -5.67 1.67 9.35
CA GLN B 66 -6.66 1.25 10.34
C GLN B 66 -7.61 2.40 10.69
N SER B 67 -7.09 3.61 10.79
CA SER B 67 -7.89 4.76 11.19
C SER B 67 -8.67 5.34 10.01
N SER B 68 -8.46 4.79 8.82
CA SER B 68 -9.17 5.24 7.65
C SER B 68 -10.16 4.18 7.16
N ILE B 69 -10.00 2.95 7.65
CA ILE B 69 -10.85 1.86 7.23
C ILE B 69 -12.06 1.74 8.18
N ASN B 70 -11.88 2.16 9.42
CA ASN B 70 -12.98 2.15 10.39
C ASN B 70 -13.92 3.30 10.10
N GLU B 71 -15.16 2.98 9.74
CA GLU B 71 -16.12 4.00 9.34
C GLU B 71 -16.89 4.56 10.53
N ASP B 72 -17.22 5.84 10.44
CA ASP B 72 -18.16 6.46 11.35
C ASP B 72 -19.49 6.62 10.61
N LYS B 73 -20.22 7.71 10.88
CA LYS B 73 -21.50 7.96 10.23
C LYS B 73 -22.48 6.82 10.51
N ALA B 74 -23.02 6.81 11.72
CA ALA B 74 -23.99 5.79 12.11
C ALA B 74 -25.25 5.92 11.25
N HIS B 75 -25.71 4.80 10.72
CA HIS B 75 -26.81 4.79 9.78
C HIS B 75 -28.16 4.98 10.48
N LEU B 76 -28.13 4.97 11.80
CA LEU B 76 -29.31 5.35 12.58
C LEU B 76 -29.27 6.84 12.84
N GLU B 77 -28.33 7.26 13.69
CA GLU B 77 -28.00 8.66 13.85
C GLU B 77 -26.59 8.78 14.42
N HIS B 78 -26.38 8.19 15.60
CA HIS B 78 -25.06 8.13 16.22
C HIS B 78 -25.03 6.95 17.19
N HIS B 79 -25.26 7.24 18.46
CA HIS B 79 -25.34 6.23 19.51
C HIS B 79 -26.28 6.74 20.59
N HIS B 80 -26.18 6.22 21.81
CA HIS B 80 -27.04 6.68 22.89
C HIS B 80 -26.61 8.08 23.39
N HIS B 81 -27.00 9.09 22.64
CA HIS B 81 -26.75 10.48 23.01
C HIS B 81 -28.07 11.23 23.05
N HIS B 82 -28.83 11.02 24.11
CA HIS B 82 -30.14 11.64 24.25
C HIS B 82 -30.71 11.30 25.61
N HIS B 83 -31.28 12.28 26.28
CA HIS B 83 -31.95 12.06 27.55
C HIS B 83 -33.44 12.24 27.38
#